data_9MJ4
#
_entry.id   9MJ4
#
_cell.length_a   1.00
_cell.length_b   1.00
_cell.length_c   1.00
_cell.angle_alpha   90.00
_cell.angle_beta   90.00
_cell.angle_gamma   90.00
#
_symmetry.space_group_name_H-M   'P 1'
#
loop_
_entity.id
_entity.type
_entity.pdbx_description
1 polymer "V-type proton ATPase subunit c'"
2 polymer "V-type proton ATPase subunit c''"
3 polymer 'V0 assembly protein 1'
4 polymer 'V-type proton ATPase subunit e'
5 polymer 'V-type proton ATPase subunit c'
6 polymer 'Yeast V-ATPase subunit f'
7 polymer 'V-type proton ATPase subunit d'
8 polymer 'V-type proton ATPase subunit a, vacuolar isoform'
9 polymer 'Nanobody 2WVA149'
#
loop_
_entity_poly.entity_id
_entity_poly.type
_entity_poly.pdbx_seq_one_letter_code
_entity_poly.pdbx_strand_id
1 'polypeptide(L)'
;MSTQLASNIYAPLYAPFFGFAGCAAAMVLSCLGAAIGTAKSGIGIAGIGTFKPELIMKSLIPVVMSGILAIYGLVVAVLI
AGNLSPTEDYTLFNGFMHLSCGLCVGFACLSSGYAIGMVGDVGVRKYMHQPRLFVGIVLILIFSEVLGLYGMIVALILNT
RGSE
;
D
2 'polypeptide(L)'
;MNKESKDDDMSLGKFSFSHFLYYLVLIVVIVYGLYKLFTGHGSDINFGKFLLRTSPYMWANLGIALCVGLSVVGAAWGIF
ITGSSMIGAGVRAPRITTKNLISIIFCEVVAIYGLIIAIVFSSKLTVATAENMYSKSNLYTGYSLFWAGITVGASNLICG
IAVGITGATAAISDAADSALFVKILVIEIFGSILGLLGLIVGLLMAGKASEFQ
;
C
3 'polypeptide(L)'
;MVFGQLYALFIFTLSCCISKTVQADSSKESSSFISFDKESNWDTISTISSTADVISSVDSAIAVFEFDNFSLLDNLMIDE
EYPFFNRFFANDVSLTVHDDSPLNISQSLSPIMEQFTVDELPESASDLLYEYSLDDKSIVLFKFTSDAYDLKKLDEFIDS
CLSFLEDKSGDNLTVVINSLGWAFEDEDGDDEYATEETLSHHDNNKGKEGDDDILSSIWTEGLLMCLIVSALLLFILIVA
LSWISNLDITYGALEKSTNPIKKNN
;
N
4 'polypeptide(L)' MSSFYTVVGVFIVVSAMSVLFWIMAPKNNQAVWRSTVILTLAMMFLMWAITFLCQLHPLVAPRRSDLRPEFAE M
5 'polypeptide(L)'
;MTELCPVYAPFFGAIGCASAIIFTSLGAAYGTAKSGVGICATCVLRPDLLFKNIVPVIMAGIIAIYGLVVSVLVCYSLGQ
KQALYTGFIQLGAGLSVGLSGLAAGFAIGIVGDAGVRGSSQQPRLFVGMILILIFAEVLGLYGLIVALLLNSRATQDVVC
;
E,F,G,H,I,J,K,L
6 'polypeptide(L)'
;MRPVVSTGKAWCCTVLSAFGVVILSVIAHLFNTNHESFVGSINDPEDGPAVAHTVYLAALVYLVFFVFCGFQVYLARRKP
SIELR
;
O
7 'polypeptide(L)'
;MEGVYFNIDNGFIEGVVRGYRNGLLSNNQYINLTQCDTLEDLKLQLSSTDYGNFLSSVSSESLTTSLIQEYASSKLYHEF
NYIRDQSSGSTRKFMDYITYGYMIDNVALMITGTIHDRDKGEILQRCHPLGWFDTLPTLSVATDLESLYETVLVDTPLAP
YFKNCFDTAEELDDMNIEIIRNKLYKAYLEDFYNFVTEEIPEPAKECMQTLLGFEADRRSINIALNSLQSSDIDPDLKSD
LLPNIGKLYPLATFHLAQAQDFEGVRAALANVYEYRGFLETGNLEDHFYQLEMELCRDAFTQQFAISTVWAWMKSKEQEV
RNITWIAECIAQNQRERINNYISVY
;
B
8 'polypeptide(L)'
;MAEKEEAIFRSAEMALVQFYIPQEISRDSAYTLGQLGLVQFRDLNSKVRAFQRTFVNEIRRLDNVERQYRYFYSLLKKHD
IKLYEGDTDKYLDGSGELYVPPSGSVIDDYVRNASYLEERLIQMEDATDQIEVQKNDLEQYRFILQSGDEFFLKGDNTDS
TSYMDEDMIDANGENIAAAIGASVNYVTGVIARDKVATLEQILWRVLRGNLFFKTVEIEQPVYDVKTREYKHKNAFIVFS
HGDLIIKRIRKIAESLDANLYDVDSSNEGRSQQLAKVNKNLSDLYTVLKTTSTTLESELYAIAKELDSWFQDVTREKAIF
EILNKSNYDTNRKILIAEGWIPRDELATLQARLGEMIARLGIDVPSIIQVLDTNHTPPTFHRTNKFTAGFQSICDCYGIA
QYREINAGLPTIVTFPFMFAIMFGDMGHGFLMTLAALSLVLNEKKINKMKRGEIFDMAFTGRYIILLMGVFSMYTGFLYN
DIFSKTMTIFKSGWKWPDHWKKGESITATSVGTYPIGLDWAWHGTENALLFSNSYKMKLSILMGFIHMTYSYFFSLANHL
YFNSMIDIIGNFIPGLLFMQGIFGYLSVCIVYKWAVDWVKDGKPAPGLLNMLINMFLSPGTIDDELYPHQAKVQVFLLLM
ALVCIPWLLLVKPLHFKFTHKKKSHEPLPSTEADASSEDLEAQQLISAMDADDAEEEEVGSGSHGEDFGDIMIHQVIHTI
EFCLNCVSHTASYLRLWALSLAHAQLSSVLWTMTIQIAFGFRGFVGVFMTVALFAMWFALTCAVLVLMEGTSAMLHSLRL
HWVESMSKFFVGEGLPYEPFAFEYKDMEVAVASASSSASS
;
A
9 'polypeptide(L)'
;QVQLQESGGGLVQAGGSLRLSCAVSGSIFSGNAMDWYRQAPGKQRELVASLTSTGSTNYADSVKGRFTITRDNAKNTVYL
QMNSLKPEDTAVYYCHALIYRSRLDLAPGNYWGQGTQVTVSSAAAYPYDVPDYGSHHHHHH(UNK)
;
Q
#
# COMPACT_ATOMS: atom_id res chain seq x y z
N SER A 7 -46.88 1.62 23.29
CA SER A 7 -48.32 2.02 23.26
C SER A 7 -48.62 2.85 22.03
N ASN A 8 -48.13 4.08 22.02
CA ASN A 8 -48.36 4.98 20.89
C ASN A 8 -47.70 4.41 19.64
N ILE A 9 -48.51 4.21 18.61
CA ILE A 9 -48.00 3.60 17.38
C ILE A 9 -46.92 4.46 16.74
N TYR A 10 -46.98 5.76 16.93
CA TYR A 10 -46.03 6.68 16.31
C TYR A 10 -44.70 6.74 17.05
N ALA A 11 -44.54 5.99 18.15
CA ALA A 11 -43.30 5.98 18.91
C ALA A 11 -42.84 4.54 19.16
N PRO A 12 -42.47 3.81 18.11
CA PRO A 12 -41.92 2.47 18.31
C PRO A 12 -40.66 2.53 19.16
N LEU A 13 -40.43 1.49 19.95
CA LEU A 13 -39.30 1.48 20.86
C LEU A 13 -37.96 1.51 20.13
N TYR A 14 -37.93 1.21 18.84
CA TYR A 14 -36.68 1.21 18.10
C TYR A 14 -36.32 2.58 17.53
N ALA A 15 -37.21 3.58 17.63
CA ALA A 15 -36.98 4.85 16.97
C ALA A 15 -35.63 5.48 17.31
N PRO A 16 -35.16 5.48 18.55
CA PRO A 16 -33.88 6.14 18.85
C PRO A 16 -32.72 5.64 18.00
N PHE A 17 -32.85 4.45 17.42
CA PHE A 17 -31.78 3.94 16.56
C PHE A 17 -31.47 4.92 15.44
N PHE A 18 -32.50 5.44 14.78
CA PHE A 18 -32.29 6.36 13.68
C PHE A 18 -31.78 7.70 14.16
N GLY A 19 -32.26 8.15 15.33
CA GLY A 19 -31.74 9.40 15.88
C GLY A 19 -30.25 9.34 16.12
N PHE A 20 -29.78 8.26 16.74
CA PHE A 20 -28.35 8.11 16.96
C PHE A 20 -27.60 7.95 15.63
N ALA A 21 -28.21 7.26 14.67
CA ALA A 21 -27.56 7.09 13.38
C ALA A 21 -27.29 8.44 12.73
N GLY A 22 -28.27 9.33 12.78
CA GLY A 22 -28.05 10.69 12.30
C GLY A 22 -26.96 11.40 13.07
N CYS A 23 -27.02 11.29 14.40
CA CYS A 23 -26.01 11.95 15.22
C CYS A 23 -24.62 11.44 14.89
N ALA A 24 -24.50 10.14 14.62
CA ALA A 24 -23.21 9.60 14.20
C ALA A 24 -22.78 10.16 12.85
N ALA A 25 -23.71 10.16 11.89
CA ALA A 25 -23.38 10.68 10.56
C ALA A 25 -22.92 12.13 10.63
N ALA A 26 -23.53 12.93 11.51
CA ALA A 26 -23.16 14.33 11.62
C ALA A 26 -21.68 14.50 11.95
N MET A 27 -21.16 13.66 12.84
CA MET A 27 -19.79 13.87 13.32
C MET A 27 -18.76 13.13 12.48
N VAL A 28 -19.01 11.86 12.16
CA VAL A 28 -17.98 11.07 11.48
C VAL A 28 -17.69 11.64 10.10
N LEU A 29 -18.73 11.99 9.35
CA LEU A 29 -18.51 12.46 7.99
C LEU A 29 -17.93 13.87 7.97
N SER A 30 -18.45 14.77 8.80
CA SER A 30 -17.86 16.10 8.87
C SER A 30 -16.43 16.05 9.36
N CYS A 31 -16.12 15.12 10.26
CA CYS A 31 -14.73 14.94 10.67
C CYS A 31 -13.87 14.53 9.48
N LEU A 32 -14.38 13.63 8.64
CA LEU A 32 -13.65 13.25 7.44
C LEU A 32 -13.45 14.44 6.52
N GLY A 33 -14.48 15.28 6.39
CA GLY A 33 -14.32 16.48 5.58
C GLY A 33 -13.20 17.37 6.08
N ALA A 34 -13.17 17.62 7.39
CA ALA A 34 -12.08 18.40 7.96
C ALA A 34 -10.74 17.71 7.75
N ALA A 35 -10.70 16.38 7.92
CA ALA A 35 -9.44 15.66 7.79
C ALA A 35 -8.88 15.80 6.38
N ILE A 36 -9.73 15.66 5.36
CA ILE A 36 -9.26 15.83 3.98
C ILE A 36 -8.78 17.26 3.76
N GLY A 37 -9.48 18.23 4.35
CA GLY A 37 -9.07 19.62 4.17
C GLY A 37 -7.68 19.88 4.71
N THR A 38 -7.41 19.43 5.94
CA THR A 38 -6.10 19.66 6.54
C THR A 38 -5.03 18.83 5.85
N ALA A 39 -5.33 17.56 5.54
CA ALA A 39 -4.30 16.67 5.01
C ALA A 39 -3.81 17.16 3.64
N LYS A 40 -4.73 17.55 2.75
CA LYS A 40 -4.31 18.11 1.48
C LYS A 40 -3.58 19.43 1.67
N SER A 41 -4.04 20.26 2.60
CA SER A 41 -3.38 21.54 2.84
C SER A 41 -1.99 21.34 3.44
N GLY A 42 -1.84 20.37 4.35
CA GLY A 42 -0.54 20.14 4.94
C GLY A 42 0.51 19.78 3.90
N ILE A 43 0.12 18.98 2.90
CA ILE A 43 1.04 18.70 1.81
C ILE A 43 1.43 19.98 1.09
N GLY A 44 0.44 20.83 0.80
CA GLY A 44 0.73 22.06 0.08
C GLY A 44 1.61 23.01 0.87
N ILE A 45 1.27 23.23 2.14
CA ILE A 45 2.01 24.21 2.94
C ILE A 45 3.43 23.73 3.21
N ALA A 46 3.60 22.42 3.48
CA ALA A 46 4.94 21.89 3.68
C ALA A 46 5.74 21.92 2.38
N GLY A 47 5.08 21.77 1.24
CA GLY A 47 5.80 21.68 -0.02
C GLY A 47 6.61 22.94 -0.33
N ILE A 48 6.04 24.11 -0.05
CA ILE A 48 6.74 25.36 -0.31
C ILE A 48 7.79 25.68 0.73
N GLY A 49 7.87 24.88 1.80
CA GLY A 49 8.71 25.23 2.92
C GLY A 49 10.15 25.55 2.59
N THR A 50 10.88 24.57 2.05
CA THR A 50 12.30 24.75 1.83
C THR A 50 12.60 25.86 0.83
N PHE A 51 11.63 26.23 -0.01
CA PHE A 51 11.85 27.26 -1.01
C PHE A 51 11.45 28.64 -0.55
N LYS A 52 10.45 28.75 0.32
CA LYS A 52 9.98 30.04 0.82
C LYS A 52 9.47 29.86 2.25
N PRO A 53 10.38 29.76 3.22
CA PRO A 53 9.94 29.64 4.62
C PRO A 53 9.05 30.78 5.07
N GLU A 54 9.23 31.98 4.51
CA GLU A 54 8.58 33.16 5.04
C GLU A 54 7.05 33.10 4.91
N LEU A 55 6.54 32.33 3.95
CA LEU A 55 5.13 32.46 3.56
C LEU A 55 4.16 31.71 4.46
N ILE A 56 4.65 30.83 5.34
CA ILE A 56 3.77 29.85 5.97
C ILE A 56 2.74 30.55 6.87
N MET A 57 3.21 31.36 7.80
CA MET A 57 2.28 31.98 8.76
C MET A 57 1.24 32.83 8.06
N LYS A 58 1.57 33.36 6.87
CA LYS A 58 0.63 34.14 6.09
C LYS A 58 -0.41 33.30 5.38
N SER A 59 -0.19 31.98 5.28
CA SER A 59 -0.99 31.13 4.40
C SER A 59 -1.63 29.95 5.14
N LEU A 60 -1.92 30.08 6.43
CA LEU A 60 -2.66 29.04 7.13
C LEU A 60 -4.16 29.10 6.86
N ILE A 61 -4.62 29.98 5.97
CA ILE A 61 -6.05 30.12 5.74
C ILE A 61 -6.71 28.78 5.41
N PRO A 62 -6.16 27.94 4.53
CA PRO A 62 -6.85 26.70 4.18
C PRO A 62 -7.17 25.81 5.39
N VAL A 63 -6.25 25.68 6.34
CA VAL A 63 -6.48 24.76 7.45
C VAL A 63 -7.59 25.27 8.36
N VAL A 64 -7.56 26.55 8.72
CA VAL A 64 -8.62 27.09 9.55
C VAL A 64 -9.95 27.04 8.81
N MET A 65 -9.94 27.26 7.50
CA MET A 65 -11.16 27.14 6.72
C MET A 65 -11.67 25.70 6.76
N SER A 66 -10.77 24.72 6.73
CA SER A 66 -11.17 23.34 6.89
C SER A 66 -11.52 23.02 8.34
N GLY A 67 -10.87 23.70 9.29
CA GLY A 67 -11.12 23.41 10.69
C GLY A 67 -12.54 23.74 11.11
N ILE A 68 -13.07 24.87 10.64
CA ILE A 68 -14.41 25.28 11.03
C ILE A 68 -15.47 24.29 10.57
N LEU A 69 -15.17 23.47 9.56
CA LEU A 69 -16.14 22.46 9.13
C LEU A 69 -16.49 21.53 10.28
N ALA A 70 -15.48 21.11 11.05
CA ALA A 70 -15.76 20.23 12.18
C ALA A 70 -16.68 20.89 13.19
N ILE A 71 -16.68 22.22 13.26
CA ILE A 71 -17.58 22.91 14.18
C ILE A 71 -19.02 22.78 13.71
N TYR A 72 -19.25 22.82 12.40
CA TYR A 72 -20.60 22.59 11.89
C TYR A 72 -21.12 21.23 12.33
N GLY A 73 -20.30 20.19 12.14
CA GLY A 73 -20.72 18.86 12.56
C GLY A 73 -20.99 18.79 14.06
N LEU A 74 -20.09 19.35 14.85
CA LEU A 74 -20.24 19.30 16.31
C LEU A 74 -21.55 19.95 16.73
N VAL A 75 -21.85 21.14 16.20
CA VAL A 75 -23.05 21.85 16.63
C VAL A 75 -24.29 21.02 16.33
N VAL A 76 -24.37 20.44 15.13
CA VAL A 76 -25.51 19.60 14.81
C VAL A 76 -25.53 18.36 15.68
N ALA A 77 -24.37 17.73 15.88
CA ALA A 77 -24.33 16.52 16.71
C ALA A 77 -24.79 16.82 18.13
N VAL A 78 -24.37 17.95 18.70
CA VAL A 78 -24.81 18.32 20.03
C VAL A 78 -26.33 18.52 20.06
N LEU A 79 -26.88 19.16 19.03
CA LEU A 79 -28.32 19.40 19.02
C LEU A 79 -29.10 18.10 18.95
N ILE A 80 -28.66 17.15 18.12
CA ILE A 80 -29.34 15.86 18.05
C ILE A 80 -29.22 15.13 19.39
N ALA A 81 -28.00 15.02 19.90
CA ALA A 81 -27.78 14.29 21.14
C ALA A 81 -28.51 14.91 22.32
N GLY A 82 -28.82 16.21 22.25
CA GLY A 82 -29.53 16.86 23.33
C GLY A 82 -31.01 16.54 23.39
N ASN A 83 -31.57 16.03 22.30
CA ASN A 83 -33.00 15.75 22.24
C ASN A 83 -33.34 14.31 22.58
N LEU A 84 -32.41 13.37 22.37
CA LEU A 84 -32.68 11.98 22.67
C LEU A 84 -32.69 11.75 24.18
N SER A 85 -33.55 10.84 24.62
CA SER A 85 -33.63 10.48 26.03
C SER A 85 -34.33 9.14 26.14
N PRO A 86 -34.02 8.35 27.17
CA PRO A 86 -34.73 7.07 27.37
C PRO A 86 -36.15 7.25 27.88
N THR A 87 -36.48 8.38 28.49
CA THR A 87 -37.79 8.60 29.06
C THR A 87 -38.71 9.40 28.15
N GLU A 88 -38.17 10.10 27.16
CA GLU A 88 -38.98 10.96 26.31
C GLU A 88 -39.81 10.12 25.34
N ASP A 89 -40.93 10.70 24.90
CA ASP A 89 -41.80 10.08 23.91
C ASP A 89 -41.29 10.36 22.50
N TYR A 90 -40.12 9.79 22.20
CA TYR A 90 -39.42 10.05 20.94
C TYR A 90 -40.15 9.36 19.79
N THR A 91 -40.79 10.17 18.94
CA THR A 91 -41.53 9.62 17.81
C THR A 91 -40.60 9.15 16.72
N LEU A 92 -41.10 8.24 15.88
CA LEU A 92 -40.35 7.81 14.71
C LEU A 92 -40.12 8.97 13.75
N PHE A 93 -41.11 9.86 13.62
CA PHE A 93 -40.95 11.03 12.76
C PHE A 93 -39.69 11.80 13.14
N ASN A 94 -39.55 12.14 14.42
CA ASN A 94 -38.34 12.81 14.87
C ASN A 94 -37.11 11.92 14.70
N GLY A 95 -37.31 10.60 14.63
CA GLY A 95 -36.22 9.69 14.34
C GLY A 95 -35.60 9.95 12.98
N PHE A 96 -36.43 9.89 11.93
CA PHE A 96 -35.93 10.09 10.58
C PHE A 96 -35.43 11.52 10.38
N MET A 97 -36.07 12.51 11.01
CA MET A 97 -35.60 13.88 10.85
C MET A 97 -34.17 14.03 11.34
N HIS A 98 -33.85 13.44 12.50
CA HIS A 98 -32.50 13.53 12.99
C HIS A 98 -31.53 12.73 12.13
N LEU A 99 -32.01 11.68 11.46
CA LEU A 99 -31.16 10.99 10.49
C LEU A 99 -30.77 11.92 9.35
N SER A 100 -31.75 12.64 8.79
CA SER A 100 -31.45 13.56 7.70
C SER A 100 -30.55 14.70 8.17
N CYS A 101 -30.77 15.17 9.40
CA CYS A 101 -29.85 16.14 9.99
C CYS A 101 -28.42 15.63 9.93
N GLY A 102 -28.22 14.34 10.21
CA GLY A 102 -26.89 13.78 10.15
C GLY A 102 -26.31 13.74 8.75
N LEU A 103 -27.14 13.40 7.76
CA LEU A 103 -26.63 13.24 6.41
C LEU A 103 -26.25 14.59 5.80
N CYS A 104 -27.11 15.60 5.97
CA CYS A 104 -26.90 16.87 5.30
C CYS A 104 -25.56 17.49 5.72
N VAL A 105 -25.41 17.80 7.00
CA VAL A 105 -24.18 18.43 7.46
C VAL A 105 -22.99 17.49 7.29
N GLY A 106 -23.20 16.19 7.48
CA GLY A 106 -22.10 15.26 7.43
C GLY A 106 -21.38 15.23 6.10
N PHE A 107 -22.14 15.03 5.02
CA PHE A 107 -21.54 15.01 3.69
C PHE A 107 -21.20 16.41 3.19
N ALA A 108 -22.09 17.38 3.39
CA ALA A 108 -21.83 18.73 2.90
C ALA A 108 -20.46 19.21 3.36
N CYS A 109 -20.13 18.97 4.62
CA CYS A 109 -18.77 19.21 5.08
C CYS A 109 -17.77 18.33 4.36
N LEU A 110 -18.15 17.09 4.05
CA LEU A 110 -17.26 16.23 3.28
C LEU A 110 -17.00 16.81 1.89
N SER A 111 -18.02 17.42 1.28
CA SER A 111 -17.81 18.07 -0.01
C SER A 111 -16.91 19.28 0.12
N SER A 112 -17.19 20.16 1.07
CA SER A 112 -16.33 21.32 1.29
C SER A 112 -14.93 20.91 1.72
N GLY A 113 -14.82 19.85 2.53
CA GLY A 113 -13.51 19.37 2.91
C GLY A 113 -12.68 18.98 1.71
N TYR A 114 -13.31 18.29 0.75
CA TYR A 114 -12.61 17.94 -0.49
C TYR A 114 -12.26 19.19 -1.29
N ALA A 115 -13.23 20.08 -1.48
CA ALA A 115 -13.00 21.25 -2.33
C ALA A 115 -11.94 22.16 -1.74
N ILE A 116 -11.98 22.39 -0.42
CA ILE A 116 -10.93 23.20 0.21
C ILE A 116 -9.58 22.52 0.05
N GLY A 117 -9.55 21.20 0.21
CA GLY A 117 -8.29 20.48 0.10
C GLY A 117 -7.63 20.66 -1.25
N MET A 118 -8.41 20.51 -2.32
CA MET A 118 -7.84 20.55 -3.66
C MET A 118 -7.40 21.96 -4.04
N VAL A 119 -8.19 22.98 -3.68
CA VAL A 119 -7.77 24.35 -3.98
C VAL A 119 -6.57 24.73 -3.12
N GLY A 120 -6.60 24.38 -1.84
CA GLY A 120 -5.50 24.73 -0.97
C GLY A 120 -4.18 24.11 -1.40
N ASP A 121 -4.22 22.87 -1.88
CA ASP A 121 -2.99 22.20 -2.29
C ASP A 121 -2.21 23.05 -3.29
N VAL A 122 -2.82 23.32 -4.44
CA VAL A 122 -2.16 24.13 -5.46
C VAL A 122 -2.16 25.60 -5.07
N GLY A 123 -3.15 26.05 -4.31
CA GLY A 123 -3.26 27.47 -4.00
C GLY A 123 -2.00 28.01 -3.35
N VAL A 124 -1.46 27.28 -2.38
CA VAL A 124 -0.21 27.69 -1.75
C VAL A 124 0.98 27.39 -2.66
N ARG A 125 1.02 26.19 -3.23
CA ARG A 125 2.20 25.77 -4.00
C ARG A 125 2.43 26.64 -5.23
N LYS A 126 1.40 27.34 -5.71
CA LYS A 126 1.58 28.28 -6.81
C LYS A 126 1.61 29.73 -6.34
N TYR A 127 1.10 30.01 -5.14
CA TYR A 127 1.22 31.35 -4.57
C TYR A 127 2.68 31.75 -4.39
N MET A 128 3.56 30.77 -4.15
CA MET A 128 4.98 31.07 -3.99
C MET A 128 5.60 31.66 -5.25
N HIS A 129 5.02 31.37 -6.42
CA HIS A 129 5.51 31.93 -7.68
C HIS A 129 4.83 33.24 -8.05
N GLN A 130 3.82 33.67 -7.30
CA GLN A 130 3.07 34.86 -7.66
C GLN A 130 2.44 35.49 -6.42
N PRO A 131 3.01 36.55 -5.87
CA PRO A 131 2.49 37.10 -4.61
C PRO A 131 1.15 37.81 -4.72
N ARG A 132 0.69 38.14 -5.92
CA ARG A 132 -0.63 38.74 -6.10
C ARG A 132 -1.71 37.68 -6.28
N LEU A 133 -1.36 36.40 -6.22
CA LEU A 133 -2.34 35.34 -6.35
C LEU A 133 -3.26 35.26 -5.14
N PHE A 134 -2.79 35.67 -3.96
CA PHE A 134 -3.49 35.33 -2.73
C PHE A 134 -4.85 36.00 -2.62
N VAL A 135 -4.99 37.24 -3.09
CA VAL A 135 -6.27 37.92 -2.96
C VAL A 135 -7.36 37.16 -3.71
N GLY A 136 -7.00 36.45 -4.76
CA GLY A 136 -7.96 35.64 -5.47
C GLY A 136 -8.21 34.30 -4.80
N ILE A 137 -7.17 33.73 -4.20
CA ILE A 137 -7.29 32.38 -3.64
C ILE A 137 -8.35 32.36 -2.55
N VAL A 138 -8.28 33.30 -1.60
CA VAL A 138 -9.18 33.27 -0.46
C VAL A 138 -10.62 33.40 -0.91
N LEU A 139 -10.87 34.14 -1.99
CA LEU A 139 -12.23 34.25 -2.50
C LEU A 139 -12.75 32.90 -2.95
N ILE A 140 -11.91 32.10 -3.62
CA ILE A 140 -12.33 30.77 -4.06
C ILE A 140 -12.61 29.89 -2.86
N LEU A 141 -11.75 29.94 -1.83
CA LEU A 141 -11.99 29.15 -0.63
C LEU A 141 -13.32 29.51 0.01
N ILE A 142 -13.67 30.80 0.00
CA ILE A 142 -14.94 31.22 0.59
C ILE A 142 -16.11 30.61 -0.19
N PHE A 143 -16.04 30.62 -1.52
CA PHE A 143 -17.07 29.95 -2.30
C PHE A 143 -17.10 28.46 -2.00
N SER A 144 -15.95 27.85 -1.71
CA SER A 144 -15.94 26.47 -1.29
C SER A 144 -16.51 26.30 0.12
N GLU A 145 -16.42 27.33 0.95
CA GLU A 145 -16.84 27.21 2.34
C GLU A 145 -18.36 27.17 2.46
N VAL A 146 -19.06 28.05 1.75
CA VAL A 146 -20.50 28.19 1.94
C VAL A 146 -21.24 26.91 1.58
N LEU A 147 -20.62 26.00 0.81
CA LEU A 147 -21.25 24.71 0.58
C LEU A 147 -21.48 23.97 1.89
N GLY A 148 -20.47 23.98 2.78
CA GLY A 148 -20.66 23.39 4.08
C GLY A 148 -21.71 24.11 4.90
N LEU A 149 -21.73 25.44 4.84
CA LEU A 149 -22.71 26.20 5.63
C LEU A 149 -24.13 25.83 5.25
N TYR A 150 -24.39 25.63 3.96
CA TYR A 150 -25.72 25.20 3.54
C TYR A 150 -26.10 23.90 4.21
N GLY A 151 -25.14 22.99 4.39
CA GLY A 151 -25.44 21.74 5.05
C GLY A 151 -25.93 21.94 6.47
N MET A 152 -25.29 22.85 7.20
CA MET A 152 -25.72 23.13 8.56
C MET A 152 -27.08 23.82 8.59
N ILE A 153 -27.29 24.79 7.70
CA ILE A 153 -28.55 25.52 7.70
C ILE A 153 -29.73 24.57 7.53
N VAL A 154 -29.62 23.64 6.58
CA VAL A 154 -30.69 22.67 6.37
C VAL A 154 -30.82 21.77 7.60
N ALA A 155 -29.69 21.34 8.15
CA ALA A 155 -29.75 20.47 9.32
C ALA A 155 -30.49 21.13 10.47
N LEU A 156 -30.27 22.44 10.67
CA LEU A 156 -30.96 23.14 11.74
C LEU A 156 -32.46 23.24 11.47
N ILE A 157 -32.85 23.54 10.23
CA ILE A 157 -34.27 23.67 9.93
C ILE A 157 -34.97 22.32 10.07
N LEU A 158 -34.29 21.23 9.73
CA LEU A 158 -34.84 19.91 9.98
C LEU A 158 -35.10 19.71 11.47
N ASN A 159 -34.13 20.09 12.31
CA ASN A 159 -34.26 19.83 13.74
C ASN A 159 -35.41 20.63 14.35
N THR A 160 -35.60 21.87 13.92
CA THR A 160 -36.66 22.68 14.52
C THR A 160 -38.04 22.07 14.27
N ARG A 161 -38.23 21.46 13.09
CA ARG A 161 -39.49 20.79 12.80
C ARG A 161 -39.57 19.43 13.49
N GLY A 162 -38.44 18.74 13.63
CA GLY A 162 -38.48 17.37 14.14
C GLY A 162 -39.08 17.28 15.52
N SER A 163 -38.64 18.15 16.43
CA SER A 163 -39.09 18.12 17.82
C SER A 163 -40.33 18.95 18.06
N GLU A 164 -41.10 19.24 17.01
CA GLU A 164 -42.32 20.04 17.15
C GLU A 164 -43.35 19.63 16.11
N SER B 16 -14.02 -6.63 -13.62
CA SER B 16 -13.21 -6.80 -12.39
C SER B 16 -14.02 -7.60 -11.35
N PHE B 17 -13.35 -8.51 -10.67
CA PHE B 17 -14.04 -9.53 -9.89
C PHE B 17 -14.85 -8.92 -8.75
N SER B 18 -14.18 -8.27 -7.80
CA SER B 18 -14.86 -7.80 -6.60
C SER B 18 -15.95 -6.79 -6.92
N HIS B 19 -15.66 -5.85 -7.83
CA HIS B 19 -16.67 -4.86 -8.21
C HIS B 19 -17.85 -5.53 -8.87
N PHE B 20 -17.61 -6.59 -9.65
CA PHE B 20 -18.71 -7.34 -10.24
C PHE B 20 -19.63 -7.91 -9.18
N LEU B 21 -19.05 -8.46 -8.11
CA LEU B 21 -19.88 -9.01 -7.03
C LEU B 21 -20.70 -7.92 -6.35
N TYR B 22 -20.12 -6.73 -6.16
CA TYR B 22 -20.88 -5.63 -5.56
C TYR B 22 -22.14 -5.36 -6.36
N TYR B 23 -22.02 -5.26 -7.69
CA TYR B 23 -23.18 -4.98 -8.52
C TYR B 23 -24.15 -6.16 -8.53
N LEU B 24 -23.62 -7.38 -8.54
CA LEU B 24 -24.49 -8.56 -8.51
C LEU B 24 -25.32 -8.58 -7.23
N VAL B 25 -24.69 -8.33 -6.09
CA VAL B 25 -25.41 -8.35 -4.83
C VAL B 25 -26.53 -7.31 -4.84
N LEU B 26 -26.23 -6.12 -5.33
CA LEU B 26 -27.25 -5.07 -5.40
C LEU B 26 -28.43 -5.50 -6.26
N ILE B 27 -28.16 -6.13 -7.40
CA ILE B 27 -29.23 -6.58 -8.29
C ILE B 27 -30.08 -7.62 -7.59
N VAL B 28 -29.46 -8.58 -6.90
CA VAL B 28 -30.22 -9.61 -6.19
C VAL B 28 -31.12 -8.96 -5.15
N VAL B 29 -30.60 -7.98 -4.42
CA VAL B 29 -31.42 -7.31 -3.40
C VAL B 29 -32.63 -6.65 -4.04
N ILE B 30 -32.43 -5.95 -5.15
CA ILE B 30 -33.55 -5.31 -5.83
C ILE B 30 -34.58 -6.35 -6.25
N VAL B 31 -34.12 -7.46 -6.84
CA VAL B 31 -35.04 -8.50 -7.29
C VAL B 31 -35.80 -9.07 -6.10
N TYR B 32 -35.09 -9.36 -5.01
CA TYR B 32 -35.77 -9.92 -3.84
C TYR B 32 -36.80 -8.96 -3.29
N GLY B 33 -36.46 -7.67 -3.22
CA GLY B 33 -37.41 -6.70 -2.71
C GLY B 33 -38.66 -6.63 -3.56
N LEU B 34 -38.50 -6.56 -4.89
CA LEU B 34 -39.65 -6.49 -5.77
C LEU B 34 -40.50 -7.75 -5.67
N TYR B 35 -39.85 -8.90 -5.54
CA TYR B 35 -40.60 -10.16 -5.41
C TYR B 35 -41.53 -10.12 -4.22
N LYS B 36 -41.00 -9.76 -3.04
CA LYS B 36 -41.84 -9.69 -1.84
C LYS B 36 -42.88 -8.59 -1.97
N LEU B 37 -42.53 -7.49 -2.65
CA LEU B 37 -43.45 -6.37 -2.76
C LEU B 37 -44.61 -6.70 -3.69
N PHE B 38 -44.30 -7.19 -4.90
CA PHE B 38 -45.37 -7.46 -5.87
C PHE B 38 -46.35 -8.51 -5.37
N THR B 39 -45.84 -9.54 -4.69
CA THR B 39 -46.73 -10.58 -4.18
C THR B 39 -47.58 -10.11 -3.01
N GLY B 40 -47.43 -8.86 -2.56
CA GLY B 40 -48.22 -8.33 -1.47
C GLY B 40 -47.64 -8.55 -0.10
N HIS B 41 -46.55 -9.32 0.02
CA HIS B 41 -45.89 -9.57 1.29
C HIS B 41 -44.76 -8.59 1.57
N GLY B 42 -44.84 -7.38 1.02
CA GLY B 42 -43.75 -6.42 1.19
C GLY B 42 -43.43 -6.13 2.64
N SER B 43 -44.42 -6.25 3.53
CA SER B 43 -44.18 -6.00 4.94
C SER B 43 -43.28 -7.06 5.57
N ASP B 44 -42.99 -8.15 4.86
CA ASP B 44 -42.07 -9.16 5.40
C ASP B 44 -40.64 -8.65 5.46
N ILE B 45 -40.31 -7.59 4.74
CA ILE B 45 -39.01 -6.96 4.92
C ILE B 45 -39.18 -5.99 6.08
N ASN B 46 -39.07 -6.53 7.30
CA ASN B 46 -39.51 -5.83 8.51
C ASN B 46 -38.29 -5.45 9.33
N PHE B 47 -37.65 -4.34 8.95
CA PHE B 47 -36.54 -3.84 9.72
C PHE B 47 -36.95 -3.47 11.15
N GLY B 48 -38.23 -3.17 11.37
CA GLY B 48 -38.71 -2.88 12.70
C GLY B 48 -38.55 -4.04 13.65
N LYS B 49 -39.07 -5.20 13.25
CA LYS B 49 -38.93 -6.39 14.09
C LYS B 49 -37.46 -6.72 14.33
N PHE B 50 -36.62 -6.53 13.32
CA PHE B 50 -35.20 -6.85 13.45
C PHE B 50 -34.55 -6.03 14.56
N LEU B 51 -34.84 -4.73 14.60
CA LEU B 51 -34.25 -3.88 15.64
C LEU B 51 -34.81 -4.23 17.01
N LEU B 52 -36.09 -4.58 17.10
CA LEU B 52 -36.70 -4.86 18.41
C LEU B 52 -36.20 -6.18 18.97
N ARG B 53 -36.20 -7.22 18.16
CA ARG B 53 -36.01 -8.58 18.67
C ARG B 53 -34.56 -9.02 18.66
N THR B 54 -33.64 -8.23 18.10
CA THR B 54 -32.23 -8.48 18.33
C THR B 54 -31.86 -8.12 19.76
N SER B 55 -30.96 -8.91 20.33
CA SER B 55 -30.58 -8.73 21.72
C SER B 55 -29.88 -7.38 21.88
N PRO B 56 -30.27 -6.57 22.87
CA PRO B 56 -29.56 -5.29 23.08
C PRO B 56 -28.11 -5.47 23.43
N TYR B 57 -27.71 -6.64 23.94
CA TYR B 57 -26.30 -6.86 24.22
C TYR B 57 -25.46 -6.84 22.95
N MET B 58 -26.00 -7.34 21.84
CA MET B 58 -25.24 -7.38 20.59
C MET B 58 -24.85 -5.97 20.15
N TRP B 59 -25.82 -5.08 20.06
CA TRP B 59 -25.54 -3.72 19.61
C TRP B 59 -24.54 -3.04 20.53
N ALA B 60 -24.76 -3.13 21.85
CA ALA B 60 -23.86 -2.48 22.79
C ALA B 60 -22.46 -3.08 22.70
N ASN B 61 -22.36 -4.40 22.67
CA ASN B 61 -21.04 -5.03 22.71
C ASN B 61 -20.24 -4.75 21.46
N LEU B 62 -20.89 -4.83 20.29
CA LEU B 62 -20.18 -4.48 19.06
C LEU B 62 -19.73 -3.03 19.10
N GLY B 63 -20.53 -2.15 19.68
CA GLY B 63 -20.12 -0.77 19.83
C GLY B 63 -18.82 -0.64 20.61
N ILE B 64 -18.72 -1.35 21.74
CA ILE B 64 -17.53 -1.27 22.56
C ILE B 64 -16.33 -1.86 21.82
N ALA B 65 -16.49 -3.04 21.24
CA ALA B 65 -15.37 -3.71 20.61
C ALA B 65 -14.86 -2.93 19.41
N LEU B 66 -15.76 -2.49 18.53
CA LEU B 66 -15.33 -1.76 17.34
C LEU B 66 -14.81 -0.37 17.71
N CYS B 67 -15.21 0.18 18.85
CA CYS B 67 -14.69 1.48 19.26
C CYS B 67 -13.18 1.43 19.46
N VAL B 68 -12.73 0.67 20.46
CA VAL B 68 -11.29 0.49 20.65
C VAL B 68 -10.67 -0.11 19.41
N GLY B 69 -11.40 -0.97 18.71
CA GLY B 69 -10.88 -1.60 17.52
C GLY B 69 -10.48 -0.61 16.45
N LEU B 70 -11.45 0.14 15.91
CA LEU B 70 -11.13 1.12 14.89
C LEU B 70 -10.19 2.18 15.41
N SER B 71 -10.35 2.56 16.69
CA SER B 71 -9.50 3.61 17.25
C SER B 71 -8.04 3.18 17.29
N VAL B 72 -7.77 1.87 17.42
CA VAL B 72 -6.38 1.41 17.39
C VAL B 72 -5.85 1.42 15.96
N VAL B 73 -6.68 1.08 14.99
CA VAL B 73 -6.25 1.14 13.59
C VAL B 73 -5.82 2.56 13.24
N GLY B 74 -6.58 3.55 13.69
CA GLY B 74 -6.21 4.93 13.42
C GLY B 74 -4.82 5.26 13.93
N ALA B 75 -4.52 4.85 15.16
CA ALA B 75 -3.19 5.07 15.70
C ALA B 75 -2.15 4.31 14.89
N ALA B 76 -2.37 3.02 14.66
CA ALA B 76 -1.40 2.22 13.93
C ALA B 76 -1.17 2.77 12.53
N TRP B 77 -2.24 3.15 11.85
CA TRP B 77 -2.08 3.72 10.53
C TRP B 77 -1.22 4.96 10.58
N GLY B 78 -1.53 5.88 11.50
CA GLY B 78 -0.75 7.09 11.63
C GLY B 78 0.70 6.79 11.99
N ILE B 79 0.93 5.75 12.79
CA ILE B 79 2.26 5.50 13.32
C ILE B 79 3.24 5.21 12.19
N PHE B 80 2.91 4.24 11.32
CA PHE B 80 3.90 3.88 10.31
C PHE B 80 3.94 4.87 9.16
N ILE B 81 2.88 5.67 8.97
CA ILE B 81 2.96 6.75 7.99
C ILE B 81 4.07 7.72 8.38
N THR B 82 4.07 8.16 9.63
CA THR B 82 5.09 9.09 10.11
C THR B 82 6.40 8.37 10.41
N GLY B 83 6.32 7.20 11.05
CA GLY B 83 7.52 6.54 11.51
C GLY B 83 8.48 6.20 10.38
N SER B 84 7.94 5.71 9.27
CA SER B 84 8.80 5.39 8.13
C SER B 84 9.52 6.62 7.61
N SER B 85 8.82 7.74 7.50
CA SER B 85 9.44 8.96 7.01
C SER B 85 10.52 9.46 7.98
N MET B 86 10.24 9.40 9.29
CA MET B 86 11.25 9.80 10.26
C MET B 86 12.51 8.96 10.12
N ILE B 87 12.34 7.63 9.98
CA ILE B 87 13.49 6.77 9.77
C ILE B 87 14.13 7.08 8.42
N GLY B 88 13.33 7.33 7.40
CA GLY B 88 13.86 7.66 6.10
C GLY B 88 14.67 8.94 6.11
N ALA B 89 14.01 10.06 6.41
CA ALA B 89 14.72 11.33 6.43
C ALA B 89 15.83 11.33 7.48
N GLY B 90 15.67 10.57 8.56
CA GLY B 90 16.62 10.59 9.65
C GLY B 90 17.99 10.02 9.31
N VAL B 91 18.10 9.27 8.20
CA VAL B 91 19.39 8.66 7.86
C VAL B 91 20.44 9.74 7.64
N ARG B 92 20.06 10.84 7.02
CA ARG B 92 20.98 11.95 6.77
C ARG B 92 21.01 12.93 7.93
N ALA B 93 19.86 13.15 8.58
CA ALA B 93 19.72 14.10 9.67
C ALA B 93 19.15 13.37 10.88
N PRO B 94 20.00 12.65 11.63
CA PRO B 94 19.48 11.93 12.81
C PRO B 94 18.90 12.84 13.87
N ARG B 95 19.21 14.14 13.82
CA ARG B 95 18.70 15.07 14.83
C ARG B 95 17.17 15.03 14.92
N ILE B 96 16.49 14.79 13.79
CA ILE B 96 15.03 14.85 13.78
C ILE B 96 14.40 13.72 14.58
N THR B 97 15.13 12.63 14.82
CA THR B 97 14.52 11.43 15.37
C THR B 97 13.91 11.67 16.76
N THR B 98 14.32 12.72 17.45
CA THR B 98 13.78 13.02 18.77
C THR B 98 12.93 14.28 18.81
N LYS B 99 13.37 15.35 18.14
CA LYS B 99 12.59 16.59 18.13
C LYS B 99 11.21 16.36 17.52
N ASN B 100 11.14 15.55 16.47
CA ASN B 100 9.89 15.31 15.75
C ASN B 100 9.01 14.28 16.42
N LEU B 101 9.47 13.65 17.51
CA LEU B 101 8.69 12.60 18.14
C LEU B 101 7.33 13.10 18.62
N ILE B 102 7.20 14.40 18.87
CA ILE B 102 5.93 14.94 19.34
C ILE B 102 4.81 14.60 18.36
N SER B 103 5.10 14.66 17.06
CA SER B 103 4.08 14.32 16.08
C SER B 103 3.67 12.86 16.16
N ILE B 104 4.53 12.00 16.68
CA ILE B 104 4.16 10.60 16.89
C ILE B 104 3.27 10.45 18.12
N ILE B 105 3.48 11.29 19.13
CA ILE B 105 2.64 11.24 20.32
C ILE B 105 1.18 11.44 19.93
N PHE B 106 0.91 12.40 19.05
CA PHE B 106 -0.46 12.70 18.66
C PHE B 106 -1.08 11.59 17.82
N CYS B 107 -0.29 10.64 17.33
CA CYS B 107 -0.86 9.45 16.72
C CYS B 107 -1.25 8.42 17.79
N GLU B 108 -0.39 8.23 18.78
CA GLU B 108 -0.65 7.24 19.82
C GLU B 108 -1.74 7.68 20.77
N VAL B 109 -1.93 9.00 20.94
CA VAL B 109 -2.85 9.48 21.95
C VAL B 109 -4.28 9.04 21.68
N VAL B 110 -4.69 9.04 20.41
CA VAL B 110 -6.08 8.70 20.11
C VAL B 110 -6.40 7.27 20.49
N ALA B 111 -5.41 6.40 20.59
CA ALA B 111 -5.66 5.07 21.12
C ALA B 111 -6.17 5.16 22.56
N ILE B 112 -5.60 6.08 23.35
CA ILE B 112 -6.10 6.29 24.70
C ILE B 112 -7.53 6.80 24.67
N TYR B 113 -7.81 7.79 23.81
CA TYR B 113 -9.18 8.29 23.71
C TYR B 113 -10.16 7.14 23.49
N GLY B 114 -9.78 6.17 22.65
CA GLY B 114 -10.61 4.99 22.51
C GLY B 114 -10.70 4.19 23.81
N LEU B 115 -9.56 3.97 24.45
CA LEU B 115 -9.56 3.20 25.69
C LEU B 115 -10.40 3.89 26.76
N ILE B 116 -10.37 5.23 26.82
CA ILE B 116 -11.20 5.95 27.78
C ILE B 116 -12.66 5.55 27.62
N ILE B 117 -13.15 5.54 26.38
CA ILE B 117 -14.56 5.24 26.16
C ILE B 117 -14.85 3.79 26.53
N ALA B 118 -13.94 2.88 26.21
CA ALA B 118 -14.14 1.48 26.58
C ALA B 118 -14.27 1.33 28.08
N ILE B 119 -13.45 2.06 28.85
CA ILE B 119 -13.59 2.05 30.30
C ILE B 119 -14.97 2.54 30.70
N VAL B 120 -15.38 3.70 30.17
CA VAL B 120 -16.62 4.32 30.59
C VAL B 120 -17.80 3.43 30.25
N PHE B 121 -17.82 2.87 29.04
CA PHE B 121 -18.94 2.02 28.63
C PHE B 121 -18.98 0.72 29.42
N SER B 122 -17.82 0.19 29.81
CA SER B 122 -17.80 -1.10 30.49
C SER B 122 -18.58 -1.06 31.79
N SER B 123 -18.75 0.13 32.39
CA SER B 123 -19.51 0.25 33.62
C SER B 123 -20.99 -0.05 33.43
N LYS B 124 -21.47 -0.12 32.19
CA LYS B 124 -22.90 -0.22 31.91
C LYS B 124 -23.34 -1.62 31.49
N LEU B 125 -22.43 -2.59 31.47
CA LEU B 125 -22.79 -3.96 31.11
C LEU B 125 -23.24 -4.71 32.37
N THR B 126 -24.48 -5.18 32.35
CA THR B 126 -25.05 -5.85 33.51
C THR B 126 -26.05 -6.89 33.04
N VAL B 127 -26.31 -7.87 33.90
CA VAL B 127 -27.25 -8.95 33.59
C VAL B 127 -28.66 -8.42 33.86
N ALA B 128 -29.46 -8.32 32.81
CA ALA B 128 -30.81 -7.78 32.93
C ALA B 128 -31.82 -8.87 33.26
N THR B 129 -32.89 -8.48 33.93
CA THR B 129 -33.96 -9.42 34.25
C THR B 129 -34.70 -9.82 32.98
N ALA B 130 -35.26 -11.03 32.99
CA ALA B 130 -35.80 -11.61 31.77
C ALA B 130 -36.93 -10.78 31.19
N GLU B 131 -37.95 -10.47 32.01
CA GLU B 131 -39.13 -9.81 31.50
C GLU B 131 -38.86 -8.39 31.01
N ASN B 132 -37.78 -7.77 31.48
CA ASN B 132 -37.43 -6.41 31.11
C ASN B 132 -36.40 -6.34 29.99
N MET B 133 -36.01 -7.49 29.43
CA MET B 133 -34.88 -7.51 28.48
C MET B 133 -35.06 -6.49 27.37
N TYR B 134 -36.21 -6.52 26.71
CA TYR B 134 -36.48 -5.66 25.56
C TYR B 134 -37.32 -4.44 25.93
N SER B 135 -37.24 -3.99 27.18
CA SER B 135 -37.94 -2.80 27.60
C SER B 135 -37.32 -1.56 26.95
N LYS B 136 -38.08 -0.47 26.97
CA LYS B 136 -37.66 0.75 26.29
C LYS B 136 -36.26 1.19 26.71
N SER B 137 -36.01 1.26 28.02
CA SER B 137 -34.73 1.76 28.49
C SER B 137 -33.58 0.90 28.01
N ASN B 138 -33.73 -0.43 28.07
CA ASN B 138 -32.65 -1.30 27.64
C ASN B 138 -32.36 -1.14 26.15
N LEU B 139 -33.42 -1.06 25.32
CA LEU B 139 -33.21 -0.88 23.90
C LEU B 139 -32.50 0.44 23.61
N TYR B 140 -32.90 1.51 24.32
CA TYR B 140 -32.24 2.79 24.15
C TYR B 140 -30.75 2.66 24.43
N THR B 141 -30.39 2.02 25.54
CA THR B 141 -28.98 1.84 25.86
C THR B 141 -28.28 0.96 24.82
N GLY B 142 -28.96 -0.09 24.35
CA GLY B 142 -28.35 -0.95 23.36
C GLY B 142 -27.95 -0.19 22.11
N TYR B 143 -28.86 0.65 21.60
CA TYR B 143 -28.54 1.43 20.41
C TYR B 143 -27.51 2.51 20.72
N SER B 144 -27.64 3.18 21.87
CA SER B 144 -26.76 4.29 22.19
C SER B 144 -25.31 3.85 22.20
N LEU B 145 -25.02 2.72 22.87
CA LEU B 145 -23.64 2.28 22.97
C LEU B 145 -23.09 1.81 21.62
N PHE B 146 -23.96 1.41 20.69
CA PHE B 146 -23.49 1.02 19.37
C PHE B 146 -23.02 2.24 18.59
N TRP B 147 -23.90 3.23 18.40
CA TRP B 147 -23.55 4.38 17.59
C TRP B 147 -22.49 5.24 18.26
N ALA B 148 -22.52 5.34 19.59
CA ALA B 148 -21.48 6.08 20.29
C ALA B 148 -20.12 5.45 20.06
N GLY B 149 -20.04 4.12 20.20
CA GLY B 149 -18.78 3.44 19.95
C GLY B 149 -18.33 3.59 18.50
N ILE B 150 -19.27 3.49 17.56
CA ILE B 150 -18.92 3.66 16.16
C ILE B 150 -18.39 5.06 15.91
N THR B 151 -19.05 6.07 16.48
CA THR B 151 -18.63 7.46 16.25
C THR B 151 -17.21 7.68 16.76
N VAL B 152 -16.93 7.27 18.00
CA VAL B 152 -15.60 7.47 18.55
C VAL B 152 -14.57 6.66 17.75
N GLY B 153 -14.90 5.40 17.45
CA GLY B 153 -13.95 4.58 16.72
C GLY B 153 -13.64 5.12 15.34
N ALA B 154 -14.68 5.46 14.57
CA ALA B 154 -14.46 5.99 13.23
C ALA B 154 -13.76 7.35 13.27
N SER B 155 -14.22 8.23 14.16
CA SER B 155 -13.62 9.56 14.23
C SER B 155 -12.14 9.48 14.57
N ASN B 156 -11.75 8.56 15.44
CA ASN B 156 -10.33 8.40 15.75
C ASN B 156 -9.59 7.70 14.63
N LEU B 157 -10.23 6.79 13.91
CA LEU B 157 -9.62 6.26 12.69
C LEU B 157 -9.30 7.38 11.72
N ILE B 158 -10.28 8.26 11.46
CA ILE B 158 -10.06 9.37 10.55
C ILE B 158 -8.96 10.29 11.10
N CYS B 159 -9.06 10.66 12.38
CA CYS B 159 -8.13 11.61 12.95
C CYS B 159 -6.70 11.09 12.92
N GLY B 160 -6.51 9.83 13.32
CA GLY B 160 -5.16 9.29 13.37
C GLY B 160 -4.48 9.30 12.02
N ILE B 161 -5.24 9.07 10.95
CA ILE B 161 -4.66 9.04 9.61
C ILE B 161 -4.18 10.42 9.22
N ALA B 162 -5.02 11.44 9.41
CA ALA B 162 -4.65 12.79 9.00
C ALA B 162 -3.44 13.29 9.77
N VAL B 163 -3.40 13.03 11.08
CA VAL B 163 -2.25 13.44 11.88
C VAL B 163 -1.00 12.70 11.40
N GLY B 164 -1.14 11.41 11.10
CA GLY B 164 0.00 10.67 10.58
C GLY B 164 0.54 11.27 9.30
N ILE B 165 -0.34 11.63 8.37
CA ILE B 165 0.08 12.30 7.16
C ILE B 165 0.83 13.59 7.50
N THR B 166 0.28 14.38 8.42
CA THR B 166 0.93 15.64 8.78
C THR B 166 2.28 15.40 9.44
N GLY B 167 2.36 14.39 10.32
CA GLY B 167 3.63 14.13 10.98
C GLY B 167 4.72 13.72 10.01
N ALA B 168 4.36 12.96 8.98
CA ALA B 168 5.36 12.50 8.02
C ALA B 168 6.01 13.69 7.30
N THR B 169 5.20 14.59 6.77
CA THR B 169 5.74 15.74 6.04
C THR B 169 6.46 16.68 6.98
N ALA B 170 5.98 16.83 8.21
CA ALA B 170 6.67 17.67 9.18
C ALA B 170 8.09 17.18 9.42
N ALA B 171 8.27 15.86 9.53
CA ALA B 171 9.60 15.31 9.69
C ALA B 171 10.49 15.66 8.51
N ILE B 172 9.97 15.54 7.30
CA ILE B 172 10.76 15.83 6.10
C ILE B 172 11.13 17.31 6.07
N SER B 173 10.23 18.19 6.49
CA SER B 173 10.57 19.60 6.57
C SER B 173 11.62 19.85 7.65
N ASP B 174 11.50 19.19 8.79
CA ASP B 174 12.50 19.33 9.85
C ASP B 174 13.88 18.94 9.34
N ALA B 175 13.96 17.95 8.46
CA ALA B 175 15.24 17.56 7.90
C ALA B 175 15.87 18.68 7.07
N ALA B 176 15.09 19.68 6.68
CA ALA B 176 15.62 20.84 5.96
C ALA B 176 16.07 21.93 6.94
N ASP B 177 15.16 22.40 7.78
CA ASP B 177 15.47 23.46 8.73
C ASP B 177 14.39 23.50 9.80
N SER B 178 14.80 23.64 11.06
CA SER B 178 13.85 23.75 12.16
C SER B 178 12.94 24.96 12.01
N ALA B 179 13.37 26.00 11.29
CA ALA B 179 12.51 27.16 11.08
C ALA B 179 11.21 26.77 10.41
N LEU B 180 11.20 25.68 9.66
CA LEU B 180 9.95 25.14 9.12
C LEU B 180 9.19 24.34 10.17
N PHE B 181 9.92 23.50 10.92
CA PHE B 181 9.27 22.57 11.84
C PHE B 181 8.35 23.29 12.81
N VAL B 182 8.88 24.31 13.49
CA VAL B 182 8.10 25.00 14.52
C VAL B 182 6.83 25.61 13.96
N LYS B 183 6.79 25.89 12.66
CA LYS B 183 5.63 26.49 12.03
C LYS B 183 4.70 25.44 11.42
N ILE B 184 5.24 24.41 10.79
CA ILE B 184 4.39 23.37 10.20
C ILE B 184 3.73 22.53 11.28
N LEU B 185 4.34 22.46 12.47
CA LEU B 185 3.72 21.68 13.55
C LEU B 185 2.32 22.18 13.86
N VAL B 186 2.08 23.48 13.66
CA VAL B 186 0.77 24.04 13.96
C VAL B 186 -0.32 23.34 13.15
N ILE B 187 0.02 22.86 11.95
CA ILE B 187 -0.96 22.14 11.15
C ILE B 187 -1.51 20.94 11.93
N GLU B 188 -0.62 20.26 12.66
CA GLU B 188 -1.03 19.04 13.35
C GLU B 188 -2.09 19.33 14.41
N ILE B 189 -2.02 20.51 15.05
CA ILE B 189 -2.97 20.82 16.12
C ILE B 189 -4.40 20.74 15.61
N PHE B 190 -4.66 21.36 14.46
CA PHE B 190 -6.01 21.37 13.89
C PHE B 190 -6.43 19.98 13.43
N GLY B 191 -5.51 19.02 13.38
CA GLY B 191 -5.87 17.65 13.14
C GLY B 191 -6.20 16.91 14.42
N SER B 192 -5.30 16.96 15.40
CA SER B 192 -5.50 16.22 16.64
C SER B 192 -6.71 16.70 17.42
N ILE B 193 -7.16 17.94 17.22
CA ILE B 193 -8.37 18.38 17.91
C ILE B 193 -9.55 17.51 17.52
N LEU B 194 -9.57 17.01 16.28
CA LEU B 194 -10.71 16.24 15.81
C LEU B 194 -10.90 14.98 16.64
N GLY B 195 -9.82 14.31 17.01
CA GLY B 195 -9.94 13.15 17.87
C GLY B 195 -10.64 13.48 19.18
N LEU B 196 -10.31 14.63 19.77
CA LEU B 196 -10.98 15.03 21.00
C LEU B 196 -12.45 15.33 20.76
N LEU B 197 -12.78 16.02 19.67
CA LEU B 197 -14.18 16.33 19.40
C LEU B 197 -14.99 15.06 19.18
N GLY B 198 -14.39 14.06 18.55
CA GLY B 198 -15.05 12.77 18.47
C GLY B 198 -15.32 12.18 19.85
N LEU B 199 -14.32 12.25 20.72
CA LEU B 199 -14.50 11.75 22.08
C LEU B 199 -15.61 12.50 22.80
N ILE B 200 -15.67 13.83 22.64
CA ILE B 200 -16.69 14.61 23.33
C ILE B 200 -18.07 14.17 22.89
N VAL B 201 -18.31 14.07 21.58
CA VAL B 201 -19.61 13.62 21.10
C VAL B 201 -19.89 12.21 21.62
N GLY B 202 -18.84 11.39 21.73
CA GLY B 202 -19.04 10.05 22.27
C GLY B 202 -19.62 10.07 23.66
N LEU B 203 -19.09 10.93 24.53
CA LEU B 203 -19.59 11.00 25.90
C LEU B 203 -20.98 11.61 25.97
N LEU B 204 -21.33 12.48 25.03
CA LEU B 204 -22.69 13.03 24.99
C LEU B 204 -23.70 11.95 24.62
N MET B 205 -23.38 11.11 23.63
CA MET B 205 -24.30 10.06 23.22
C MET B 205 -24.67 9.15 24.38
N ALA B 206 -23.68 8.69 25.12
CA ALA B 206 -23.92 7.79 26.25
C ALA B 206 -24.40 8.52 27.49
N GLY B 207 -24.50 9.85 27.45
CA GLY B 207 -24.73 10.60 28.67
C GLY B 207 -25.99 10.21 29.41
N LYS B 208 -27.07 9.92 28.70
CA LYS B 208 -28.36 9.65 29.29
C LYS B 208 -28.72 8.17 29.32
N ALA B 209 -27.79 7.28 28.97
CA ALA B 209 -28.09 5.86 28.89
C ALA B 209 -27.87 5.19 30.25
N SER B 210 -28.89 4.52 30.77
CA SER B 210 -28.76 3.74 31.98
C SER B 210 -28.33 2.32 31.66
N GLU B 211 -27.64 1.69 32.60
CA GLU B 211 -27.18 0.33 32.40
C GLU B 211 -28.36 -0.63 32.31
N PHE B 212 -28.09 -1.82 31.78
CA PHE B 212 -29.15 -2.79 31.54
C PHE B 212 -29.75 -3.26 32.86
N GLN B 213 -31.08 -3.34 32.89
CA GLN B 213 -31.80 -3.85 34.04
C GLN B 213 -32.98 -4.70 33.60
N ASP C 212 -48.44 -16.32 16.84
CA ASP C 212 -47.60 -15.19 17.32
C ASP C 212 -46.70 -14.67 16.21
N ASP C 213 -46.28 -13.41 16.34
CA ASP C 213 -45.41 -12.80 15.36
C ASP C 213 -43.98 -13.32 15.50
N ILE C 214 -43.31 -13.48 14.36
CA ILE C 214 -41.90 -13.85 14.32
C ILE C 214 -41.25 -13.08 13.18
N LEU C 215 -39.95 -12.85 13.33
CA LEU C 215 -39.21 -12.20 12.24
C LEU C 215 -39.26 -13.04 10.99
N SER C 216 -39.08 -14.36 11.12
CA SER C 216 -39.26 -15.27 10.01
C SER C 216 -39.23 -16.69 10.54
N SER C 217 -39.89 -17.59 9.81
CA SER C 217 -39.82 -19.01 10.13
C SER C 217 -38.44 -19.60 9.84
N ILE C 218 -37.69 -18.98 8.94
CA ILE C 218 -36.37 -19.44 8.53
C ILE C 218 -35.29 -18.49 9.01
N TRP C 219 -35.44 -17.20 8.71
CA TRP C 219 -34.43 -16.19 9.05
C TRP C 219 -34.66 -15.66 10.48
N THR C 220 -34.48 -16.57 11.44
CA THR C 220 -34.68 -16.21 12.84
C THR C 220 -33.64 -15.20 13.30
N GLU C 221 -33.95 -14.52 14.40
CA GLU C 221 -33.02 -13.54 14.93
C GLU C 221 -31.68 -14.18 15.24
N GLY C 222 -31.70 -15.41 15.77
CA GLY C 222 -30.46 -16.09 16.07
C GLY C 222 -29.61 -16.27 14.82
N LEU C 223 -30.24 -16.67 13.72
CA LEU C 223 -29.50 -16.81 12.47
C LEU C 223 -28.93 -15.47 12.02
N LEU C 224 -29.74 -14.41 12.05
CA LEU C 224 -29.28 -13.12 11.53
C LEU C 224 -28.06 -12.62 12.30
N MET C 225 -28.09 -12.74 13.63
CA MET C 225 -26.94 -12.31 14.42
C MET C 225 -25.68 -13.06 14.01
N CYS C 226 -25.79 -14.39 13.92
CA CYS C 226 -24.63 -15.19 13.55
C CYS C 226 -24.12 -14.81 12.16
N LEU C 227 -25.03 -14.54 11.23
CA LEU C 227 -24.62 -14.17 9.87
C LEU C 227 -23.85 -12.85 9.86
N ILE C 228 -24.43 -11.80 10.44
CA ILE C 228 -23.78 -10.49 10.31
C ILE C 228 -22.53 -10.43 11.17
N VAL C 229 -22.50 -11.11 12.31
CA VAL C 229 -21.24 -11.25 13.04
C VAL C 229 -20.22 -11.99 12.17
N SER C 230 -20.63 -13.11 11.58
CA SER C 230 -19.72 -13.85 10.72
C SER C 230 -19.29 -13.02 9.53
N ALA C 231 -20.21 -12.27 8.93
CA ALA C 231 -19.86 -11.43 7.79
C ALA C 231 -18.86 -10.36 8.19
N LEU C 232 -19.07 -9.74 9.36
CA LEU C 232 -18.14 -8.71 9.81
C LEU C 232 -16.74 -9.28 10.02
N LEU C 233 -16.65 -10.46 10.62
CA LEU C 233 -15.35 -11.09 10.80
C LEU C 233 -14.72 -11.44 9.46
N LEU C 234 -15.52 -11.95 8.53
CA LEU C 234 -15.00 -12.27 7.20
C LEU C 234 -14.49 -11.02 6.50
N PHE C 235 -15.21 -9.90 6.65
CA PHE C 235 -14.76 -8.66 6.04
C PHE C 235 -13.38 -8.26 6.56
N ILE C 236 -13.16 -8.39 7.87
CA ILE C 236 -11.85 -8.08 8.43
C ILE C 236 -10.80 -9.03 7.87
N LEU C 237 -11.14 -10.32 7.77
CA LEU C 237 -10.19 -11.29 7.23
C LEU C 237 -9.82 -10.97 5.79
N ILE C 238 -10.81 -10.58 4.98
CA ILE C 238 -10.52 -10.27 3.58
C ILE C 238 -9.53 -9.12 3.47
N VAL C 239 -9.74 -8.06 4.26
CA VAL C 239 -8.80 -6.95 4.24
C VAL C 239 -7.41 -7.41 4.66
N ALA C 240 -7.34 -8.22 5.72
CA ALA C 240 -6.05 -8.69 6.20
C ALA C 240 -5.31 -9.45 5.11
N LEU C 241 -5.97 -10.42 4.48
CA LEU C 241 -5.32 -11.21 3.45
C LEU C 241 -5.01 -10.38 2.22
N SER C 242 -5.83 -9.37 1.92
CA SER C 242 -5.50 -8.48 0.82
C SER C 242 -4.18 -7.79 1.05
N TRP C 243 -3.91 -7.38 2.30
CA TRP C 243 -2.63 -6.78 2.62
C TRP C 243 -1.49 -7.80 2.57
N ILE C 244 -1.75 -9.02 3.06
CA ILE C 244 -0.70 -10.04 3.09
C ILE C 244 -0.19 -10.31 1.69
N SER C 245 -1.10 -10.38 0.71
CA SER C 245 -0.73 -10.79 -0.64
C SER C 245 0.10 -9.75 -1.37
N ASN C 246 0.23 -8.55 -0.84
CA ASN C 246 1.05 -7.52 -1.45
C ASN C 246 2.49 -7.51 -0.93
N LEU C 247 2.85 -8.44 -0.06
CA LEU C 247 4.23 -8.57 0.39
C LEU C 247 5.11 -9.13 -0.72
N ASP C 248 6.27 -8.51 -0.93
CA ASP C 248 7.22 -9.00 -1.92
C ASP C 248 8.62 -8.61 -1.49
N ILE C 249 9.59 -9.28 -2.09
CA ILE C 249 10.98 -9.20 -1.67
C ILE C 249 11.70 -8.08 -2.42
N THR C 250 12.56 -7.37 -1.71
CA THR C 250 13.49 -6.41 -2.30
C THR C 250 14.73 -7.16 -2.79
N TYR C 251 14.60 -7.78 -3.96
CA TYR C 251 15.63 -8.69 -4.45
C TYR C 251 16.99 -7.99 -4.56
N GLY C 252 16.99 -6.74 -4.99
CA GLY C 252 18.25 -6.10 -5.36
C GLY C 252 19.26 -6.10 -4.23
N ALA C 253 18.80 -5.87 -3.00
CA ALA C 253 19.71 -5.85 -1.87
C ALA C 253 20.31 -7.23 -1.61
N LEU C 254 19.54 -8.29 -1.82
CA LEU C 254 20.03 -9.64 -1.58
C LEU C 254 21.01 -10.07 -2.67
N GLU C 255 20.74 -9.65 -3.91
CA GLU C 255 21.62 -9.97 -5.03
C GLU C 255 22.92 -9.18 -4.95
N LYS C 256 23.96 -9.71 -5.59
CA LYS C 256 25.13 -8.91 -5.92
C LYS C 256 25.56 -9.23 -7.34
N SER C 257 26.09 -8.23 -8.03
CA SER C 257 26.55 -8.38 -9.41
C SER C 257 27.68 -7.39 -9.66
N THR C 258 28.59 -7.78 -10.56
CA THR C 258 29.71 -6.92 -10.92
C THR C 258 29.32 -5.97 -12.05
N ASN C 259 30.07 -4.88 -12.17
CA ASN C 259 29.83 -3.87 -13.19
C ASN C 259 31.16 -3.25 -13.55
N PRO C 260 31.89 -3.83 -14.52
CA PRO C 260 33.28 -3.38 -14.76
C PRO C 260 33.38 -1.94 -15.22
N ILE C 261 32.31 -1.35 -15.75
CA ILE C 261 32.35 0.04 -16.17
C ILE C 261 32.62 0.96 -14.99
N LYS C 262 32.48 0.44 -13.75
CA LYS C 262 32.86 1.22 -12.58
C LYS C 262 34.34 1.59 -12.62
N LYS C 263 35.20 0.66 -13.03
CA LYS C 263 36.64 0.90 -13.06
C LYS C 263 37.28 0.20 -14.24
N MET D 1 -4.03 0.91 64.45
CA MET D 1 -4.94 2.05 64.13
C MET D 1 -5.39 1.97 62.68
N SER D 2 -6.64 2.36 62.43
CA SER D 2 -7.21 2.35 61.08
C SER D 2 -8.08 3.60 60.94
N SER D 3 -7.48 4.66 60.40
CA SER D 3 -8.20 5.92 60.22
C SER D 3 -7.42 6.76 59.24
N PHE D 4 -8.10 7.77 58.67
CA PHE D 4 -7.41 8.73 57.83
C PHE D 4 -6.27 9.40 58.58
N TYR D 5 -6.50 9.71 59.86
CA TYR D 5 -5.47 10.36 60.66
C TYR D 5 -4.29 9.45 60.93
N THR D 6 -4.42 8.14 60.68
CA THR D 6 -3.25 7.28 60.69
C THR D 6 -2.29 7.62 59.55
N VAL D 7 -2.84 7.87 58.35
CA VAL D 7 -2.01 8.28 57.24
C VAL D 7 -1.36 9.62 57.55
N VAL D 8 -2.13 10.55 58.14
CA VAL D 8 -1.56 11.83 58.54
C VAL D 8 -0.42 11.61 59.52
N GLY D 9 -0.59 10.69 60.48
CA GLY D 9 0.47 10.40 61.41
C GLY D 9 1.75 9.96 60.72
N VAL D 10 1.62 9.07 59.74
CA VAL D 10 2.79 8.62 59.00
C VAL D 10 3.39 9.75 58.18
N PHE D 11 2.54 10.61 57.62
CA PHE D 11 3.04 11.74 56.85
C PHE D 11 3.91 12.64 57.71
N ILE D 12 3.48 12.91 58.94
CA ILE D 12 4.25 13.78 59.83
C ILE D 12 5.62 13.16 60.10
N VAL D 13 5.66 11.86 60.36
CA VAL D 13 6.94 11.20 60.62
C VAL D 13 7.83 11.28 59.38
N VAL D 14 7.27 10.98 58.21
CA VAL D 14 8.07 11.04 56.98
C VAL D 14 8.59 12.46 56.76
N SER D 15 7.73 13.45 56.93
CA SER D 15 8.16 14.83 56.77
C SER D 15 9.27 15.18 57.76
N ALA D 16 9.15 14.71 59.01
CA ALA D 16 10.19 14.98 59.99
C ALA D 16 11.50 14.36 59.57
N MET D 17 11.48 13.11 59.09
CA MET D 17 12.68 12.48 58.57
C MET D 17 13.23 13.25 57.36
N SER D 18 12.33 13.73 56.49
CA SER D 18 12.76 14.43 55.29
C SER D 18 13.53 15.69 55.64
N VAL D 19 12.90 16.60 56.39
CA VAL D 19 13.53 17.88 56.70
C VAL D 19 14.80 17.67 57.52
N LEU D 20 14.82 16.65 58.37
CA LEU D 20 16.02 16.36 59.14
C LEU D 20 17.17 15.99 58.23
N PHE D 21 16.92 15.14 57.22
CA PHE D 21 17.98 14.76 56.30
C PHE D 21 18.41 15.92 55.43
N TRP D 22 17.46 16.76 55.02
CA TRP D 22 17.80 17.95 54.24
C TRP D 22 18.91 18.74 54.90
N ILE D 23 18.82 18.91 56.23
CA ILE D 23 19.88 19.58 56.98
C ILE D 23 21.09 18.67 57.15
N MET D 24 20.85 17.39 57.41
CA MET D 24 21.92 16.48 57.79
C MET D 24 22.75 15.99 56.59
N ALA D 25 22.32 16.27 55.38
CA ALA D 25 22.90 15.61 54.22
C ALA D 25 24.41 15.87 54.16
N PRO D 26 25.20 14.88 53.72
CA PRO D 26 26.65 15.08 53.66
C PRO D 26 27.03 16.09 52.58
N LYS D 27 28.24 16.64 52.75
CA LYS D 27 28.72 17.66 51.82
C LYS D 27 29.15 17.07 50.48
N ASN D 28 29.71 15.87 50.48
CA ASN D 28 30.17 15.26 49.24
C ASN D 28 28.97 14.84 48.39
N ASN D 29 28.89 15.37 47.17
CA ASN D 29 27.73 15.15 46.32
C ASN D 29 26.45 15.57 47.04
N GLN D 30 26.53 16.69 47.76
CA GLN D 30 25.41 17.09 48.61
C GLN D 30 24.12 17.22 47.80
N ALA D 31 24.21 17.81 46.60
CA ALA D 31 23.02 18.05 45.80
C ALA D 31 22.39 16.76 45.31
N VAL D 32 23.16 15.68 45.15
CA VAL D 32 22.58 14.40 44.77
C VAL D 32 21.87 13.75 45.95
N TRP D 33 22.51 13.74 47.12
CA TRP D 33 21.86 13.18 48.30
C TRP D 33 20.58 13.94 48.63
N ARG D 34 20.69 15.27 48.75
CA ARG D 34 19.56 16.07 49.21
C ARG D 34 18.35 15.94 48.30
N SER D 35 18.55 15.53 47.05
CA SER D 35 17.43 15.29 46.15
C SER D 35 17.00 13.82 46.19
N THR D 36 17.96 12.91 46.02
CA THR D 36 17.61 11.51 45.82
C THR D 36 16.88 10.93 47.03
N VAL D 37 17.41 11.15 48.24
CA VAL D 37 16.80 10.58 49.43
C VAL D 37 15.43 11.21 49.66
N ILE D 38 15.35 12.54 49.62
CA ILE D 38 14.09 13.21 49.90
C ILE D 38 13.01 12.77 48.92
N LEU D 39 13.36 12.72 47.64
CA LEU D 39 12.37 12.37 46.63
C LEU D 39 12.00 10.90 46.69
N THR D 40 12.95 10.03 47.04
CA THR D 40 12.63 8.61 47.18
C THR D 40 11.62 8.38 48.29
N LEU D 41 11.80 9.06 49.42
CA LEU D 41 10.85 8.94 50.53
C LEU D 41 9.46 9.34 50.09
N ALA D 42 9.35 10.44 49.34
CA ALA D 42 8.03 10.91 48.90
C ALA D 42 7.38 9.89 47.98
N MET D 43 8.10 9.40 46.98
CA MET D 43 7.56 8.36 46.11
C MET D 43 7.17 7.13 46.92
N MET D 44 8.04 6.71 47.84
CA MET D 44 7.75 5.53 48.64
C MET D 44 6.54 5.74 49.53
N PHE D 45 6.43 6.92 50.15
CA PHE D 45 5.30 7.21 51.02
C PHE D 45 3.98 7.23 50.24
N LEU D 46 3.97 7.90 49.09
CA LEU D 46 2.73 8.01 48.32
C LEU D 46 2.23 6.64 47.89
N MET D 47 3.12 5.76 47.46
CA MET D 47 2.68 4.42 47.07
C MET D 47 2.08 3.68 48.23
N TRP D 48 2.67 3.81 49.42
CA TRP D 48 2.08 3.18 50.60
C TRP D 48 0.75 3.82 50.97
N ALA D 49 0.70 5.14 51.00
CA ALA D 49 -0.52 5.82 51.44
C ALA D 49 -1.70 5.43 50.57
N ILE D 50 -1.55 5.57 49.25
CA ILE D 50 -2.68 5.30 48.36
C ILE D 50 -3.14 3.86 48.51
N THR D 51 -2.19 2.92 48.62
CA THR D 51 -2.58 1.53 48.81
C THR D 51 -3.26 1.32 50.16
N PHE D 52 -3.10 2.26 51.10
CA PHE D 52 -3.78 2.16 52.38
C PHE D 52 -5.19 2.75 52.30
N LEU D 53 -5.34 3.90 51.65
CA LEU D 53 -6.63 4.59 51.66
C LEU D 53 -7.71 3.74 51.02
N CYS D 54 -7.42 3.11 49.87
CA CYS D 54 -8.46 2.36 49.19
C CYS D 54 -8.97 1.20 50.03
N GLN D 55 -8.20 0.75 51.03
CA GLN D 55 -8.59 -0.36 51.89
C GLN D 55 -9.10 0.12 53.24
N LEU D 56 -9.37 1.42 53.38
CA LEU D 56 -9.88 1.93 54.65
C LEU D 56 -11.39 1.85 54.72
N HIS D 57 -12.08 2.04 53.59
CA HIS D 57 -13.53 1.94 53.51
C HIS D 57 -13.91 1.37 52.16
N PRO D 58 -13.68 0.08 51.96
CA PRO D 58 -13.90 -0.51 50.62
C PRO D 58 -15.38 -0.58 50.28
N LEU D 59 -15.70 -0.31 49.01
CA LEU D 59 -17.07 -0.35 48.54
C LEU D 59 -17.52 -1.76 48.14
N VAL D 60 -16.59 -2.63 47.75
CA VAL D 60 -16.93 -3.97 47.28
C VAL D 60 -16.07 -4.97 48.05
N ALA D 61 -16.69 -6.07 48.51
CA ALA D 61 -16.01 -7.08 49.31
C ALA D 61 -15.54 -8.24 48.44
N PRO D 62 -14.46 -8.92 48.83
CA PRO D 62 -13.99 -10.07 48.04
C PRO D 62 -15.00 -11.21 48.10
N ARG D 63 -15.25 -11.83 46.94
CA ARG D 63 -16.25 -12.86 46.81
C ARG D 63 -15.72 -13.98 45.92
N ARG D 64 -15.93 -15.23 46.35
CA ARG D 64 -15.45 -16.38 45.59
C ARG D 64 -16.34 -17.57 45.92
N SER D 65 -16.24 -18.59 45.05
CA SER D 65 -17.04 -19.80 45.21
C SER D 65 -16.21 -21.08 45.18
N ASP D 66 -14.90 -21.01 44.95
CA ASP D 66 -14.06 -22.19 44.83
C ASP D 66 -13.40 -22.61 46.14
N LEU D 67 -13.63 -21.87 47.22
CA LEU D 67 -12.86 -22.10 48.44
C LEU D 67 -13.32 -23.37 49.15
N ARG D 68 -12.35 -24.19 49.53
CA ARG D 68 -12.63 -25.45 50.21
C ARG D 68 -13.21 -25.20 51.60
N PRO D 69 -14.37 -25.79 51.94
CA PRO D 69 -14.89 -25.63 53.30
C PRO D 69 -13.93 -26.12 54.37
N GLU D 70 -12.96 -26.95 53.98
CA GLU D 70 -11.94 -27.38 54.93
C GLU D 70 -11.19 -26.19 55.53
N PHE D 71 -10.90 -25.18 54.69
CA PHE D 71 -9.95 -24.12 54.98
C PHE D 71 -9.07 -24.43 56.20
N MET E 1 -51.63 5.97 10.50
CA MET E 1 -52.26 4.67 10.88
C MET E 1 -52.91 4.05 9.66
N THR E 2 -53.83 4.80 9.04
CA THR E 2 -54.47 4.34 7.81
C THR E 2 -53.41 3.88 6.82
N GLU E 3 -53.73 2.82 6.08
CA GLU E 3 -52.75 2.26 5.15
C GLU E 3 -52.30 3.30 4.13
N LEU E 4 -53.09 4.35 3.91
CA LEU E 4 -52.65 5.46 3.08
C LEU E 4 -51.59 6.29 3.78
N CYS E 5 -51.54 6.26 5.12
CA CYS E 5 -50.62 7.08 5.89
C CYS E 5 -49.93 6.24 6.97
N PRO E 6 -49.06 5.33 6.58
CA PRO E 6 -48.29 4.57 7.56
C PRO E 6 -47.40 5.47 8.39
N VAL E 7 -46.96 4.93 9.53
CA VAL E 7 -46.12 5.68 10.47
C VAL E 7 -44.79 6.05 9.84
N TYR E 8 -44.28 5.25 8.91
CA TYR E 8 -43.00 5.48 8.28
C TYR E 8 -43.07 6.36 7.05
N ALA E 9 -44.25 6.91 6.72
CA ALA E 9 -44.37 7.76 5.54
C ALA E 9 -43.36 8.90 5.52
N PRO E 10 -43.01 9.54 6.64
CA PRO E 10 -42.02 10.62 6.58
C PRO E 10 -40.66 10.17 6.09
N PHE E 11 -40.36 8.87 6.12
CA PHE E 11 -39.02 8.42 5.77
C PHE E 11 -38.63 8.84 4.36
N PHE E 12 -39.48 8.53 3.38
CA PHE E 12 -39.15 8.84 2.00
C PHE E 12 -39.02 10.34 1.79
N GLY E 13 -39.88 11.13 2.44
CA GLY E 13 -39.73 12.58 2.40
C GLY E 13 -38.41 13.03 3.01
N ALA E 14 -38.07 12.48 4.18
CA ALA E 14 -36.84 12.88 4.84
C ALA E 14 -35.62 12.56 3.99
N ILE E 15 -35.60 11.38 3.36
CA ILE E 15 -34.47 11.03 2.50
C ILE E 15 -34.45 11.92 1.26
N GLY E 16 -35.63 12.24 0.72
CA GLY E 16 -35.68 13.18 -0.38
C GLY E 16 -35.06 14.52 -0.03
N CYS E 17 -35.38 15.03 1.17
CA CYS E 17 -34.77 16.27 1.62
C CYS E 17 -33.26 16.13 1.73
N ALA E 18 -32.79 15.00 2.28
CA ALA E 18 -31.35 14.78 2.37
C ALA E 18 -30.74 14.55 1.00
N SER E 19 -31.51 13.97 0.06
CA SER E 19 -30.97 13.71 -1.28
C SER E 19 -30.65 15.01 -2.01
N ALA E 20 -31.47 16.05 -1.82
CA ALA E 20 -31.24 17.30 -2.54
C ALA E 20 -29.89 17.89 -2.18
N ILE E 21 -29.52 17.90 -0.90
CA ILE E 21 -28.25 18.47 -0.49
C ILE E 21 -27.09 17.56 -0.85
N ILE E 22 -27.21 16.26 -0.59
CA ILE E 22 -26.08 15.34 -0.72
C ILE E 22 -25.46 15.45 -2.11
N PHE E 23 -26.28 15.44 -3.14
CA PHE E 23 -25.77 15.24 -4.49
C PHE E 23 -25.48 16.56 -5.18
N THR E 24 -26.27 17.61 -4.91
CA THR E 24 -25.91 18.94 -5.39
C THR E 24 -24.61 19.41 -4.77
N SER E 25 -24.45 19.21 -3.46
CA SER E 25 -23.24 19.68 -2.79
C SER E 25 -22.01 18.96 -3.33
N LEU E 26 -22.11 17.65 -3.50
CA LEU E 26 -20.97 16.90 -4.04
C LEU E 26 -20.66 17.36 -5.46
N GLY E 27 -21.69 17.61 -6.27
CA GLY E 27 -21.46 18.10 -7.61
C GLY E 27 -20.83 19.49 -7.62
N ALA E 28 -21.35 20.39 -6.80
CA ALA E 28 -20.80 21.75 -6.75
C ALA E 28 -19.35 21.72 -6.27
N ALA E 29 -19.05 20.91 -5.26
CA ALA E 29 -17.68 20.84 -4.77
C ALA E 29 -16.72 20.39 -5.86
N TYR E 30 -17.11 19.38 -6.64
CA TYR E 30 -16.25 18.91 -7.72
C TYR E 30 -16.05 19.99 -8.77
N GLY E 31 -17.12 20.70 -9.14
CA GLY E 31 -16.99 21.78 -10.10
C GLY E 31 -16.02 22.84 -9.63
N THR E 32 -16.15 23.26 -8.37
CA THR E 32 -15.22 24.24 -7.82
C THR E 32 -13.81 23.68 -7.74
N ALA E 33 -13.68 22.39 -7.42
CA ALA E 33 -12.36 21.81 -7.22
C ALA E 33 -11.52 21.89 -8.49
N LYS E 34 -11.99 21.23 -9.56
CA LYS E 34 -11.23 21.24 -10.80
C LYS E 34 -11.13 22.64 -11.38
N SER E 35 -12.24 23.39 -11.37
CA SER E 35 -12.20 24.76 -11.88
C SER E 35 -11.20 25.60 -11.11
N GLY E 36 -11.19 25.48 -9.78
CA GLY E 36 -10.26 26.26 -8.99
C GLY E 36 -8.82 25.96 -9.31
N VAL E 37 -8.49 24.67 -9.51
CA VAL E 37 -7.16 24.30 -9.92
C VAL E 37 -6.82 24.93 -11.26
N GLY E 38 -7.78 24.99 -12.17
CA GLY E 38 -7.54 25.64 -13.45
C GLY E 38 -7.18 27.10 -13.29
N ILE E 39 -7.93 27.84 -12.49
CA ILE E 39 -7.62 29.24 -12.26
C ILE E 39 -6.25 29.38 -11.63
N CYS E 40 -5.97 28.58 -10.60
CA CYS E 40 -4.70 28.69 -9.90
C CYS E 40 -3.52 28.39 -10.82
N ALA E 41 -3.72 27.57 -11.84
CA ALA E 41 -2.61 27.19 -12.72
C ALA E 41 -2.18 28.35 -13.60
N THR E 42 -3.13 29.16 -14.07
CA THR E 42 -2.85 30.21 -15.05
C THR E 42 -2.43 31.53 -14.42
N CYS E 43 -3.13 31.96 -13.37
CA CYS E 43 -2.97 33.33 -12.89
C CYS E 43 -1.59 33.60 -12.31
N VAL E 44 -0.77 32.57 -12.12
CA VAL E 44 0.64 32.81 -11.83
C VAL E 44 1.25 33.73 -12.88
N LEU E 45 0.92 33.46 -14.15
CA LEU E 45 1.44 34.25 -15.27
C LEU E 45 0.54 35.42 -15.63
N ARG E 46 -0.74 35.37 -15.28
CA ARG E 46 -1.70 36.41 -15.64
C ARG E 46 -2.48 36.84 -14.40
N PRO E 47 -1.82 37.49 -13.43
CA PRO E 47 -2.54 38.00 -12.27
C PRO E 47 -3.56 39.06 -12.60
N ASP E 48 -3.46 39.69 -13.77
CA ASP E 48 -4.45 40.67 -14.19
C ASP E 48 -5.81 40.05 -14.50
N LEU E 49 -5.84 38.74 -14.78
CA LEU E 49 -7.08 38.04 -15.08
C LEU E 49 -7.72 37.40 -13.85
N LEU E 50 -7.07 37.47 -12.69
CA LEU E 50 -7.49 36.68 -11.55
C LEU E 50 -8.89 37.03 -11.06
N PHE E 51 -9.37 38.24 -11.33
CA PHE E 51 -10.71 38.65 -10.93
C PHE E 51 -11.76 38.48 -12.03
N LYS E 52 -11.38 37.92 -13.17
CA LYS E 52 -12.31 37.60 -14.24
C LYS E 52 -12.37 36.12 -14.55
N ASN E 53 -11.31 35.37 -14.26
CA ASN E 53 -11.34 33.92 -14.33
C ASN E 53 -12.18 33.30 -13.22
N ILE E 54 -12.78 34.11 -12.36
CA ILE E 54 -13.53 33.58 -11.23
C ILE E 54 -14.89 33.02 -11.63
N VAL E 55 -15.42 33.43 -12.78
CA VAL E 55 -16.78 33.02 -13.16
C VAL E 55 -16.92 31.51 -13.16
N PRO E 56 -16.03 30.73 -13.76
CA PRO E 56 -16.21 29.27 -13.75
C PRO E 56 -16.32 28.66 -12.35
N VAL E 57 -16.01 29.43 -11.31
CA VAL E 57 -16.25 29.00 -9.94
C VAL E 57 -17.58 29.52 -9.41
N ILE E 58 -17.97 30.73 -9.82
CA ILE E 58 -19.28 31.25 -9.44
C ILE E 58 -20.38 30.32 -9.95
N MET E 59 -20.25 29.88 -11.21
CA MET E 59 -21.27 29.01 -11.79
C MET E 59 -21.45 27.74 -10.96
N ALA E 60 -20.34 27.07 -10.62
CA ALA E 60 -20.44 25.87 -9.80
C ALA E 60 -21.11 26.16 -8.47
N GLY E 61 -20.94 27.39 -7.94
CA GLY E 61 -21.60 27.75 -6.70
C GLY E 61 -23.11 27.80 -6.82
N ILE E 62 -23.62 28.20 -7.98
CA ILE E 62 -25.07 28.33 -8.14
C ILE E 62 -25.76 26.97 -8.00
N ILE E 63 -25.06 25.88 -8.33
CA ILE E 63 -25.68 24.56 -8.26
C ILE E 63 -26.19 24.30 -6.85
N ALA E 64 -25.35 24.57 -5.84
CA ALA E 64 -25.74 24.25 -4.47
C ALA E 64 -26.94 25.07 -4.02
N ILE E 65 -27.11 26.29 -4.55
CA ILE E 65 -28.26 27.10 -4.17
C ILE E 65 -29.55 26.45 -4.67
N TYR E 66 -29.52 25.83 -5.85
CA TYR E 66 -30.68 25.06 -6.28
C TYR E 66 -31.00 23.97 -5.26
N GLY E 67 -29.98 23.24 -4.81
CA GLY E 67 -30.22 22.20 -3.81
C GLY E 67 -30.85 22.76 -2.55
N LEU E 68 -30.31 23.87 -2.05
CA LEU E 68 -30.87 24.47 -0.85
C LEU E 68 -32.31 24.90 -1.06
N VAL E 69 -32.59 25.55 -2.20
CA VAL E 69 -33.93 26.07 -2.42
C VAL E 69 -34.95 24.94 -2.44
N VAL E 70 -34.60 23.81 -3.05
CA VAL E 70 -35.49 22.66 -3.03
C VAL E 70 -35.54 22.05 -1.63
N SER E 71 -34.40 21.93 -0.97
CA SER E 71 -34.36 21.27 0.34
C SER E 71 -35.24 21.99 1.34
N VAL E 72 -35.19 23.32 1.36
CA VAL E 72 -36.06 24.07 2.26
C VAL E 72 -37.51 23.91 1.86
N LEU E 73 -37.79 23.82 0.55
CA LEU E 73 -39.17 23.77 0.10
C LEU E 73 -39.82 22.42 0.43
N VAL E 74 -39.10 21.31 0.26
CA VAL E 74 -39.63 20.03 0.68
C VAL E 74 -39.78 19.98 2.19
N CYS E 75 -38.81 20.55 2.92
CA CYS E 75 -38.79 20.41 4.38
C CYS E 75 -40.03 21.02 5.01
N TYR E 76 -40.44 22.19 4.54
CA TYR E 76 -41.61 22.86 5.12
C TYR E 76 -42.91 22.13 4.85
N SER E 77 -42.89 21.05 4.06
CA SER E 77 -44.09 20.26 3.80
C SER E 77 -44.11 18.96 4.59
N LEU E 78 -43.01 18.58 5.21
CA LEU E 78 -42.96 17.33 5.96
C LEU E 78 -43.77 17.44 7.25
N GLY E 79 -44.29 16.30 7.69
CA GLY E 79 -45.05 16.26 8.92
C GLY E 79 -45.16 14.84 9.42
N GLN E 80 -45.46 14.72 10.72
CA GLN E 80 -45.54 13.41 11.36
C GLN E 80 -46.58 12.54 10.68
N LYS E 81 -47.71 13.12 10.31
CA LYS E 81 -48.82 12.39 9.68
C LYS E 81 -48.93 12.84 8.23
N GLN E 82 -48.59 11.96 7.30
CA GLN E 82 -48.69 12.29 5.89
C GLN E 82 -48.87 11.02 5.07
N ALA E 83 -49.48 11.17 3.90
CA ALA E 83 -49.67 10.05 3.00
C ALA E 83 -48.35 9.62 2.38
N LEU E 84 -48.24 8.33 2.05
CA LEU E 84 -47.07 7.85 1.33
C LEU E 84 -46.88 8.62 0.04
N TYR E 85 -47.97 8.93 -0.65
CA TYR E 85 -47.88 9.67 -1.91
C TYR E 85 -47.03 10.92 -1.74
N THR E 86 -47.28 11.68 -0.68
CA THR E 86 -46.45 12.86 -0.42
C THR E 86 -44.99 12.46 -0.19
N GLY E 87 -44.78 11.32 0.47
CA GLY E 87 -43.41 10.89 0.72
C GLY E 87 -42.66 10.54 -0.55
N PHE E 88 -43.32 9.86 -1.49
CA PHE E 88 -42.66 9.49 -2.73
C PHE E 88 -42.38 10.70 -3.61
N ILE E 89 -43.35 11.61 -3.71
CA ILE E 89 -43.14 12.81 -4.52
C ILE E 89 -41.92 13.57 -4.02
N GLN E 90 -41.79 13.71 -2.70
CA GLN E 90 -40.64 14.41 -2.15
C GLN E 90 -39.34 13.69 -2.49
N LEU E 91 -39.34 12.36 -2.44
CA LEU E 91 -38.15 11.62 -2.85
C LEU E 91 -37.82 11.90 -4.30
N GLY E 92 -38.83 11.92 -5.17
CA GLY E 92 -38.57 12.21 -6.57
C GLY E 92 -37.96 13.58 -6.77
N ALA E 93 -38.50 14.58 -6.08
CA ALA E 93 -37.94 15.92 -6.18
C ALA E 93 -36.51 15.96 -5.67
N GLY E 94 -36.25 15.31 -4.53
CA GLY E 94 -34.90 15.29 -4.00
C GLY E 94 -33.92 14.63 -4.95
N LEU E 95 -34.30 13.46 -5.48
CA LEU E 95 -33.42 12.78 -6.45
C LEU E 95 -33.25 13.61 -7.70
N SER E 96 -34.32 14.26 -8.16
CA SER E 96 -34.28 14.98 -9.43
C SER E 96 -33.24 16.09 -9.39
N VAL E 97 -33.44 17.07 -8.50
CA VAL E 97 -32.49 18.18 -8.41
C VAL E 97 -31.15 17.68 -7.90
N GLY E 98 -31.13 16.63 -7.10
CA GLY E 98 -29.90 16.12 -6.54
C GLY E 98 -28.91 15.66 -7.58
N LEU E 99 -29.27 14.58 -8.31
CA LEU E 99 -28.34 14.01 -9.27
C LEU E 99 -28.29 14.79 -10.58
N SER E 100 -29.34 15.59 -10.88
CA SER E 100 -29.23 16.52 -12.00
C SER E 100 -28.13 17.54 -11.75
N GLY E 101 -28.05 18.06 -10.52
CA GLY E 101 -26.97 18.98 -10.19
C GLY E 101 -25.61 18.32 -10.26
N LEU E 102 -25.54 17.05 -9.83
CA LEU E 102 -24.27 16.33 -9.89
C LEU E 102 -23.77 16.22 -11.33
N ALA E 103 -24.70 16.03 -12.27
CA ALA E 103 -24.29 15.99 -13.68
C ALA E 103 -23.70 17.31 -14.12
N ALA E 104 -24.39 18.42 -13.83
CA ALA E 104 -23.90 19.73 -14.22
C ALA E 104 -22.56 20.03 -13.57
N GLY E 105 -22.39 19.64 -12.31
CA GLY E 105 -21.16 19.95 -11.60
C GLY E 105 -19.93 19.43 -12.31
N PHE E 106 -20.01 18.19 -12.80
CA PHE E 106 -18.87 17.63 -13.54
C PHE E 106 -18.58 18.44 -14.79
N ALA E 107 -19.62 18.80 -15.55
CA ALA E 107 -19.40 19.57 -16.77
C ALA E 107 -18.79 20.92 -16.46
N ILE E 108 -19.31 21.62 -15.43
CA ILE E 108 -18.74 22.91 -15.07
C ILE E 108 -17.28 22.77 -14.67
N GLY E 109 -16.95 21.72 -13.91
CA GLY E 109 -15.57 21.51 -13.53
C GLY E 109 -14.67 21.25 -14.73
N ILE E 110 -15.11 20.37 -15.63
CA ILE E 110 -14.28 20.00 -16.78
C ILE E 110 -14.14 21.18 -17.74
N VAL E 111 -15.25 21.83 -18.08
CA VAL E 111 -15.19 22.91 -19.04
C VAL E 111 -14.36 24.06 -18.49
N GLY E 112 -14.52 24.37 -17.21
CA GLY E 112 -13.67 25.38 -16.59
C GLY E 112 -12.21 24.99 -16.60
N ASP E 113 -11.91 23.74 -16.27
CA ASP E 113 -10.53 23.29 -16.21
C ASP E 113 -9.82 23.53 -17.54
N ALA E 114 -10.49 23.23 -18.65
CA ALA E 114 -9.88 23.41 -19.96
C ALA E 114 -10.05 24.84 -20.46
N GLY E 115 -11.25 25.41 -20.33
CA GLY E 115 -11.50 26.72 -20.90
C GLY E 115 -10.65 27.81 -20.27
N VAL E 116 -10.42 27.71 -18.97
CA VAL E 116 -9.65 28.75 -18.28
C VAL E 116 -8.21 28.78 -18.79
N ARG E 117 -7.61 27.62 -19.00
CA ARG E 117 -6.26 27.58 -19.54
C ARG E 117 -6.21 28.16 -20.94
N GLY E 118 -7.12 27.73 -21.81
CA GLY E 118 -7.16 28.28 -23.15
C GLY E 118 -7.38 29.78 -23.16
N SER E 119 -8.31 30.26 -22.32
CA SER E 119 -8.59 31.68 -22.30
C SER E 119 -7.43 32.49 -21.76
N SER E 120 -6.60 31.92 -20.88
CA SER E 120 -5.36 32.58 -20.51
C SER E 120 -4.42 32.72 -21.71
N GLN E 121 -4.54 31.82 -22.69
CA GLN E 121 -3.64 31.82 -23.84
C GLN E 121 -4.21 32.60 -25.03
N GLN E 122 -5.50 32.45 -25.32
CA GLN E 122 -6.15 33.18 -26.41
C GLN E 122 -7.21 34.09 -25.82
N PRO E 123 -6.94 35.39 -25.67
CA PRO E 123 -7.89 36.24 -24.93
C PRO E 123 -9.27 36.29 -25.55
N ARG E 124 -9.38 36.11 -26.87
CA ARG E 124 -10.69 36.15 -27.50
C ARG E 124 -11.52 34.90 -27.25
N LEU E 125 -10.93 33.87 -26.64
CA LEU E 125 -11.68 32.65 -26.34
C LEU E 125 -12.65 32.84 -25.17
N PHE E 126 -12.44 33.88 -24.35
CA PHE E 126 -13.21 34.01 -23.11
C PHE E 126 -14.72 34.07 -23.39
N VAL E 127 -15.13 35.00 -24.26
CA VAL E 127 -16.56 35.18 -24.50
C VAL E 127 -17.17 33.93 -25.13
N GLY E 128 -16.35 33.07 -25.73
CA GLY E 128 -16.84 31.80 -26.20
C GLY E 128 -17.00 30.81 -25.08
N MET E 129 -16.01 30.76 -24.18
CA MET E 129 -16.07 29.83 -23.07
C MET E 129 -17.31 30.03 -22.23
N ILE E 130 -17.77 31.28 -22.10
CA ILE E 130 -18.94 31.56 -21.27
C ILE E 130 -20.16 30.80 -21.79
N LEU E 131 -20.33 30.76 -23.11
CA LEU E 131 -21.48 30.05 -23.67
C LEU E 131 -21.44 28.56 -23.32
N ILE E 132 -20.24 27.98 -23.23
CA ILE E 132 -20.15 26.58 -22.86
C ILE E 132 -20.57 26.39 -21.41
N LEU E 133 -20.31 27.38 -20.55
CA LEU E 133 -20.80 27.29 -19.18
C LEU E 133 -22.32 27.36 -19.14
N ILE E 134 -22.92 28.28 -19.88
CA ILE E 134 -24.38 28.43 -19.86
C ILE E 134 -25.04 27.12 -20.25
N PHE E 135 -24.58 26.50 -21.33
CA PHE E 135 -25.18 25.26 -21.78
C PHE E 135 -24.90 24.10 -20.83
N ALA E 136 -23.98 24.27 -19.89
CA ALA E 136 -23.80 23.31 -18.81
C ALA E 136 -24.60 23.69 -17.57
N GLU E 137 -24.64 24.99 -17.25
CA GLU E 137 -25.44 25.45 -16.12
C GLU E 137 -26.92 25.16 -16.34
N VAL E 138 -27.41 25.34 -17.57
CA VAL E 138 -28.83 25.17 -17.83
C VAL E 138 -29.29 23.76 -17.51
N LEU E 139 -28.40 22.78 -17.52
CA LEU E 139 -28.78 21.44 -17.09
C LEU E 139 -29.20 21.45 -15.61
N GLY E 140 -28.40 22.10 -14.76
CA GLY E 140 -28.77 22.20 -13.37
C GLY E 140 -30.09 22.91 -13.17
N LEU E 141 -30.35 23.93 -13.99
CA LEU E 141 -31.59 24.69 -13.87
C LEU E 141 -32.80 23.79 -14.11
N TYR E 142 -32.71 22.89 -15.09
CA TYR E 142 -33.80 21.95 -15.30
C TYR E 142 -34.00 21.04 -14.10
N GLY E 143 -32.92 20.70 -13.39
CA GLY E 143 -33.07 19.94 -12.17
C GLY E 143 -33.97 20.64 -11.17
N LEU E 144 -33.85 21.96 -11.08
CA LEU E 144 -34.72 22.72 -10.19
C LEU E 144 -36.15 22.78 -10.73
N ILE E 145 -36.30 23.03 -12.04
CA ILE E 145 -37.63 23.26 -12.58
C ILE E 145 -38.52 22.04 -12.40
N VAL E 146 -37.98 20.83 -12.60
CA VAL E 146 -38.76 19.64 -12.32
C VAL E 146 -39.13 19.56 -10.85
N ALA E 147 -38.15 19.82 -9.97
CA ALA E 147 -38.40 19.65 -8.54
C ALA E 147 -39.50 20.58 -8.06
N LEU E 148 -39.57 21.79 -8.59
CA LEU E 148 -40.65 22.69 -8.23
C LEU E 148 -42.00 22.13 -8.67
N LEU E 149 -42.08 21.56 -9.88
CA LEU E 149 -43.34 21.02 -10.37
C LEU E 149 -43.80 19.82 -9.56
N LEU E 150 -42.88 19.07 -8.94
CA LEU E 150 -43.29 17.97 -8.07
C LEU E 150 -43.86 18.49 -6.76
N ASN E 151 -43.17 19.44 -6.12
CA ASN E 151 -43.62 19.91 -4.81
C ASN E 151 -44.99 20.56 -4.90
N SER E 152 -45.28 21.26 -6.00
CA SER E 152 -46.59 21.88 -6.14
C SER E 152 -47.72 20.87 -6.14
N ARG E 153 -47.43 19.62 -6.51
CA ARG E 153 -48.42 18.54 -6.47
C ARG E 153 -48.36 17.74 -5.18
N ALA E 154 -47.27 17.85 -4.41
CA ALA E 154 -47.04 16.92 -3.31
C ALA E 154 -48.15 16.95 -2.27
N THR E 155 -48.93 18.03 -2.21
CA THR E 155 -50.01 18.14 -1.24
C THR E 155 -51.33 18.56 -1.87
N GLN E 156 -51.44 18.54 -3.20
CA GLN E 156 -52.71 18.80 -3.85
C GLN E 156 -53.55 17.54 -3.83
N ASP E 157 -54.79 17.66 -3.34
CA ASP E 157 -55.75 16.57 -3.36
C ASP E 157 -55.17 15.32 -2.70
N VAL E 158 -54.60 15.49 -1.51
CA VAL E 158 -54.05 14.38 -0.74
C VAL E 158 -54.95 14.12 0.46
N VAL E 159 -55.20 12.84 0.72
CA VAL E 159 -56.01 12.44 1.86
C VAL E 159 -55.28 11.35 2.65
N THR F 7 33.23 -23.02 29.10
CA THR F 7 32.49 -22.13 28.17
C THR F 7 31.12 -21.76 28.74
N GLY F 8 30.38 -20.93 28.00
CA GLY F 8 29.20 -20.28 28.57
C GLY F 8 28.13 -21.26 29.04
N LYS F 9 28.01 -22.40 28.36
CA LYS F 9 26.92 -23.32 28.68
C LYS F 9 26.99 -23.81 30.13
N ALA F 10 28.18 -23.80 30.73
CA ALA F 10 28.30 -24.17 32.13
C ALA F 10 27.61 -23.15 33.03
N TRP F 11 27.88 -21.86 32.80
CA TRP F 11 27.18 -20.82 33.56
C TRP F 11 25.68 -20.89 33.34
N CYS F 12 25.25 -21.10 32.09
CA CYS F 12 23.83 -21.08 31.77
C CYS F 12 23.07 -22.10 32.61
N CYS F 13 23.59 -23.32 32.70
CA CYS F 13 22.94 -24.32 33.53
C CYS F 13 23.09 -24.00 35.01
N THR F 14 24.23 -23.44 35.41
CA THR F 14 24.51 -23.24 36.83
C THR F 14 23.46 -22.33 37.47
N VAL F 15 23.21 -21.17 36.86
CA VAL F 15 22.29 -20.21 37.46
C VAL F 15 20.86 -20.75 37.40
N LEU F 16 20.48 -21.37 36.29
CA LEU F 16 19.14 -21.91 36.17
C LEU F 16 18.90 -23.02 37.18
N SER F 17 19.90 -23.88 37.39
CA SER F 17 19.76 -24.93 38.39
C SER F 17 19.74 -24.35 39.80
N ALA F 18 20.53 -23.31 40.05
CA ALA F 18 20.54 -22.68 41.36
C ALA F 18 19.15 -22.19 41.72
N PHE F 19 18.49 -21.47 40.80
CA PHE F 19 17.11 -21.09 41.01
C PHE F 19 16.22 -22.32 41.13
N GLY F 20 16.55 -23.40 40.41
CA GLY F 20 15.77 -24.62 40.53
C GLY F 20 15.69 -25.10 41.96
N VAL F 21 16.84 -25.13 42.66
CA VAL F 21 16.86 -25.55 44.05
C VAL F 21 16.14 -24.52 44.93
N VAL F 22 16.46 -23.24 44.76
CA VAL F 22 15.95 -22.22 45.66
C VAL F 22 14.43 -22.14 45.56
N ILE F 23 13.90 -22.14 44.34
CA ILE F 23 12.46 -22.00 44.16
C ILE F 23 11.74 -23.27 44.63
N LEU F 24 12.09 -24.42 44.03
CA LEU F 24 11.32 -25.63 44.28
C LEU F 24 11.38 -26.05 45.73
N SER F 25 12.48 -25.77 46.43
CA SER F 25 12.55 -26.11 47.84
C SER F 25 11.48 -25.37 48.62
N VAL F 26 11.22 -24.11 48.28
CA VAL F 26 10.15 -23.36 48.91
C VAL F 26 8.80 -23.96 48.53
N ILE F 27 8.62 -24.30 47.25
CA ILE F 27 7.35 -24.89 46.82
C ILE F 27 7.06 -26.16 47.61
N ALA F 28 8.08 -26.98 47.83
CA ALA F 28 7.89 -28.19 48.64
C ALA F 28 7.46 -27.82 50.05
N HIS F 29 8.12 -26.83 50.66
CA HIS F 29 7.76 -26.43 52.02
C HIS F 29 6.34 -25.90 52.09
N LEU F 30 5.92 -25.11 51.09
CA LEU F 30 4.57 -24.57 51.10
C LEU F 30 3.53 -25.68 50.98
N PHE F 31 3.74 -26.62 50.06
CA PHE F 31 2.79 -27.72 49.92
C PHE F 31 2.80 -28.61 51.15
N ASN F 32 3.98 -28.86 51.72
CA ASN F 32 4.06 -29.73 52.89
C ASN F 32 3.30 -29.15 54.07
N THR F 33 3.25 -27.83 54.17
CA THR F 33 2.50 -27.16 55.24
C THR F 33 1.05 -26.91 54.87
N ASN F 34 0.60 -27.38 53.72
CA ASN F 34 -0.79 -27.25 53.32
C ASN F 34 -1.23 -25.78 53.34
N HIS F 35 -0.39 -24.93 52.77
CA HIS F 35 -0.65 -23.50 52.78
C HIS F 35 -1.80 -23.14 51.85
N GLU F 36 -2.57 -22.12 52.22
CA GLU F 36 -3.79 -21.81 51.50
C GLU F 36 -3.53 -21.50 50.03
N SER F 37 -2.49 -20.72 49.73
CA SER F 37 -2.26 -20.27 48.38
C SER F 37 -1.80 -21.39 47.43
N PHE F 38 -1.83 -22.65 47.87
CA PHE F 38 -1.44 -23.76 47.01
C PHE F 38 -2.45 -24.90 47.03
N VAL F 39 -3.24 -24.99 48.10
CA VAL F 39 -4.21 -26.08 48.26
C VAL F 39 -5.60 -25.57 48.61
N GLY F 40 -5.86 -24.26 48.54
CA GLY F 40 -7.07 -23.72 49.10
C GLY F 40 -8.34 -23.99 48.30
N SER F 41 -8.23 -24.12 46.99
CA SER F 41 -9.40 -24.20 46.14
C SER F 41 -9.80 -25.64 45.89
N ILE F 42 -11.07 -25.85 45.54
CA ILE F 42 -11.56 -27.17 45.19
C ILE F 42 -10.90 -27.72 43.95
N ASN F 43 -10.20 -26.88 43.18
CA ASN F 43 -9.45 -27.33 42.02
C ASN F 43 -8.00 -27.68 42.35
N ASP F 44 -7.51 -27.28 43.51
CA ASP F 44 -6.16 -27.63 43.91
C ASP F 44 -6.09 -29.08 44.37
N PRO F 45 -4.92 -29.70 44.29
CA PRO F 45 -4.74 -31.02 44.92
C PRO F 45 -4.71 -30.90 46.44
N GLU F 46 -5.49 -31.75 47.11
CA GLU F 46 -5.58 -31.71 48.56
C GLU F 46 -4.39 -32.37 49.25
N ASP F 47 -3.71 -33.30 48.57
CA ASP F 47 -2.73 -34.16 49.21
C ASP F 47 -1.34 -33.51 49.21
N GLY F 48 -1.26 -32.39 49.93
CA GLY F 48 -0.06 -31.59 49.97
C GLY F 48 1.23 -32.36 50.13
N PRO F 49 1.33 -33.18 51.19
CA PRO F 49 2.63 -33.81 51.47
C PRO F 49 3.16 -34.67 50.33
N ALA F 50 2.28 -35.27 49.52
CA ALA F 50 2.75 -36.02 48.38
C ALA F 50 3.27 -35.09 47.28
N VAL F 51 2.60 -33.96 47.07
CA VAL F 51 3.11 -32.96 46.15
C VAL F 51 4.49 -32.50 46.62
N ALA F 52 4.63 -32.29 47.93
CA ALA F 52 5.91 -31.87 48.47
C ALA F 52 6.99 -32.91 48.22
N HIS F 53 6.66 -34.19 48.45
CA HIS F 53 7.63 -35.24 48.20
C HIS F 53 8.03 -35.29 46.73
N THR F 54 7.06 -35.17 45.83
CA THR F 54 7.38 -35.17 44.40
C THR F 54 8.31 -34.00 44.05
N VAL F 55 8.02 -32.81 44.58
CA VAL F 55 8.83 -31.65 44.26
C VAL F 55 10.22 -31.75 44.88
N TYR F 56 10.31 -32.30 46.09
CA TYR F 56 11.61 -32.45 46.72
C TYR F 56 12.57 -33.23 45.83
N LEU F 57 12.10 -34.34 45.25
CA LEU F 57 12.96 -35.11 44.35
C LEU F 57 13.39 -34.27 43.15
N ALA F 58 12.46 -33.51 42.58
CA ALA F 58 12.82 -32.65 41.45
C ALA F 58 13.86 -31.62 41.86
N ALA F 59 13.73 -31.07 43.06
CA ALA F 59 14.73 -30.13 43.55
C ALA F 59 16.11 -30.78 43.62
N LEU F 60 16.16 -32.04 44.07
CA LEU F 60 17.45 -32.72 44.17
C LEU F 60 18.09 -32.93 42.80
N VAL F 61 17.29 -33.13 41.77
CA VAL F 61 17.84 -33.25 40.42
C VAL F 61 18.56 -31.97 40.03
N TYR F 62 17.94 -30.81 40.29
CA TYR F 62 18.61 -29.55 40.00
C TYR F 62 19.81 -29.34 40.90
N LEU F 63 19.77 -29.84 42.14
CA LEU F 63 20.95 -29.78 42.99
C LEU F 63 22.09 -30.58 42.40
N VAL F 64 21.79 -31.73 41.79
CA VAL F 64 22.81 -32.52 41.11
C VAL F 64 23.38 -31.74 39.93
N PHE F 65 22.50 -31.15 39.11
CA PHE F 65 22.97 -30.28 38.04
C PHE F 65 23.86 -29.19 38.58
N PHE F 66 23.45 -28.55 39.67
CA PHE F 66 24.16 -27.39 40.19
C PHE F 66 25.59 -27.74 40.55
N VAL F 67 25.77 -28.77 41.38
CA VAL F 67 27.11 -29.11 41.85
C VAL F 67 27.96 -29.66 40.71
N PHE F 68 27.38 -30.45 39.81
CA PHE F 68 28.18 -30.99 38.71
C PHE F 68 28.72 -29.88 37.81
N CYS F 69 27.83 -29.00 37.34
CA CYS F 69 28.28 -27.90 36.50
C CYS F 69 29.23 -26.98 37.26
N GLY F 70 29.16 -26.99 38.60
CA GLY F 70 30.09 -26.20 39.40
C GLY F 70 31.53 -26.56 39.16
N PHE F 71 31.80 -27.79 38.70
CA PHE F 71 33.15 -28.19 38.35
C PHE F 71 33.54 -27.64 36.97
N GLN F 72 32.71 -27.92 35.96
CA GLN F 72 33.05 -27.50 34.60
C GLN F 72 33.15 -25.98 34.50
N VAL F 73 32.36 -25.25 35.27
CA VAL F 73 32.47 -23.79 35.27
C VAL F 73 33.72 -23.32 35.99
N TYR F 74 34.30 -24.17 36.86
CA TYR F 74 35.39 -23.77 37.74
C TYR F 74 36.76 -24.19 37.22
N LEU F 75 36.87 -25.35 36.59
CA LEU F 75 38.14 -25.82 36.06
C LEU F 75 38.49 -25.07 34.77
N MET G 1 -57.35 -0.15 0.13
CA MET G 1 -57.53 0.23 -1.30
C MET G 1 -57.46 -1.01 -2.17
N THR G 2 -58.10 -0.96 -3.34
CA THR G 2 -58.12 -2.10 -4.24
C THR G 2 -56.70 -2.47 -4.65
N GLU G 3 -56.46 -3.78 -4.80
CA GLU G 3 -55.15 -4.25 -5.23
C GLU G 3 -54.78 -3.75 -6.61
N LEU G 4 -55.74 -3.27 -7.40
CA LEU G 4 -55.40 -2.61 -8.65
C LEU G 4 -54.68 -1.29 -8.40
N CYS G 5 -54.93 -0.66 -7.25
CA CYS G 5 -54.35 0.64 -6.91
C CYS G 5 -53.73 0.56 -5.52
N PRO G 6 -52.69 -0.24 -5.35
CA PRO G 6 -52.10 -0.41 -4.02
C PRO G 6 -51.39 0.85 -3.55
N VAL G 7 -51.16 0.91 -2.25
CA VAL G 7 -50.67 2.12 -1.61
C VAL G 7 -49.35 2.58 -2.19
N TYR G 8 -48.53 1.63 -2.69
CA TYR G 8 -47.21 1.95 -3.20
C TYR G 8 -47.21 2.30 -4.70
N ALA G 9 -48.37 2.32 -5.34
CA ALA G 9 -48.40 2.55 -6.78
C ALA G 9 -47.69 3.83 -7.21
N PRO G 10 -47.89 4.98 -6.55
CA PRO G 10 -47.23 6.21 -7.01
C PRO G 10 -45.71 6.13 -7.00
N PHE G 11 -45.12 5.21 -6.23
CA PHE G 11 -43.67 5.18 -6.11
C PHE G 11 -43.02 5.02 -7.48
N PHE G 12 -43.48 4.03 -8.26
CA PHE G 12 -42.88 3.83 -9.58
C PHE G 12 -43.14 5.02 -10.49
N GLY G 13 -44.27 5.68 -10.34
CA GLY G 13 -44.52 6.89 -11.12
C GLY G 13 -43.52 7.99 -10.77
N ALA G 14 -43.31 8.23 -9.47
CA ALA G 14 -42.40 9.28 -9.06
C ALA G 14 -40.98 9.01 -9.54
N ILE G 15 -40.50 7.77 -9.38
CA ILE G 15 -39.15 7.45 -9.84
C ILE G 15 -39.08 7.53 -11.35
N GLY G 16 -40.14 7.16 -12.06
CA GLY G 16 -40.13 7.31 -13.50
C GLY G 16 -39.95 8.75 -13.92
N CYS G 17 -40.66 9.66 -13.27
CA CYS G 17 -40.54 11.08 -13.59
C CYS G 17 -39.12 11.58 -13.34
N ALA G 18 -38.57 11.26 -12.17
CA ALA G 18 -37.19 11.67 -11.88
C ALA G 18 -36.21 11.00 -12.82
N SER G 19 -36.47 9.75 -13.20
CA SER G 19 -35.52 9.01 -14.02
C SER G 19 -35.35 9.64 -15.40
N ALA G 20 -36.39 10.30 -15.92
CA ALA G 20 -36.27 10.92 -17.24
C ALA G 20 -35.26 12.06 -17.22
N ILE G 21 -35.42 13.00 -16.30
CA ILE G 21 -34.56 14.18 -16.30
C ILE G 21 -33.17 13.87 -15.78
N ILE G 22 -33.03 12.81 -14.98
CA ILE G 22 -31.73 12.50 -14.39
C ILE G 22 -30.77 11.98 -15.45
N PHE G 23 -31.16 10.93 -16.17
CA PHE G 23 -30.23 10.25 -17.05
C PHE G 23 -29.95 11.07 -18.31
N THR G 24 -30.96 11.80 -18.79
CA THR G 24 -30.71 12.73 -19.89
C THR G 24 -29.72 13.81 -19.47
N SER G 25 -29.79 14.26 -18.22
CA SER G 25 -28.82 15.25 -17.75
C SER G 25 -27.41 14.69 -17.80
N LEU G 26 -27.23 13.44 -17.36
CA LEU G 26 -25.90 12.83 -17.44
C LEU G 26 -25.45 12.70 -18.88
N GLY G 27 -26.38 12.38 -19.78
CA GLY G 27 -26.04 12.30 -21.19
C GLY G 27 -25.58 13.64 -21.75
N ALA G 28 -26.39 14.68 -21.52
CA ALA G 28 -26.03 16.00 -22.01
C ALA G 28 -24.74 16.50 -21.33
N ALA G 29 -24.61 16.27 -20.03
CA ALA G 29 -23.42 16.75 -19.32
C ALA G 29 -22.16 16.13 -19.89
N TYR G 30 -22.19 14.82 -20.16
CA TYR G 30 -21.04 14.18 -20.81
C TYR G 30 -20.81 14.76 -22.19
N GLY G 31 -21.88 15.03 -22.93
CA GLY G 31 -21.76 15.57 -24.26
C GLY G 31 -21.02 16.90 -24.30
N THR G 32 -21.49 17.86 -23.53
CA THR G 32 -20.85 19.18 -23.52
C THR G 32 -19.48 19.12 -22.88
N ALA G 33 -19.29 18.29 -21.86
CA ALA G 33 -17.98 18.18 -21.22
C ALA G 33 -16.96 17.63 -22.19
N LYS G 34 -17.25 16.48 -22.81
CA LYS G 34 -16.31 15.89 -23.75
C LYS G 34 -16.16 16.77 -25.00
N SER G 35 -17.26 17.32 -25.50
CA SER G 35 -17.16 18.20 -26.65
C SER G 35 -16.48 19.52 -26.28
N GLY G 36 -16.81 20.07 -25.12
CA GLY G 36 -16.29 21.39 -24.77
C GLY G 36 -14.78 21.43 -24.68
N VAL G 37 -14.17 20.36 -24.17
CA VAL G 37 -12.72 20.32 -24.09
C VAL G 37 -12.12 20.42 -25.49
N GLY G 38 -12.76 19.80 -26.47
CA GLY G 38 -12.29 19.93 -27.84
C GLY G 38 -12.36 21.35 -28.35
N ILE G 39 -13.49 22.03 -28.10
CA ILE G 39 -13.66 23.40 -28.57
C ILE G 39 -12.59 24.29 -27.96
N CYS G 40 -12.37 24.18 -26.65
CA CYS G 40 -11.39 25.00 -25.98
C CYS G 40 -9.96 24.67 -26.41
N ALA G 41 -9.75 23.56 -27.12
CA ALA G 41 -8.42 23.21 -27.59
C ALA G 41 -8.08 23.93 -28.88
N THR G 42 -8.93 23.79 -29.90
CA THR G 42 -8.62 24.33 -31.22
C THR G 42 -8.80 25.84 -31.29
N CYS G 43 -9.85 26.37 -30.65
CA CYS G 43 -10.17 27.78 -30.80
C CYS G 43 -9.11 28.69 -30.19
N VAL G 44 -8.18 28.15 -29.40
CA VAL G 44 -7.01 28.91 -29.00
C VAL G 44 -6.27 29.42 -30.23
N LEU G 45 -6.06 28.53 -31.22
CA LEU G 45 -5.35 28.91 -32.43
C LEU G 45 -6.27 29.57 -33.44
N ARG G 46 -7.55 29.21 -33.47
CA ARG G 46 -8.47 29.65 -34.53
C ARG G 46 -9.79 30.08 -33.91
N PRO G 47 -9.84 31.28 -33.35
CA PRO G 47 -11.14 31.81 -32.91
C PRO G 47 -12.12 32.02 -34.05
N ASP G 48 -11.65 32.08 -35.29
CA ASP G 48 -12.55 32.25 -36.43
C ASP G 48 -13.55 31.09 -36.55
N LEU G 49 -13.24 29.94 -35.96
CA LEU G 49 -14.11 28.77 -36.05
C LEU G 49 -15.10 28.66 -34.90
N LEU G 50 -15.04 29.58 -33.93
CA LEU G 50 -15.80 29.43 -32.69
C LEU G 50 -17.29 29.27 -32.96
N PHE G 51 -17.87 30.17 -33.74
CA PHE G 51 -19.32 30.22 -33.90
C PHE G 51 -19.85 29.13 -34.83
N LYS G 52 -19.00 28.30 -35.41
CA LYS G 52 -19.43 27.06 -36.03
C LYS G 52 -19.35 25.89 -35.05
N ASN G 53 -18.26 25.82 -34.29
CA ASN G 53 -18.01 24.68 -33.41
C ASN G 53 -18.99 24.58 -32.26
N ILE G 54 -19.80 25.60 -32.00
CA ILE G 54 -20.75 25.52 -30.90
C ILE G 54 -21.87 24.53 -31.18
N VAL G 55 -22.14 24.21 -32.45
CA VAL G 55 -23.18 23.23 -32.76
C VAL G 55 -22.90 21.91 -32.04
N PRO G 56 -21.69 21.37 -32.04
CA PRO G 56 -21.41 20.14 -31.28
C PRO G 56 -21.79 20.17 -29.80
N VAL G 57 -22.18 21.31 -29.24
CA VAL G 57 -22.68 21.33 -27.86
C VAL G 57 -24.17 21.65 -27.86
N ILE G 58 -24.65 22.38 -28.86
CA ILE G 58 -26.08 22.62 -28.97
C ILE G 58 -26.82 21.30 -29.13
N MET G 59 -26.31 20.42 -30.00
CA MET G 59 -26.95 19.13 -30.20
C MET G 59 -26.83 18.25 -28.96
N ALA G 60 -25.79 18.43 -28.16
CA ALA G 60 -25.76 17.79 -26.86
C ALA G 60 -26.82 18.37 -25.94
N GLY G 61 -27.04 19.68 -26.04
CA GLY G 61 -28.04 20.31 -25.19
C GLY G 61 -29.46 19.86 -25.50
N ILE G 62 -29.76 19.64 -26.78
CA ILE G 62 -31.13 19.32 -27.16
C ILE G 62 -31.59 18.03 -26.50
N ILE G 63 -30.66 17.13 -26.17
CA ILE G 63 -31.04 15.92 -25.46
C ILE G 63 -31.73 16.27 -24.15
N ALA G 64 -31.22 17.30 -23.47
CA ALA G 64 -31.81 17.67 -22.18
C ALA G 64 -33.25 18.13 -22.33
N ILE G 65 -33.60 18.74 -23.46
CA ILE G 65 -34.99 19.14 -23.67
C ILE G 65 -35.88 17.90 -23.74
N TYR G 66 -35.43 16.86 -24.44
CA TYR G 66 -36.20 15.62 -24.47
C TYR G 66 -36.45 15.12 -23.04
N GLY G 67 -35.42 15.17 -22.19
CA GLY G 67 -35.61 14.76 -20.81
C GLY G 67 -36.69 15.58 -20.12
N LEU G 68 -36.66 16.90 -20.30
CA LEU G 68 -37.58 17.76 -19.57
C LEU G 68 -39.03 17.47 -19.96
N VAL G 69 -39.33 17.46 -21.26
CA VAL G 69 -40.72 17.38 -21.69
C VAL G 69 -41.35 16.05 -21.35
N VAL G 70 -40.55 14.99 -21.18
CA VAL G 70 -41.09 13.73 -20.68
C VAL G 70 -41.48 13.86 -19.21
N SER G 71 -40.56 14.39 -18.39
CA SER G 71 -40.85 14.59 -16.98
C SER G 71 -42.07 15.49 -16.79
N VAL G 72 -42.13 16.60 -17.54
CA VAL G 72 -43.26 17.51 -17.42
C VAL G 72 -44.56 16.82 -17.82
N LEU G 73 -44.49 15.87 -18.75
CA LEU G 73 -45.69 15.15 -19.14
C LEU G 73 -46.12 14.13 -18.09
N VAL G 74 -45.16 13.54 -17.37
CA VAL G 74 -45.50 12.59 -16.32
C VAL G 74 -46.25 13.29 -15.18
N CYS G 75 -45.75 14.47 -14.78
CA CYS G 75 -46.26 15.09 -13.55
C CYS G 75 -47.76 15.34 -13.63
N TYR G 76 -48.25 15.79 -14.77
CA TYR G 76 -49.68 16.07 -14.89
C TYR G 76 -50.54 14.83 -14.86
N SER G 77 -49.99 13.65 -14.59
CA SER G 77 -50.78 12.43 -14.45
C SER G 77 -50.62 11.75 -13.10
N LEU G 78 -49.68 12.17 -12.28
CA LEU G 78 -49.46 11.52 -10.99
C LEU G 78 -50.61 11.82 -10.04
N GLY G 79 -50.90 10.85 -9.17
CA GLY G 79 -51.94 11.01 -8.17
C GLY G 79 -51.96 9.88 -7.16
N GLN G 80 -52.48 10.17 -5.97
CA GLN G 80 -52.47 9.18 -4.89
C GLN G 80 -53.31 7.95 -5.24
N LYS G 81 -54.34 8.12 -6.07
CA LYS G 81 -55.29 7.06 -6.36
C LYS G 81 -54.95 6.24 -7.60
N GLN G 82 -53.81 6.50 -8.23
CA GLN G 82 -53.54 5.95 -9.55
C GLN G 82 -53.32 4.44 -9.50
N ALA G 83 -53.65 3.78 -10.61
CA ALA G 83 -53.47 2.34 -10.71
C ALA G 83 -52.00 1.98 -10.88
N LEU G 84 -51.65 0.78 -10.42
CA LEU G 84 -50.26 0.33 -10.53
C LEU G 84 -49.83 0.18 -11.98
N TYR G 85 -50.74 -0.23 -12.86
CA TYR G 85 -50.40 -0.32 -14.28
C TYR G 85 -49.90 1.02 -14.80
N THR G 86 -50.58 2.10 -14.44
CA THR G 86 -50.08 3.43 -14.77
C THR G 86 -48.72 3.67 -14.12
N GLY G 87 -48.53 3.14 -12.91
CA GLY G 87 -47.26 3.31 -12.23
C GLY G 87 -46.10 2.67 -12.98
N PHE G 88 -46.31 1.47 -13.51
CA PHE G 88 -45.25 0.81 -14.27
C PHE G 88 -44.93 1.55 -15.56
N ILE G 89 -45.98 1.95 -16.30
CA ILE G 89 -45.75 2.56 -17.61
C ILE G 89 -44.99 3.86 -17.46
N GLN G 90 -45.29 4.63 -16.41
CA GLN G 90 -44.53 5.85 -16.16
C GLN G 90 -43.05 5.53 -15.96
N LEU G 91 -42.76 4.44 -15.24
CA LEU G 91 -41.37 4.02 -15.10
C LEU G 91 -40.78 3.64 -16.45
N GLY G 92 -41.55 2.94 -17.28
CA GLY G 92 -41.07 2.58 -18.60
C GLY G 92 -40.76 3.81 -19.46
N ALA G 93 -41.67 4.78 -19.45
CA ALA G 93 -41.43 6.01 -20.19
C ALA G 93 -40.20 6.73 -19.67
N GLY G 94 -40.03 6.79 -18.35
CA GLY G 94 -38.89 7.46 -17.77
C GLY G 94 -37.57 6.83 -18.17
N LEU G 95 -37.45 5.52 -17.99
CA LEU G 95 -36.20 4.84 -18.32
C LEU G 95 -35.90 4.92 -19.82
N SER G 96 -36.95 4.86 -20.65
CA SER G 96 -36.74 4.79 -22.09
C SER G 96 -36.05 6.04 -22.61
N VAL G 97 -36.60 7.22 -22.31
CA VAL G 97 -35.96 8.46 -22.75
C VAL G 97 -34.69 8.70 -21.97
N GLY G 98 -34.67 8.34 -20.69
CA GLY G 98 -33.52 8.55 -19.85
C GLY G 98 -32.27 7.90 -20.40
N LEU G 99 -32.30 6.58 -20.58
CA LEU G 99 -31.12 5.86 -21.01
C LEU G 99 -30.85 6.03 -22.49
N SER G 100 -31.88 6.26 -23.30
CA SER G 100 -31.65 6.60 -24.70
C SER G 100 -30.88 7.90 -24.83
N GLY G 101 -31.26 8.91 -24.05
CA GLY G 101 -30.52 10.15 -24.04
C GLY G 101 -29.09 9.95 -23.55
N LEU G 102 -28.91 9.09 -22.55
CA LEU G 102 -27.57 8.80 -22.06
C LEU G 102 -26.71 8.17 -23.16
N ALA G 103 -27.30 7.26 -23.94
CA ALA G 103 -26.56 6.65 -25.04
C ALA G 103 -26.19 7.70 -26.08
N ALA G 104 -27.15 8.52 -26.50
CA ALA G 104 -26.85 9.58 -27.46
C ALA G 104 -25.82 10.54 -26.91
N GLY G 105 -25.89 10.84 -25.61
CA GLY G 105 -24.92 11.75 -25.02
C GLY G 105 -23.50 11.24 -25.17
N PHE G 106 -23.29 9.94 -24.96
CA PHE G 106 -21.96 9.37 -25.15
C PHE G 106 -21.50 9.53 -26.60
N ALA G 107 -22.37 9.25 -27.56
CA ALA G 107 -21.98 9.35 -28.96
C ALA G 107 -21.62 10.80 -29.32
N ILE G 108 -22.50 11.75 -28.98
CA ILE G 108 -22.25 13.14 -29.32
C ILE G 108 -20.96 13.62 -28.68
N GLY G 109 -20.70 13.22 -27.44
CA GLY G 109 -19.48 13.63 -26.78
C GLY G 109 -18.24 13.17 -27.52
N ILE G 110 -18.21 11.90 -27.89
CA ILE G 110 -17.03 11.35 -28.57
C ILE G 110 -16.90 11.94 -29.97
N VAL G 111 -18.02 12.04 -30.70
CA VAL G 111 -17.97 12.53 -32.07
C VAL G 111 -17.53 13.98 -32.11
N GLY G 112 -18.11 14.82 -31.25
CA GLY G 112 -17.79 16.24 -31.28
C GLY G 112 -16.33 16.51 -31.02
N ASP G 113 -15.73 15.79 -30.07
CA ASP G 113 -14.32 15.99 -29.79
C ASP G 113 -13.48 15.75 -31.04
N ALA G 114 -13.66 14.60 -31.68
CA ALA G 114 -12.86 14.29 -32.87
C ALA G 114 -13.20 15.22 -34.02
N GLY G 115 -14.49 15.49 -34.23
CA GLY G 115 -14.88 16.30 -35.38
C GLY G 115 -14.31 17.70 -35.34
N VAL G 116 -14.43 18.36 -34.18
CA VAL G 116 -13.92 19.72 -34.06
C VAL G 116 -12.40 19.74 -34.28
N ARG G 117 -11.70 18.81 -33.64
CA ARG G 117 -10.25 18.78 -33.81
C ARG G 117 -9.86 18.55 -35.26
N GLY G 118 -10.67 17.80 -36.01
CA GLY G 118 -10.38 17.60 -37.43
C GLY G 118 -10.74 18.82 -38.28
N SER G 119 -11.82 19.51 -37.93
CA SER G 119 -12.32 20.57 -38.80
C SER G 119 -11.31 21.69 -38.97
N SER G 120 -10.49 21.97 -37.95
CA SER G 120 -9.51 23.04 -38.08
C SER G 120 -8.42 22.68 -39.08
N GLN G 121 -8.14 21.38 -39.26
CA GLN G 121 -7.13 20.95 -40.21
C GLN G 121 -7.66 20.73 -41.61
N GLN G 122 -8.96 20.47 -41.76
CA GLN G 122 -9.56 20.17 -43.06
C GLN G 122 -10.91 20.86 -43.09
N PRO G 123 -10.98 22.10 -43.58
CA PRO G 123 -12.19 22.89 -43.36
C PRO G 123 -13.46 22.27 -43.91
N ARG G 124 -13.36 21.46 -44.95
CA ARG G 124 -14.56 20.86 -45.54
C ARG G 124 -14.99 19.59 -44.82
N LEU G 125 -14.24 19.15 -43.81
CA LEU G 125 -14.70 18.05 -42.97
C LEU G 125 -15.88 18.46 -42.09
N PHE G 126 -16.14 19.75 -41.93
CA PHE G 126 -17.18 20.19 -41.00
C PHE G 126 -18.53 19.61 -41.36
N VAL G 127 -18.91 19.67 -42.64
CA VAL G 127 -20.21 19.15 -43.04
C VAL G 127 -20.30 17.66 -42.72
N GLY G 128 -19.17 16.95 -42.80
CA GLY G 128 -19.18 15.56 -42.39
C GLY G 128 -19.53 15.39 -40.92
N MET G 129 -18.95 16.24 -40.06
CA MET G 129 -19.24 16.16 -38.64
C MET G 129 -20.72 16.33 -38.35
N ILE G 130 -21.38 17.25 -39.06
CA ILE G 130 -22.80 17.48 -38.83
C ILE G 130 -23.61 16.24 -39.14
N LEU G 131 -23.32 15.58 -40.26
CA LEU G 131 -24.10 14.41 -40.66
C LEU G 131 -23.96 13.28 -39.65
N ILE G 132 -22.74 13.01 -39.18
CA ILE G 132 -22.56 11.94 -38.21
C ILE G 132 -23.23 12.30 -36.89
N LEU G 133 -23.16 13.57 -36.49
CA LEU G 133 -23.82 13.98 -35.26
C LEU G 133 -25.32 13.74 -35.35
N ILE G 134 -25.92 14.01 -36.50
CA ILE G 134 -27.35 13.80 -36.66
C ILE G 134 -27.69 12.34 -36.48
N PHE G 135 -26.82 11.44 -36.94
CA PHE G 135 -27.01 10.01 -36.70
C PHE G 135 -26.65 9.60 -35.29
N ALA G 136 -26.06 10.49 -34.50
CA ALA G 136 -26.00 10.31 -33.05
C ALA G 136 -27.17 11.00 -32.35
N GLU G 137 -27.64 12.12 -32.90
CA GLU G 137 -28.82 12.78 -32.35
C GLU G 137 -30.06 11.91 -32.46
N VAL G 138 -30.25 11.26 -33.62
CA VAL G 138 -31.49 10.53 -33.86
C VAL G 138 -31.65 9.40 -32.87
N LEU G 139 -30.56 8.82 -32.38
CA LEU G 139 -30.67 7.78 -31.36
C LEU G 139 -31.42 8.31 -30.13
N GLY G 140 -31.18 9.57 -29.75
CA GLY G 140 -31.91 10.13 -28.64
C GLY G 140 -33.38 10.36 -28.96
N LEU G 141 -33.66 10.87 -30.16
CA LEU G 141 -35.04 11.20 -30.51
C LEU G 141 -35.92 9.95 -30.52
N TYR G 142 -35.37 8.79 -30.87
CA TYR G 142 -36.13 7.56 -30.77
C TYR G 142 -36.59 7.31 -29.33
N GLY G 143 -35.74 7.63 -28.35
CA GLY G 143 -36.14 7.47 -26.98
C GLY G 143 -37.38 8.27 -26.64
N LEU G 144 -37.48 9.49 -27.17
CA LEU G 144 -38.64 10.33 -26.87
C LEU G 144 -39.91 9.72 -27.43
N ILE G 145 -39.88 9.31 -28.70
CA ILE G 145 -41.12 8.83 -29.32
C ILE G 145 -41.64 7.60 -28.59
N VAL G 146 -40.75 6.69 -28.18
CA VAL G 146 -41.19 5.54 -27.39
C VAL G 146 -41.85 6.02 -26.10
N ALA G 147 -41.21 6.98 -25.43
CA ALA G 147 -41.75 7.48 -24.17
C ALA G 147 -43.13 8.08 -24.36
N LEU G 148 -43.31 8.88 -25.41
CA LEU G 148 -44.62 9.47 -25.68
C LEU G 148 -45.66 8.40 -25.99
N LEU G 149 -45.28 7.39 -26.80
CA LEU G 149 -46.23 6.32 -27.10
C LEU G 149 -46.63 5.57 -25.85
N LEU G 150 -45.68 5.35 -24.93
CA LEU G 150 -46.03 4.73 -23.65
C LEU G 150 -46.96 5.64 -22.85
N ASN G 151 -46.64 6.93 -22.78
CA ASN G 151 -47.37 7.81 -21.88
C ASN G 151 -48.82 7.98 -22.32
N SER G 152 -49.07 8.03 -23.63
CA SER G 152 -50.44 8.16 -24.11
C SER G 152 -51.27 6.93 -23.73
N ARG G 153 -50.62 5.77 -23.65
CA ARG G 153 -51.28 4.54 -23.23
C ARG G 153 -51.37 4.40 -21.72
N ALA G 154 -50.69 5.26 -20.96
CA ALA G 154 -50.62 5.10 -19.51
C ALA G 154 -51.97 5.28 -18.83
N THR G 155 -52.89 6.03 -19.44
CA THR G 155 -54.19 6.28 -18.85
C THR G 155 -55.32 6.17 -19.88
N GLN G 156 -55.11 5.45 -20.97
CA GLN G 156 -56.12 5.38 -22.01
C GLN G 156 -57.41 4.75 -21.50
N ASP G 157 -57.30 3.69 -20.72
CA ASP G 157 -58.48 3.05 -20.13
C ASP G 157 -58.01 2.29 -18.90
N VAL G 158 -58.44 2.73 -17.72
CA VAL G 158 -57.89 2.24 -16.46
C VAL G 158 -58.99 2.18 -15.42
N VAL G 159 -58.87 1.22 -14.52
CA VAL G 159 -59.78 1.11 -13.38
C VAL G 159 -58.99 1.20 -12.09
N MET H 1 -57.60 -10.52 -7.47
CA MET H 1 -56.59 -10.63 -8.55
C MET H 1 -56.64 -12.03 -9.15
N THR H 2 -57.06 -12.11 -10.41
CA THR H 2 -57.28 -13.41 -11.02
C THR H 2 -55.99 -14.22 -11.06
N GLU H 3 -56.13 -15.54 -10.92
CA GLU H 3 -54.97 -16.42 -10.80
C GLU H 3 -53.98 -16.18 -11.93
N LEU H 4 -54.46 -16.18 -13.17
CA LEU H 4 -53.58 -16.06 -14.33
C LEU H 4 -53.15 -14.63 -14.61
N CYS H 5 -53.73 -13.65 -13.93
CA CYS H 5 -53.51 -12.23 -14.26
C CYS H 5 -53.16 -11.44 -13.00
N PRO H 6 -52.01 -11.71 -12.39
CA PRO H 6 -51.58 -10.89 -11.26
C PRO H 6 -51.44 -9.43 -11.66
N VAL H 7 -51.73 -8.54 -10.72
CA VAL H 7 -51.68 -7.10 -11.00
C VAL H 7 -50.29 -6.65 -11.40
N TYR H 8 -49.25 -7.40 -11.02
CA TYR H 8 -47.90 -7.03 -11.41
C TYR H 8 -47.52 -7.52 -12.81
N ALA H 9 -48.42 -8.20 -13.51
CA ALA H 9 -48.07 -8.72 -14.83
C ALA H 9 -47.59 -7.66 -15.80
N PRO H 10 -48.23 -6.50 -15.93
CA PRO H 10 -47.77 -5.50 -16.90
C PRO H 10 -46.36 -5.01 -16.66
N PHE H 11 -45.81 -5.22 -15.47
CA PHE H 11 -44.44 -4.77 -15.20
C PHE H 11 -43.47 -5.36 -16.22
N PHE H 12 -43.54 -6.68 -16.44
CA PHE H 12 -42.64 -7.30 -17.40
C PHE H 12 -42.89 -6.78 -18.81
N GLY H 13 -44.13 -6.42 -19.13
CA GLY H 13 -44.39 -5.79 -20.41
C GLY H 13 -43.72 -4.43 -20.51
N ALA H 14 -43.83 -3.63 -19.45
CA ALA H 14 -43.23 -2.30 -19.48
C ALA H 14 -41.72 -2.38 -19.62
N ILE H 15 -41.08 -3.26 -18.84
CA ILE H 15 -39.63 -3.40 -18.95
C ILE H 15 -39.26 -3.94 -20.32
N GLY H 16 -40.05 -4.88 -20.84
CA GLY H 16 -39.78 -5.39 -22.17
C GLY H 16 -39.81 -4.30 -23.23
N CYS H 17 -40.80 -3.41 -23.14
CA CYS H 17 -40.87 -2.32 -24.11
C CYS H 17 -39.66 -1.41 -24.01
N ALA H 18 -39.23 -1.08 -22.79
CA ALA H 18 -38.08 -0.19 -22.62
C ALA H 18 -36.80 -0.86 -23.10
N SER H 19 -36.61 -2.14 -22.75
CA SER H 19 -35.34 -2.79 -23.04
C SER H 19 -35.07 -2.84 -24.54
N ALA H 20 -36.12 -2.94 -25.36
CA ALA H 20 -35.91 -3.07 -26.79
C ALA H 20 -35.20 -1.86 -27.37
N ILE H 21 -35.56 -0.66 -26.91
CA ILE H 21 -34.96 0.55 -27.45
C ILE H 21 -33.69 0.94 -26.72
N ILE H 22 -33.58 0.62 -25.43
CA ILE H 22 -32.40 1.01 -24.66
C ILE H 22 -31.15 0.36 -25.25
N PHE H 23 -31.12 -0.97 -25.28
CA PHE H 23 -29.89 -1.67 -25.62
C PHE H 23 -29.56 -1.55 -27.10
N THR H 24 -30.56 -1.46 -27.97
CA THR H 24 -30.28 -1.19 -29.38
C THR H 24 -29.64 0.17 -29.56
N SER H 25 -30.12 1.17 -28.82
CA SER H 25 -29.52 2.50 -28.90
C SER H 25 -28.08 2.49 -28.38
N LEU H 26 -27.84 1.77 -27.28
CA LEU H 26 -26.47 1.64 -26.79
C LEU H 26 -25.57 0.99 -27.82
N GLY H 27 -26.06 -0.05 -28.49
CA GLY H 27 -25.28 -0.67 -29.55
C GLY H 27 -25.02 0.28 -30.70
N ALA H 28 -26.06 0.97 -31.15
CA ALA H 28 -25.89 1.93 -32.23
C ALA H 28 -24.95 3.06 -31.83
N ALA H 29 -25.08 3.55 -30.60
CA ALA H 29 -24.22 4.64 -30.14
C ALA H 29 -22.76 4.24 -30.20
N TYR H 30 -22.43 3.06 -29.67
CA TYR H 30 -21.05 2.61 -29.72
C TYR H 30 -20.57 2.42 -31.15
N GLY H 31 -21.43 1.86 -32.01
CA GLY H 31 -21.05 1.70 -33.40
C GLY H 31 -20.74 3.02 -34.07
N THR H 32 -21.60 4.02 -33.88
CA THR H 32 -21.35 5.33 -34.45
C THR H 32 -20.11 5.98 -33.84
N ALA H 33 -19.93 5.83 -32.52
CA ALA H 33 -18.81 6.48 -31.86
C ALA H 33 -17.48 5.96 -32.37
N LYS H 34 -17.33 4.64 -32.49
CA LYS H 34 -16.07 4.10 -32.97
C LYS H 34 -15.85 4.43 -34.44
N SER H 35 -16.92 4.48 -35.24
CA SER H 35 -16.79 4.87 -36.63
C SER H 35 -16.42 6.35 -36.76
N GLY H 36 -16.97 7.19 -35.88
CA GLY H 36 -16.76 8.63 -36.02
C GLY H 36 -15.31 9.01 -35.83
N VAL H 37 -14.66 8.49 -34.78
CA VAL H 37 -13.26 8.80 -34.56
C VAL H 37 -12.41 8.32 -35.72
N GLY H 38 -12.78 7.19 -36.31
CA GLY H 38 -12.05 6.73 -37.49
C GLY H 38 -12.22 7.66 -38.68
N ILE H 39 -13.45 8.10 -38.93
CA ILE H 39 -13.71 8.98 -40.07
C ILE H 39 -12.92 10.27 -39.93
N CYS H 40 -13.02 10.91 -38.77
CA CYS H 40 -12.32 12.17 -38.55
C CYS H 40 -10.81 11.98 -38.66
N ALA H 41 -10.32 10.78 -38.33
CA ALA H 41 -8.88 10.51 -38.39
C ALA H 41 -8.39 10.27 -39.81
N THR H 42 -9.26 10.10 -40.79
CA THR H 42 -8.87 9.79 -42.15
C THR H 42 -9.28 10.85 -43.16
N CYS H 43 -10.51 11.35 -43.06
CA CYS H 43 -10.95 12.36 -44.02
C CYS H 43 -10.20 13.67 -43.89
N VAL H 44 -9.45 13.85 -42.80
CA VAL H 44 -8.56 15.00 -42.69
C VAL H 44 -7.57 15.01 -43.85
N LEU H 45 -7.05 13.84 -44.20
CA LEU H 45 -6.18 13.71 -45.37
C LEU H 45 -6.96 13.43 -46.64
N ARG H 46 -8.02 12.62 -46.56
CA ARG H 46 -8.76 12.15 -47.73
C ARG H 46 -10.23 12.57 -47.64
N PRO H 47 -10.49 13.89 -47.65
CA PRO H 47 -11.88 14.37 -47.58
C PRO H 47 -12.68 14.07 -48.84
N ASP H 48 -12.04 13.62 -49.91
CA ASP H 48 -12.77 13.16 -51.08
C ASP H 48 -13.52 11.86 -50.78
N LEU H 49 -13.03 11.07 -49.83
CA LEU H 49 -13.65 9.80 -49.46
C LEU H 49 -14.80 9.95 -48.49
N LEU H 50 -15.09 11.16 -48.04
CA LEU H 50 -15.99 11.36 -46.89
C LEU H 50 -17.33 10.66 -47.10
N PHE H 51 -18.01 10.96 -48.20
CA PHE H 51 -19.35 10.42 -48.42
C PHE H 51 -19.33 8.96 -48.84
N LYS H 52 -18.17 8.32 -48.88
CA LYS H 52 -18.05 6.88 -49.07
C LYS H 52 -17.61 6.16 -47.82
N ASN H 53 -16.75 6.77 -47.01
CA ASN H 53 -16.39 6.22 -45.71
C ASN H 53 -17.52 6.28 -44.71
N ILE H 54 -18.61 6.97 -45.03
CA ILE H 54 -19.71 7.16 -44.09
C ILE H 54 -20.50 5.90 -43.84
N VAL H 55 -20.37 4.88 -44.68
CA VAL H 55 -21.26 3.73 -44.69
C VAL H 55 -21.39 3.11 -43.30
N PRO H 56 -20.30 2.90 -42.57
CA PRO H 56 -20.43 2.28 -41.23
C PRO H 56 -21.39 3.03 -40.33
N VAL H 57 -21.38 4.36 -40.37
CA VAL H 57 -22.28 5.14 -39.51
C VAL H 57 -23.74 4.88 -39.89
N ILE H 58 -24.06 5.05 -41.17
CA ILE H 58 -25.44 4.94 -41.61
C ILE H 58 -25.95 3.51 -41.44
N MET H 59 -25.08 2.52 -41.60
CA MET H 59 -25.50 1.14 -41.37
C MET H 59 -25.70 0.88 -39.89
N ALA H 60 -24.78 1.35 -39.05
CA ALA H 60 -24.95 1.19 -37.61
C ALA H 60 -26.21 1.91 -37.12
N GLY H 61 -26.62 2.97 -37.81
CA GLY H 61 -27.85 3.66 -37.47
C GLY H 61 -29.10 2.83 -37.70
N ILE H 62 -28.99 1.73 -38.45
CA ILE H 62 -30.14 0.85 -38.66
C ILE H 62 -30.48 0.09 -37.39
N ILE H 63 -29.46 -0.23 -36.57
CA ILE H 63 -29.68 -1.08 -35.41
C ILE H 63 -30.78 -0.50 -34.52
N ALA H 64 -30.74 0.81 -34.29
CA ALA H 64 -31.73 1.42 -33.42
C ALA H 64 -33.14 1.27 -33.98
N ILE H 65 -33.29 1.28 -35.30
CA ILE H 65 -34.62 1.18 -35.89
C ILE H 65 -35.24 -0.19 -35.61
N TYR H 66 -34.41 -1.24 -35.59
CA TYR H 66 -34.92 -2.53 -35.13
C TYR H 66 -35.52 -2.40 -33.73
N GLY H 67 -34.84 -1.69 -32.84
CA GLY H 67 -35.35 -1.45 -31.51
C GLY H 67 -36.67 -0.72 -31.52
N LEU H 68 -36.75 0.36 -32.30
CA LEU H 68 -37.97 1.15 -32.36
C LEU H 68 -39.14 0.30 -32.84
N VAL H 69 -38.91 -0.53 -33.87
CA VAL H 69 -39.99 -1.34 -34.42
C VAL H 69 -40.57 -2.25 -33.33
N VAL H 70 -39.69 -2.91 -32.57
CA VAL H 70 -40.15 -3.83 -31.54
C VAL H 70 -40.85 -3.07 -30.42
N SER H 71 -40.30 -1.93 -30.00
CA SER H 71 -40.89 -1.21 -28.88
C SER H 71 -42.31 -0.78 -29.17
N VAL H 72 -42.57 -0.28 -30.38
CA VAL H 72 -43.92 0.12 -30.73
C VAL H 72 -44.86 -1.09 -30.75
N LEU H 73 -44.37 -2.22 -31.28
CA LEU H 73 -45.19 -3.43 -31.30
C LEU H 73 -45.54 -3.87 -29.89
N VAL H 74 -44.55 -3.89 -28.99
CA VAL H 74 -44.82 -4.24 -27.60
C VAL H 74 -45.74 -3.21 -26.96
N CYS H 75 -45.48 -1.92 -27.22
CA CYS H 75 -46.24 -0.86 -26.56
C CYS H 75 -47.72 -0.98 -26.88
N TYR H 76 -48.07 -1.20 -28.15
CA TYR H 76 -49.48 -1.34 -28.52
C TYR H 76 -50.12 -2.57 -27.91
N SER H 77 -49.34 -3.47 -27.32
CA SER H 77 -49.88 -4.69 -26.75
C SER H 77 -50.16 -4.60 -25.25
N LEU H 78 -49.70 -3.55 -24.58
CA LEU H 78 -49.86 -3.48 -23.14
C LEU H 78 -51.29 -3.13 -22.75
N GLY H 79 -51.69 -3.60 -21.57
CA GLY H 79 -52.99 -3.28 -21.02
C GLY H 79 -53.02 -3.61 -19.55
N GLN H 80 -53.97 -2.99 -18.85
CA GLN H 80 -54.02 -3.13 -17.40
C GLN H 80 -54.21 -4.59 -16.99
N LYS H 81 -55.11 -5.29 -17.65
CA LYS H 81 -55.40 -6.69 -17.34
C LYS H 81 -54.89 -7.55 -18.49
N GLN H 82 -53.77 -8.25 -18.25
CA GLN H 82 -53.18 -9.13 -19.24
C GLN H 82 -52.51 -10.28 -18.51
N ALA H 83 -52.46 -11.43 -19.16
CA ALA H 83 -51.92 -12.62 -18.53
C ALA H 83 -50.44 -12.42 -18.21
N LEU H 84 -50.01 -13.02 -17.09
CA LEU H 84 -48.60 -13.01 -16.76
C LEU H 84 -47.77 -13.64 -17.87
N TYR H 85 -48.35 -14.64 -18.57
CA TYR H 85 -47.69 -15.20 -19.74
C TYR H 85 -47.41 -14.12 -20.78
N THR H 86 -48.41 -13.29 -21.08
CA THR H 86 -48.21 -12.19 -22.01
C THR H 86 -47.05 -11.30 -21.56
N GLY H 87 -46.92 -11.12 -20.24
CA GLY H 87 -45.83 -10.30 -19.74
C GLY H 87 -44.46 -10.89 -20.06
N PHE H 88 -44.31 -12.19 -19.83
CA PHE H 88 -43.01 -12.83 -20.05
C PHE H 88 -42.60 -12.78 -21.52
N ILE H 89 -43.55 -13.04 -22.42
CA ILE H 89 -43.22 -13.00 -23.85
C ILE H 89 -42.76 -11.61 -24.24
N GLN H 90 -43.48 -10.58 -23.78
CA GLN H 90 -43.11 -9.21 -24.11
C GLN H 90 -41.72 -8.89 -23.59
N LEU H 91 -41.39 -9.37 -22.40
CA LEU H 91 -40.02 -9.21 -21.89
C LEU H 91 -39.04 -9.98 -22.76
N GLY H 92 -39.37 -11.22 -23.10
CA GLY H 92 -38.46 -12.03 -23.89
C GLY H 92 -38.16 -11.40 -25.24
N ALA H 93 -39.21 -10.96 -25.94
CA ALA H 93 -39.02 -10.33 -27.24
C ALA H 93 -38.24 -9.03 -27.09
N GLY H 94 -38.66 -8.17 -26.16
CA GLY H 94 -38.00 -6.88 -26.03
C GLY H 94 -36.55 -7.00 -25.62
N LEU H 95 -36.24 -7.98 -24.77
CA LEU H 95 -34.86 -8.19 -24.36
C LEU H 95 -34.03 -8.81 -25.47
N SER H 96 -34.63 -9.72 -26.25
CA SER H 96 -33.85 -10.45 -27.26
C SER H 96 -33.32 -9.50 -28.32
N VAL H 97 -34.18 -8.65 -28.88
CA VAL H 97 -33.73 -7.70 -29.88
C VAL H 97 -32.74 -6.72 -29.27
N GLY H 98 -32.90 -6.41 -27.98
CA GLY H 98 -32.01 -5.50 -27.31
C GLY H 98 -30.57 -5.95 -27.34
N LEU H 99 -30.28 -7.08 -26.69
CA LEU H 99 -28.90 -7.50 -26.55
C LEU H 99 -28.32 -8.01 -27.87
N SER H 100 -29.18 -8.48 -28.79
CA SER H 100 -28.68 -8.80 -30.12
C SER H 100 -28.15 -7.56 -30.81
N GLY H 101 -28.90 -6.45 -30.72
CA GLY H 101 -28.42 -5.21 -31.30
C GLY H 101 -27.14 -4.72 -30.65
N LEU H 102 -27.04 -4.87 -29.33
CA LEU H 102 -25.82 -4.47 -28.63
C LEU H 102 -24.62 -5.24 -29.15
N ALA H 103 -24.78 -6.54 -29.37
CA ALA H 103 -23.68 -7.33 -29.93
C ALA H 103 -23.34 -6.86 -31.33
N ALA H 104 -24.35 -6.63 -32.16
CA ALA H 104 -24.10 -6.12 -33.51
C ALA H 104 -23.45 -4.75 -33.46
N GLY H 105 -23.91 -3.88 -32.54
CA GLY H 105 -23.30 -2.58 -32.41
C GLY H 105 -21.81 -2.67 -32.11
N PHE H 106 -21.43 -3.59 -31.22
CA PHE H 106 -20.01 -3.77 -30.92
C PHE H 106 -19.24 -4.18 -32.16
N ALA H 107 -19.71 -5.21 -32.86
CA ALA H 107 -18.98 -5.70 -34.03
C ALA H 107 -18.88 -4.62 -35.10
N ILE H 108 -20.01 -4.00 -35.43
CA ILE H 108 -19.99 -2.98 -36.48
C ILE H 108 -19.13 -1.80 -36.08
N GLY H 109 -19.03 -1.52 -34.78
CA GLY H 109 -18.11 -0.48 -34.33
C GLY H 109 -16.66 -0.85 -34.58
N ILE H 110 -16.28 -2.08 -34.24
CA ILE H 110 -14.90 -2.51 -34.43
C ILE H 110 -14.55 -2.53 -35.92
N VAL H 111 -15.41 -3.15 -36.72
CA VAL H 111 -15.09 -3.34 -38.13
C VAL H 111 -15.08 -1.99 -38.86
N GLY H 112 -16.05 -1.14 -38.56
CA GLY H 112 -16.08 0.17 -39.20
C GLY H 112 -14.85 0.99 -38.89
N ASP H 113 -14.38 0.94 -37.65
CA ASP H 113 -13.18 1.69 -37.28
C ASP H 113 -11.98 1.23 -38.11
N ALA H 114 -11.71 -0.07 -38.11
CA ALA H 114 -10.56 -0.58 -38.85
C ALA H 114 -10.76 -0.43 -40.35
N GLY H 115 -11.96 -0.71 -40.85
CA GLY H 115 -12.19 -0.65 -42.29
C GLY H 115 -11.92 0.72 -42.87
N VAL H 116 -12.45 1.77 -42.22
CA VAL H 116 -12.26 3.13 -42.72
C VAL H 116 -10.79 3.50 -42.69
N ARG H 117 -10.10 3.15 -41.60
CA ARG H 117 -8.67 3.45 -41.52
C ARG H 117 -7.89 2.77 -42.63
N GLY H 118 -8.30 1.55 -43.01
CA GLY H 118 -7.67 0.89 -44.14
C GLY H 118 -8.14 1.41 -45.48
N SER H 119 -9.34 1.99 -45.54
CA SER H 119 -9.87 2.48 -46.81
C SER H 119 -8.95 3.50 -47.45
N SER H 120 -8.31 4.35 -46.63
CA SER H 120 -7.49 5.41 -47.20
C SER H 120 -6.31 4.85 -47.99
N GLN H 121 -5.69 3.78 -47.49
CA GLN H 121 -4.49 3.25 -48.12
C GLN H 121 -4.79 2.33 -49.31
N GLN H 122 -5.98 1.76 -49.38
CA GLN H 122 -6.29 0.71 -50.35
C GLN H 122 -7.70 0.89 -50.87
N PRO H 123 -7.87 1.48 -52.07
CA PRO H 123 -9.23 1.71 -52.58
C PRO H 123 -10.07 0.46 -52.70
N ARG H 124 -9.45 -0.70 -52.98
CA ARG H 124 -10.22 -1.93 -53.17
C ARG H 124 -10.73 -2.53 -51.88
N LEU H 125 -10.22 -2.08 -50.73
CA LEU H 125 -10.67 -2.61 -49.45
C LEU H 125 -12.12 -2.22 -49.14
N PHE H 126 -12.65 -1.19 -49.81
CA PHE H 126 -13.97 -0.69 -49.45
C PHE H 126 -15.03 -1.78 -49.59
N VAL H 127 -15.03 -2.51 -50.70
CA VAL H 127 -15.99 -3.59 -50.88
C VAL H 127 -15.76 -4.67 -49.83
N GLY H 128 -14.50 -4.93 -49.49
CA GLY H 128 -14.22 -5.97 -48.50
C GLY H 128 -14.86 -5.68 -47.16
N MET H 129 -14.71 -4.45 -46.68
CA MET H 129 -15.26 -4.12 -45.37
C MET H 129 -16.79 -4.17 -45.38
N ILE H 130 -17.42 -3.86 -46.51
CA ILE H 130 -18.88 -3.94 -46.59
C ILE H 130 -19.33 -5.37 -46.37
N LEU H 131 -18.64 -6.34 -46.99
CA LEU H 131 -18.99 -7.74 -46.78
C LEU H 131 -18.86 -8.12 -45.31
N ILE H 132 -17.76 -7.72 -44.67
CA ILE H 132 -17.58 -8.02 -43.25
C ILE H 132 -18.67 -7.32 -42.43
N LEU H 133 -18.97 -6.06 -42.77
CA LEU H 133 -19.99 -5.34 -42.04
C LEU H 133 -21.34 -6.03 -42.15
N ILE H 134 -21.67 -6.54 -43.33
CA ILE H 134 -22.94 -7.24 -43.50
C ILE H 134 -23.04 -8.40 -42.52
N PHE H 135 -21.97 -9.17 -42.39
CA PHE H 135 -21.96 -10.29 -41.44
C PHE H 135 -21.73 -9.83 -40.01
N ALA H 136 -21.77 -8.52 -39.76
CA ALA H 136 -22.02 -7.97 -38.44
C ALA H 136 -23.39 -7.32 -38.34
N GLU H 137 -23.89 -6.77 -39.44
CA GLU H 137 -25.24 -6.20 -39.45
C GLU H 137 -26.30 -7.28 -39.30
N VAL H 138 -26.14 -8.40 -40.02
CA VAL H 138 -27.19 -9.41 -40.06
C VAL H 138 -27.49 -9.98 -38.68
N LEU H 139 -26.52 -9.96 -37.77
CA LEU H 139 -26.80 -10.43 -36.41
C LEU H 139 -27.99 -9.69 -35.82
N GLY H 140 -28.08 -8.38 -36.07
CA GLY H 140 -29.23 -7.64 -35.60
C GLY H 140 -30.53 -8.15 -36.19
N LEU H 141 -30.51 -8.52 -37.46
CA LEU H 141 -31.74 -8.96 -38.11
C LEU H 141 -32.27 -10.24 -37.47
N TYR H 142 -31.39 -11.16 -37.08
CA TYR H 142 -31.85 -12.34 -36.35
C TYR H 142 -32.53 -11.92 -35.05
N GLY H 143 -31.96 -10.94 -34.35
CA GLY H 143 -32.60 -10.47 -33.13
C GLY H 143 -33.99 -9.93 -33.39
N LEU H 144 -34.21 -9.31 -34.55
CA LEU H 144 -35.54 -8.83 -34.90
C LEU H 144 -36.46 -10.01 -35.22
N ILE H 145 -35.98 -10.97 -36.01
CA ILE H 145 -36.85 -12.06 -36.46
C ILE H 145 -37.36 -12.84 -35.25
N VAL H 146 -36.48 -13.19 -34.32
CA VAL H 146 -36.89 -13.94 -33.14
C VAL H 146 -37.89 -13.12 -32.33
N ALA H 147 -37.59 -11.83 -32.11
CA ALA H 147 -38.47 -11.01 -31.30
C ALA H 147 -39.82 -10.82 -31.96
N LEU H 148 -39.84 -10.62 -33.27
CA LEU H 148 -41.10 -10.45 -33.98
C LEU H 148 -41.96 -11.71 -33.87
N LEU H 149 -41.36 -12.88 -34.03
CA LEU H 149 -42.12 -14.13 -33.90
C LEU H 149 -42.64 -14.32 -32.48
N LEU H 150 -41.81 -14.03 -31.47
CA LEU H 150 -42.28 -14.12 -30.09
C LEU H 150 -43.51 -13.26 -29.87
N ASN H 151 -43.48 -12.02 -30.38
CA ASN H 151 -44.59 -11.10 -30.15
C ASN H 151 -45.89 -11.64 -30.72
N SER H 152 -45.83 -12.39 -31.82
CA SER H 152 -47.05 -12.96 -32.38
C SER H 152 -47.68 -14.01 -31.47
N ARG H 153 -46.88 -14.62 -30.59
CA ARG H 153 -47.39 -15.56 -29.60
C ARG H 153 -47.81 -14.90 -28.30
N ALA H 154 -47.64 -13.58 -28.17
CA ALA H 154 -47.89 -12.91 -26.90
C ALA H 154 -49.37 -12.78 -26.59
N THR H 155 -50.25 -12.82 -27.59
CA THR H 155 -51.66 -12.54 -27.35
C THR H 155 -52.58 -13.61 -27.91
N GLN H 156 -52.17 -14.32 -28.95
CA GLN H 156 -53.03 -15.35 -29.52
C GLN H 156 -53.19 -16.52 -28.55
N ASP H 157 -54.41 -17.05 -28.47
CA ASP H 157 -54.78 -18.22 -27.68
C ASP H 157 -54.59 -17.96 -26.19
N VAL H 158 -54.34 -16.71 -25.81
CA VAL H 158 -54.23 -16.36 -24.40
C VAL H 158 -55.61 -16.30 -23.77
N VAL H 159 -55.69 -16.71 -22.50
CA VAL H 159 -56.92 -16.57 -21.74
C VAL H 159 -56.64 -15.74 -20.50
N MET I 1 -52.74 -22.65 -10.50
CA MET I 1 -53.38 -23.39 -11.62
C MET I 1 -53.34 -24.88 -11.34
N THR I 2 -52.17 -25.48 -11.56
CA THR I 2 -51.90 -26.84 -11.14
C THR I 2 -50.49 -26.90 -10.58
N GLU I 3 -50.28 -27.78 -9.60
CA GLU I 3 -48.99 -27.85 -8.93
C GLU I 3 -47.87 -28.11 -9.93
N LEU I 4 -48.13 -28.95 -10.93
CA LEU I 4 -47.15 -29.21 -11.98
C LEU I 4 -47.09 -28.11 -13.03
N CYS I 5 -48.04 -27.17 -13.02
CA CYS I 5 -48.09 -26.10 -14.02
C CYS I 5 -48.34 -24.75 -13.36
N PRO I 6 -47.36 -24.24 -12.62
CA PRO I 6 -47.51 -22.89 -12.05
C PRO I 6 -47.63 -21.85 -13.16
N VAL I 7 -48.31 -20.74 -12.83
CA VAL I 7 -48.49 -19.67 -13.81
C VAL I 7 -47.17 -19.05 -14.21
N TYR I 8 -46.13 -19.18 -13.39
CA TYR I 8 -44.82 -18.65 -13.74
C TYR I 8 -43.98 -19.63 -14.55
N ALA I 9 -44.52 -20.81 -14.89
CA ALA I 9 -43.75 -21.76 -15.68
C ALA I 9 -43.22 -21.18 -16.98
N PRO I 10 -44.00 -20.43 -17.76
CA PRO I 10 -43.48 -19.93 -19.05
C PRO I 10 -42.25 -19.05 -18.91
N PHE I 11 -41.99 -18.51 -17.72
CA PHE I 11 -40.84 -17.62 -17.56
C PHE I 11 -39.55 -18.30 -17.99
N PHE I 12 -39.30 -19.50 -17.48
CA PHE I 12 -38.08 -20.20 -17.85
C PHE I 12 -38.04 -20.52 -19.34
N GLY I 13 -39.19 -20.77 -19.95
CA GLY I 13 -39.25 -20.96 -21.38
C GLY I 13 -38.84 -19.72 -22.15
N ALA I 14 -39.43 -18.59 -21.80
CA ALA I 14 -39.16 -17.36 -22.54
C ALA I 14 -37.70 -16.95 -22.43
N ILE I 15 -37.14 -16.99 -21.22
CA ILE I 15 -35.75 -16.58 -21.05
C ILE I 15 -34.82 -17.58 -21.71
N GLY I 16 -35.17 -18.87 -21.67
CA GLY I 16 -34.41 -19.83 -22.46
C GLY I 16 -34.49 -19.54 -23.94
N CYS I 17 -35.67 -19.17 -24.44
CA CYS I 17 -35.81 -18.83 -25.85
C CYS I 17 -34.90 -17.67 -26.23
N ALA I 18 -34.94 -16.59 -25.47
CA ALA I 18 -34.10 -15.43 -25.77
C ALA I 18 -32.62 -15.75 -25.56
N SER I 19 -32.30 -16.57 -24.57
CA SER I 19 -30.90 -16.82 -24.24
C SER I 19 -30.15 -17.45 -25.42
N ALA I 20 -30.80 -18.37 -26.13
CA ALA I 20 -30.13 -19.05 -27.23
C ALA I 20 -29.62 -18.06 -28.27
N ILE I 21 -30.50 -17.19 -28.76
CA ILE I 21 -30.10 -16.27 -29.81
C ILE I 21 -29.13 -15.21 -29.29
N ILE I 22 -29.30 -14.78 -28.03
CA ILE I 22 -28.46 -13.71 -27.49
C ILE I 22 -27.01 -14.16 -27.45
N PHE I 23 -26.74 -15.26 -26.74
CA PHE I 23 -25.35 -15.65 -26.50
C PHE I 23 -24.68 -16.13 -27.77
N THR I 24 -25.40 -16.86 -28.63
CA THR I 24 -24.84 -17.22 -29.92
C THR I 24 -24.55 -15.98 -30.76
N SER I 25 -25.46 -15.00 -30.74
CA SER I 25 -25.22 -13.76 -31.47
C SER I 25 -24.02 -13.02 -30.91
N LEU I 26 -23.90 -12.95 -29.58
CA LEU I 26 -22.74 -12.29 -28.98
C LEU I 26 -21.46 -13.01 -29.34
N GLY I 27 -21.47 -14.35 -29.33
CA GLY I 27 -20.30 -15.09 -29.74
C GLY I 27 -19.95 -14.85 -31.20
N ALA I 28 -20.95 -14.88 -32.07
CA ALA I 28 -20.70 -14.64 -33.49
C ALA I 28 -20.16 -13.23 -33.72
N ALA I 29 -20.70 -12.24 -33.02
CA ALA I 29 -20.22 -10.88 -33.18
C ALA I 29 -18.74 -10.78 -32.87
N TYR I 30 -18.30 -11.39 -31.78
CA TYR I 30 -16.88 -11.37 -31.42
C TYR I 30 -16.04 -12.04 -32.50
N GLY I 31 -16.53 -13.16 -33.04
CA GLY I 31 -15.79 -13.81 -34.10
C GLY I 31 -15.60 -12.92 -35.32
N THR I 32 -16.67 -12.25 -35.74
CA THR I 32 -16.56 -11.33 -36.87
C THR I 32 -15.66 -10.15 -36.55
N ALA I 33 -15.76 -9.62 -35.33
CA ALA I 33 -15.05 -8.38 -34.99
C ALA I 33 -13.55 -8.56 -35.14
N LYS I 34 -12.98 -9.56 -34.48
CA LYS I 34 -11.53 -9.74 -34.54
C LYS I 34 -11.08 -10.22 -35.91
N SER I 35 -11.88 -11.08 -36.56
CA SER I 35 -11.55 -11.50 -37.92
C SER I 35 -11.54 -10.31 -38.87
N GLY I 36 -12.50 -9.40 -38.71
CA GLY I 36 -12.55 -8.23 -39.57
C GLY I 36 -11.32 -7.34 -39.41
N VAL I 37 -10.87 -7.17 -38.17
CA VAL I 37 -9.63 -6.42 -37.94
C VAL I 37 -8.47 -7.10 -38.65
N GLY I 38 -8.38 -8.43 -38.54
CA GLY I 38 -7.32 -9.14 -39.21
C GLY I 38 -7.37 -8.98 -40.72
N ILE I 39 -8.56 -9.11 -41.30
CA ILE I 39 -8.70 -8.99 -42.75
C ILE I 39 -8.29 -7.61 -43.21
N CYS I 40 -8.79 -6.56 -42.53
CA CYS I 40 -8.42 -5.21 -42.90
C CYS I 40 -6.93 -4.96 -42.70
N ALA I 41 -6.31 -5.66 -41.74
CA ALA I 41 -4.88 -5.49 -41.52
C ALA I 41 -4.07 -6.12 -42.65
N THR I 42 -4.55 -7.20 -43.24
CA THR I 42 -3.84 -7.89 -44.31
C THR I 42 -4.18 -7.33 -45.69
N CYS I 43 -5.47 -7.20 -45.99
CA CYS I 43 -5.90 -6.89 -47.34
C CYS I 43 -5.51 -5.50 -47.80
N VAL I 44 -5.08 -4.63 -46.90
CA VAL I 44 -4.61 -3.31 -47.32
C VAL I 44 -3.44 -3.46 -48.29
N LEU I 45 -2.54 -4.41 -48.01
CA LEU I 45 -1.41 -4.64 -48.89
C LEU I 45 -1.76 -5.58 -50.04
N ARG I 46 -2.72 -6.48 -49.84
CA ARG I 46 -3.03 -7.53 -50.81
C ARG I 46 -4.54 -7.67 -50.94
N PRO I 47 -5.16 -6.85 -51.78
CA PRO I 47 -6.61 -6.99 -52.00
C PRO I 47 -6.99 -8.26 -52.75
N ASP I 48 -6.02 -9.00 -53.30
CA ASP I 48 -6.34 -10.23 -54.03
C ASP I 48 -6.74 -11.36 -53.08
N LEU I 49 -6.24 -11.35 -51.85
CA LEU I 49 -6.58 -12.36 -50.86
C LEU I 49 -7.95 -12.14 -50.24
N LEU I 50 -8.62 -11.04 -50.58
CA LEU I 50 -9.87 -10.67 -49.94
C LEU I 50 -10.84 -11.85 -49.86
N PHE I 51 -11.21 -12.40 -51.00
CA PHE I 51 -12.24 -13.43 -51.06
C PHE I 51 -11.75 -14.80 -50.63
N LYS I 52 -10.47 -14.95 -50.30
CA LYS I 52 -9.95 -16.18 -49.70
C LYS I 52 -9.89 -16.10 -48.19
N ASN I 53 -9.38 -14.99 -47.65
CA ASN I 53 -9.29 -14.78 -46.20
C ASN I 53 -10.65 -14.51 -45.57
N ILE I 54 -11.74 -14.55 -46.33
CA ILE I 54 -13.06 -14.25 -45.78
C ILE I 54 -13.62 -15.39 -44.94
N VAL I 55 -13.10 -16.61 -45.12
CA VAL I 55 -13.73 -17.82 -44.57
C VAL I 55 -13.96 -17.69 -43.07
N PRO I 56 -13.01 -17.19 -42.29
CA PRO I 56 -13.25 -17.07 -40.83
C PRO I 56 -14.51 -16.30 -40.50
N VAL I 57 -14.84 -15.26 -41.28
CA VAL I 57 -16.07 -14.50 -41.00
C VAL I 57 -17.30 -15.39 -41.21
N ILE I 58 -17.31 -16.17 -42.29
CA ILE I 58 -18.43 -17.08 -42.51
C ILE I 58 -18.51 -18.10 -41.37
N MET I 59 -17.35 -18.65 -40.97
CA MET I 59 -17.35 -19.61 -39.88
C MET I 59 -17.90 -18.99 -38.59
N ALA I 60 -17.71 -17.68 -38.41
CA ALA I 60 -18.26 -17.01 -37.24
C ALA I 60 -19.75 -16.72 -37.42
N GLY I 61 -20.14 -16.21 -38.58
CA GLY I 61 -21.52 -15.83 -38.79
C GLY I 61 -22.49 -16.99 -38.72
N ILE I 62 -22.04 -18.18 -39.14
CA ILE I 62 -22.93 -19.34 -39.16
C ILE I 62 -23.27 -19.80 -37.75
N ILE I 63 -22.51 -19.40 -36.74
CA ILE I 63 -22.86 -19.76 -35.36
C ILE I 63 -24.26 -19.28 -35.03
N ALA I 64 -24.60 -18.06 -35.46
CA ALA I 64 -25.89 -17.50 -35.14
C ALA I 64 -27.04 -18.29 -35.76
N ILE I 65 -26.79 -19.00 -36.87
CA ILE I 65 -27.84 -19.84 -37.44
C ILE I 65 -28.27 -20.91 -36.44
N TYR I 66 -27.30 -21.54 -35.79
CA TYR I 66 -27.65 -22.49 -34.73
C TYR I 66 -28.51 -21.83 -33.67
N GLY I 67 -28.15 -20.63 -33.26
CA GLY I 67 -28.90 -19.90 -32.26
C GLY I 67 -30.33 -19.66 -32.69
N LEU I 68 -30.51 -19.15 -33.91
CA LEU I 68 -31.85 -18.86 -34.40
C LEU I 68 -32.69 -20.12 -34.51
N VAL I 69 -32.08 -21.22 -34.98
CA VAL I 69 -32.84 -22.46 -35.15
C VAL I 69 -33.39 -22.94 -33.81
N VAL I 70 -32.56 -22.93 -32.77
CA VAL I 70 -33.03 -23.32 -31.45
C VAL I 70 -34.14 -22.38 -30.98
N SER I 71 -33.91 -21.07 -31.13
CA SER I 71 -34.89 -20.10 -30.65
C SER I 71 -36.23 -20.26 -31.34
N VAL I 72 -36.22 -20.53 -32.64
CA VAL I 72 -37.48 -20.74 -33.36
C VAL I 72 -38.17 -22.01 -32.88
N LEU I 73 -37.40 -23.09 -32.69
CA LEU I 73 -38.01 -24.32 -32.19
C LEU I 73 -38.52 -24.15 -30.77
N VAL I 74 -37.77 -23.46 -29.92
CA VAL I 74 -38.23 -23.17 -28.57
C VAL I 74 -39.46 -22.27 -28.61
N CYS I 75 -39.41 -21.23 -29.45
CA CYS I 75 -40.50 -20.25 -29.49
C CYS I 75 -41.82 -20.92 -29.81
N TYR I 76 -41.83 -21.81 -30.80
CA TYR I 76 -43.07 -22.48 -31.18
C TYR I 76 -43.56 -23.47 -30.13
N SER I 77 -42.78 -23.72 -29.08
CA SER I 77 -43.19 -24.62 -28.02
C SER I 77 -43.81 -23.90 -26.83
N LEU I 78 -43.64 -22.59 -26.72
CA LEU I 78 -44.15 -21.86 -25.57
C LEU I 78 -45.67 -21.85 -25.55
N GLY I 79 -46.23 -21.88 -24.34
CA GLY I 79 -47.67 -21.86 -24.17
C GLY I 79 -48.02 -21.39 -22.78
N GLN I 80 -49.20 -20.78 -22.66
CA GLN I 80 -49.60 -20.20 -21.39
C GLN I 80 -49.68 -21.24 -20.28
N LYS I 81 -50.02 -22.48 -20.62
CA LYS I 81 -50.34 -23.51 -19.64
C LYS I 81 -49.32 -24.66 -19.64
N GLN I 82 -48.12 -24.42 -20.14
CA GLN I 82 -47.11 -25.46 -20.19
C GLN I 82 -46.65 -25.85 -18.79
N ALA I 83 -46.27 -27.11 -18.64
CA ALA I 83 -45.81 -27.62 -17.36
C ALA I 83 -44.47 -27.01 -16.98
N LEU I 84 -44.15 -27.05 -15.69
CA LEU I 84 -42.88 -26.53 -15.21
C LEU I 84 -41.72 -27.34 -15.77
N TYR I 85 -41.88 -28.67 -15.86
CA TYR I 85 -40.84 -29.51 -16.45
C TYR I 85 -40.46 -29.02 -17.83
N THR I 86 -41.46 -28.78 -18.69
CA THR I 86 -41.17 -28.22 -20.01
C THR I 86 -40.42 -26.90 -19.89
N GLY I 87 -40.73 -26.12 -18.86
CA GLY I 87 -40.05 -24.84 -18.69
C GLY I 87 -38.57 -25.00 -18.46
N PHE I 88 -38.18 -25.93 -17.58
CA PHE I 88 -36.76 -26.15 -17.32
C PHE I 88 -36.04 -26.65 -18.56
N ILE I 89 -36.66 -27.59 -19.28
CA ILE I 89 -36.00 -28.17 -20.44
C ILE I 89 -35.74 -27.11 -21.49
N GLN I 90 -36.71 -26.24 -21.74
CA GLN I 90 -36.48 -25.15 -22.69
C GLN I 90 -35.33 -24.26 -22.23
N LEU I 91 -35.26 -23.97 -20.94
CA LEU I 91 -34.13 -23.22 -20.43
C LEU I 91 -32.82 -23.97 -20.65
N GLY I 92 -32.83 -25.28 -20.45
CA GLY I 92 -31.63 -26.06 -20.72
C GLY I 92 -31.22 -25.99 -22.17
N ALA I 93 -32.19 -26.11 -23.07
CA ALA I 93 -31.89 -25.97 -24.50
C ALA I 93 -31.34 -24.60 -24.80
N GLY I 94 -31.94 -23.55 -24.23
CA GLY I 94 -31.47 -22.21 -24.49
C GLY I 94 -30.02 -22.00 -24.07
N LEU I 95 -29.69 -22.41 -22.86
CA LEU I 95 -28.34 -22.18 -22.36
C LEU I 95 -27.31 -23.05 -23.07
N SER I 96 -27.67 -24.30 -23.37
CA SER I 96 -26.67 -25.22 -23.92
C SER I 96 -26.14 -24.74 -25.26
N VAL I 97 -27.03 -24.36 -26.17
CA VAL I 97 -26.59 -23.81 -27.45
C VAL I 97 -26.00 -22.42 -27.24
N GLY I 98 -26.58 -21.65 -26.31
CA GLY I 98 -26.16 -20.28 -26.07
C GLY I 98 -24.69 -20.16 -25.72
N LEU I 99 -24.30 -20.72 -24.57
CA LEU I 99 -22.94 -20.54 -24.10
C LEU I 99 -21.94 -21.39 -24.87
N SER I 100 -22.36 -22.53 -25.41
CA SER I 100 -21.45 -23.32 -26.24
C SER I 100 -21.11 -22.57 -27.51
N GLY I 101 -22.12 -21.96 -28.15
CA GLY I 101 -21.84 -21.14 -29.32
C GLY I 101 -20.99 -19.93 -29.00
N LEU I 102 -21.19 -19.36 -27.80
CA LEU I 102 -20.33 -18.26 -27.36
C LEU I 102 -18.88 -18.73 -27.27
N ALA I 103 -18.66 -19.91 -26.70
CA ALA I 103 -17.30 -20.44 -26.62
C ALA I 103 -16.72 -20.68 -28.00
N ALA I 104 -17.53 -21.21 -28.92
CA ALA I 104 -17.04 -21.40 -30.29
C ALA I 104 -16.69 -20.07 -30.93
N GLY I 105 -17.53 -19.06 -30.77
CA GLY I 105 -17.22 -17.76 -31.34
C GLY I 105 -15.90 -17.21 -30.83
N PHE I 106 -15.64 -17.37 -29.54
CA PHE I 106 -14.36 -16.91 -28.98
C PHE I 106 -13.19 -17.60 -29.66
N ALA I 107 -13.26 -18.93 -29.80
CA ALA I 107 -12.18 -19.64 -30.46
C ALA I 107 -12.05 -19.23 -31.92
N ILE I 108 -13.18 -19.06 -32.61
CA ILE I 108 -13.14 -18.61 -33.99
C ILE I 108 -12.43 -17.26 -34.08
N GLY I 109 -12.75 -16.35 -33.16
CA GLY I 109 -12.17 -15.02 -33.21
C GLY I 109 -10.67 -15.02 -33.07
N ILE I 110 -10.15 -15.78 -32.10
CA ILE I 110 -8.71 -15.80 -31.88
C ILE I 110 -7.99 -16.40 -33.07
N VAL I 111 -8.47 -17.55 -33.55
CA VAL I 111 -7.76 -18.26 -34.60
C VAL I 111 -7.81 -17.48 -35.91
N GLY I 112 -8.96 -16.90 -36.23
CA GLY I 112 -9.07 -16.13 -37.47
C GLY I 112 -8.13 -14.93 -37.49
N ASP I 113 -7.98 -14.25 -36.35
CA ASP I 113 -7.06 -13.12 -36.28
C ASP I 113 -5.65 -13.56 -36.64
N ALA I 114 -5.16 -14.62 -36.00
CA ALA I 114 -3.83 -15.12 -36.34
C ALA I 114 -3.79 -15.62 -37.78
N GLY I 115 -4.84 -16.31 -38.22
CA GLY I 115 -4.75 -17.04 -39.48
C GLY I 115 -4.60 -16.14 -40.69
N VAL I 116 -5.46 -15.14 -40.82
CA VAL I 116 -5.42 -14.27 -41.99
C VAL I 116 -4.16 -13.43 -42.03
N ARG I 117 -3.41 -13.35 -40.93
CA ARG I 117 -2.12 -12.67 -40.95
C ARG I 117 -1.03 -13.60 -41.46
N GLY I 118 -0.93 -14.79 -40.88
CA GLY I 118 0.02 -15.78 -41.36
C GLY I 118 -0.26 -16.19 -42.79
N SER I 119 -1.52 -16.19 -43.20
CA SER I 119 -1.85 -16.49 -44.60
C SER I 119 -1.12 -15.55 -45.55
N SER I 120 -0.90 -14.30 -45.16
CA SER I 120 -0.23 -13.36 -46.04
C SER I 120 1.25 -13.70 -46.20
N GLN I 121 1.92 -14.07 -45.10
CA GLN I 121 3.35 -14.37 -45.17
C GLN I 121 3.62 -15.75 -45.75
N GLN I 122 2.69 -16.68 -45.62
CA GLN I 122 2.92 -18.08 -45.97
C GLN I 122 1.65 -18.67 -46.53
N PRO I 123 1.51 -18.74 -47.87
CA PRO I 123 0.26 -19.24 -48.45
C PRO I 123 -0.06 -20.68 -48.11
N ARG I 124 0.94 -21.50 -47.76
CA ARG I 124 0.68 -22.89 -47.40
C ARG I 124 -0.09 -23.01 -46.10
N LEU I 125 -0.10 -21.95 -45.28
CA LEU I 125 -0.80 -22.01 -44.00
C LEU I 125 -2.31 -22.07 -44.18
N PHE I 126 -2.83 -21.63 -45.33
CA PHE I 126 -4.26 -21.41 -45.45
C PHE I 126 -5.07 -22.67 -45.17
N VAL I 127 -4.68 -23.79 -45.77
CA VAL I 127 -5.42 -25.03 -45.55
C VAL I 127 -5.34 -25.42 -44.08
N GLY I 128 -4.18 -25.21 -43.46
CA GLY I 128 -4.06 -25.47 -42.04
C GLY I 128 -5.01 -24.62 -41.21
N MET I 129 -5.15 -23.35 -41.58
CA MET I 129 -6.07 -22.47 -40.87
C MET I 129 -7.48 -23.03 -40.87
N ILE I 130 -7.94 -23.52 -42.03
CA ILE I 130 -9.31 -24.01 -42.14
C ILE I 130 -9.53 -25.20 -41.20
N LEU I 131 -8.55 -26.11 -41.13
CA LEU I 131 -8.70 -27.27 -40.25
C LEU I 131 -8.85 -26.84 -38.80
N ILE I 132 -8.03 -25.89 -38.35
CA ILE I 132 -8.17 -25.39 -36.98
C ILE I 132 -9.55 -24.79 -36.79
N LEU I 133 -10.01 -24.00 -37.77
CA LEU I 133 -11.31 -23.37 -37.65
C LEU I 133 -12.42 -24.41 -37.57
N ILE I 134 -12.29 -25.49 -38.35
CA ILE I 134 -13.31 -26.54 -38.31
C ILE I 134 -13.39 -27.16 -36.93
N PHE I 135 -12.25 -27.41 -36.29
CA PHE I 135 -12.26 -27.97 -34.95
C PHE I 135 -12.83 -26.99 -33.93
N ALA I 136 -12.85 -25.69 -34.25
CA ALA I 136 -13.52 -24.72 -33.40
C ALA I 136 -14.99 -24.57 -33.77
N GLU I 137 -15.31 -24.68 -35.06
CA GLU I 137 -16.69 -24.58 -35.49
C GLU I 137 -17.54 -25.70 -34.89
N VAL I 138 -17.01 -26.92 -34.82
CA VAL I 138 -17.80 -28.05 -34.38
C VAL I 138 -18.30 -27.85 -32.95
N LEU I 139 -17.56 -27.11 -32.12
CA LEU I 139 -18.02 -26.89 -30.76
C LEU I 139 -19.38 -26.21 -30.73
N GLY I 140 -19.70 -25.42 -31.75
CA GLY I 140 -21.05 -24.90 -31.87
C GLY I 140 -22.05 -25.99 -32.17
N LEU I 141 -21.68 -26.92 -33.07
CA LEU I 141 -22.60 -27.97 -33.46
C LEU I 141 -22.93 -28.89 -32.28
N TYR I 142 -21.95 -29.16 -31.41
CA TYR I 142 -22.24 -29.95 -30.23
C TYR I 142 -23.35 -29.33 -29.41
N GLY I 143 -23.30 -28.02 -29.20
CA GLY I 143 -24.37 -27.35 -28.47
C GLY I 143 -25.72 -27.53 -29.12
N LEU I 144 -25.76 -27.46 -30.46
CA LEU I 144 -27.02 -27.58 -31.16
C LEU I 144 -27.66 -28.94 -30.94
N ILE I 145 -26.87 -30.00 -31.14
CA ILE I 145 -27.43 -31.36 -31.04
C ILE I 145 -27.91 -31.64 -29.62
N VAL I 146 -27.16 -31.17 -28.62
CA VAL I 146 -27.63 -31.31 -27.25
C VAL I 146 -28.95 -30.57 -27.06
N ALA I 147 -29.04 -29.34 -27.59
CA ALA I 147 -30.27 -28.56 -27.46
C ALA I 147 -31.42 -29.26 -28.17
N LEU I 148 -31.17 -29.83 -29.35
CA LEU I 148 -32.23 -30.52 -30.07
C LEU I 148 -32.73 -31.74 -29.29
N LEU I 149 -31.82 -32.48 -28.67
CA LEU I 149 -32.24 -33.63 -27.87
C LEU I 149 -33.11 -33.19 -26.71
N LEU I 150 -32.70 -32.13 -26.01
CA LEU I 150 -33.53 -31.61 -24.92
C LEU I 150 -34.89 -31.19 -25.42
N ASN I 151 -34.92 -30.37 -26.47
CA ASN I 151 -36.20 -29.86 -26.98
C ASN I 151 -37.08 -31.00 -27.49
N SER I 152 -36.48 -32.09 -27.96
CA SER I 152 -37.29 -33.23 -28.38
C SER I 152 -37.98 -33.88 -27.19
N ARG I 153 -37.27 -34.03 -26.06
CA ARG I 153 -37.86 -34.62 -24.87
C ARG I 153 -38.77 -33.66 -24.14
N ALA I 154 -38.78 -32.38 -24.51
CA ALA I 154 -39.45 -31.36 -23.70
C ALA I 154 -40.95 -31.57 -23.61
N THR I 155 -41.54 -32.39 -24.49
CA THR I 155 -42.99 -32.53 -24.50
C THR I 155 -43.48 -33.98 -24.59
N GLN I 156 -42.58 -34.96 -24.61
CA GLN I 156 -43.01 -36.35 -24.63
C GLN I 156 -43.56 -36.76 -23.27
N ASP I 157 -44.74 -37.36 -23.26
CA ASP I 157 -45.35 -37.92 -22.06
C ASP I 157 -45.47 -36.89 -20.93
N VAL I 158 -45.51 -35.61 -21.26
CA VAL I 158 -45.75 -34.57 -20.27
C VAL I 158 -47.24 -34.48 -20.00
N VAL I 159 -47.59 -34.28 -18.73
CA VAL I 159 -48.97 -34.07 -18.33
C VAL I 159 -49.15 -32.65 -17.81
N MET J 1 -46.86 -33.30 -5.08
CA MET J 1 -46.72 -34.72 -5.54
C MET J 1 -46.27 -35.59 -4.38
N THR J 2 -44.96 -35.61 -4.14
CA THR J 2 -44.39 -36.32 -3.00
C THR J 2 -43.14 -35.58 -2.55
N GLU J 3 -42.76 -35.84 -1.30
CA GLU J 3 -41.48 -35.32 -0.83
C GLU J 3 -40.33 -35.84 -1.70
N LEU J 4 -40.47 -37.06 -2.22
CA LEU J 4 -39.40 -37.66 -3.00
C LEU J 4 -39.29 -37.05 -4.39
N CYS J 5 -40.39 -36.58 -4.96
CA CYS J 5 -40.42 -36.05 -6.32
C CYS J 5 -41.10 -34.69 -6.35
N PRO J 6 -40.43 -33.66 -5.84
CA PRO J 6 -40.97 -32.31 -5.95
C PRO J 6 -41.10 -31.88 -7.41
N VAL J 7 -42.06 -30.98 -7.65
CA VAL J 7 -42.31 -30.53 -9.01
C VAL J 7 -41.10 -29.84 -9.61
N TYR J 8 -40.26 -29.23 -8.77
CA TYR J 8 -39.08 -28.52 -9.25
C TYR J 8 -37.86 -29.43 -9.42
N ALA J 9 -38.00 -30.73 -9.18
CA ALA J 9 -36.85 -31.61 -9.23
C ALA J 9 -36.10 -31.59 -10.55
N PRO J 10 -36.76 -31.64 -11.73
CA PRO J 10 -36.00 -31.75 -12.98
C PRO J 10 -35.05 -30.59 -13.22
N PHE J 11 -35.21 -29.48 -12.51
CA PHE J 11 -34.35 -28.32 -12.73
C PHE J 11 -32.88 -28.72 -12.64
N PHE J 12 -32.51 -29.45 -11.59
CA PHE J 12 -31.13 -29.85 -11.41
C PHE J 12 -30.67 -30.76 -12.54
N GLY J 13 -31.57 -31.58 -13.08
CA GLY J 13 -31.20 -32.41 -14.22
C GLY J 13 -30.90 -31.56 -15.45
N ALA J 14 -31.75 -30.56 -15.71
CA ALA J 14 -31.50 -29.68 -16.85
C ALA J 14 -30.19 -28.94 -16.71
N ILE J 15 -29.91 -28.43 -15.51
CA ILE J 15 -28.64 -27.73 -15.29
C ILE J 15 -27.47 -28.69 -15.43
N GLY J 16 -27.62 -29.91 -14.92
CA GLY J 16 -26.56 -30.89 -15.09
C GLY J 16 -26.29 -31.19 -16.56
N CYS J 17 -27.36 -31.41 -17.33
CA CYS J 17 -27.18 -31.67 -18.75
C CYS J 17 -26.54 -30.49 -19.46
N ALA J 18 -26.99 -29.28 -19.17
CA ALA J 18 -26.40 -28.11 -19.80
C ALA J 18 -24.95 -27.91 -19.36
N SER J 19 -24.69 -28.09 -18.05
CA SER J 19 -23.35 -27.85 -17.53
C SER J 19 -22.33 -28.78 -18.16
N ALA J 20 -22.73 -30.01 -18.49
CA ALA J 20 -21.78 -30.98 -19.03
C ALA J 20 -21.16 -30.46 -20.31
N ILE J 21 -21.97 -29.93 -21.22
CA ILE J 21 -21.46 -29.48 -22.51
C ILE J 21 -20.87 -28.08 -22.40
N ILE J 22 -21.46 -27.21 -21.56
CA ILE J 22 -21.04 -25.82 -21.53
C ILE J 22 -19.60 -25.71 -21.05
N PHE J 23 -19.28 -26.32 -19.91
CA PHE J 23 -17.95 -26.12 -19.33
C PHE J 23 -16.89 -26.90 -20.09
N THR J 24 -17.21 -28.09 -20.59
CA THR J 24 -16.26 -28.79 -21.46
C THR J 24 -16.05 -28.01 -22.76
N SER J 25 -17.11 -27.42 -23.31
CA SER J 25 -16.97 -26.64 -24.53
C SER J 25 -16.04 -25.45 -24.30
N LEU J 26 -16.21 -24.74 -23.18
CA LEU J 26 -15.31 -23.64 -22.87
C LEU J 26 -13.88 -24.14 -22.71
N GLY J 27 -13.71 -25.32 -22.11
CA GLY J 27 -12.38 -25.90 -22.02
C GLY J 27 -11.81 -26.23 -23.38
N ALA J 28 -12.61 -26.87 -24.25
CA ALA J 28 -12.13 -27.19 -25.58
C ALA J 28 -11.83 -25.94 -26.40
N ALA J 29 -12.65 -24.89 -26.23
CA ALA J 29 -12.40 -23.65 -26.97
C ALA J 29 -11.05 -23.05 -26.58
N TYR J 30 -10.79 -22.95 -25.28
CA TYR J 30 -9.51 -22.39 -24.84
C TYR J 30 -8.35 -23.25 -25.32
N GLY J 31 -8.48 -24.57 -25.23
CA GLY J 31 -7.43 -25.44 -25.72
C GLY J 31 -7.15 -25.24 -27.20
N THR J 32 -8.20 -25.01 -27.99
CA THR J 32 -8.01 -24.78 -29.41
C THR J 32 -7.39 -23.40 -29.66
N ALA J 33 -7.81 -22.39 -28.90
CA ALA J 33 -7.35 -21.04 -29.16
C ALA J 33 -5.84 -20.91 -28.94
N LYS J 34 -5.36 -21.33 -27.77
CA LYS J 34 -3.94 -21.17 -27.46
C LYS J 34 -3.08 -22.07 -28.34
N SER J 35 -3.56 -23.28 -28.64
CA SER J 35 -2.82 -24.15 -29.54
C SER J 35 -2.81 -23.60 -30.96
N GLY J 36 -3.93 -23.02 -31.40
CA GLY J 36 -3.99 -22.50 -32.75
C GLY J 36 -3.01 -21.36 -33.00
N VAL J 37 -2.89 -20.44 -32.03
CA VAL J 37 -1.93 -19.36 -32.17
C VAL J 37 -0.51 -19.94 -32.28
N GLY J 38 -0.20 -20.90 -31.43
CA GLY J 38 1.12 -21.52 -31.49
C GLY J 38 1.39 -22.17 -32.83
N ILE J 39 0.41 -22.88 -33.37
CA ILE J 39 0.58 -23.51 -34.68
C ILE J 39 0.83 -22.45 -35.74
N CYS J 40 0.02 -21.39 -35.74
CA CYS J 40 0.20 -20.34 -36.74
C CYS J 40 1.56 -19.68 -36.60
N ALA J 41 2.01 -19.42 -35.37
CA ALA J 41 3.26 -18.71 -35.17
C ALA J 41 4.48 -19.50 -35.61
N THR J 42 4.35 -20.81 -35.85
CA THR J 42 5.45 -21.64 -36.29
C THR J 42 5.34 -22.05 -37.75
N CYS J 43 4.16 -22.47 -38.19
CA CYS J 43 4.02 -22.99 -39.54
C CYS J 43 4.22 -21.91 -40.61
N VAL J 44 4.14 -20.63 -40.23
CA VAL J 44 4.50 -19.57 -41.17
C VAL J 44 5.92 -19.75 -41.64
N LEU J 45 6.79 -20.29 -40.79
CA LEU J 45 8.17 -20.59 -41.17
C LEU J 45 8.36 -22.03 -41.59
N ARG J 46 7.56 -22.96 -41.05
CA ARG J 46 7.77 -24.39 -41.21
C ARG J 46 6.49 -25.06 -41.70
N PRO J 47 6.12 -24.85 -42.95
CA PRO J 47 4.95 -25.58 -43.49
C PRO J 47 5.12 -27.09 -43.43
N ASP J 48 6.35 -27.60 -43.45
CA ASP J 48 6.56 -29.05 -43.43
C ASP J 48 6.10 -29.70 -42.14
N LEU J 49 5.95 -28.95 -41.05
CA LEU J 49 5.54 -29.48 -39.77
C LEU J 49 4.05 -29.26 -39.49
N LEU J 50 3.29 -28.75 -40.46
CA LEU J 50 1.91 -28.33 -40.20
C LEU J 50 1.05 -29.49 -39.71
N PHE J 51 1.03 -30.61 -40.43
CA PHE J 51 0.20 -31.73 -40.04
C PHE J 51 0.75 -32.49 -38.84
N LYS J 52 1.97 -32.19 -38.41
CA LYS J 52 2.52 -32.80 -37.21
C LYS J 52 2.23 -31.97 -35.97
N ASN J 53 2.27 -30.64 -36.09
CA ASN J 53 2.03 -29.76 -34.96
C ASN J 53 0.56 -29.63 -34.61
N ILE J 54 -0.34 -30.15 -35.43
CA ILE J 54 -1.78 -30.00 -35.20
C ILE J 54 -2.30 -30.86 -34.06
N VAL J 55 -1.50 -31.79 -33.54
CA VAL J 55 -1.96 -32.80 -32.60
C VAL J 55 -2.63 -32.18 -31.38
N PRO J 56 -2.05 -31.15 -30.76
CA PRO J 56 -2.69 -30.61 -29.54
C PRO J 56 -4.12 -30.19 -29.75
N VAL J 57 -4.47 -29.70 -30.94
CA VAL J 57 -5.82 -29.21 -31.19
C VAL J 57 -6.81 -30.37 -31.19
N ILE J 58 -6.47 -31.48 -31.86
CA ILE J 58 -7.39 -32.61 -31.89
C ILE J 58 -7.55 -33.20 -30.50
N MET J 59 -6.51 -33.16 -29.67
CA MET J 59 -6.63 -33.60 -28.29
C MET J 59 -7.36 -32.60 -27.42
N ALA J 60 -7.43 -31.34 -27.85
CA ALA J 60 -8.36 -30.40 -27.20
C ALA J 60 -9.79 -30.67 -27.63
N GLY J 61 -10.00 -31.05 -28.89
CA GLY J 61 -11.34 -31.30 -29.37
C GLY J 61 -12.02 -32.45 -28.66
N ILE J 62 -11.27 -33.52 -28.36
CA ILE J 62 -11.89 -34.70 -27.77
C ILE J 62 -12.42 -34.43 -26.38
N ILE J 63 -11.95 -33.37 -25.71
CA ILE J 63 -12.51 -33.03 -24.40
C ILE J 63 -14.00 -32.77 -24.53
N ALA J 64 -14.41 -32.09 -25.60
CA ALA J 64 -15.83 -31.85 -25.81
C ALA J 64 -16.60 -33.14 -26.03
N ILE J 65 -15.96 -34.17 -26.57
CA ILE J 65 -16.65 -35.46 -26.73
C ILE J 65 -16.97 -36.05 -25.36
N TYR J 66 -16.07 -35.89 -24.39
CA TYR J 66 -16.40 -36.29 -23.04
C TYR J 66 -17.65 -35.57 -22.54
N GLY J 67 -17.74 -34.26 -22.80
CA GLY J 67 -18.95 -33.54 -22.44
C GLY J 67 -20.17 -34.08 -23.15
N LEU J 68 -20.06 -34.29 -24.47
CA LEU J 68 -21.21 -34.72 -25.24
C LEU J 68 -21.70 -36.09 -24.79
N VAL J 69 -20.78 -37.04 -24.58
CA VAL J 69 -21.21 -38.40 -24.29
C VAL J 69 -21.91 -38.46 -22.93
N VAL J 70 -21.48 -37.63 -21.97
CA VAL J 70 -22.24 -37.50 -20.74
C VAL J 70 -23.54 -36.77 -20.98
N SER J 71 -23.49 -35.69 -21.78
CA SER J 71 -24.67 -34.84 -21.93
C SER J 71 -25.84 -35.60 -22.54
N VAL J 72 -25.58 -36.40 -23.57
CA VAL J 72 -26.65 -37.21 -24.15
C VAL J 72 -27.12 -38.25 -23.15
N LEU J 73 -26.20 -38.90 -22.45
CA LEU J 73 -26.57 -39.91 -21.47
C LEU J 73 -27.35 -39.31 -20.31
N VAL J 74 -27.01 -38.08 -19.91
CA VAL J 74 -27.77 -37.40 -18.86
C VAL J 74 -29.04 -36.78 -19.41
N CYS J 75 -29.09 -36.45 -20.71
CA CYS J 75 -30.32 -35.93 -21.27
C CYS J 75 -31.41 -36.99 -21.24
N TYR J 76 -31.07 -38.23 -21.58
CA TYR J 76 -31.97 -39.34 -21.32
C TYR J 76 -32.07 -39.59 -19.82
N SER J 77 -33.19 -40.17 -19.41
CA SER J 77 -33.53 -40.41 -18.01
C SER J 77 -33.91 -39.12 -17.28
N LEU J 78 -34.13 -38.02 -17.99
CA LEU J 78 -34.88 -36.91 -17.44
C LEU J 78 -36.36 -37.22 -17.51
N GLY J 79 -37.13 -36.59 -16.63
CA GLY J 79 -38.56 -36.82 -16.61
C GLY J 79 -39.26 -35.82 -15.72
N GLN J 80 -40.54 -35.62 -16.04
CA GLN J 80 -41.37 -34.68 -15.29
C GLN J 80 -41.53 -35.06 -13.83
N LYS J 81 -41.39 -36.35 -13.50
CA LYS J 81 -41.65 -36.83 -12.15
C LYS J 81 -40.44 -37.56 -11.56
N GLN J 82 -39.22 -37.19 -11.98
CA GLN J 82 -38.03 -37.79 -11.42
C GLN J 82 -37.83 -37.35 -9.98
N ALA J 83 -37.22 -38.23 -9.19
CA ALA J 83 -36.97 -37.93 -7.79
C ALA J 83 -35.91 -36.84 -7.64
N LEU J 84 -36.03 -36.08 -6.55
CA LEU J 84 -35.03 -35.05 -6.28
C LEU J 84 -33.66 -35.65 -6.11
N TYR J 85 -33.56 -36.85 -5.54
CA TYR J 85 -32.28 -37.54 -5.46
C TYR J 85 -31.67 -37.69 -6.85
N THR J 86 -32.46 -38.20 -7.80
CA THR J 86 -31.97 -38.29 -9.17
C THR J 86 -31.51 -36.94 -9.68
N GLY J 87 -32.22 -35.88 -9.30
CA GLY J 87 -31.82 -34.54 -9.73
C GLY J 87 -30.43 -34.18 -9.27
N PHE J 88 -30.13 -34.42 -7.99
CA PHE J 88 -28.81 -34.07 -7.47
C PHE J 88 -27.71 -34.86 -8.16
N ILE J 89 -27.94 -36.14 -8.42
CA ILE J 89 -26.92 -36.95 -9.07
C ILE J 89 -26.63 -36.42 -10.46
N GLN J 90 -27.68 -36.10 -11.22
CA GLN J 90 -27.46 -35.60 -12.58
C GLN J 90 -26.74 -34.27 -12.56
N LEU J 91 -27.00 -33.42 -11.57
CA LEU J 91 -26.20 -32.22 -11.39
C LEU J 91 -24.74 -32.59 -11.10
N GLY J 92 -24.53 -33.58 -10.22
CA GLY J 92 -23.17 -33.98 -9.90
C GLY J 92 -22.40 -34.44 -11.12
N ALA J 93 -23.02 -35.27 -11.95
CA ALA J 93 -22.37 -35.73 -13.17
C ALA J 93 -22.04 -34.56 -14.08
N GLY J 94 -22.99 -33.65 -14.27
CA GLY J 94 -22.75 -32.52 -15.15
C GLY J 94 -21.57 -31.67 -14.70
N LEU J 95 -21.56 -31.31 -13.43
CA LEU J 95 -20.44 -30.54 -12.90
C LEU J 95 -19.14 -31.32 -12.97
N SER J 96 -19.20 -32.62 -12.67
CA SER J 96 -17.97 -33.41 -12.55
C SER J 96 -17.21 -33.44 -13.87
N VAL J 97 -17.88 -33.84 -14.95
CA VAL J 97 -17.23 -33.84 -16.25
C VAL J 97 -17.02 -32.42 -16.74
N GLY J 98 -17.95 -31.52 -16.44
CA GLY J 98 -17.87 -30.16 -16.91
C GLY J 98 -16.60 -29.44 -16.51
N LEU J 99 -16.43 -29.21 -15.21
CA LEU J 99 -15.30 -28.42 -14.76
C LEU J 99 -13.98 -29.19 -14.87
N SER J 100 -14.01 -30.51 -14.75
CA SER J 100 -12.79 -31.28 -14.96
C SER J 100 -12.30 -31.12 -16.40
N GLY J 101 -13.23 -31.12 -17.36
CA GLY J 101 -12.84 -30.86 -18.74
C GLY J 101 -12.29 -29.46 -18.92
N LEU J 102 -12.88 -28.48 -18.26
CA LEU J 102 -12.36 -27.12 -18.32
C LEU J 102 -10.90 -27.09 -17.85
N ALA J 103 -10.58 -27.82 -16.79
CA ALA J 103 -9.20 -27.89 -16.32
C ALA J 103 -8.30 -28.48 -17.40
N ALA J 104 -8.72 -29.59 -18.00
CA ALA J 104 -7.93 -30.20 -19.06
C ALA J 104 -7.74 -29.24 -20.23
N GLY J 105 -8.77 -28.44 -20.53
CA GLY J 105 -8.65 -27.50 -21.63
C GLY J 105 -7.53 -26.48 -21.40
N PHE J 106 -7.47 -25.92 -20.19
CA PHE J 106 -6.42 -24.95 -19.90
C PHE J 106 -5.04 -25.59 -20.01
N ALA J 107 -4.88 -26.81 -19.50
CA ALA J 107 -3.57 -27.45 -19.53
C ALA J 107 -3.13 -27.73 -20.97
N ILE J 108 -4.00 -28.37 -21.75
CA ILE J 108 -3.65 -28.69 -23.13
C ILE J 108 -3.38 -27.42 -23.92
N GLY J 109 -4.13 -26.35 -23.64
CA GLY J 109 -3.88 -25.09 -24.29
C GLY J 109 -2.51 -24.53 -24.00
N ILE J 110 -2.17 -24.41 -22.71
CA ILE J 110 -0.90 -23.80 -22.34
C ILE J 110 0.26 -24.67 -22.77
N VAL J 111 0.16 -25.99 -22.56
CA VAL J 111 1.24 -26.88 -22.97
C VAL J 111 1.36 -26.90 -24.49
N GLY J 112 0.24 -26.91 -25.20
CA GLY J 112 0.29 -26.96 -26.65
C GLY J 112 1.04 -25.77 -27.23
N ASP J 113 0.76 -24.57 -26.72
CA ASP J 113 1.45 -23.37 -27.19
C ASP J 113 2.95 -23.52 -27.05
N ALA J 114 3.43 -23.71 -25.82
CA ALA J 114 4.87 -23.78 -25.59
C ALA J 114 5.49 -24.98 -26.31
N GLY J 115 4.79 -26.11 -26.30
CA GLY J 115 5.36 -27.30 -26.90
C GLY J 115 5.56 -27.16 -28.41
N VAL J 116 4.52 -26.72 -29.12
CA VAL J 116 4.64 -26.54 -30.56
C VAL J 116 5.67 -25.46 -30.86
N ARG J 117 5.63 -24.35 -30.12
CA ARG J 117 6.59 -23.29 -30.34
C ARG J 117 8.01 -23.80 -30.17
N GLY J 118 8.23 -24.68 -29.19
CA GLY J 118 9.55 -25.27 -29.04
C GLY J 118 9.86 -26.29 -30.11
N SER J 119 8.85 -27.02 -30.58
CA SER J 119 9.11 -28.06 -31.59
C SER J 119 9.79 -27.50 -32.82
N SER J 120 9.55 -26.23 -33.15
CA SER J 120 10.22 -25.63 -34.30
C SER J 120 11.72 -25.64 -34.13
N GLN J 121 12.20 -25.30 -32.94
CA GLN J 121 13.64 -25.19 -32.70
C GLN J 121 14.30 -26.56 -32.57
N GLN J 122 13.64 -27.49 -31.89
CA GLN J 122 14.27 -28.74 -31.46
C GLN J 122 13.43 -29.92 -31.94
N PRO J 123 13.77 -30.56 -33.05
CA PRO J 123 12.90 -31.60 -33.61
C PRO J 123 12.72 -32.81 -32.71
N ARG J 124 13.62 -33.05 -31.75
CA ARG J 124 13.45 -34.18 -30.84
C ARG J 124 12.40 -33.91 -29.77
N LEU J 125 11.96 -32.65 -29.64
CA LEU J 125 11.06 -32.30 -28.54
C LEU J 125 9.66 -32.86 -28.75
N PHE J 126 9.25 -33.10 -29.99
CA PHE J 126 7.86 -33.47 -30.24
C PHE J 126 7.50 -34.79 -29.55
N VAL J 127 8.39 -35.78 -29.63
CA VAL J 127 8.07 -37.08 -29.03
C VAL J 127 7.85 -36.93 -27.54
N GLY J 128 8.62 -36.06 -26.88
CA GLY J 128 8.39 -35.81 -25.47
C GLY J 128 7.13 -35.02 -25.21
N MET J 129 6.85 -34.01 -26.05
CA MET J 129 5.73 -33.12 -25.79
C MET J 129 4.42 -33.88 -25.68
N ILE J 130 4.27 -34.95 -26.46
CA ILE J 130 3.01 -35.71 -26.43
C ILE J 130 2.78 -36.32 -25.06
N LEU J 131 3.84 -36.72 -24.37
CA LEU J 131 3.66 -37.26 -23.02
C LEU J 131 3.04 -36.23 -22.10
N ILE J 132 3.46 -34.96 -22.21
CA ILE J 132 2.87 -33.93 -21.36
C ILE J 132 1.38 -33.79 -21.67
N LEU J 133 1.01 -33.89 -22.94
CA LEU J 133 -0.39 -33.80 -23.32
C LEU J 133 -1.21 -34.96 -22.75
N ILE J 134 -0.70 -36.19 -22.89
CA ILE J 134 -1.46 -37.35 -22.46
C ILE J 134 -1.69 -37.32 -20.96
N PHE J 135 -0.72 -36.83 -20.20
CA PHE J 135 -0.91 -36.71 -18.76
C PHE J 135 -1.86 -35.58 -18.40
N ALA J 136 -2.09 -34.64 -19.31
CA ALA J 136 -3.18 -33.67 -19.16
C ALA J 136 -4.47 -34.19 -19.77
N GLU J 137 -4.37 -35.01 -20.80
CA GLU J 137 -5.56 -35.58 -21.43
C GLU J 137 -6.42 -36.32 -20.41
N VAL J 138 -5.79 -37.14 -19.57
CA VAL J 138 -6.55 -38.03 -18.70
C VAL J 138 -7.39 -37.29 -17.67
N LEU J 139 -7.05 -36.03 -17.37
CA LEU J 139 -7.88 -35.29 -16.42
C LEU J 139 -9.30 -35.16 -16.93
N GLY J 140 -9.50 -35.10 -18.25
CA GLY J 140 -10.83 -35.24 -18.80
C GLY J 140 -11.39 -36.64 -18.57
N LEU J 141 -10.55 -37.66 -18.77
CA LEU J 141 -11.02 -39.02 -18.63
C LEU J 141 -11.48 -39.31 -17.20
N TYR J 142 -10.73 -38.81 -16.21
CA TYR J 142 -11.17 -38.98 -14.83
C TYR J 142 -12.53 -38.32 -14.61
N GLY J 143 -12.71 -37.11 -15.12
CA GLY J 143 -14.01 -36.46 -15.01
C GLY J 143 -15.10 -37.29 -15.66
N LEU J 144 -14.82 -37.85 -16.83
CA LEU J 144 -15.79 -38.72 -17.48
C LEU J 144 -16.10 -39.93 -16.62
N ILE J 145 -15.07 -40.60 -16.09
CA ILE J 145 -15.29 -41.84 -15.37
C ILE J 145 -16.13 -41.61 -14.13
N VAL J 146 -15.81 -40.57 -13.37
CA VAL J 146 -16.62 -40.25 -12.18
C VAL J 146 -18.05 -39.97 -12.61
N ALA J 147 -18.23 -39.20 -13.69
CA ALA J 147 -19.57 -38.86 -14.14
C ALA J 147 -20.38 -40.11 -14.48
N LEU J 148 -19.77 -41.05 -15.21
CA LEU J 148 -20.49 -42.27 -15.57
C LEU J 148 -20.75 -43.15 -14.36
N LEU J 149 -19.82 -43.20 -13.41
CA LEU J 149 -20.08 -43.96 -12.18
C LEU J 149 -21.24 -43.35 -11.40
N LEU J 150 -21.29 -42.02 -11.32
CA LEU J 150 -22.42 -41.36 -10.67
C LEU J 150 -23.72 -41.69 -11.38
N ASN J 151 -23.73 -41.63 -12.71
CA ASN J 151 -24.98 -41.72 -13.46
C ASN J 151 -25.68 -43.04 -13.22
N SER J 152 -24.92 -44.13 -13.14
CA SER J 152 -25.53 -45.43 -12.92
C SER J 152 -26.24 -45.50 -11.57
N ARG J 153 -25.81 -44.68 -10.61
CA ARG J 153 -26.51 -44.57 -9.33
C ARG J 153 -27.78 -43.75 -9.44
N ALA J 154 -27.92 -42.93 -10.48
CA ALA J 154 -28.98 -41.93 -10.51
C ALA J 154 -30.38 -42.54 -10.52
N THR J 155 -30.54 -43.75 -11.05
CA THR J 155 -31.84 -44.41 -11.06
C THR J 155 -31.73 -45.87 -10.65
N GLN J 156 -30.72 -46.22 -9.84
CA GLN J 156 -30.42 -47.61 -9.59
C GLN J 156 -31.49 -48.29 -8.75
N ASP J 157 -31.94 -47.63 -7.67
CA ASP J 157 -32.90 -48.23 -6.76
C ASP J 157 -33.97 -47.25 -6.32
N VAL J 158 -34.25 -46.22 -7.12
CA VAL J 158 -35.08 -45.10 -6.66
C VAL J 158 -36.54 -45.49 -6.60
N VAL J 159 -37.29 -44.84 -5.72
CA VAL J 159 -38.74 -44.96 -5.64
C VAL J 159 -39.33 -43.57 -5.54
N MET K 1 -40.47 -36.74 5.86
CA MET K 1 -40.20 -38.20 5.95
C MET K 1 -39.62 -38.53 7.32
N THR K 2 -38.32 -38.27 7.49
CA THR K 2 -37.66 -38.39 8.77
C THR K 2 -36.78 -37.16 8.96
N GLU K 3 -36.86 -36.57 10.15
CA GLU K 3 -36.07 -35.36 10.41
C GLU K 3 -34.58 -35.63 10.26
N LEU K 4 -34.14 -36.85 10.56
CA LEU K 4 -32.74 -37.23 10.37
C LEU K 4 -32.38 -37.46 8.92
N CYS K 5 -33.37 -37.59 8.02
CA CYS K 5 -33.12 -37.90 6.62
C CYS K 5 -33.98 -37.02 5.72
N PRO K 6 -33.71 -35.71 5.71
CA PRO K 6 -34.41 -34.84 4.75
C PRO K 6 -34.14 -35.27 3.33
N VAL K 7 -35.13 -35.05 2.46
CA VAL K 7 -35.00 -35.45 1.06
C VAL K 7 -33.88 -34.70 0.37
N TYR K 8 -33.44 -33.56 0.91
CA TYR K 8 -32.32 -32.83 0.33
C TYR K 8 -30.96 -33.28 0.86
N ALA K 9 -30.91 -34.30 1.69
CA ALA K 9 -29.62 -34.75 2.22
C ALA K 9 -28.65 -35.18 1.14
N PRO K 10 -29.02 -35.98 0.14
CA PRO K 10 -28.03 -36.42 -0.86
C PRO K 10 -27.35 -35.28 -1.59
N PHE K 11 -27.91 -34.08 -1.60
CA PHE K 11 -27.29 -32.97 -2.29
C PHE K 11 -25.85 -32.78 -1.82
N PHE K 12 -25.63 -32.81 -0.51
CA PHE K 12 -24.29 -32.65 0.01
C PHE K 12 -23.39 -33.82 -0.38
N GLY K 13 -23.97 -35.02 -0.50
CA GLY K 13 -23.18 -36.14 -1.00
C GLY K 13 -22.71 -35.94 -2.42
N ALA K 14 -23.62 -35.49 -3.29
CA ALA K 14 -23.26 -35.28 -4.69
C ALA K 14 -22.18 -34.22 -4.83
N ILE K 15 -22.36 -33.09 -4.15
CA ILE K 15 -21.36 -32.03 -4.21
C ILE K 15 -20.05 -32.51 -3.59
N GLY K 16 -20.12 -33.35 -2.56
CA GLY K 16 -18.91 -33.95 -2.03
C GLY K 16 -18.17 -34.78 -3.07
N CYS K 17 -18.91 -35.62 -3.79
CA CYS K 17 -18.31 -36.44 -4.84
C CYS K 17 -17.72 -35.58 -5.95
N ALA K 18 -18.47 -34.57 -6.40
CA ALA K 18 -18.01 -33.75 -7.51
C ALA K 18 -16.81 -32.90 -7.12
N SER K 19 -16.86 -32.26 -5.95
CA SER K 19 -15.78 -31.38 -5.53
C SER K 19 -14.48 -32.15 -5.37
N ALA K 20 -14.56 -33.42 -4.97
CA ALA K 20 -13.34 -34.20 -4.76
C ALA K 20 -12.51 -34.29 -6.03
N ILE K 21 -13.16 -34.55 -7.16
CA ILE K 21 -12.44 -34.68 -8.41
C ILE K 21 -12.23 -33.33 -9.11
N ILE K 22 -13.17 -32.40 -8.95
CA ILE K 22 -13.08 -31.12 -9.65
C ILE K 22 -11.85 -30.35 -9.20
N PHE K 23 -11.69 -30.20 -7.88
CA PHE K 23 -10.62 -29.34 -7.37
C PHE K 23 -9.26 -30.02 -7.49
N THR K 24 -9.22 -31.34 -7.31
CA THR K 24 -7.99 -32.06 -7.62
C THR K 24 -7.64 -31.95 -9.10
N SER K 25 -8.66 -31.93 -9.96
CA SER K 25 -8.41 -31.75 -11.38
C SER K 25 -7.84 -30.38 -11.68
N LEU K 26 -8.36 -29.34 -11.03
CA LEU K 26 -7.79 -28.01 -11.20
C LEU K 26 -6.34 -27.98 -10.74
N GLY K 27 -6.05 -28.60 -9.59
CA GLY K 27 -4.68 -28.63 -9.12
C GLY K 27 -3.76 -29.40 -10.03
N ALA K 28 -4.19 -30.58 -10.46
CA ALA K 28 -3.36 -31.39 -11.35
C ALA K 28 -3.15 -30.70 -12.69
N ALA K 29 -4.19 -30.05 -13.22
CA ALA K 29 -4.04 -29.34 -14.48
C ALA K 29 -3.01 -28.23 -14.36
N TYR K 30 -3.15 -27.37 -13.35
CA TYR K 30 -2.20 -26.29 -13.18
C TYR K 30 -0.80 -26.83 -12.92
N GLY K 31 -0.68 -27.87 -12.09
CA GLY K 31 0.63 -28.45 -11.84
C GLY K 31 1.30 -28.91 -13.13
N THR K 32 0.52 -29.53 -14.02
CA THR K 32 1.07 -29.95 -15.30
C THR K 32 1.35 -28.75 -16.21
N ALA K 33 0.40 -27.82 -16.29
CA ALA K 33 0.56 -26.69 -17.19
C ALA K 33 1.79 -25.86 -16.83
N LYS K 34 1.95 -25.55 -15.54
CA LYS K 34 3.12 -24.78 -15.13
C LYS K 34 4.40 -25.58 -15.36
N SER K 35 4.35 -26.90 -15.14
CA SER K 35 5.53 -27.72 -15.34
C SER K 35 5.88 -27.87 -16.82
N GLY K 36 4.86 -28.05 -17.66
CA GLY K 36 5.12 -28.33 -19.06
C GLY K 36 5.94 -27.24 -19.73
N VAL K 37 5.61 -25.98 -19.45
CA VAL K 37 6.38 -24.88 -20.02
C VAL K 37 7.84 -25.00 -19.61
N GLY K 38 8.09 -25.36 -18.35
CA GLY K 38 9.46 -25.52 -17.89
C GLY K 38 10.21 -26.59 -18.67
N ILE K 39 9.59 -27.75 -18.86
CA ILE K 39 10.25 -28.84 -19.57
C ILE K 39 10.58 -28.42 -20.99
N CYS K 40 9.61 -27.82 -21.69
CA CYS K 40 9.83 -27.43 -23.07
C CYS K 40 10.91 -26.37 -23.18
N ALA K 41 10.99 -25.46 -22.21
CA ALA K 41 12.04 -24.45 -22.23
C ALA K 41 13.42 -25.10 -22.05
N THR K 42 13.53 -26.10 -21.19
CA THR K 42 14.80 -26.78 -20.96
C THR K 42 15.17 -27.70 -22.11
N CYS K 43 14.22 -28.52 -22.56
CA CYS K 43 14.54 -29.61 -23.48
C CYS K 43 14.98 -29.13 -24.85
N VAL K 44 14.79 -27.86 -25.18
CA VAL K 44 15.27 -27.35 -26.47
C VAL K 44 16.78 -27.50 -26.57
N LEU K 45 17.50 -27.06 -25.54
CA LEU K 45 18.95 -27.14 -25.53
C LEU K 45 19.47 -28.45 -24.96
N ARG K 46 18.75 -29.06 -24.01
CA ARG K 46 19.20 -30.27 -23.33
C ARG K 46 18.19 -31.39 -23.54
N PRO K 47 18.04 -31.86 -24.78
CA PRO K 47 17.00 -32.87 -25.05
C PRO K 47 17.23 -34.19 -24.34
N ASP K 48 18.47 -34.58 -24.08
CA ASP K 48 18.71 -35.88 -23.46
C ASP K 48 18.14 -35.98 -22.07
N LEU K 49 17.92 -34.85 -21.39
CA LEU K 49 17.39 -34.85 -20.04
C LEU K 49 15.87 -34.99 -20.00
N LEU K 50 15.23 -35.10 -21.17
CA LEU K 50 13.77 -35.15 -21.22
C LEU K 50 13.19 -36.25 -20.34
N PHE K 51 13.68 -37.47 -20.49
CA PHE K 51 13.04 -38.61 -19.85
C PHE K 51 13.08 -38.55 -18.33
N LYS K 52 13.98 -37.75 -17.75
CA LYS K 52 13.99 -37.54 -16.31
C LYS K 52 13.45 -36.18 -15.91
N ASN K 53 13.15 -35.30 -16.87
CA ASN K 53 12.49 -34.03 -16.57
C ASN K 53 10.99 -34.16 -16.45
N ILE K 54 10.40 -35.28 -16.86
CA ILE K 54 8.94 -35.47 -16.77
C ILE K 54 8.47 -35.85 -15.39
N VAL K 55 9.38 -36.10 -14.44
CA VAL K 55 9.02 -36.58 -13.12
C VAL K 55 7.97 -35.66 -12.49
N PRO K 56 8.15 -34.34 -12.53
CA PRO K 56 7.13 -33.46 -11.94
C PRO K 56 5.73 -33.69 -12.52
N VAL K 57 5.64 -33.98 -13.82
CA VAL K 57 4.33 -34.23 -14.40
C VAL K 57 3.74 -35.53 -13.85
N ILE K 58 4.57 -36.56 -13.67
CA ILE K 58 4.08 -37.80 -13.09
C ILE K 58 3.51 -37.54 -11.70
N MET K 59 4.18 -36.71 -10.90
CA MET K 59 3.67 -36.39 -9.58
C MET K 59 2.40 -35.55 -9.66
N ALA K 60 2.37 -34.58 -10.57
CA ALA K 60 1.15 -33.81 -10.75
C ALA K 60 -0.01 -34.70 -11.17
N GLY K 61 0.26 -35.74 -11.95
CA GLY K 61 -0.78 -36.69 -12.29
C GLY K 61 -1.28 -37.46 -11.09
N ILE K 62 -0.38 -37.84 -10.19
CA ILE K 62 -0.76 -38.63 -9.03
C ILE K 62 -1.81 -37.90 -8.19
N ILE K 63 -1.65 -36.58 -8.05
CA ILE K 63 -2.58 -35.82 -7.21
C ILE K 63 -4.00 -36.03 -7.69
N ALA K 64 -4.20 -36.19 -8.99
CA ALA K 64 -5.55 -36.44 -9.50
C ALA K 64 -6.09 -37.78 -9.03
N ILE K 65 -5.22 -38.80 -8.91
CA ILE K 65 -5.68 -40.11 -8.48
C ILE K 65 -6.25 -40.04 -7.07
N TYR K 66 -5.66 -39.21 -6.21
CA TYR K 66 -6.21 -39.05 -4.87
C TYR K 66 -7.67 -38.61 -4.93
N GLY K 67 -7.97 -37.64 -5.81
CA GLY K 67 -9.35 -37.24 -5.96
C GLY K 67 -10.25 -38.36 -6.42
N LEU K 68 -9.78 -39.14 -7.41
CA LEU K 68 -10.62 -40.15 -8.02
C LEU K 68 -11.04 -41.21 -7.01
N VAL K 69 -10.09 -41.71 -6.21
CA VAL K 69 -10.42 -42.80 -5.29
C VAL K 69 -11.42 -42.34 -4.25
N VAL K 70 -11.33 -41.09 -3.80
CA VAL K 70 -12.32 -40.57 -2.88
C VAL K 70 -13.69 -40.51 -3.57
N SER K 71 -13.73 -39.96 -4.78
CA SER K 71 -14.98 -39.87 -5.50
C SER K 71 -15.60 -41.25 -5.70
N VAL K 72 -14.77 -42.24 -6.02
CA VAL K 72 -15.28 -43.60 -6.18
C VAL K 72 -15.87 -44.10 -4.86
N LEU K 73 -15.17 -43.87 -3.75
CA LEU K 73 -15.69 -44.30 -2.45
C LEU K 73 -17.00 -43.59 -2.12
N VAL K 74 -17.09 -42.30 -2.42
CA VAL K 74 -18.30 -41.56 -2.11
C VAL K 74 -19.48 -42.07 -2.93
N CYS K 75 -19.30 -42.20 -4.23
CA CYS K 75 -20.42 -42.53 -5.10
C CYS K 75 -20.95 -43.94 -4.83
N TYR K 76 -20.08 -44.85 -4.39
CA TYR K 76 -20.54 -46.15 -3.92
C TYR K 76 -21.25 -46.08 -2.57
N SER K 77 -21.43 -44.87 -2.02
CA SER K 77 -22.05 -44.69 -0.71
C SER K 77 -23.24 -43.75 -0.75
N LEU K 78 -23.68 -43.33 -1.94
CA LEU K 78 -24.84 -42.46 -2.03
C LEU K 78 -26.12 -43.27 -2.09
N GLY K 79 -27.21 -42.64 -1.67
CA GLY K 79 -28.50 -43.30 -1.68
C GLY K 79 -29.61 -42.29 -1.46
N GLN K 80 -30.81 -42.69 -1.90
CA GLN K 80 -31.93 -41.77 -1.87
C GLN K 80 -32.33 -41.36 -0.46
N LYS K 81 -32.10 -42.23 0.52
CA LYS K 81 -32.59 -42.01 1.88
C LYS K 81 -31.46 -42.03 2.90
N GLN K 82 -30.26 -41.62 2.50
CA GLN K 82 -29.16 -41.52 3.44
C GLN K 82 -29.40 -40.37 4.41
N ALA K 83 -28.89 -40.54 5.63
CA ALA K 83 -29.11 -39.54 6.67
C ALA K 83 -28.37 -38.25 6.34
N LEU K 84 -28.82 -37.17 6.98
CA LEU K 84 -28.19 -35.87 6.78
C LEU K 84 -26.76 -35.86 7.31
N TYR K 85 -26.50 -36.55 8.41
CA TYR K 85 -25.14 -36.66 8.92
C TYR K 85 -24.22 -37.27 7.88
N THR K 86 -24.67 -38.35 7.21
CA THR K 86 -23.87 -38.93 6.14
C THR K 86 -23.63 -37.93 5.03
N GLY K 87 -24.62 -37.08 4.75
CA GLY K 87 -24.43 -36.08 3.71
C GLY K 87 -23.31 -35.11 4.02
N PHE K 88 -23.30 -34.57 5.25
CA PHE K 88 -22.25 -33.64 5.63
C PHE K 88 -20.88 -34.31 5.64
N ILE K 89 -20.82 -35.54 6.14
CA ILE K 89 -19.54 -36.24 6.20
C ILE K 89 -18.95 -36.39 4.81
N GLN K 90 -19.78 -36.81 3.85
CA GLN K 90 -19.29 -36.95 2.48
C GLN K 90 -18.85 -35.62 1.91
N LEU K 91 -19.57 -34.54 2.23
CA LEU K 91 -19.11 -33.22 1.84
C LEU K 91 -17.76 -32.90 2.48
N GLY K 92 -17.60 -33.22 3.76
CA GLY K 92 -16.33 -33.00 4.41
C GLY K 92 -15.20 -33.74 3.73
N ALA K 93 -15.43 -35.01 3.39
CA ALA K 93 -14.43 -35.78 2.67
C ALA K 93 -14.16 -35.17 1.30
N GLY K 94 -15.21 -34.75 0.60
CA GLY K 94 -15.02 -34.22 -0.74
C GLY K 94 -14.17 -32.96 -0.74
N LEU K 95 -14.48 -32.02 0.14
CA LEU K 95 -13.70 -30.79 0.20
C LEU K 95 -12.30 -31.04 0.72
N SER K 96 -12.16 -31.95 1.68
CA SER K 96 -10.87 -32.15 2.34
C SER K 96 -9.80 -32.59 1.34
N VAL K 97 -10.08 -33.66 0.59
CA VAL K 97 -9.14 -34.09 -0.44
C VAL K 97 -9.09 -33.08 -1.58
N GLY K 98 -10.23 -32.46 -1.90
CA GLY K 98 -10.30 -31.54 -3.01
C GLY K 98 -9.38 -30.35 -2.90
N LEU K 99 -9.63 -29.48 -1.92
CA LEU K 99 -8.86 -28.25 -1.82
C LEU K 99 -7.42 -28.52 -1.38
N SER K 100 -7.21 -29.57 -0.58
CA SER K 100 -5.83 -29.94 -0.24
C SER K 100 -5.08 -30.40 -1.48
N GLY K 101 -5.75 -31.14 -2.36
CA GLY K 101 -5.12 -31.50 -3.62
C GLY K 101 -4.79 -30.29 -4.47
N LEU K 102 -5.69 -29.30 -4.49
CA LEU K 102 -5.43 -28.07 -5.24
C LEU K 102 -4.16 -27.40 -4.74
N ALA K 103 -3.98 -27.32 -3.42
CA ALA K 103 -2.79 -26.70 -2.87
C ALA K 103 -1.53 -27.46 -3.30
N ALA K 104 -1.57 -28.79 -3.23
CA ALA K 104 -0.41 -29.58 -3.60
C ALA K 104 -0.05 -29.37 -5.07
N GLY K 105 -1.05 -29.43 -5.96
CA GLY K 105 -0.76 -29.22 -7.36
C GLY K 105 -0.14 -27.86 -7.63
N PHE K 106 -0.63 -26.84 -6.94
CA PHE K 106 -0.06 -25.50 -7.10
C PHE K 106 1.42 -25.50 -6.77
N ALA K 107 1.80 -26.13 -5.65
CA ALA K 107 3.21 -26.19 -5.29
C ALA K 107 4.01 -27.01 -6.29
N ILE K 108 3.47 -28.14 -6.74
CA ILE K 108 4.19 -28.96 -7.71
C ILE K 108 4.48 -28.15 -8.97
N GLY K 109 3.50 -27.36 -9.42
CA GLY K 109 3.72 -26.52 -10.59
C GLY K 109 4.81 -25.49 -10.36
N ILE K 110 4.73 -24.77 -9.25
CA ILE K 110 5.70 -23.70 -8.99
C ILE K 110 7.10 -24.26 -8.86
N VAL K 111 7.27 -25.34 -8.09
CA VAL K 111 8.60 -25.89 -7.88
C VAL K 111 9.10 -26.58 -9.14
N GLY K 112 8.24 -27.36 -9.81
CA GLY K 112 8.68 -28.08 -10.99
C GLY K 112 9.19 -27.16 -12.08
N ASP K 113 8.60 -25.98 -12.22
CA ASP K 113 9.10 -25.01 -13.19
C ASP K 113 10.54 -24.63 -12.88
N ALA K 114 10.77 -24.05 -11.70
CA ALA K 114 12.10 -23.59 -11.35
C ALA K 114 13.10 -24.74 -11.32
N GLY K 115 12.69 -25.89 -10.77
CA GLY K 115 13.61 -27.01 -10.66
C GLY K 115 14.09 -27.53 -12.01
N VAL K 116 13.14 -27.76 -12.93
CA VAL K 116 13.51 -28.32 -14.23
C VAL K 116 14.37 -27.33 -15.01
N ARG K 117 14.10 -26.03 -14.89
CA ARG K 117 14.96 -25.04 -15.54
C ARG K 117 16.35 -25.04 -14.91
N GLY K 118 16.41 -24.99 -13.59
CA GLY K 118 17.71 -24.99 -12.92
C GLY K 118 18.49 -26.27 -13.17
N SER K 119 17.81 -27.41 -13.18
CA SER K 119 18.49 -28.68 -13.39
C SER K 119 19.09 -28.81 -14.78
N SER K 120 18.71 -27.94 -15.72
CA SER K 120 19.34 -27.94 -17.03
C SER K 120 20.81 -27.58 -16.92
N GLN K 121 21.14 -26.61 -16.06
CA GLN K 121 22.51 -26.13 -15.94
C GLN K 121 23.30 -26.98 -14.95
N GLN K 122 22.72 -27.26 -13.79
CA GLN K 122 23.44 -27.90 -12.69
C GLN K 122 22.89 -29.30 -12.46
N PRO K 123 23.57 -30.35 -12.93
CA PRO K 123 23.02 -31.71 -12.77
C PRO K 123 22.89 -32.14 -11.32
N ARG K 124 23.66 -31.58 -10.39
CA ARG K 124 23.54 -32.00 -8.99
C ARG K 124 22.27 -31.48 -8.34
N LEU K 125 21.54 -30.58 -9.00
CA LEU K 125 20.28 -30.08 -8.44
C LEU K 125 19.18 -31.13 -8.48
N PHE K 126 19.22 -32.05 -9.46
CA PHE K 126 18.09 -32.94 -9.68
C PHE K 126 17.76 -33.74 -8.43
N VAL K 127 18.75 -34.43 -7.86
CA VAL K 127 18.49 -35.28 -6.72
C VAL K 127 18.01 -34.46 -5.53
N GLY K 128 18.25 -33.15 -5.53
CA GLY K 128 17.71 -32.29 -4.51
C GLY K 128 16.30 -31.84 -4.83
N MET K 129 16.03 -31.55 -6.11
CA MET K 129 14.72 -31.09 -6.51
C MET K 129 13.63 -32.07 -6.10
N ILE K 130 13.90 -33.38 -6.25
CA ILE K 130 12.86 -34.37 -5.98
C ILE K 130 12.40 -34.29 -4.53
N LEU K 131 13.33 -34.03 -3.61
CA LEU K 131 12.94 -33.93 -2.21
C LEU K 131 11.96 -32.80 -1.98
N ILE K 132 12.16 -31.66 -2.63
CA ILE K 132 11.22 -30.54 -2.48
C ILE K 132 9.85 -30.94 -3.01
N LEU K 133 9.81 -31.62 -4.15
CA LEU K 133 8.52 -32.03 -4.72
C LEU K 133 7.78 -33.00 -3.80
N ILE K 134 8.50 -33.93 -3.19
CA ILE K 134 7.85 -34.90 -2.31
C ILE K 134 7.14 -34.19 -1.17
N PHE K 135 7.75 -33.14 -0.63
CA PHE K 135 7.09 -32.35 0.40
C PHE K 135 5.93 -31.53 -0.14
N ALA K 136 5.78 -31.45 -1.46
CA ALA K 136 4.55 -30.93 -2.06
C ALA K 136 3.55 -32.04 -2.34
N GLU K 137 4.04 -33.19 -2.82
CA GLU K 137 3.16 -34.33 -3.04
C GLU K 137 2.49 -34.79 -1.75
N VAL K 138 3.24 -34.79 -0.64
CA VAL K 138 2.69 -35.29 0.61
C VAL K 138 1.50 -34.46 1.07
N LEU K 139 1.46 -33.18 0.68
CA LEU K 139 0.30 -32.37 1.05
C LEU K 139 -0.98 -32.89 0.43
N GLY K 140 -0.91 -33.52 -0.74
CA GLY K 140 -2.07 -34.23 -1.27
C GLY K 140 -2.41 -35.45 -0.44
N LEU K 141 -1.40 -36.21 -0.03
CA LEU K 141 -1.64 -37.45 0.70
C LEU K 141 -2.27 -37.17 2.07
N TYR K 142 -1.82 -36.11 2.75
CA TYR K 142 -2.45 -35.76 4.01
C TYR K 142 -3.95 -35.52 3.82
N GLY K 143 -4.31 -34.77 2.79
CA GLY K 143 -5.72 -34.55 2.52
C GLY K 143 -6.48 -35.84 2.30
N LEU K 144 -5.88 -36.77 1.55
CA LEU K 144 -6.50 -38.06 1.32
C LEU K 144 -6.68 -38.82 2.63
N ILE K 145 -5.66 -38.81 3.49
CA ILE K 145 -5.73 -39.58 4.73
C ILE K 145 -6.88 -39.08 5.60
N VAL K 146 -7.07 -37.76 5.67
CA VAL K 146 -8.21 -37.23 6.38
C VAL K 146 -9.50 -37.67 5.70
N ALA K 147 -9.54 -37.56 4.37
CA ALA K 147 -10.77 -37.88 3.64
C ALA K 147 -11.19 -39.32 3.87
N LEU K 148 -10.22 -40.25 3.88
CA LEU K 148 -10.54 -41.64 4.14
C LEU K 148 -11.09 -41.85 5.54
N LEU K 149 -10.51 -41.16 6.54
CA LEU K 149 -11.00 -41.32 7.90
C LEU K 149 -12.45 -40.84 8.03
N LEU K 150 -12.78 -39.72 7.39
CA LEU K 150 -14.17 -39.26 7.39
C LEU K 150 -15.10 -40.32 6.81
N ASN K 151 -14.73 -40.87 5.65
CA ASN K 151 -15.60 -41.83 4.98
C ASN K 151 -15.83 -43.06 5.85
N SER K 152 -14.81 -43.49 6.60
CA SER K 152 -14.98 -44.64 7.47
C SER K 152 -16.07 -44.40 8.51
N ARG K 153 -16.30 -43.14 8.88
CA ARG K 153 -17.34 -42.77 9.84
C ARG K 153 -18.64 -42.34 9.16
N ALA K 154 -18.71 -42.39 7.82
CA ALA K 154 -19.86 -41.86 7.12
C ALA K 154 -21.11 -42.72 7.32
N THR K 155 -20.97 -43.99 7.68
CA THR K 155 -22.11 -44.89 7.81
C THR K 155 -22.17 -45.64 9.13
N GLN K 156 -21.07 -45.77 9.86
CA GLN K 156 -21.08 -46.49 11.12
C GLN K 156 -22.08 -45.87 12.09
N ASP K 157 -22.90 -46.72 12.70
CA ASP K 157 -23.84 -46.34 13.75
C ASP K 157 -24.87 -45.30 13.28
N VAL K 158 -25.04 -45.15 11.98
CA VAL K 158 -26.06 -44.24 11.46
C VAL K 158 -27.42 -44.92 11.50
N VAL K 159 -28.44 -44.16 11.88
CA VAL K 159 -29.81 -44.65 11.91
C VAL K 159 -30.71 -43.63 11.22
N MET L 1 -33.77 -34.42 17.38
CA MET L 1 -35.05 -33.90 17.93
C MET L 1 -34.78 -32.93 19.07
N THR L 2 -33.97 -33.35 20.04
CA THR L 2 -33.66 -32.52 21.18
C THR L 2 -33.18 -31.15 20.74
N GLU L 3 -33.74 -30.11 21.34
CA GLU L 3 -33.44 -28.75 20.89
C GLU L 3 -31.95 -28.44 20.99
N LEU L 4 -31.28 -29.03 21.99
CA LEU L 4 -29.83 -28.86 22.12
C LEU L 4 -29.05 -29.64 21.07
N CYS L 5 -29.70 -30.53 20.33
CA CYS L 5 -29.04 -31.39 19.35
C CYS L 5 -29.79 -31.39 18.03
N PRO L 6 -29.77 -30.26 17.31
CA PRO L 6 -30.47 -30.21 16.02
C PRO L 6 -29.88 -31.21 15.04
N VAL L 7 -30.72 -31.62 14.08
CA VAL L 7 -30.29 -32.59 13.07
C VAL L 7 -29.13 -32.04 12.26
N TYR L 8 -29.06 -30.72 12.08
CA TYR L 8 -28.02 -30.10 11.27
C TYR L 8 -26.72 -29.87 12.04
N ALA L 9 -26.66 -30.23 13.31
CA ALA L 9 -25.49 -29.89 14.12
C ALA L 9 -24.17 -30.43 13.55
N PRO L 10 -24.09 -31.66 13.06
CA PRO L 10 -22.78 -32.19 12.64
C PRO L 10 -22.14 -31.39 11.52
N PHE L 11 -22.90 -30.56 10.80
CA PHE L 11 -22.35 -29.80 9.69
C PHE L 11 -21.13 -28.99 10.14
N PHE L 12 -21.26 -28.28 11.26
CA PHE L 12 -20.14 -27.47 11.73
C PHE L 12 -18.95 -28.33 12.12
N GLY L 13 -19.19 -29.53 12.66
CA GLY L 13 -18.09 -30.42 12.94
C GLY L 13 -17.36 -30.83 11.67
N ALA L 14 -18.10 -31.17 10.63
CA ALA L 14 -17.48 -31.56 9.36
C ALA L 14 -16.67 -30.43 8.77
N ILE L 15 -17.23 -29.22 8.77
CA ILE L 15 -16.49 -28.07 8.23
C ILE L 15 -15.27 -27.78 9.07
N GLY L 16 -15.39 -27.90 10.39
CA GLY L 16 -14.23 -27.73 11.24
C GLY L 16 -13.14 -28.74 10.92
N CYS L 17 -13.53 -30.01 10.74
CA CYS L 17 -12.57 -31.04 10.41
C CYS L 17 -11.89 -30.76 9.07
N ALA L 18 -12.66 -30.34 8.07
CA ALA L 18 -12.08 -30.03 6.78
C ALA L 18 -11.17 -28.81 6.86
N SER L 19 -11.67 -27.72 7.45
CA SER L 19 -10.90 -26.48 7.48
C SER L 19 -9.57 -26.65 8.19
N ALA L 20 -9.47 -27.59 9.12
CA ALA L 20 -8.22 -27.79 9.85
C ALA L 20 -7.10 -28.19 8.90
N ILE L 21 -7.39 -29.10 7.98
CA ILE L 21 -6.36 -29.56 7.06
C ILE L 21 -6.25 -28.67 5.82
N ILE L 22 -7.35 -28.06 5.38
CA ILE L 22 -7.33 -27.26 4.17
C ILE L 22 -6.40 -26.05 4.35
N PHE L 23 -6.74 -25.18 5.30
CA PHE L 23 -6.00 -23.93 5.42
C PHE L 23 -4.57 -24.16 5.86
N THR L 24 -4.32 -25.18 6.67
CA THR L 24 -2.94 -25.53 6.99
C THR L 24 -2.21 -26.08 5.78
N SER L 25 -2.86 -26.96 5.02
CA SER L 25 -2.24 -27.48 3.81
C SER L 25 -2.02 -26.37 2.79
N LEU L 26 -3.00 -25.49 2.62
CA LEU L 26 -2.84 -24.37 1.71
C LEU L 26 -1.70 -23.46 2.17
N GLY L 27 -1.59 -23.23 3.48
CA GLY L 27 -0.48 -22.43 3.99
C GLY L 27 0.86 -23.10 3.77
N ALA L 28 0.93 -24.41 3.99
CA ALA L 28 2.19 -25.13 3.78
C ALA L 28 2.62 -25.05 2.32
N ALA L 29 1.67 -25.18 1.40
CA ALA L 29 2.03 -25.16 -0.02
C ALA L 29 2.69 -23.84 -0.40
N TYR L 30 2.15 -22.73 0.09
CA TYR L 30 2.78 -21.44 -0.17
C TYR L 30 4.20 -21.40 0.38
N GLY L 31 4.41 -22.01 1.54
CA GLY L 31 5.74 -22.07 2.13
C GLY L 31 6.73 -22.80 1.26
N THR L 32 6.39 -24.02 0.85
CA THR L 32 7.29 -24.80 0.00
C THR L 32 7.42 -24.19 -1.38
N ALA L 33 6.37 -23.53 -1.88
CA ALA L 33 6.44 -22.92 -3.21
C ALA L 33 7.46 -21.79 -3.23
N LYS L 34 7.28 -20.79 -2.36
CA LYS L 34 8.23 -19.68 -2.33
C LYS L 34 9.62 -20.15 -1.92
N SER L 35 9.69 -21.09 -0.97
CA SER L 35 11.00 -21.60 -0.56
C SER L 35 11.69 -22.33 -1.71
N GLY L 36 10.94 -23.15 -2.45
CA GLY L 36 11.54 -23.89 -3.54
C GLY L 36 12.09 -22.98 -4.62
N VAL L 37 11.35 -21.93 -4.96
CA VAL L 37 11.86 -20.96 -5.94
C VAL L 37 13.15 -20.35 -5.46
N GLY L 38 13.31 -20.19 -4.14
CA GLY L 38 14.56 -19.66 -3.61
C GLY L 38 15.71 -20.64 -3.75
N ILE L 39 15.49 -21.91 -3.38
CA ILE L 39 16.56 -22.89 -3.40
C ILE L 39 17.06 -23.09 -4.84
N CYS L 40 16.13 -23.26 -5.78
CA CYS L 40 16.52 -23.53 -7.16
C CYS L 40 17.22 -22.35 -7.82
N ALA L 41 17.17 -21.16 -7.19
CA ALA L 41 17.83 -19.99 -7.78
C ALA L 41 19.32 -19.97 -7.47
N THR L 42 19.70 -20.38 -6.26
CA THR L 42 21.09 -20.31 -5.82
C THR L 42 21.85 -21.61 -6.09
N CYS L 43 21.21 -22.76 -5.92
CA CYS L 43 21.93 -24.03 -5.94
C CYS L 43 22.51 -24.37 -7.30
N VAL L 44 22.09 -23.69 -8.37
CA VAL L 44 22.69 -23.94 -9.68
C VAL L 44 24.16 -23.54 -9.65
N LEU L 45 24.47 -22.40 -9.03
CA LEU L 45 25.85 -21.97 -8.89
C LEU L 45 26.53 -22.63 -7.69
N ARG L 46 25.79 -22.87 -6.61
CA ARG L 46 26.33 -23.40 -5.37
C ARG L 46 25.55 -24.65 -4.97
N PRO L 47 25.74 -25.75 -5.70
CA PRO L 47 25.05 -27.00 -5.34
C PRO L 47 25.53 -27.62 -4.04
N ASP L 48 26.64 -27.13 -3.47
CA ASP L 48 27.06 -27.62 -2.16
C ASP L 48 26.12 -27.15 -1.06
N LEU L 49 25.50 -25.98 -1.23
CA LEU L 49 24.61 -25.41 -0.23
C LEU L 49 23.26 -26.10 -0.14
N LEU L 50 22.97 -27.04 -1.06
CA LEU L 50 21.65 -27.62 -1.14
C LEU L 50 21.14 -28.13 0.21
N PHE L 51 21.85 -29.10 0.78
CA PHE L 51 21.34 -29.78 1.98
C PHE L 51 21.36 -28.89 3.22
N LYS L 52 21.99 -27.72 3.16
CA LYS L 52 21.87 -26.74 4.23
C LYS L 52 20.70 -25.79 4.01
N ASN L 53 20.42 -25.45 2.75
CA ASN L 53 19.34 -24.53 2.43
C ASN L 53 17.97 -25.20 2.43
N ILE L 54 17.91 -26.52 2.61
CA ILE L 54 16.62 -27.22 2.58
C ILE L 54 15.77 -26.96 3.80
N VAL L 55 16.36 -26.44 4.88
CA VAL L 55 15.67 -26.37 6.17
C VAL L 55 14.33 -25.67 6.07
N PRO L 56 14.23 -24.52 5.38
CA PRO L 56 12.95 -23.80 5.38
C PRO L 56 11.79 -24.63 4.85
N VAL L 57 12.01 -25.45 3.83
CA VAL L 57 10.93 -26.27 3.31
C VAL L 57 10.62 -27.42 4.26
N ILE L 58 11.60 -27.88 5.02
CA ILE L 58 11.30 -28.86 6.07
C ILE L 58 10.33 -28.26 7.07
N MET L 59 10.63 -27.06 7.56
CA MET L 59 9.75 -26.42 8.53
C MET L 59 8.39 -26.10 7.93
N ALA L 60 8.37 -25.60 6.69
CA ALA L 60 7.09 -25.35 6.03
C ALA L 60 6.28 -26.61 5.90
N GLY L 61 6.94 -27.77 5.77
CA GLY L 61 6.22 -29.03 5.71
C GLY L 61 5.59 -29.44 7.03
N ILE L 62 6.08 -28.89 8.15
CA ILE L 62 5.54 -29.25 9.45
C ILE L 62 4.11 -28.72 9.61
N ILE L 63 3.85 -27.52 9.09
CA ILE L 63 2.59 -26.85 9.39
C ILE L 63 1.41 -27.76 9.06
N ALA L 64 1.50 -28.49 7.95
CA ALA L 64 0.41 -29.37 7.57
C ALA L 64 0.16 -30.44 8.63
N ILE L 65 1.19 -30.85 9.36
CA ILE L 65 1.01 -31.85 10.40
C ILE L 65 0.12 -31.32 11.51
N TYR L 66 0.31 -30.05 11.90
CA TYR L 66 -0.59 -29.46 12.89
C TYR L 66 -2.03 -29.55 12.42
N GLY L 67 -2.27 -29.29 11.14
CA GLY L 67 -3.60 -29.46 10.58
C GLY L 67 -4.07 -30.89 10.65
N LEU L 68 -3.19 -31.82 10.26
CA LEU L 68 -3.57 -33.24 10.25
C LEU L 68 -3.94 -33.70 11.65
N VAL L 69 -3.15 -33.32 12.66
CA VAL L 69 -3.41 -33.77 14.02
C VAL L 69 -4.78 -33.31 14.48
N VAL L 70 -5.11 -32.05 14.26
CA VAL L 70 -6.41 -31.53 14.67
C VAL L 70 -7.53 -32.23 13.91
N SER L 71 -7.35 -32.42 12.60
CA SER L 71 -8.38 -33.06 11.80
C SER L 71 -8.67 -34.47 12.30
N VAL L 72 -7.63 -35.23 12.63
CA VAL L 72 -7.83 -36.58 13.16
C VAL L 72 -8.58 -36.53 14.47
N LEU L 73 -8.21 -35.58 15.34
CA LEU L 73 -8.82 -35.53 16.68
C LEU L 73 -10.32 -35.26 16.59
N VAL L 74 -10.71 -34.22 15.84
CA VAL L 74 -12.13 -33.92 15.72
C VAL L 74 -12.85 -35.00 14.93
N CYS L 75 -12.17 -35.60 13.95
CA CYS L 75 -12.81 -36.61 13.11
C CYS L 75 -13.33 -37.77 13.97
N TYR L 76 -12.50 -38.25 14.90
CA TYR L 76 -12.90 -39.32 15.81
C TYR L 76 -13.84 -38.84 16.90
N SER L 77 -14.34 -37.61 16.84
CA SER L 77 -15.29 -37.10 17.81
C SER L 77 -16.66 -36.79 17.23
N LEU L 78 -16.81 -36.84 15.91
CA LEU L 78 -18.10 -36.55 15.30
C LEU L 78 -19.09 -37.69 15.56
N GLY L 79 -20.36 -37.37 15.40
CA GLY L 79 -21.41 -38.37 15.49
C GLY L 79 -22.69 -37.83 14.90
N GLN L 80 -23.61 -38.76 14.61
CA GLN L 80 -24.89 -38.35 14.07
C GLN L 80 -25.67 -37.49 15.05
N LYS L 81 -25.58 -37.80 16.34
CA LYS L 81 -26.24 -37.04 17.39
C LYS L 81 -25.17 -36.40 18.26
N GLN L 82 -25.05 -35.07 18.20
CA GLN L 82 -24.09 -34.37 19.03
C GLN L 82 -24.63 -32.97 19.31
N ALA L 83 -24.31 -32.46 20.49
CA ALA L 83 -24.78 -31.15 20.89
C ALA L 83 -24.26 -30.10 19.92
N LEU L 84 -25.13 -29.13 19.60
CA LEU L 84 -24.71 -28.03 18.75
C LEU L 84 -23.52 -27.29 19.36
N TYR L 85 -23.42 -27.28 20.69
CA TYR L 85 -22.23 -26.76 21.34
C TYR L 85 -20.99 -27.49 20.86
N THR L 86 -21.05 -28.82 20.79
CA THR L 86 -19.93 -29.59 20.28
C THR L 86 -19.61 -29.18 18.85
N GLY L 87 -20.63 -28.88 18.05
CA GLY L 87 -20.39 -28.48 16.68
C GLY L 87 -19.60 -27.20 16.58
N PHE L 88 -20.00 -26.19 17.36
CA PHE L 88 -19.30 -24.91 17.31
C PHE L 88 -17.88 -25.02 17.85
N ILE L 89 -17.66 -25.83 18.88
CA ILE L 89 -16.31 -26.01 19.41
C ILE L 89 -15.41 -26.61 18.34
N GLN L 90 -15.89 -27.65 17.66
CA GLN L 90 -15.09 -28.28 16.62
C GLN L 90 -14.84 -27.33 15.47
N LEU L 91 -15.83 -26.48 15.13
CA LEU L 91 -15.59 -25.42 14.16
C LEU L 91 -14.51 -24.47 14.66
N GLY L 92 -14.56 -24.11 15.94
CA GLY L 92 -13.54 -23.22 16.48
C GLY L 92 -12.15 -23.82 16.42
N ALA L 93 -12.03 -25.12 16.74
CA ALA L 93 -10.74 -25.77 16.63
C ALA L 93 -10.25 -25.77 15.19
N GLY L 94 -11.13 -26.07 14.24
CA GLY L 94 -10.72 -26.11 12.85
C GLY L 94 -10.21 -24.77 12.36
N LEU L 95 -10.97 -23.70 12.62
CA LEU L 95 -10.58 -22.38 12.16
C LEU L 95 -9.28 -21.93 12.81
N SER L 96 -9.14 -22.15 14.12
CA SER L 96 -8.04 -21.56 14.86
C SER L 96 -6.70 -22.15 14.43
N VAL L 97 -6.64 -23.46 14.18
CA VAL L 97 -5.41 -24.04 13.65
C VAL L 97 -5.29 -23.74 12.16
N GLY L 98 -6.42 -23.66 11.45
CA GLY L 98 -6.41 -23.45 10.03
C GLY L 98 -5.79 -22.14 9.59
N LEU L 99 -6.45 -21.02 9.90
CA LEU L 99 -6.00 -19.74 9.39
C LEU L 99 -4.68 -19.32 10.02
N SER L 100 -4.42 -19.74 11.26
CA SER L 100 -3.13 -19.44 11.86
C SER L 100 -2.01 -20.21 11.18
N GLY L 101 -2.27 -21.46 10.80
CA GLY L 101 -1.33 -22.18 9.97
C GLY L 101 -1.12 -21.48 8.64
N LEU L 102 -2.18 -20.93 8.07
CA LEU L 102 -2.05 -20.13 6.86
C LEU L 102 -1.15 -18.93 7.09
N ALA L 103 -1.32 -18.26 8.23
CA ALA L 103 -0.46 -17.12 8.55
C ALA L 103 1.00 -17.55 8.63
N ALA L 104 1.28 -18.67 9.29
CA ALA L 104 2.64 -19.18 9.33
C ALA L 104 3.14 -19.49 7.94
N GLY L 105 2.27 -20.00 7.06
CA GLY L 105 2.70 -20.34 5.71
C GLY L 105 3.24 -19.15 4.95
N PHE L 106 2.51 -18.03 4.98
CA PHE L 106 2.95 -16.84 4.27
C PHE L 106 4.31 -16.37 4.78
N ALA L 107 4.46 -16.27 6.09
CA ALA L 107 5.70 -15.74 6.65
C ALA L 107 6.89 -16.64 6.35
N ILE L 108 6.74 -17.94 6.59
CA ILE L 108 7.86 -18.85 6.41
C ILE L 108 8.26 -18.92 4.94
N GLY L 109 7.30 -18.78 4.03
CA GLY L 109 7.63 -18.73 2.61
C GLY L 109 8.46 -17.52 2.26
N ILE L 110 7.99 -16.34 2.67
CA ILE L 110 8.69 -15.10 2.31
C ILE L 110 10.07 -15.06 2.95
N VAL L 111 10.17 -15.42 4.23
CA VAL L 111 11.46 -15.38 4.91
C VAL L 111 12.42 -16.36 4.25
N GLY L 112 11.95 -17.57 3.95
CA GLY L 112 12.81 -18.54 3.28
C GLY L 112 13.21 -18.08 1.90
N ASP L 113 12.27 -17.51 1.14
CA ASP L 113 12.61 -16.99 -0.18
C ASP L 113 13.72 -15.97 -0.11
N ALA L 114 13.69 -15.11 0.92
CA ALA L 114 14.71 -14.07 1.04
C ALA L 114 16.01 -14.64 1.59
N GLY L 115 15.94 -15.34 2.73
CA GLY L 115 17.16 -15.80 3.37
C GLY L 115 17.95 -16.78 2.53
N VAL L 116 17.25 -17.65 1.79
CA VAL L 116 17.95 -18.65 0.99
C VAL L 116 18.84 -18.01 -0.06
N ARG L 117 18.48 -16.81 -0.52
CA ARG L 117 19.38 -16.08 -1.42
C ARG L 117 20.57 -15.52 -0.66
N GLY L 118 20.31 -14.66 0.32
CA GLY L 118 21.40 -14.05 1.06
C GLY L 118 22.37 -15.05 1.63
N SER L 119 21.88 -16.23 2.03
CA SER L 119 22.77 -17.25 2.56
C SER L 119 23.88 -17.59 1.58
N SER L 120 23.57 -17.63 0.28
CA SER L 120 24.60 -17.90 -0.70
C SER L 120 25.63 -16.76 -0.77
N GLN L 121 25.20 -15.51 -0.54
CA GLN L 121 26.14 -14.41 -0.53
C GLN L 121 26.92 -14.31 0.78
N GLN L 122 26.24 -14.44 1.92
CA GLN L 122 26.80 -14.13 3.23
C GLN L 122 26.62 -15.31 4.17
N PRO L 123 27.63 -16.19 4.31
CA PRO L 123 27.42 -17.40 5.13
C PRO L 123 27.11 -17.11 6.57
N ARG L 124 27.40 -15.90 7.06
CA ARG L 124 27.01 -15.54 8.42
C ARG L 124 25.49 -15.47 8.56
N LEU L 125 24.78 -15.28 7.46
CA LEU L 125 23.35 -14.99 7.54
C LEU L 125 22.53 -16.23 7.87
N PHE L 126 22.99 -17.43 7.49
CA PHE L 126 22.18 -18.63 7.66
C PHE L 126 21.82 -18.84 9.12
N VAL L 127 22.81 -18.71 10.02
CA VAL L 127 22.53 -18.94 11.44
C VAL L 127 21.48 -17.96 11.94
N GLY L 128 21.39 -16.79 11.33
CA GLY L 128 20.34 -15.84 11.67
C GLY L 128 19.00 -16.22 11.07
N MET L 129 19.02 -16.72 9.84
CA MET L 129 17.77 -17.07 9.16
C MET L 129 16.98 -18.09 9.97
N ILE L 130 17.67 -19.02 10.63
CA ILE L 130 16.97 -20.03 11.43
C ILE L 130 16.12 -19.36 12.50
N LEU L 131 16.66 -18.34 13.16
CA LEU L 131 15.92 -17.66 14.21
C LEU L 131 14.67 -16.99 13.66
N ILE L 132 14.79 -16.32 12.50
CA ILE L 132 13.64 -15.64 11.92
C ILE L 132 12.56 -16.65 11.58
N LEU L 133 12.95 -17.79 11.00
CA LEU L 133 11.97 -18.80 10.62
C LEU L 133 11.27 -19.37 11.85
N ILE L 134 12.02 -19.61 12.93
CA ILE L 134 11.43 -20.23 14.12
C ILE L 134 10.35 -19.34 14.70
N PHE L 135 10.59 -18.02 14.74
CA PHE L 135 9.57 -17.12 15.25
C PHE L 135 8.34 -17.10 14.36
N ALA L 136 8.46 -17.51 13.09
CA ALA L 136 7.28 -17.73 12.27
C ALA L 136 6.69 -19.12 12.52
N GLU L 137 7.56 -20.12 12.69
CA GLU L 137 7.10 -21.47 13.00
C GLU L 137 6.25 -21.47 14.27
N VAL L 138 6.64 -20.67 15.27
CA VAL L 138 5.93 -20.69 16.55
C VAL L 138 4.48 -20.27 16.38
N LEU L 139 4.20 -19.40 15.42
CA LEU L 139 2.82 -18.96 15.24
C LEU L 139 1.90 -20.14 14.89
N GLY L 140 2.41 -21.12 14.14
CA GLY L 140 1.63 -22.32 13.91
C GLY L 140 1.40 -23.11 15.18
N LEU L 141 2.40 -23.16 16.05
CA LEU L 141 2.26 -23.94 17.28
C LEU L 141 1.13 -23.38 18.16
N TYR L 142 1.03 -22.05 18.25
CA TYR L 142 -0.08 -21.46 19.00
C TYR L 142 -1.42 -21.95 18.47
N GLY L 143 -1.53 -22.10 17.15
CA GLY L 143 -2.76 -22.62 16.58
C GLY L 143 -3.09 -24.00 17.14
N LEU L 144 -2.08 -24.87 17.20
CA LEU L 144 -2.29 -26.20 17.76
C LEU L 144 -2.70 -26.12 19.22
N ILE L 145 -2.04 -25.26 20.00
CA ILE L 145 -2.32 -25.17 21.43
C ILE L 145 -3.78 -24.77 21.64
N VAL L 146 -4.23 -23.73 20.95
CA VAL L 146 -5.61 -23.28 21.09
C VAL L 146 -6.57 -24.36 20.63
N ALA L 147 -6.26 -25.00 19.50
CA ALA L 147 -7.15 -26.02 18.97
C ALA L 147 -7.30 -27.18 19.95
N LEU L 148 -6.20 -27.61 20.57
CA LEU L 148 -6.28 -28.70 21.54
C LEU L 148 -7.08 -28.29 22.76
N LEU L 149 -6.91 -27.05 23.24
CA LEU L 149 -7.67 -26.61 24.41
C LEU L 149 -9.16 -26.60 24.12
N LEU L 150 -9.56 -26.14 22.93
CA LEU L 150 -10.97 -26.19 22.56
C LEU L 150 -11.45 -27.63 22.47
N ASN L 151 -10.66 -28.51 21.85
CA ASN L 151 -11.11 -29.87 21.62
C ASN L 151 -11.41 -30.59 22.93
N SER L 152 -10.56 -30.41 23.93
CA SER L 152 -10.77 -31.10 25.21
C SER L 152 -12.05 -30.68 25.90
N ARG L 153 -12.56 -29.47 25.60
CA ARG L 153 -13.84 -29.01 26.13
C ARG L 153 -15.02 -29.39 25.24
N ALA L 154 -14.77 -29.94 24.05
CA ALA L 154 -15.84 -30.19 23.10
C ALA L 154 -16.84 -31.23 23.59
N THR L 155 -16.41 -32.16 24.44
CA THR L 155 -17.28 -33.23 24.92
C THR L 155 -17.11 -33.49 26.40
N GLN L 156 -16.73 -32.47 27.16
CA GLN L 156 -16.37 -32.65 28.57
C GLN L 156 -17.60 -32.80 29.45
N ASP L 157 -18.51 -31.83 29.40
CA ASP L 157 -19.70 -31.82 30.27
C ASP L 157 -20.99 -31.75 29.46
N VAL L 158 -20.94 -32.15 28.20
CA VAL L 158 -22.09 -31.96 27.31
C VAL L 158 -23.22 -32.91 27.69
N VAL L 159 -24.44 -32.52 27.34
CA VAL L 159 -25.62 -33.32 27.58
C VAL L 159 -26.52 -33.28 26.35
N MET M 1 -36.12 -23.86 25.36
CA MET M 1 -34.90 -23.43 26.10
C MET M 1 -35.15 -22.15 26.88
N THR M 2 -34.25 -21.84 27.81
CA THR M 2 -34.31 -20.58 28.52
C THR M 2 -34.13 -19.43 27.54
N GLU M 3 -34.99 -18.41 27.65
CA GLU M 3 -34.93 -17.30 26.70
C GLU M 3 -33.59 -16.59 26.77
N LEU M 4 -32.99 -16.53 27.95
CA LEU M 4 -31.68 -15.91 28.12
C LEU M 4 -30.53 -16.80 27.68
N CYS M 5 -30.80 -18.06 27.36
CA CYS M 5 -29.76 -19.01 26.96
C CYS M 5 -30.19 -19.79 25.71
N PRO M 6 -30.26 -19.13 24.56
CA PRO M 6 -30.53 -19.85 23.32
C PRO M 6 -29.43 -20.86 23.01
N VAL M 7 -29.80 -21.93 22.31
CA VAL M 7 -28.85 -22.99 22.02
C VAL M 7 -27.72 -22.53 21.12
N TYR M 8 -27.92 -21.45 20.35
CA TYR M 8 -26.86 -20.93 19.50
C TYR M 8 -25.90 -20.00 20.23
N ALA M 9 -26.15 -19.70 21.50
CA ALA M 9 -25.31 -18.76 22.22
C ALA M 9 -23.82 -19.13 22.19
N PRO M 10 -23.43 -20.39 22.36
CA PRO M 10 -21.98 -20.70 22.39
C PRO M 10 -21.26 -20.32 21.11
N PHE M 11 -21.97 -20.14 20.00
CA PHE M 11 -21.31 -19.78 18.75
C PHE M 11 -20.44 -18.55 18.93
N PHE M 12 -21.00 -17.50 19.53
CA PHE M 12 -20.23 -16.28 19.73
C PHE M 12 -19.02 -16.54 20.61
N GLY M 13 -19.13 -17.45 21.58
CA GLY M 13 -17.99 -17.78 22.40
C GLY M 13 -16.88 -18.45 21.61
N ALA M 14 -17.22 -19.49 20.84
CA ALA M 14 -16.21 -20.21 20.07
C ALA M 14 -15.56 -19.29 19.04
N ILE M 15 -16.36 -18.51 18.33
CA ILE M 15 -15.81 -17.63 17.31
C ILE M 15 -15.01 -16.51 17.95
N GLY M 16 -15.43 -16.02 19.12
CA GLY M 16 -14.61 -15.10 19.86
C GLY M 16 -13.27 -15.69 20.22
N CYS M 17 -13.28 -16.95 20.69
CA CYS M 17 -12.02 -17.61 21.03
C CYS M 17 -11.12 -17.76 19.81
N ALA M 18 -11.69 -18.15 18.67
CA ALA M 18 -10.88 -18.39 17.48
C ALA M 18 -10.35 -17.08 16.90
N SER M 19 -11.22 -16.10 16.68
CA SER M 19 -10.80 -14.86 16.05
C SER M 19 -9.73 -14.15 16.88
N ALA M 20 -9.69 -14.39 18.19
CA ALA M 20 -8.69 -13.74 19.03
C ALA M 20 -7.29 -14.16 18.63
N ILE M 21 -7.08 -15.45 18.41
CA ILE M 21 -5.76 -15.93 18.02
C ILE M 21 -5.52 -15.74 16.53
N ILE M 22 -6.59 -15.69 15.73
CA ILE M 22 -6.42 -15.67 14.28
C ILE M 22 -5.95 -14.30 13.81
N PHE M 23 -6.69 -13.25 14.15
CA PHE M 23 -6.32 -11.92 13.69
C PHE M 23 -4.96 -11.50 14.23
N THR M 24 -4.65 -11.88 15.47
CA THR M 24 -3.31 -11.59 16.00
C THR M 24 -2.24 -12.36 15.23
N SER M 25 -2.52 -13.62 14.88
CA SER M 25 -1.53 -14.41 14.14
C SER M 25 -1.20 -13.78 12.80
N LEU M 26 -2.22 -13.29 12.09
CA LEU M 26 -1.96 -12.61 10.82
C LEU M 26 -1.13 -11.36 11.04
N GLY M 27 -1.41 -10.61 12.11
CA GLY M 27 -0.60 -9.44 12.40
C GLY M 27 0.85 -9.80 12.65
N ALA M 28 1.09 -10.83 13.46
CA ALA M 28 2.46 -11.23 13.74
C ALA M 28 3.15 -11.77 12.50
N ALA M 29 2.43 -12.49 11.64
CA ALA M 29 3.04 -13.03 10.43
C ALA M 29 3.50 -11.91 9.52
N TYR M 30 2.64 -10.92 9.28
CA TYR M 30 3.03 -9.79 8.44
C TYR M 30 4.22 -9.06 9.05
N GLY M 31 4.19 -8.83 10.36
CA GLY M 31 5.32 -8.18 11.00
C GLY M 31 6.61 -8.96 10.83
N THR M 32 6.55 -10.27 11.01
CA THR M 32 7.74 -11.09 10.85
C THR M 32 8.23 -11.08 9.41
N ALA M 33 7.31 -11.23 8.45
CA ALA M 33 7.71 -11.29 7.05
C ALA M 33 8.30 -9.97 6.58
N LYS M 34 7.58 -8.87 6.82
CA LYS M 34 8.02 -7.58 6.32
C LYS M 34 9.34 -7.16 6.96
N SER M 35 9.51 -7.47 8.26
CA SER M 35 10.78 -7.20 8.91
C SER M 35 11.85 -8.21 8.53
N GLY M 36 11.46 -9.46 8.28
CA GLY M 36 12.44 -10.49 7.97
C GLY M 36 13.19 -10.19 6.68
N VAL M 37 12.47 -9.74 5.65
CA VAL M 37 13.13 -9.34 4.42
C VAL M 37 14.11 -8.21 4.68
N GLY M 38 13.70 -7.25 5.53
CA GLY M 38 14.59 -6.14 5.85
C GLY M 38 15.89 -6.58 6.49
N ILE M 39 15.81 -7.52 7.43
CA ILE M 39 17.01 -7.98 8.12
C ILE M 39 18.01 -8.56 7.12
N CYS M 40 17.53 -9.42 6.22
CA CYS M 40 18.41 -9.99 5.21
C CYS M 40 18.96 -8.91 4.28
N ALA M 41 18.15 -7.88 4.01
CA ALA M 41 18.54 -6.88 3.02
C ALA M 41 19.80 -6.12 3.43
N THR M 42 20.12 -6.09 4.72
CA THR M 42 21.31 -5.42 5.20
C THR M 42 22.34 -6.35 5.82
N CYS M 43 21.90 -7.42 6.48
CA CYS M 43 22.86 -8.33 7.09
C CYS M 43 23.77 -9.00 6.07
N VAL M 44 23.40 -8.96 4.80
CA VAL M 44 24.31 -9.42 3.74
C VAL M 44 25.59 -8.60 3.78
N LEU M 45 25.47 -7.28 3.93
CA LEU M 45 26.61 -6.39 3.94
C LEU M 45 27.11 -6.05 5.35
N ARG M 46 26.24 -6.14 6.35
CA ARG M 46 26.58 -5.81 7.73
C ARG M 46 26.25 -7.00 8.62
N PRO M 47 27.01 -8.09 8.48
CA PRO M 47 26.74 -9.28 9.31
C PRO M 47 26.95 -9.05 10.80
N ASP M 48 27.65 -7.98 11.19
CA ASP M 48 27.86 -7.71 12.61
C ASP M 48 26.56 -7.29 13.29
N LEU M 49 25.68 -6.59 12.58
CA LEU M 49 24.46 -6.05 13.18
C LEU M 49 23.37 -7.09 13.39
N LEU M 50 23.57 -8.31 12.92
CA LEU M 50 22.46 -9.27 12.82
C LEU M 50 21.72 -9.44 14.14
N PHE M 51 22.43 -9.90 15.18
CA PHE M 51 21.75 -10.24 16.43
C PHE M 51 21.18 -9.04 17.16
N LYS M 52 21.55 -7.82 16.77
CA LYS M 52 20.86 -6.63 17.27
C LYS M 52 19.67 -6.26 16.42
N ASN M 53 19.64 -6.70 15.17
CA ASN M 53 18.60 -6.28 14.23
C ASN M 53 17.28 -7.02 14.41
N ILE M 54 17.28 -8.19 15.06
CA ILE M 54 16.10 -9.05 15.06
C ILE M 54 15.03 -8.54 16.02
N VAL M 55 15.29 -7.42 16.70
CA VAL M 55 14.38 -6.92 17.73
C VAL M 55 12.96 -6.78 17.19
N PRO M 56 12.75 -6.19 16.01
CA PRO M 56 11.37 -6.06 15.51
C PRO M 56 10.67 -7.39 15.40
N VAL M 57 11.39 -8.46 15.07
CA VAL M 57 10.77 -9.79 15.02
C VAL M 57 10.34 -10.22 16.41
N ILE M 58 11.15 -9.93 17.43
CA ILE M 58 10.74 -10.21 18.80
C ILE M 58 9.47 -9.43 19.12
N MET M 59 9.45 -8.15 18.75
CA MET M 59 8.32 -7.30 19.08
C MET M 59 7.05 -7.76 18.37
N ALA M 60 7.16 -8.20 17.13
CA ALA M 60 6.02 -8.83 16.46
C ALA M 60 5.60 -10.09 17.20
N GLY M 61 6.57 -10.83 17.76
CA GLY M 61 6.25 -12.04 18.48
C GLY M 61 5.39 -11.79 19.71
N ILE M 62 5.57 -10.66 20.37
CA ILE M 62 4.79 -10.36 21.57
C ILE M 62 3.32 -10.21 21.22
N ILE M 63 3.01 -9.66 20.06
CA ILE M 63 1.62 -9.50 19.66
C ILE M 63 0.92 -10.85 19.65
N ALA M 64 1.61 -11.88 19.16
CA ALA M 64 1.03 -13.22 19.15
C ALA M 64 0.75 -13.70 20.57
N ILE M 65 1.68 -13.47 21.49
CA ILE M 65 1.49 -13.94 22.86
C ILE M 65 0.29 -13.24 23.51
N TYR M 66 0.12 -11.95 23.24
CA TYR M 66 -1.10 -11.27 23.69
C TYR M 66 -2.33 -11.99 23.17
N GLY M 67 -2.30 -12.40 21.90
CA GLY M 67 -3.45 -13.10 21.34
C GLY M 67 -3.71 -14.43 22.01
N LEU M 68 -2.65 -15.16 22.36
CA LEU M 68 -2.83 -16.44 23.03
C LEU M 68 -3.48 -16.27 24.39
N VAL M 69 -3.05 -15.27 25.16
CA VAL M 69 -3.53 -15.13 26.54
C VAL M 69 -5.05 -14.96 26.57
N VAL M 70 -5.57 -14.05 25.73
CA VAL M 70 -7.01 -13.85 25.69
C VAL M 70 -7.72 -15.13 25.27
N SER M 71 -7.17 -15.82 24.28
CA SER M 71 -7.85 -17.02 23.78
C SER M 71 -7.98 -18.07 24.88
N VAL M 72 -6.94 -18.25 25.69
CA VAL M 72 -7.02 -19.18 26.81
C VAL M 72 -8.11 -18.74 27.78
N LEU M 73 -8.16 -17.45 28.08
CA LEU M 73 -9.07 -16.96 29.12
C LEU M 73 -10.52 -17.19 28.75
N VAL M 74 -10.90 -16.84 27.52
CA VAL M 74 -12.28 -17.08 27.09
C VAL M 74 -12.54 -18.57 26.96
N CYS M 75 -11.52 -19.34 26.53
CA CYS M 75 -11.72 -20.77 26.37
C CYS M 75 -12.13 -21.43 27.68
N TYR M 76 -11.56 -20.97 28.80
CA TYR M 76 -11.94 -21.47 30.12
C TYR M 76 -13.32 -20.99 30.55
N SER M 77 -14.07 -20.29 29.69
CA SER M 77 -15.37 -19.76 30.04
C SER M 77 -16.50 -20.34 29.21
N LEU M 78 -16.21 -21.16 28.20
CA LEU M 78 -17.26 -21.71 27.37
C LEU M 78 -18.03 -22.81 28.09
N GLY M 79 -19.27 -22.99 27.68
CA GLY M 79 -20.10 -24.05 28.22
C GLY M 79 -21.36 -24.19 27.41
N GLN M 80 -21.94 -25.39 27.47
CA GLN M 80 -23.09 -25.69 26.63
C GLN M 80 -24.29 -24.82 26.97
N LYS M 81 -24.43 -24.42 28.23
CA LYS M 81 -25.61 -23.72 28.71
C LYS M 81 -25.28 -22.29 29.18
N GLN M 82 -24.28 -21.66 28.57
CA GLN M 82 -23.96 -20.29 28.92
C GLN M 82 -25.01 -19.33 28.37
N ALA M 83 -25.21 -18.23 29.08
CA ALA M 83 -26.21 -17.25 28.69
C ALA M 83 -25.74 -16.45 27.49
N LEU M 84 -26.71 -15.89 26.75
CA LEU M 84 -26.38 -15.07 25.60
C LEU M 84 -25.55 -13.85 26.00
N TYR M 85 -25.82 -13.29 27.18
CA TYR M 85 -25.00 -12.18 27.68
C TYR M 85 -23.53 -12.56 27.70
N THR M 86 -23.20 -13.71 28.29
CA THR M 86 -21.80 -14.13 28.33
C THR M 86 -21.26 -14.37 26.93
N GLY M 87 -22.10 -14.84 26.01
CA GLY M 87 -21.61 -15.09 24.66
C GLY M 87 -21.08 -13.84 24.00
N PHE M 88 -21.83 -12.74 24.09
CA PHE M 88 -21.40 -11.50 23.46
C PHE M 88 -20.21 -10.88 24.18
N ILE M 89 -20.10 -11.07 25.49
CA ILE M 89 -18.88 -10.66 26.19
C ILE M 89 -17.68 -11.32 25.56
N GLN M 90 -17.78 -12.62 25.29
CA GLN M 90 -16.65 -13.36 24.75
C GLN M 90 -16.35 -12.92 23.32
N LEU M 91 -17.38 -12.61 22.53
CA LEU M 91 -17.14 -12.07 21.20
C LEU M 91 -16.43 -10.72 21.29
N GLY M 92 -16.94 -9.83 22.14
CA GLY M 92 -16.30 -8.53 22.28
C GLY M 92 -14.86 -8.63 22.71
N ALA M 93 -14.57 -9.51 23.68
CA ALA M 93 -13.19 -9.69 24.13
C ALA M 93 -12.32 -10.17 22.99
N GLY M 94 -12.75 -11.22 22.29
CA GLY M 94 -11.93 -11.76 21.21
C GLY M 94 -11.76 -10.79 20.05
N LEU M 95 -12.81 -10.05 19.72
CA LEU M 95 -12.75 -9.15 18.58
C LEU M 95 -11.89 -7.93 18.88
N SER M 96 -12.07 -7.33 20.06
CA SER M 96 -11.35 -6.09 20.37
C SER M 96 -9.85 -6.32 20.40
N VAL M 97 -9.39 -7.42 20.97
CA VAL M 97 -7.96 -7.73 20.95
C VAL M 97 -7.53 -8.14 19.55
N GLY M 98 -8.32 -8.98 18.88
CA GLY M 98 -7.89 -9.51 17.60
C GLY M 98 -7.66 -8.41 16.57
N LEU M 99 -8.62 -7.50 16.45
CA LEU M 99 -8.46 -6.41 15.50
C LEU M 99 -7.29 -5.50 15.91
N SER M 100 -7.15 -5.25 17.21
CA SER M 100 -6.05 -4.42 17.69
C SER M 100 -4.70 -5.05 17.35
N GLY M 101 -4.55 -6.35 17.63
CA GLY M 101 -3.30 -7.01 17.33
C GLY M 101 -2.98 -7.01 15.85
N LEU M 102 -4.00 -7.18 15.02
CA LEU M 102 -3.81 -7.13 13.57
C LEU M 102 -3.17 -5.81 13.15
N ALA M 103 -3.73 -4.69 13.60
CA ALA M 103 -3.18 -3.40 13.23
C ALA M 103 -1.78 -3.21 13.78
N ALA M 104 -1.54 -3.63 15.02
CA ALA M 104 -0.22 -3.44 15.62
C ALA M 104 0.84 -4.21 14.86
N GLY M 105 0.54 -5.44 14.45
CA GLY M 105 1.52 -6.23 13.72
C GLY M 105 1.95 -5.59 12.42
N PHE M 106 0.99 -5.03 11.68
CA PHE M 106 1.33 -4.36 10.43
C PHE M 106 2.25 -3.17 10.68
N ALA M 107 1.94 -2.36 11.69
CA ALA M 107 2.78 -1.20 11.98
C ALA M 107 4.19 -1.63 12.35
N ILE M 108 4.31 -2.67 13.18
CA ILE M 108 5.64 -3.18 13.53
C ILE M 108 6.38 -3.62 12.28
N GLY M 109 5.68 -4.24 11.34
CA GLY M 109 6.30 -4.68 10.11
C GLY M 109 6.85 -3.56 9.27
N ILE M 110 6.03 -2.54 8.99
CA ILE M 110 6.47 -1.46 8.12
C ILE M 110 7.58 -0.67 8.79
N VAL M 111 7.38 -0.28 10.05
CA VAL M 111 8.39 0.52 10.74
C VAL M 111 9.67 -0.30 10.93
N GLY M 112 9.52 -1.57 11.32
CA GLY M 112 10.69 -2.41 11.47
C GLY M 112 11.45 -2.60 10.17
N ASP M 113 10.74 -2.74 9.06
CA ASP M 113 11.40 -2.88 7.77
C ASP M 113 12.26 -1.66 7.47
N ALA M 114 11.69 -0.46 7.63
CA ALA M 114 12.47 0.75 7.41
C ALA M 114 13.62 0.84 8.40
N GLY M 115 13.37 0.45 9.65
CA GLY M 115 14.36 0.56 10.70
C GLY M 115 15.65 -0.17 10.43
N VAL M 116 15.57 -1.48 10.18
CA VAL M 116 16.77 -2.28 9.98
C VAL M 116 17.52 -1.89 8.71
N ARG M 117 16.86 -1.19 7.79
CA ARG M 117 17.56 -0.64 6.62
C ARG M 117 18.29 0.65 6.99
N GLY M 118 17.54 1.64 7.50
CA GLY M 118 18.13 2.92 7.80
C GLY M 118 19.25 2.83 8.82
N SER M 119 19.06 2.00 9.85
CA SER M 119 20.06 1.91 10.92
C SER M 119 21.40 1.40 10.43
N SER M 120 21.47 0.78 9.26
CA SER M 120 22.74 0.32 8.72
C SER M 120 23.54 1.44 8.08
N GLN M 121 22.90 2.52 7.65
CA GLN M 121 23.59 3.67 7.10
C GLN M 121 23.84 4.76 8.14
N GLN M 122 23.12 4.72 9.26
CA GLN M 122 23.18 5.79 10.26
C GLN M 122 23.11 5.15 11.64
N PRO M 123 24.25 4.87 12.28
CA PRO M 123 24.23 4.07 13.51
C PRO M 123 23.43 4.71 14.63
N ARG M 124 23.40 6.04 14.72
CA ARG M 124 22.59 6.70 15.74
C ARG M 124 21.11 6.40 15.58
N LEU M 125 20.70 5.99 14.38
CA LEU M 125 19.28 5.81 14.09
C LEU M 125 18.68 4.59 14.77
N PHE M 126 19.52 3.66 15.25
CA PHE M 126 18.98 2.44 15.86
C PHE M 126 18.11 2.77 17.05
N VAL M 127 18.60 3.60 17.98
CA VAL M 127 17.81 3.92 19.16
C VAL M 127 16.52 4.61 18.76
N GLY M 128 16.60 5.59 17.88
CA GLY M 128 15.38 6.24 17.41
C GLY M 128 14.43 5.25 16.78
N MET M 129 14.96 4.23 16.10
CA MET M 129 14.12 3.19 15.53
C MET M 129 13.39 2.42 16.63
N ILE M 130 14.11 2.07 17.70
CA ILE M 130 13.47 1.34 18.80
C ILE M 130 12.36 2.19 19.42
N LEU M 131 12.64 3.47 19.63
CA LEU M 131 11.69 4.32 20.35
C LEU M 131 10.36 4.44 19.60
N ILE M 132 10.42 4.54 18.27
CA ILE M 132 9.18 4.56 17.51
C ILE M 132 8.51 3.21 17.53
N LEU M 133 9.29 2.14 17.42
CA LEU M 133 8.72 0.81 17.24
C LEU M 133 7.95 0.36 18.48
N ILE M 134 8.38 0.78 19.68
CA ILE M 134 7.72 0.32 20.89
C ILE M 134 6.32 0.88 21.00
N PHE M 135 6.07 2.07 20.46
CA PHE M 135 4.73 2.61 20.46
C PHE M 135 3.79 1.88 19.51
N ALA M 136 4.32 1.03 18.64
CA ALA M 136 3.49 0.13 17.86
C ALA M 136 3.12 -1.11 18.68
N GLU M 137 4.06 -1.61 19.48
CA GLU M 137 3.79 -2.77 20.32
C GLU M 137 2.66 -2.49 21.30
N VAL M 138 2.66 -1.31 21.93
CA VAL M 138 1.65 -1.00 22.92
C VAL M 138 0.25 -1.01 22.33
N LEU M 139 0.12 -0.70 21.03
CA LEU M 139 -1.20 -0.71 20.41
C LEU M 139 -1.86 -2.08 20.48
N GLY M 140 -1.07 -3.14 20.55
CA GLY M 140 -1.65 -4.44 20.83
C GLY M 140 -2.09 -4.57 22.27
N LEU M 141 -1.34 -3.96 23.19
CA LEU M 141 -1.65 -4.09 24.61
C LEU M 141 -3.04 -3.51 24.93
N TYR M 142 -3.36 -2.34 24.37
CA TYR M 142 -4.68 -1.77 24.62
C TYR M 142 -5.79 -2.73 24.20
N GLY M 143 -5.55 -3.53 23.17
CA GLY M 143 -6.51 -4.57 22.85
C GLY M 143 -6.63 -5.59 23.97
N LEU M 144 -5.49 -6.02 24.51
CA LEU M 144 -5.51 -6.96 25.63
C LEU M 144 -6.24 -6.38 26.83
N ILE M 145 -6.08 -5.07 27.07
CA ILE M 145 -6.70 -4.45 28.24
C ILE M 145 -8.22 -4.53 28.13
N VAL M 146 -8.77 -4.10 26.98
CA VAL M 146 -10.22 -4.12 26.83
C VAL M 146 -10.74 -5.54 26.90
N ALA M 147 -9.99 -6.50 26.34
CA ALA M 147 -10.40 -7.90 26.46
C ALA M 147 -10.49 -8.32 27.91
N LEU M 148 -9.48 -7.98 28.71
CA LEU M 148 -9.49 -8.35 30.12
C LEU M 148 -10.63 -7.66 30.86
N LEU M 149 -10.91 -6.40 30.54
CA LEU M 149 -12.02 -5.70 31.18
C LEU M 149 -13.34 -6.39 30.90
N LEU M 150 -13.62 -6.68 29.63
CA LEU M 150 -14.87 -7.35 29.28
C LEU M 150 -14.97 -8.72 29.94
N ASN M 151 -13.87 -9.47 29.92
CA ASN M 151 -13.88 -10.81 30.52
C ASN M 151 -14.15 -10.74 32.02
N SER M 152 -13.78 -9.64 32.67
CA SER M 152 -14.00 -9.51 34.10
C SER M 152 -15.48 -9.46 34.47
N ARG M 153 -16.36 -9.28 33.48
CA ARG M 153 -17.80 -9.20 33.70
C ARG M 153 -18.54 -10.39 33.08
N ALA M 154 -17.84 -11.49 32.81
CA ALA M 154 -18.41 -12.55 32.00
C ALA M 154 -19.48 -13.35 32.75
N THR M 155 -19.21 -13.72 34.00
CA THR M 155 -19.98 -14.78 34.65
C THR M 155 -20.48 -14.43 36.05
N GLN M 156 -19.92 -13.41 36.71
CA GLN M 156 -20.12 -13.23 38.15
C GLN M 156 -21.57 -13.30 38.57
N ASP M 157 -22.50 -12.74 37.79
CA ASP M 157 -23.90 -12.71 38.17
C ASP M 157 -24.80 -13.22 37.05
N VAL M 158 -24.37 -14.28 36.37
CA VAL M 158 -25.13 -14.88 35.27
C VAL M 158 -25.83 -16.13 35.78
N VAL M 159 -27.11 -16.26 35.46
CA VAL M 159 -27.89 -17.44 35.82
C VAL M 159 -28.97 -17.69 34.77
N MET N 1 -7.07 9.98 -0.66
CA MET N 1 -5.98 10.21 -1.65
C MET N 1 -4.82 9.22 -1.42
N GLU N 2 -4.01 9.01 -2.45
CA GLU N 2 -3.06 7.90 -2.45
C GLU N 2 -1.88 8.12 -1.52
N GLY N 3 -1.62 9.35 -1.06
CA GLY N 3 -0.62 9.54 -0.04
C GLY N 3 -0.90 8.72 1.20
N VAL N 4 -2.15 8.30 1.37
CA VAL N 4 -2.53 7.41 2.46
C VAL N 4 -1.81 6.07 2.35
N TYR N 5 -1.74 5.49 1.15
CA TYR N 5 -1.11 4.19 0.97
C TYR N 5 0.36 4.26 0.55
N PHE N 6 0.78 5.38 -0.02
CA PHE N 6 2.10 5.44 -0.66
C PHE N 6 3.21 5.04 0.30
N ASN N 7 3.12 5.46 1.56
CA ASN N 7 4.22 5.26 2.50
C ASN N 7 4.40 3.81 2.93
N ILE N 8 3.48 2.91 2.56
CA ILE N 8 3.59 1.52 3.01
C ILE N 8 4.92 0.91 2.57
N ASP N 9 5.27 1.10 1.30
CA ASP N 9 6.48 0.52 0.74
C ASP N 9 7.52 1.54 0.32
N ASN N 10 7.15 2.81 0.19
CA ASN N 10 8.06 3.83 -0.30
C ASN N 10 8.36 4.92 0.72
N GLY N 11 7.78 4.85 1.92
CA GLY N 11 8.03 5.91 2.89
C GLY N 11 9.50 6.06 3.22
N PHE N 12 10.21 4.94 3.38
CA PHE N 12 11.64 5.00 3.64
C PHE N 12 12.36 5.67 2.48
N ILE N 13 12.06 5.26 1.25
CA ILE N 13 12.75 5.81 0.08
C ILE N 13 12.51 7.31 -0.01
N GLU N 14 11.25 7.73 0.10
CA GLU N 14 10.94 9.14 -0.03
C GLU N 14 11.73 9.97 0.97
N GLY N 15 11.96 9.42 2.17
CA GLY N 15 12.77 10.14 3.13
C GLY N 15 14.22 10.27 2.69
N VAL N 16 14.81 9.17 2.24
CA VAL N 16 16.21 9.18 1.86
C VAL N 16 16.43 10.09 0.66
N VAL N 17 15.56 9.96 -0.36
CA VAL N 17 15.74 10.76 -1.57
C VAL N 17 15.69 12.25 -1.24
N ARG N 18 14.73 12.67 -0.44
CA ARG N 18 14.68 14.07 -0.04
C ARG N 18 15.86 14.42 0.85
N GLY N 19 16.47 13.42 1.50
CA GLY N 19 17.75 13.65 2.14
C GLY N 19 18.79 14.11 1.14
N TYR N 20 18.87 13.44 -0.01
CA TYR N 20 19.77 13.87 -1.07
C TYR N 20 19.39 15.25 -1.59
N ARG N 21 18.09 15.49 -1.78
CA ARG N 21 17.64 16.80 -2.26
C ARG N 21 18.16 17.92 -1.37
N ASN N 22 18.12 17.73 -0.05
CA ASN N 22 18.61 18.74 0.87
C ASN N 22 20.12 18.93 0.78
N GLY N 23 20.82 18.06 0.05
CA GLY N 23 22.26 18.19 -0.14
C GLY N 23 22.69 18.89 -1.40
N LEU N 24 21.75 19.23 -2.29
CA LEU N 24 22.11 19.84 -3.56
C LEU N 24 22.81 21.17 -3.33
N LEU N 25 23.80 21.45 -4.18
CA LEU N 25 24.54 22.69 -4.09
C LEU N 25 23.62 23.88 -4.36
N SER N 26 23.67 24.88 -3.49
CA SER N 26 22.83 26.06 -3.62
C SER N 26 23.51 27.10 -4.50
N ASN N 27 22.71 28.10 -4.91
CA ASN N 27 23.24 29.20 -5.70
C ASN N 27 24.46 29.83 -5.03
N ASN N 28 24.38 30.04 -3.71
CA ASN N 28 25.48 30.68 -3.00
C ASN N 28 26.73 29.79 -3.02
N GLN N 29 26.55 28.48 -2.88
CA GLN N 29 27.71 27.59 -2.77
C GLN N 29 28.52 27.59 -4.07
N TYR N 30 27.86 27.67 -5.21
CA TYR N 30 28.59 27.74 -6.47
C TYR N 30 29.52 28.95 -6.49
N ILE N 31 29.05 30.08 -5.96
CA ILE N 31 29.90 31.26 -5.90
C ILE N 31 31.14 30.99 -5.06
N ASN N 32 30.95 30.35 -3.90
CA ASN N 32 32.10 30.02 -3.07
C ASN N 32 33.04 29.06 -3.79
N LEU N 33 32.50 28.14 -4.60
CA LEU N 33 33.36 27.32 -5.45
C LEU N 33 34.04 28.17 -6.52
N THR N 34 33.31 29.11 -7.11
CA THR N 34 33.85 29.88 -8.22
C THR N 34 35.11 30.64 -7.84
N GLN N 35 35.30 30.92 -6.55
CA GLN N 35 36.41 31.75 -6.11
C GLN N 35 37.73 30.99 -6.00
N CYS N 36 37.73 29.68 -6.22
CA CYS N 36 38.94 28.90 -6.00
C CYS N 36 40.04 29.29 -6.97
N ASP N 37 41.29 28.97 -6.60
CA ASP N 37 42.45 29.21 -7.44
C ASP N 37 42.83 27.99 -8.26
N THR N 38 42.83 26.80 -7.64
CA THR N 38 43.25 25.58 -8.30
C THR N 38 42.28 24.45 -7.97
N LEU N 39 42.40 23.35 -8.71
CA LEU N 39 41.62 22.16 -8.38
C LEU N 39 41.92 21.70 -6.96
N GLU N 40 43.17 21.82 -6.52
CA GLU N 40 43.51 21.47 -5.15
C GLU N 40 42.71 22.30 -4.15
N ASP N 41 42.38 23.55 -4.52
CA ASP N 41 41.47 24.33 -3.69
C ASP N 41 40.03 23.90 -3.89
N LEU N 42 39.65 23.54 -5.12
CA LEU N 42 38.28 23.12 -5.37
C LEU N 42 37.93 21.88 -4.57
N LYS N 43 38.88 20.94 -4.45
CA LYS N 43 38.65 19.77 -3.60
C LYS N 43 38.41 20.19 -2.16
N LEU N 44 39.29 21.04 -1.63
CA LEU N 44 39.17 21.44 -0.22
C LEU N 44 37.86 22.17 0.02
N GLN N 45 37.47 23.05 -0.90
CA GLN N 45 36.20 23.75 -0.76
C GLN N 45 35.04 22.77 -0.78
N LEU N 46 35.07 21.80 -1.69
CA LEU N 46 33.96 20.85 -1.79
C LEU N 46 33.78 20.06 -0.50
N SER N 47 34.85 19.85 0.26
CA SER N 47 34.75 19.07 1.48
C SER N 47 33.74 19.70 2.46
N SER N 48 33.47 20.99 2.33
CA SER N 48 32.48 21.65 3.18
C SER N 48 31.04 21.38 2.72
N THR N 49 30.85 20.87 1.51
CA THR N 49 29.53 20.60 0.99
C THR N 49 29.13 19.16 1.33
N ASP N 50 27.90 18.78 0.95
CA ASP N 50 27.43 17.43 1.22
C ASP N 50 28.19 16.38 0.41
N TYR N 51 29.10 16.79 -0.47
CA TYR N 51 29.96 15.82 -1.15
C TYR N 51 30.99 15.21 -0.22
N GLY N 52 31.38 15.92 0.84
CA GLY N 52 32.27 15.35 1.84
C GLY N 52 33.63 14.98 1.30
N ASN N 53 34.21 13.93 1.86
CA ASN N 53 35.59 13.51 1.66
C ASN N 53 35.78 12.60 0.45
N PHE N 54 34.87 12.65 -0.53
CA PHE N 54 34.86 11.67 -1.60
C PHE N 54 36.19 11.59 -2.34
N LEU N 55 36.91 12.70 -2.46
CA LEU N 55 38.19 12.74 -3.16
C LEU N 55 39.40 12.52 -2.25
N SER N 56 39.19 12.22 -0.97
CA SER N 56 40.31 12.16 -0.04
C SER N 56 41.32 11.07 -0.40
N SER N 57 40.96 10.12 -1.25
CA SER N 57 41.87 9.07 -1.67
C SER N 57 42.73 9.46 -2.87
N VAL N 58 42.61 10.69 -3.36
CA VAL N 58 43.31 11.13 -4.57
C VAL N 58 44.43 12.08 -4.16
N SER N 59 45.63 11.83 -4.69
CA SER N 59 46.77 12.66 -4.38
C SER N 59 46.63 14.04 -5.04
N SER N 60 47.30 15.03 -4.45
CA SER N 60 47.22 16.38 -4.98
C SER N 60 47.66 16.44 -6.43
N GLU N 61 48.76 15.77 -6.77
CA GLU N 61 49.30 15.83 -8.12
C GLU N 61 48.48 15.03 -9.12
N SER N 62 47.50 14.24 -8.66
CA SER N 62 46.69 13.43 -9.55
C SER N 62 45.38 14.10 -9.95
N LEU N 63 45.03 15.23 -9.35
CA LEU N 63 43.76 15.87 -9.65
C LEU N 63 43.75 16.39 -11.08
N THR N 64 42.63 16.15 -11.77
CA THR N 64 42.39 16.72 -13.08
C THR N 64 40.90 16.98 -13.22
N THR N 65 40.57 17.90 -14.12
CA THR N 65 39.16 18.17 -14.39
C THR N 65 38.45 16.96 -14.96
N SER N 66 39.20 15.98 -15.47
CA SER N 66 38.59 14.73 -15.91
C SER N 66 38.26 13.85 -14.72
N LEU N 67 39.21 13.66 -13.82
CA LEU N 67 39.01 12.74 -12.70
C LEU N 67 37.86 13.22 -11.80
N ILE N 68 37.72 14.53 -11.62
CA ILE N 68 36.65 15.05 -10.78
C ILE N 68 35.30 14.65 -11.34
N GLN N 69 35.15 14.66 -12.67
CA GLN N 69 33.91 14.21 -13.27
C GLN N 69 33.65 12.75 -12.95
N GLU N 70 34.68 11.91 -13.02
CA GLU N 70 34.51 10.48 -12.77
C GLU N 70 34.06 10.23 -11.34
N TYR N 71 34.78 10.79 -10.37
CA TYR N 71 34.45 10.53 -8.97
C TYR N 71 33.09 11.10 -8.59
N ALA N 72 32.81 12.33 -9.02
CA ALA N 72 31.51 12.92 -8.70
C ALA N 72 30.38 12.10 -9.28
N SER N 73 30.54 11.62 -10.51
CA SER N 73 29.52 10.75 -11.10
C SER N 73 29.42 9.44 -10.33
N SER N 74 30.56 8.87 -9.93
CA SER N 74 30.54 7.58 -9.25
C SER N 74 29.74 7.65 -7.96
N LYS N 75 29.85 8.75 -7.23
CA LYS N 75 29.08 8.90 -6.00
C LYS N 75 27.58 8.86 -6.30
N LEU N 76 27.16 9.53 -7.37
CA LEU N 76 25.75 9.52 -7.74
C LEU N 76 25.28 8.11 -8.06
N TYR N 77 26.06 7.37 -8.85
CA TYR N 77 25.62 6.04 -9.27
C TYR N 77 25.47 5.09 -8.09
N HIS N 78 26.38 5.19 -7.11
CA HIS N 78 26.25 4.34 -5.92
C HIS N 78 24.99 4.69 -5.15
N GLU N 79 24.68 5.98 -5.01
CA GLU N 79 23.46 6.38 -4.33
C GLU N 79 22.22 5.92 -5.09
N PHE N 80 22.27 5.99 -6.42
CA PHE N 80 21.14 5.50 -7.21
C PHE N 80 20.95 4.00 -7.01
N ASN N 81 22.04 3.24 -7.08
CA ASN N 81 21.93 1.79 -6.94
C ASN N 81 21.45 1.42 -5.54
N TYR N 82 21.87 2.16 -4.53
CA TYR N 82 21.39 1.90 -3.18
C TYR N 82 19.88 2.08 -3.11
N ILE N 83 19.37 3.17 -3.70
CA ILE N 83 17.93 3.42 -3.68
C ILE N 83 17.20 2.32 -4.43
N ARG N 84 17.73 1.90 -5.58
CA ARG N 84 17.10 0.82 -6.33
C ARG N 84 17.08 -0.47 -5.52
N ASP N 85 18.19 -0.79 -4.86
CA ASP N 85 18.27 -2.05 -4.11
C ASP N 85 17.21 -2.14 -3.05
N GLN N 86 16.83 -1.03 -2.42
CA GLN N 86 15.84 -1.02 -1.37
C GLN N 86 14.41 -1.01 -1.87
N SER N 87 14.21 -0.99 -3.19
CA SER N 87 12.87 -0.91 -3.77
C SER N 87 12.35 -2.29 -4.13
N SER N 88 11.06 -2.34 -4.48
CA SER N 88 10.45 -3.56 -4.97
C SER N 88 9.23 -3.22 -5.79
N GLY N 89 8.67 -4.22 -6.46
CA GLY N 89 7.39 -4.07 -7.12
C GLY N 89 7.42 -2.99 -8.17
N SER N 90 6.32 -2.24 -8.26
CA SER N 90 6.21 -1.21 -9.28
C SER N 90 7.32 -0.18 -9.16
N THR N 91 7.75 0.13 -7.93
CA THR N 91 8.82 1.11 -7.76
C THR N 91 10.13 0.57 -8.30
N ARG N 92 10.47 -0.68 -7.96
CA ARG N 92 11.62 -1.32 -8.59
C ARG N 92 11.43 -1.36 -10.10
N LYS N 93 10.22 -1.69 -10.55
CA LYS N 93 9.96 -1.71 -11.98
C LYS N 93 10.17 -0.32 -12.57
N PHE N 94 9.72 0.71 -11.87
CA PHE N 94 9.87 2.08 -12.35
C PHE N 94 11.34 2.45 -12.53
N MET N 95 12.17 2.14 -11.52
CA MET N 95 13.57 2.56 -11.57
C MET N 95 14.30 1.84 -12.69
N ASP N 96 13.99 0.57 -12.92
CA ASP N 96 14.62 -0.14 -14.03
C ASP N 96 14.29 0.50 -15.37
N TYR N 97 13.12 1.12 -15.50
CA TYR N 97 12.85 1.87 -16.73
C TYR N 97 13.85 3.00 -16.93
N ILE N 98 14.27 3.65 -15.84
CA ILE N 98 15.18 4.79 -15.98
C ILE N 98 16.48 4.36 -16.65
N THR N 99 17.03 3.23 -16.23
CA THR N 99 18.30 2.77 -16.78
C THR N 99 18.19 2.39 -18.25
N TYR N 100 16.99 2.05 -18.74
CA TYR N 100 16.85 1.70 -20.15
C TYR N 100 17.46 2.76 -21.04
N GLY N 101 17.16 4.03 -20.78
CA GLY N 101 17.68 5.10 -21.63
C GLY N 101 19.19 5.08 -21.70
N TYR N 102 19.84 4.94 -20.55
CA TYR N 102 21.30 4.96 -20.53
C TYR N 102 21.89 3.78 -21.30
N MET N 103 21.32 2.58 -21.12
CA MET N 103 21.87 1.44 -21.83
C MET N 103 21.57 1.52 -23.32
N ILE N 104 20.49 2.20 -23.72
CA ILE N 104 20.28 2.48 -25.14
C ILE N 104 21.41 3.34 -25.67
N ASP N 105 21.84 4.33 -24.89
CA ASP N 105 23.03 5.09 -25.26
C ASP N 105 24.25 4.18 -25.38
N ASN N 106 24.44 3.29 -24.40
CA ASN N 106 25.62 2.45 -24.39
C ASN N 106 25.68 1.55 -25.62
N VAL N 107 24.55 0.97 -26.00
CA VAL N 107 24.54 0.09 -27.16
C VAL N 107 25.01 0.84 -28.40
N ALA N 108 24.49 2.05 -28.61
CA ALA N 108 24.93 2.85 -29.75
C ALA N 108 26.41 3.17 -29.64
N LEU N 109 26.85 3.59 -28.45
CA LEU N 109 28.26 3.92 -28.26
C LEU N 109 29.15 2.70 -28.51
N MET N 110 28.68 1.52 -28.11
CA MET N 110 29.49 0.32 -28.28
C MET N 110 29.64 -0.08 -29.74
N ILE N 111 28.56 0.02 -30.52
CA ILE N 111 28.59 -0.48 -31.89
C ILE N 111 29.50 0.37 -32.76
N THR N 112 29.38 1.69 -32.65
CA THR N 112 30.26 2.57 -33.40
C THR N 112 31.73 2.28 -33.10
N GLY N 113 32.02 1.76 -31.90
CA GLY N 113 33.39 1.39 -31.59
C GLY N 113 33.93 0.33 -32.54
N THR N 114 33.07 -0.58 -32.98
CA THR N 114 33.48 -1.60 -33.94
C THR N 114 33.61 -1.02 -35.34
N ILE N 115 32.71 -0.13 -35.72
CA ILE N 115 32.81 0.50 -37.04
C ILE N 115 34.14 1.20 -37.19
N HIS N 116 34.67 1.76 -36.11
CA HIS N 116 35.96 2.43 -36.12
C HIS N 116 37.07 1.59 -35.50
N ASP N 117 36.80 0.32 -35.23
CA ASP N 117 37.85 -0.64 -34.86
C ASP N 117 38.63 -0.19 -33.63
N ARG N 118 37.91 0.25 -32.60
CA ARG N 118 38.51 0.51 -31.31
C ARG N 118 38.28 -0.67 -30.37
N ASP N 119 39.20 -0.83 -29.42
CA ASP N 119 39.22 -2.01 -28.56
C ASP N 119 38.11 -1.94 -27.51
N LYS N 120 37.51 -3.11 -27.22
CA LYS N 120 36.47 -3.17 -26.21
C LYS N 120 37.01 -2.73 -24.85
N GLY N 121 38.23 -3.12 -24.52
CA GLY N 121 38.80 -2.76 -23.24
C GLY N 121 38.90 -1.27 -23.03
N GLU N 122 38.92 -0.49 -24.10
CA GLU N 122 38.90 0.96 -24.02
C GLU N 122 37.47 1.51 -24.01
N ILE N 123 36.63 0.99 -24.90
CA ILE N 123 35.26 1.49 -25.02
C ILE N 123 34.52 1.30 -23.70
N LEU N 124 34.72 0.16 -23.05
CA LEU N 124 34.02 -0.13 -21.80
C LEU N 124 34.42 0.80 -20.66
N GLN N 125 35.44 1.65 -20.86
CA GLN N 125 35.77 2.67 -19.89
C GLN N 125 34.99 3.96 -20.09
N ARG N 126 34.40 4.15 -21.27
CA ARG N 126 33.60 5.34 -21.56
C ARG N 126 32.11 5.09 -21.43
N CYS N 127 31.68 3.83 -21.34
CA CYS N 127 30.26 3.53 -21.22
C CYS N 127 29.71 4.11 -19.93
N HIS N 128 28.40 4.36 -19.91
CA HIS N 128 27.74 4.92 -18.74
C HIS N 128 27.36 3.77 -17.80
N PRO N 129 27.89 3.74 -16.57
CA PRO N 129 27.78 2.51 -15.76
C PRO N 129 26.35 2.13 -15.40
N LEU N 130 25.40 3.06 -15.37
CA LEU N 130 24.02 2.67 -15.08
C LEU N 130 23.40 1.90 -16.24
N GLY N 131 23.94 2.02 -17.44
CA GLY N 131 23.41 1.31 -18.59
C GLY N 131 24.09 -0.03 -18.80
N TRP N 132 24.53 -0.65 -17.71
CA TRP N 132 25.27 -1.91 -17.78
C TRP N 132 24.32 -3.09 -17.86
N PHE N 133 24.69 -4.06 -18.70
CA PHE N 133 24.02 -5.36 -18.72
C PHE N 133 25.04 -6.41 -19.12
N ASP N 134 24.73 -7.67 -18.77
CA ASP N 134 25.75 -8.72 -18.79
C ASP N 134 26.39 -8.88 -20.16
N THR N 135 25.59 -8.86 -21.22
CA THR N 135 26.07 -9.18 -22.56
C THR N 135 26.61 -7.99 -23.33
N LEU N 136 26.67 -6.81 -22.71
CA LEU N 136 27.05 -5.59 -23.43
C LEU N 136 28.32 -5.73 -24.24
N PRO N 137 29.45 -6.22 -23.69
CA PRO N 137 30.67 -6.28 -24.51
C PRO N 137 30.56 -7.20 -25.70
N THR N 138 29.60 -8.13 -25.70
CA THR N 138 29.45 -9.03 -26.85
C THR N 138 29.04 -8.29 -28.11
N LEU N 139 28.57 -7.04 -27.99
CA LEU N 139 28.23 -6.27 -29.19
C LEU N 139 29.44 -6.08 -30.10
N SER N 140 30.66 -6.29 -29.59
CA SER N 140 31.86 -6.07 -30.38
C SER N 140 31.99 -7.06 -31.54
N VAL N 141 31.17 -8.11 -31.57
CA VAL N 141 31.51 -9.28 -32.38
C VAL N 141 31.16 -9.09 -33.85
N ALA N 142 30.09 -8.38 -34.18
CA ALA N 142 29.58 -8.37 -35.56
C ALA N 142 29.24 -6.96 -35.97
N THR N 143 28.90 -6.83 -37.26
CA THR N 143 28.63 -5.55 -37.90
C THR N 143 27.17 -5.35 -38.27
N ASP N 144 26.53 -6.35 -38.86
CA ASP N 144 25.15 -6.21 -39.30
C ASP N 144 24.21 -6.24 -38.12
N LEU N 145 23.18 -5.38 -38.18
CA LEU N 145 22.24 -5.29 -37.07
C LEU N 145 21.51 -6.61 -36.84
N GLU N 146 21.25 -7.37 -37.89
CA GLU N 146 20.54 -8.63 -37.74
C GLU N 146 21.30 -9.59 -36.82
N SER N 147 22.61 -9.72 -37.04
CA SER N 147 23.41 -10.59 -36.18
C SER N 147 23.41 -10.10 -34.74
N LEU N 148 23.59 -8.79 -34.55
CA LEU N 148 23.61 -8.26 -33.19
C LEU N 148 22.28 -8.47 -32.50
N TYR N 149 21.18 -8.28 -33.23
CA TYR N 149 19.86 -8.55 -32.64
C TYR N 149 19.71 -10.02 -32.31
N GLU N 150 19.98 -10.90 -33.27
CA GLU N 150 19.75 -12.32 -33.06
C GLU N 150 20.60 -12.86 -31.92
N THR N 151 21.87 -12.47 -31.86
CA THR N 151 22.80 -13.06 -30.91
C THR N 151 22.81 -12.37 -29.56
N VAL N 152 22.46 -11.08 -29.46
CA VAL N 152 22.48 -10.41 -28.16
C VAL N 152 21.17 -9.72 -27.84
N LEU N 153 20.77 -8.75 -28.67
CA LEU N 153 19.75 -7.81 -28.23
C LEU N 153 18.36 -8.43 -28.12
N VAL N 154 18.16 -9.65 -28.61
CA VAL N 154 16.90 -10.33 -28.40
C VAL N 154 16.64 -10.56 -26.92
N ASP N 155 17.71 -10.69 -26.12
CA ASP N 155 17.57 -11.11 -24.73
C ASP N 155 17.38 -9.95 -23.77
N THR N 156 17.96 -8.79 -24.06
CA THR N 156 17.84 -7.66 -23.16
C THR N 156 16.42 -7.10 -23.19
N PRO N 157 16.01 -6.37 -22.16
CA PRO N 157 14.66 -5.79 -22.15
C PRO N 157 14.44 -4.79 -23.29
N LEU N 158 15.49 -4.36 -23.97
CA LEU N 158 15.34 -3.48 -25.12
C LEU N 158 14.69 -4.16 -26.32
N ALA N 159 14.53 -5.47 -26.29
CA ALA N 159 14.11 -6.20 -27.48
C ALA N 159 12.87 -5.63 -28.14
N PRO N 160 11.82 -5.24 -27.42
CA PRO N 160 10.60 -4.77 -28.10
C PRO N 160 10.81 -3.54 -28.97
N TYR N 161 11.86 -2.77 -28.72
CA TYR N 161 12.03 -1.46 -29.36
C TYR N 161 12.49 -1.55 -30.81
N PHE N 162 12.91 -2.71 -31.28
CA PHE N 162 13.53 -2.83 -32.60
C PHE N 162 12.53 -2.96 -33.75
N LYS N 163 11.27 -2.53 -33.55
CA LYS N 163 10.26 -2.74 -34.58
C LYS N 163 10.66 -2.14 -35.92
N ASN N 164 11.34 -1.00 -35.93
CA ASN N 164 11.62 -0.26 -37.15
C ASN N 164 13.10 -0.22 -37.50
N CYS N 165 13.93 -1.07 -36.89
CA CYS N 165 15.36 -1.00 -37.15
C CYS N 165 15.77 -1.82 -38.37
N PHE N 166 15.12 -2.96 -38.59
CA PHE N 166 15.57 -3.90 -39.62
C PHE N 166 15.35 -3.40 -41.04
N ASP N 167 14.65 -2.27 -41.22
CA ASP N 167 14.57 -1.64 -42.53
C ASP N 167 15.91 -1.12 -43.02
N THR N 168 16.96 -1.22 -42.19
CA THR N 168 18.29 -0.75 -42.56
C THR N 168 18.78 -1.43 -43.85
N ALA N 169 19.72 -0.77 -44.50
CA ALA N 169 20.50 -1.43 -45.54
C ALA N 169 21.32 -2.55 -44.93
N GLU N 170 21.78 -3.46 -45.79
CA GLU N 170 22.52 -4.63 -45.31
C GLU N 170 23.89 -4.30 -44.74
N GLU N 171 24.38 -3.09 -44.95
CA GLU N 171 25.68 -2.68 -44.44
C GLU N 171 25.50 -1.49 -43.50
N LEU N 172 26.33 -1.43 -42.46
CA LEU N 172 26.16 -0.47 -41.39
C LEU N 172 27.32 0.51 -41.33
N ASP N 173 26.98 1.78 -41.13
CA ASP N 173 27.94 2.82 -40.81
C ASP N 173 27.39 3.62 -39.63
N ASP N 174 28.16 4.60 -39.18
CA ASP N 174 27.74 5.35 -38.01
C ASP N 174 26.45 6.12 -38.25
N MET N 175 26.25 6.64 -39.47
CA MET N 175 25.05 7.40 -39.76
C MET N 175 23.80 6.54 -39.58
N ASN N 176 23.84 5.29 -40.04
CA ASN N 176 22.73 4.38 -39.76
C ASN N 176 22.52 4.22 -38.26
N ILE N 177 23.62 4.19 -37.49
CA ILE N 177 23.53 3.92 -36.07
C ILE N 177 22.78 5.04 -35.34
N GLU N 178 23.14 6.29 -35.63
CA GLU N 178 22.45 7.39 -34.96
C GLU N 178 20.97 7.43 -35.32
N ILE N 179 20.62 7.00 -36.54
CA ILE N 179 19.21 6.83 -36.86
C ILE N 179 18.61 5.71 -36.04
N ILE N 180 19.29 4.56 -35.97
CA ILE N 180 18.83 3.47 -35.14
C ILE N 180 18.77 3.91 -33.69
N ARG N 181 19.80 4.63 -33.25
CA ARG N 181 19.83 5.13 -31.88
C ARG N 181 18.55 5.87 -31.55
N ASN N 182 18.17 6.84 -32.38
CA ASN N 182 16.96 7.61 -32.12
C ASN N 182 15.71 6.74 -32.17
N LYS N 183 15.63 5.84 -33.16
CA LYS N 183 14.45 4.98 -33.27
C LYS N 183 14.20 4.22 -31.97
N LEU N 184 15.25 3.76 -31.32
CA LEU N 184 15.08 3.05 -30.05
C LEU N 184 14.48 3.96 -28.99
N TYR N 185 14.94 5.22 -28.92
CA TYR N 185 14.40 6.13 -27.93
C TYR N 185 12.91 6.37 -28.15
N LYS N 186 12.50 6.56 -29.41
CA LYS N 186 11.09 6.81 -29.69
C LYS N 186 10.23 5.71 -29.10
N ALA N 187 10.59 4.45 -29.36
CA ALA N 187 9.85 3.34 -28.75
C ALA N 187 9.99 3.36 -27.23
N TYR N 188 11.20 3.62 -26.73
CA TYR N 188 11.44 3.59 -25.29
C TYR N 188 10.59 4.63 -24.57
N LEU N 189 10.63 5.88 -25.03
CA LEU N 189 9.86 6.92 -24.36
C LEU N 189 8.37 6.63 -24.42
N GLU N 190 7.86 6.22 -25.58
CA GLU N 190 6.44 5.96 -25.71
C GLU N 190 6.00 4.80 -24.82
N ASP N 191 6.86 3.79 -24.68
CA ASP N 191 6.55 2.70 -23.77
C ASP N 191 6.61 3.16 -22.32
N PHE N 192 7.64 3.93 -21.99
CA PHE N 192 7.80 4.42 -20.63
C PHE N 192 6.63 5.32 -20.23
N TYR N 193 6.20 6.20 -21.15
CA TYR N 193 5.04 7.03 -20.89
C TYR N 193 3.79 6.18 -20.70
N ASN N 194 3.62 5.14 -21.51
CA ASN N 194 2.47 4.26 -21.35
C ASN N 194 2.51 3.55 -20.01
N PHE N 195 3.68 3.04 -19.62
CA PHE N 195 3.81 2.37 -18.33
C PHE N 195 3.45 3.32 -17.18
N VAL N 196 3.93 4.56 -17.25
CA VAL N 196 3.58 5.55 -16.23
C VAL N 196 2.07 5.73 -16.18
N THR N 197 1.43 5.82 -17.35
CA THR N 197 -0.01 6.08 -17.37
C THR N 197 -0.79 4.97 -16.69
N GLU N 198 -0.30 3.74 -16.75
CA GLU N 198 -1.04 2.59 -16.26
C GLU N 198 -0.75 2.26 -14.79
N GLU N 199 0.51 2.35 -14.37
CA GLU N 199 0.93 1.73 -13.12
C GLU N 199 1.35 2.72 -12.03
N ILE N 200 1.41 4.01 -12.30
CA ILE N 200 1.90 4.99 -11.32
C ILE N 200 0.69 5.74 -10.75
N PRO N 201 0.62 5.91 -9.43
CA PRO N 201 -0.52 6.63 -8.86
C PRO N 201 -0.42 8.14 -9.03
N GLU N 202 -1.58 8.79 -9.04
CA GLU N 202 -1.63 10.23 -9.00
C GLU N 202 -1.17 10.71 -7.61
N PRO N 203 -0.50 11.88 -7.52
CA PRO N 203 -0.17 12.86 -8.56
C PRO N 203 1.09 12.52 -9.34
N ALA N 204 1.86 11.52 -8.90
CA ALA N 204 3.09 11.17 -9.62
C ALA N 204 2.81 10.88 -11.08
N LYS N 205 1.66 10.30 -11.38
CA LYS N 205 1.29 10.05 -12.78
C LYS N 205 1.35 11.34 -13.58
N GLU N 206 0.57 12.34 -13.18
CA GLU N 206 0.53 13.58 -13.94
C GLU N 206 1.87 14.30 -13.93
N CYS N 207 2.63 14.18 -12.84
CA CYS N 207 3.96 14.80 -12.80
C CYS N 207 4.87 14.18 -13.84
N MET N 208 4.97 12.84 -13.87
CA MET N 208 5.85 12.18 -14.81
C MET N 208 5.41 12.42 -16.25
N GLN N 209 4.10 12.41 -16.50
CA GLN N 209 3.61 12.71 -17.84
C GLN N 209 4.11 14.07 -18.30
N THR N 210 4.23 15.03 -17.37
CA THR N 210 4.78 16.33 -17.73
C THR N 210 6.28 16.23 -18.03
N LEU N 211 7.03 15.56 -17.16
CA LEU N 211 8.48 15.49 -17.33
C LEU N 211 8.84 14.76 -18.61
N LEU N 212 8.24 13.59 -18.83
CA LEU N 212 8.52 12.85 -20.06
C LEU N 212 8.05 13.62 -21.28
N GLY N 213 6.96 14.37 -21.16
CA GLY N 213 6.53 15.22 -22.26
C GLY N 213 7.61 16.22 -22.65
N PHE N 214 8.25 16.83 -21.65
CA PHE N 214 9.32 17.78 -21.95
C PHE N 214 10.47 17.09 -22.68
N GLU N 215 10.87 15.90 -22.23
CA GLU N 215 11.96 15.19 -22.88
C GLU N 215 11.61 14.88 -24.33
N ALA N 216 10.37 14.47 -24.59
CA ALA N 216 9.95 14.22 -25.96
C ALA N 216 10.07 15.48 -26.81
N ASP N 217 9.66 16.63 -26.26
CA ASP N 217 9.79 17.88 -26.99
C ASP N 217 11.25 18.24 -27.22
N ARG N 218 12.09 18.05 -26.19
CA ARG N 218 13.49 18.40 -26.32
C ARG N 218 14.17 17.59 -27.43
N ARG N 219 13.90 16.28 -27.46
CA ARG N 219 14.44 15.46 -28.54
C ARG N 219 13.88 15.90 -29.89
N SER N 220 12.59 16.23 -29.94
CA SER N 220 11.97 16.63 -31.19
C SER N 220 12.66 17.86 -31.77
N ILE N 221 12.88 18.88 -30.96
CA ILE N 221 13.46 20.12 -31.45
C ILE N 221 14.91 19.89 -31.88
N ASN N 222 15.66 19.11 -31.12
CA ASN N 222 17.02 18.77 -31.51
C ASN N 222 17.02 18.06 -32.86
N ILE N 223 16.20 17.02 -33.00
CA ILE N 223 16.22 16.20 -34.21
C ILE N 223 15.75 17.01 -35.41
N ALA N 224 14.68 17.80 -35.24
CA ALA N 224 14.17 18.57 -36.37
C ALA N 224 15.23 19.51 -36.92
N LEU N 225 16.14 19.99 -36.08
CA LEU N 225 17.21 20.86 -36.55
C LEU N 225 18.40 20.06 -37.08
N ASN N 226 18.99 19.21 -36.24
CA ASN N 226 20.23 18.54 -36.62
C ASN N 226 20.04 17.64 -37.83
N SER N 227 18.83 17.13 -38.05
CA SER N 227 18.61 16.26 -39.19
C SER N 227 18.89 16.95 -40.52
N LEU N 228 18.92 18.29 -40.53
CA LEU N 228 19.30 19.03 -41.72
C LEU N 228 20.78 18.91 -42.05
N GLN N 229 21.55 18.16 -41.26
CA GLN N 229 22.95 17.93 -41.57
C GLN N 229 23.10 17.21 -42.90
N SER N 230 22.31 16.18 -43.13
CA SER N 230 22.43 15.38 -44.34
C SER N 230 21.96 16.18 -45.54
N SER N 231 22.37 15.72 -46.73
CA SER N 231 21.76 16.23 -47.94
C SER N 231 20.24 16.15 -47.83
N ASP N 232 19.73 15.05 -47.29
CA ASP N 232 18.35 14.99 -46.82
C ASP N 232 18.17 13.76 -45.95
N ILE N 233 17.18 13.86 -45.08
CA ILE N 233 16.60 12.70 -44.38
C ILE N 233 15.11 12.74 -44.63
N ASP N 234 14.56 11.65 -45.13
CA ASP N 234 13.20 11.68 -45.64
C ASP N 234 12.22 12.03 -44.52
N PRO N 235 11.14 12.73 -44.86
CA PRO N 235 10.15 13.07 -43.82
C PRO N 235 9.56 11.86 -43.14
N ASP N 236 9.40 10.76 -43.87
CA ASP N 236 8.91 9.53 -43.27
C ASP N 236 10.02 8.77 -42.53
N LEU N 237 11.26 9.23 -42.62
CA LEU N 237 12.26 8.84 -41.63
C LEU N 237 12.17 9.72 -40.39
N LYS N 238 12.09 11.05 -40.60
CA LYS N 238 11.95 11.96 -39.48
C LYS N 238 10.74 11.59 -38.62
N SER N 239 9.64 11.22 -39.26
CA SER N 239 8.45 10.83 -38.52
C SER N 239 8.69 9.62 -37.64
N ASP N 240 9.70 8.80 -37.98
CA ASP N 240 10.06 7.67 -37.13
C ASP N 240 11.01 8.04 -36.01
N LEU N 241 11.52 9.26 -36.00
CA LEU N 241 12.39 9.74 -34.92
C LEU N 241 11.63 10.53 -33.87
N LEU N 242 10.69 11.37 -34.30
CA LEU N 242 9.96 12.23 -33.38
C LEU N 242 8.99 11.41 -32.54
N PRO N 243 9.10 11.44 -31.21
CA PRO N 243 8.15 10.69 -30.38
C PRO N 243 6.81 11.40 -30.23
N ASN N 244 5.79 10.60 -29.92
CA ASN N 244 4.39 11.05 -29.96
C ASN N 244 3.89 11.67 -28.67
N ILE N 245 4.64 11.61 -27.58
CA ILE N 245 4.09 11.96 -26.27
C ILE N 245 4.23 13.44 -25.93
N GLY N 246 5.02 14.19 -26.67
CA GLY N 246 5.34 15.55 -26.27
C GLY N 246 4.19 16.52 -26.43
N LYS N 247 4.38 17.69 -25.82
CA LYS N 247 3.45 18.79 -26.01
C LYS N 247 3.29 19.16 -27.48
N LEU N 248 4.37 18.99 -28.27
CA LEU N 248 4.31 19.35 -29.68
C LEU N 248 3.36 18.47 -30.48
N TYR N 249 3.04 17.29 -29.97
CA TYR N 249 2.33 16.29 -30.78
C TYR N 249 0.83 16.55 -30.75
N PRO N 250 0.12 16.30 -31.86
CA PRO N 250 0.59 16.04 -33.23
C PRO N 250 0.68 17.32 -34.04
N LEU N 251 0.16 18.41 -33.47
CA LEU N 251 -0.03 19.64 -34.25
C LEU N 251 1.29 20.18 -34.76
N ALA N 252 2.32 20.22 -33.90
CA ALA N 252 3.60 20.78 -34.28
C ALA N 252 4.56 19.73 -34.82
N THR N 253 4.50 18.51 -34.28
CA THR N 253 5.43 17.47 -34.71
C THR N 253 5.30 17.20 -36.20
N PHE N 254 4.09 17.27 -36.75
CA PHE N 254 3.92 17.06 -38.18
C PHE N 254 4.70 18.09 -38.98
N HIS N 255 4.55 19.38 -38.62
CA HIS N 255 5.27 20.42 -39.33
C HIS N 255 6.78 20.22 -39.22
N LEU N 256 7.25 19.87 -38.02
CA LEU N 256 8.68 19.62 -37.83
C LEU N 256 9.16 18.46 -38.69
N ALA N 257 8.40 17.37 -38.71
CA ALA N 257 8.76 16.24 -39.57
C ALA N 257 8.78 16.66 -41.03
N GLN N 258 7.83 17.50 -41.43
CA GLN N 258 7.75 17.98 -42.80
C GLN N 258 8.76 19.06 -43.12
N ALA N 259 9.29 19.75 -42.10
CA ALA N 259 10.15 20.90 -42.34
C ALA N 259 11.41 20.49 -43.09
N GLN N 260 11.86 21.36 -44.00
CA GLN N 260 13.07 21.15 -44.78
C GLN N 260 14.05 22.30 -44.62
N ASP N 261 13.82 23.21 -43.68
CA ASP N 261 14.69 24.37 -43.50
C ASP N 261 14.52 24.87 -42.08
N PHE N 262 15.48 25.70 -41.65
CA PHE N 262 15.40 26.27 -40.31
C PHE N 262 14.14 27.11 -40.12
N GLU N 263 13.89 28.03 -41.05
CA GLU N 263 12.73 28.91 -40.91
C GLU N 263 11.45 28.11 -40.80
N GLY N 264 11.39 26.93 -41.43
CA GLY N 264 10.23 26.07 -41.23
C GLY N 264 10.10 25.61 -39.79
N VAL N 265 11.22 25.24 -39.17
CA VAL N 265 11.18 24.82 -37.77
C VAL N 265 10.77 26.00 -36.88
N ARG N 266 11.36 27.17 -37.13
CA ARG N 266 11.03 28.34 -36.32
C ARG N 266 9.55 28.68 -36.42
N ALA N 267 9.01 28.65 -37.65
CA ALA N 267 7.58 28.89 -37.83
C ALA N 267 6.76 27.85 -37.09
N ALA N 268 7.22 26.60 -37.07
CA ALA N 268 6.46 25.55 -36.41
C ALA N 268 6.36 25.79 -34.91
N LEU N 269 7.46 26.18 -34.28
CA LEU N 269 7.46 26.42 -32.83
C LEU N 269 6.78 27.72 -32.45
N ALA N 270 6.58 28.63 -33.39
CA ALA N 270 6.04 29.95 -33.04
C ALA N 270 4.68 29.85 -32.36
N ASN N 271 3.96 28.75 -32.55
CA ASN N 271 2.59 28.64 -32.05
C ASN N 271 2.49 28.11 -30.63
N VAL N 272 3.49 27.38 -30.15
CA VAL N 272 3.43 26.72 -28.85
C VAL N 272 4.05 27.65 -27.82
N TYR N 273 3.24 28.08 -26.83
CA TYR N 273 3.69 29.12 -25.91
C TYR N 273 4.87 28.67 -25.06
N GLU N 274 4.88 27.41 -24.59
CA GLU N 274 5.96 26.96 -23.72
C GLU N 274 7.32 27.14 -24.37
N TYR N 275 7.39 27.00 -25.69
CA TYR N 275 8.64 27.11 -26.43
C TYR N 275 8.64 28.29 -27.39
N ARG N 276 7.67 29.20 -27.28
CA ARG N 276 7.51 30.24 -28.29
C ARG N 276 8.76 31.10 -28.45
N GLY N 277 9.57 31.20 -27.39
CA GLY N 277 10.72 32.09 -27.42
C GLY N 277 12.07 31.42 -27.60
N PHE N 278 12.12 30.09 -27.57
CA PHE N 278 13.40 29.40 -27.43
C PHE N 278 14.34 29.69 -28.59
N LEU N 279 13.83 29.66 -29.82
CA LEU N 279 14.70 29.87 -30.97
C LEU N 279 14.89 31.33 -31.33
N GLU N 280 14.08 32.23 -30.77
CA GLU N 280 14.11 33.61 -31.21
C GLU N 280 15.29 34.39 -30.65
N THR N 281 15.87 33.94 -29.53
CA THR N 281 17.05 34.61 -28.98
C THR N 281 17.65 33.73 -27.91
N GLY N 282 18.89 34.05 -27.55
CA GLY N 282 19.55 33.41 -26.44
C GLY N 282 20.11 32.03 -26.77
N ASN N 283 20.92 31.50 -25.87
CA ASN N 283 21.53 30.19 -26.08
C ASN N 283 20.49 29.09 -25.91
N LEU N 284 20.39 28.21 -26.91
CA LEU N 284 19.35 27.19 -26.90
C LEU N 284 19.58 26.15 -25.82
N GLU N 285 20.82 25.64 -25.71
CA GLU N 285 21.07 24.56 -24.77
C GLU N 285 20.80 24.99 -23.34
N ASP N 286 21.16 26.23 -23.00
CA ASP N 286 20.88 26.74 -21.66
C ASP N 286 19.39 26.77 -21.39
N HIS N 287 18.59 27.19 -22.37
CA HIS N 287 17.14 27.28 -22.15
C HIS N 287 16.56 25.92 -21.79
N PHE N 288 16.98 24.86 -22.48
CA PHE N 288 16.47 23.53 -22.16
C PHE N 288 16.83 23.15 -20.72
N TYR N 289 18.10 23.32 -20.35
CA TYR N 289 18.48 23.03 -18.97
C TYR N 289 17.73 23.92 -18.01
N GLN N 290 17.55 25.20 -18.35
CA GLN N 290 16.84 26.11 -17.46
C GLN N 290 15.42 25.61 -17.19
N LEU N 291 14.68 25.28 -18.25
CA LEU N 291 13.34 24.75 -18.07
C LEU N 291 13.37 23.41 -17.35
N GLU N 292 14.37 22.58 -17.68
CA GLU N 292 14.45 21.26 -17.05
C GLU N 292 14.56 21.37 -15.54
N MET N 293 15.43 22.25 -15.05
CA MET N 293 15.59 22.41 -13.62
C MET N 293 14.35 23.03 -12.98
N GLU N 294 13.72 23.99 -13.66
CA GLU N 294 12.51 24.59 -13.11
C GLU N 294 11.40 23.55 -12.97
N LEU N 295 11.28 22.65 -13.95
CA LEU N 295 10.31 21.57 -13.83
C LEU N 295 10.64 20.66 -12.65
N CYS N 296 11.91 20.30 -12.49
CA CYS N 296 12.29 19.47 -11.35
C CYS N 296 12.03 20.18 -10.04
N ARG N 297 12.37 21.47 -9.97
CA ARG N 297 12.11 22.23 -8.75
C ARG N 297 10.64 22.20 -8.39
N ASP N 298 9.77 22.43 -9.39
CA ASP N 298 8.34 22.35 -9.15
C ASP N 298 7.94 20.94 -8.73
N ALA N 299 8.52 19.92 -9.36
CA ALA N 299 8.15 18.55 -9.04
C ALA N 299 8.43 18.24 -7.57
N PHE N 300 9.47 18.83 -7.00
CA PHE N 300 9.79 18.57 -5.59
C PHE N 300 8.71 19.09 -4.65
N THR N 301 7.90 20.05 -5.09
CA THR N 301 6.87 20.60 -4.22
C THR N 301 5.77 19.59 -3.91
N GLN N 302 5.56 18.60 -4.77
CA GLN N 302 4.59 17.56 -4.48
C GLN N 302 5.12 16.64 -3.39
N GLN N 303 4.22 15.81 -2.86
CA GLN N 303 4.52 14.95 -1.73
C GLN N 303 3.92 13.58 -1.94
N PHE N 304 4.55 12.57 -1.37
CA PHE N 304 4.10 11.19 -1.51
C PHE N 304 3.95 10.82 -2.98
N ALA N 305 4.93 11.23 -3.78
CA ALA N 305 4.90 11.02 -5.23
C ALA N 305 6.28 10.55 -5.68
N ILE N 306 6.32 9.37 -6.32
CA ILE N 306 7.59 8.75 -6.67
C ILE N 306 8.37 9.53 -7.71
N SER N 307 7.75 10.53 -8.34
CA SER N 307 8.49 11.31 -9.33
C SER N 307 9.69 12.01 -8.73
N THR N 308 9.74 12.15 -7.41
CA THR N 308 10.90 12.76 -6.77
C THR N 308 12.18 12.06 -7.14
N VAL N 309 12.12 10.75 -7.41
CA VAL N 309 13.31 10.03 -7.83
C VAL N 309 13.85 10.60 -9.14
N TRP N 310 12.96 10.81 -10.11
CA TRP N 310 13.37 11.39 -11.38
C TRP N 310 13.86 12.81 -11.19
N ALA N 311 13.14 13.61 -10.40
CA ALA N 311 13.55 15.00 -10.19
C ALA N 311 14.92 15.06 -9.52
N TRP N 312 15.15 14.22 -8.51
CA TRP N 312 16.45 14.18 -7.87
C TRP N 312 17.54 13.79 -8.87
N MET N 313 17.28 12.74 -9.65
CA MET N 313 18.30 12.24 -10.57
C MET N 313 18.73 13.34 -11.55
N LYS N 314 17.76 13.95 -12.23
CA LYS N 314 18.11 14.95 -13.23
C LYS N 314 18.78 16.16 -12.58
N SER N 315 18.35 16.53 -11.39
CA SER N 315 18.96 17.67 -10.70
C SER N 315 20.44 17.41 -10.42
N LYS N 316 20.76 16.23 -9.90
CA LYS N 316 22.15 15.95 -9.57
C LYS N 316 22.98 15.70 -10.83
N GLU N 317 22.34 15.23 -11.91
CA GLU N 317 23.04 15.17 -13.19
C GLU N 317 23.54 16.55 -13.59
N GLN N 318 22.68 17.56 -13.50
CA GLN N 318 23.09 18.92 -13.81
C GLN N 318 24.12 19.42 -12.81
N GLU N 319 24.05 18.97 -11.56
CA GLU N 319 25.04 19.39 -10.57
C GLU N 319 26.43 18.97 -11.00
N VAL N 320 26.58 17.73 -11.50
CA VAL N 320 27.87 17.28 -12.00
C VAL N 320 28.31 18.15 -13.17
N ARG N 321 27.39 18.44 -14.09
CA ARG N 321 27.74 19.25 -15.24
C ARG N 321 28.11 20.68 -14.82
N ASN N 322 27.50 21.17 -13.73
CA ASN N 322 27.96 22.45 -13.18
C ASN N 322 29.37 22.34 -12.64
N ILE N 323 29.67 21.27 -11.91
CA ILE N 323 30.99 21.13 -11.29
C ILE N 323 32.06 21.06 -12.37
N THR N 324 31.84 20.23 -13.39
CA THR N 324 32.84 20.06 -14.42
C THR N 324 33.09 21.36 -15.18
N TRP N 325 32.03 22.10 -15.47
CA TRP N 325 32.22 23.38 -16.13
C TRP N 325 33.10 24.31 -15.31
N ILE N 326 32.84 24.40 -14.01
CA ILE N 326 33.67 25.23 -13.14
C ILE N 326 35.09 24.71 -13.11
N ALA N 327 35.24 23.39 -12.94
CA ALA N 327 36.58 22.80 -12.85
C ALA N 327 37.36 23.06 -14.14
N GLU N 328 36.71 22.92 -15.29
CA GLU N 328 37.39 23.16 -16.56
C GLU N 328 37.87 24.61 -16.65
N CYS N 329 37.04 25.56 -16.23
CA CYS N 329 37.49 26.95 -16.21
C CYS N 329 38.67 27.12 -15.26
N ILE N 330 38.61 26.49 -14.08
CA ILE N 330 39.71 26.58 -13.14
C ILE N 330 40.98 25.99 -13.75
N ALA N 331 40.89 24.77 -14.27
CA ALA N 331 42.08 24.07 -14.73
C ALA N 331 42.73 24.81 -15.90
N GLN N 332 41.92 25.25 -16.87
CA GLN N 332 42.44 25.95 -18.04
C GLN N 332 42.79 27.39 -17.75
N ASN N 333 42.52 27.87 -16.53
CA ASN N 333 42.85 29.24 -16.14
C ASN N 333 42.21 30.25 -17.09
N GLN N 334 40.93 30.06 -17.35
CA GLN N 334 40.09 31.04 -18.01
C GLN N 334 38.78 31.15 -17.23
N ARG N 335 38.32 32.39 -17.04
CA ARG N 335 37.23 32.64 -16.10
C ARG N 335 36.14 33.56 -16.64
N GLU N 336 36.27 34.12 -17.84
CA GLU N 336 35.34 35.12 -18.31
C GLU N 336 33.93 34.59 -18.49
N ARG N 337 33.73 33.27 -18.50
CA ARG N 337 32.39 32.70 -18.55
C ARG N 337 32.25 31.56 -17.54
N ILE N 338 32.90 31.69 -16.38
CA ILE N 338 32.79 30.69 -15.33
C ILE N 338 31.41 30.72 -14.69
N ASN N 339 30.72 31.86 -14.73
CA ASN N 339 29.46 32.02 -14.03
C ASN N 339 28.30 31.29 -14.70
N ASN N 340 28.49 30.73 -15.89
CA ASN N 340 27.38 30.33 -16.74
C ASN N 340 26.73 29.01 -16.31
N TYR N 341 27.01 28.51 -15.12
CA TYR N 341 26.27 27.35 -14.63
C TYR N 341 24.80 27.69 -14.45
N ILE N 342 23.99 26.67 -14.24
CA ILE N 342 22.55 26.80 -14.04
C ILE N 342 22.22 26.26 -12.66
N SER N 343 21.66 27.12 -11.80
CA SER N 343 21.42 26.81 -10.38
C SER N 343 20.04 27.33 -9.98
N VAL N 344 19.03 26.45 -10.04
CA VAL N 344 17.69 26.84 -9.62
C VAL N 344 17.53 26.78 -8.10
N TYR N 345 18.35 26.00 -7.41
CA TYR N 345 18.14 25.75 -5.98
C TYR N 345 18.89 26.76 -5.12
N GLU O 3 35.29 26.80 46.53
CA GLU O 3 35.31 25.35 46.17
C GLU O 3 34.74 25.12 44.78
N LYS O 4 35.17 24.05 44.13
CA LYS O 4 34.67 23.72 42.80
C LYS O 4 33.19 23.38 42.87
N GLU O 5 32.43 23.88 41.90
CA GLU O 5 30.97 23.78 41.98
C GLU O 5 30.49 22.37 41.68
N GLU O 6 29.49 21.93 42.44
CA GLU O 6 28.76 20.69 42.16
C GLU O 6 27.68 20.97 41.12
N ALA O 7 28.12 21.11 39.87
CA ALA O 7 27.28 21.60 38.79
C ALA O 7 26.40 20.48 38.23
N ILE O 8 25.51 19.97 39.08
CA ILE O 8 24.49 19.02 38.66
C ILE O 8 23.09 19.60 38.73
N PHE O 9 22.80 20.42 39.75
CA PHE O 9 21.46 21.00 39.88
C PHE O 9 21.22 22.04 38.79
N ARG O 10 22.20 22.92 38.57
CA ARG O 10 22.19 23.85 37.45
C ARG O 10 23.51 23.72 36.70
N SER O 11 23.51 24.18 35.46
CA SER O 11 24.72 24.10 34.64
C SER O 11 25.86 24.88 35.29
N ALA O 12 27.09 24.44 35.01
CA ALA O 12 28.26 25.12 35.54
C ALA O 12 28.34 26.55 35.01
N GLU O 13 28.96 27.42 35.79
CA GLU O 13 29.12 28.82 35.41
C GLU O 13 30.35 28.98 34.52
N MET O 14 30.15 29.52 33.33
CA MET O 14 31.22 29.68 32.36
C MET O 14 31.87 31.07 32.48
N ALA O 15 33.06 31.18 31.93
CA ALA O 15 33.70 32.47 31.67
C ALA O 15 34.21 32.49 30.24
N LEU O 16 34.02 33.61 29.56
CA LEU O 16 34.61 33.79 28.24
C LEU O 16 36.02 34.35 28.40
N VAL O 17 36.98 33.69 27.76
CA VAL O 17 38.40 34.01 27.92
C VAL O 17 38.99 34.29 26.54
N GLN O 18 39.87 35.28 26.49
CA GLN O 18 40.57 35.67 25.27
C GLN O 18 42.07 35.49 25.50
N PHE O 19 42.74 34.87 24.54
CA PHE O 19 44.16 34.53 24.66
C PHE O 19 45.01 35.44 23.78
N TYR O 20 46.04 36.02 24.37
CA TYR O 20 47.05 36.79 23.63
C TYR O 20 48.29 35.93 23.41
N ILE O 21 48.17 35.00 22.48
CA ILE O 21 49.21 34.02 22.20
C ILE O 21 50.33 34.64 21.37
N PRO O 22 51.56 34.68 21.86
CA PRO O 22 52.68 35.05 20.98
C PRO O 22 52.89 33.97 19.92
N GLN O 23 53.04 34.42 18.68
CA GLN O 23 53.02 33.48 17.55
C GLN O 23 54.15 32.48 17.63
N GLU O 24 55.32 32.90 18.12
CA GLU O 24 56.47 32.00 18.13
C GLU O 24 56.22 30.78 18.99
N ILE O 25 55.43 30.91 20.06
CA ILE O 25 55.05 29.78 20.89
C ILE O 25 53.63 29.30 20.61
N SER O 26 53.00 29.80 19.55
CA SER O 26 51.60 29.44 19.30
C SER O 26 51.43 27.93 19.18
N ARG O 27 52.33 27.27 18.45
CA ARG O 27 52.25 25.81 18.36
C ARG O 27 52.44 25.17 19.73
N ASP O 28 53.44 25.63 20.48
CA ASP O 28 53.73 25.00 21.76
C ASP O 28 52.57 25.14 22.73
N SER O 29 52.02 26.34 22.86
CA SER O 29 50.93 26.56 23.79
C SER O 29 49.68 25.79 23.38
N ALA O 30 49.43 25.69 22.07
CA ALA O 30 48.23 24.99 21.61
C ALA O 30 48.22 23.56 22.11
N TYR O 31 49.38 22.92 22.17
CA TYR O 31 49.44 21.54 22.69
C TYR O 31 49.00 21.47 24.14
N THR O 32 49.45 22.42 24.96
CA THR O 32 49.09 22.40 26.37
C THR O 32 47.58 22.56 26.56
N LEU O 33 46.95 23.44 25.79
CA LEU O 33 45.50 23.56 25.87
C LEU O 33 44.82 22.25 25.52
N GLY O 34 45.33 21.55 24.49
CA GLY O 34 44.81 20.24 24.17
C GLY O 34 45.09 19.22 25.27
N GLN O 35 46.19 19.41 26.00
CA GLN O 35 46.48 18.50 27.11
C GLN O 35 45.54 18.73 28.28
N LEU O 36 45.25 20.00 28.59
CA LEU O 36 44.33 20.29 29.69
C LEU O 36 42.91 19.89 29.35
N GLY O 37 42.47 20.17 28.12
CA GLY O 37 41.13 19.80 27.72
C GLY O 37 40.02 20.60 28.37
N LEU O 38 40.33 21.78 28.88
CA LEU O 38 39.38 22.57 29.65
C LEU O 38 38.63 23.61 28.82
N VAL O 39 38.98 23.80 27.55
CA VAL O 39 38.54 24.96 26.78
C VAL O 39 37.82 24.51 25.52
N GLN O 40 36.71 25.18 25.22
CA GLN O 40 36.05 25.08 23.93
C GLN O 40 36.20 26.43 23.22
N PHE O 41 36.75 26.41 22.02
CA PHE O 41 37.10 27.65 21.32
C PHE O 41 35.96 28.15 20.45
N ARG O 42 35.81 29.47 20.39
CA ARG O 42 34.96 30.10 19.39
C ARG O 42 35.66 30.08 18.03
N ASP O 43 34.90 30.50 17.01
CA ASP O 43 35.43 30.67 15.66
C ASP O 43 35.33 32.15 15.30
N LEU O 44 36.46 32.86 15.41
CA LEU O 44 36.48 34.29 15.13
C LEU O 44 36.50 34.60 13.64
N ASN O 45 36.69 33.60 12.78
CA ASN O 45 36.79 33.80 11.34
C ASN O 45 35.73 33.00 10.58
N SER O 46 34.54 32.86 11.16
CA SER O 46 33.52 32.01 10.55
C SER O 46 33.19 32.44 9.12
N LYS O 47 33.33 33.74 8.83
CA LYS O 47 32.94 34.25 7.52
C LYS O 47 33.93 33.88 6.42
N VAL O 48 35.13 33.44 6.78
CA VAL O 48 36.18 33.21 5.78
C VAL O 48 35.96 31.86 5.13
N ARG O 49 36.21 31.81 3.82
CA ARG O 49 36.10 30.56 3.07
C ARG O 49 37.15 29.57 3.54
N ALA O 50 36.82 28.28 3.40
CA ALA O 50 37.65 27.23 4.01
C ALA O 50 39.07 27.25 3.45
N PHE O 51 39.21 27.45 2.14
CA PHE O 51 40.52 27.39 1.51
C PHE O 51 41.35 28.64 1.74
N GLN O 52 40.80 29.66 2.39
CA GLN O 52 41.51 30.91 2.62
C GLN O 52 42.03 31.07 4.05
N ARG O 53 41.65 30.18 4.97
CA ARG O 53 42.16 30.28 6.33
C ARG O 53 43.67 30.07 6.35
N THR O 54 44.31 30.71 7.31
CA THR O 54 45.73 31.03 7.19
C THR O 54 46.64 29.79 7.31
N PHE O 55 46.25 28.81 8.12
CA PHE O 55 47.06 27.60 8.30
C PHE O 55 46.65 26.46 7.37
N VAL O 56 46.05 26.78 6.21
CA VAL O 56 45.53 25.73 5.34
C VAL O 56 46.65 24.80 4.88
N ASN O 57 47.82 25.35 4.56
CA ASN O 57 48.88 24.54 3.98
C ASN O 57 49.30 23.42 4.92
N GLU O 58 49.45 23.72 6.21
CA GLU O 58 49.90 22.70 7.14
C GLU O 58 48.87 21.58 7.27
N ILE O 59 47.58 21.91 7.21
CA ILE O 59 46.56 20.87 7.21
C ILE O 59 46.67 20.03 5.94
N ARG O 60 46.97 20.67 4.80
CA ARG O 60 47.13 19.92 3.56
C ARG O 60 48.26 18.91 3.67
N ARG O 61 49.40 19.32 4.22
CA ARG O 61 50.51 18.39 4.39
C ARG O 61 50.11 17.21 5.27
N LEU O 62 49.57 17.49 6.45
CA LEU O 62 49.25 16.41 7.38
C LEU O 62 48.07 15.58 6.88
N ASP O 63 47.13 16.20 6.18
CA ASP O 63 46.08 15.42 5.55
C ASP O 63 46.66 14.43 4.55
N ASN O 64 47.63 14.88 3.75
CA ASN O 64 48.24 14.00 2.76
C ASN O 64 48.95 12.84 3.44
N VAL O 65 49.61 13.10 4.57
CA VAL O 65 50.24 12.01 5.31
C VAL O 65 49.20 11.00 5.76
N GLU O 66 48.06 11.48 6.28
CA GLU O 66 47.02 10.57 6.73
C GLU O 66 46.48 9.73 5.58
N ARG O 67 46.39 10.30 4.38
CA ARG O 67 46.04 9.50 3.21
C ARG O 67 47.01 8.34 3.05
N GLN O 68 48.31 8.62 3.18
CA GLN O 68 49.30 7.57 3.03
C GLN O 68 49.21 6.53 4.15
N TYR O 69 48.97 6.99 5.38
CA TYR O 69 48.83 6.05 6.49
C TYR O 69 47.59 5.18 6.32
N ARG O 70 46.48 5.76 5.87
CA ARG O 70 45.31 4.95 5.55
C ARG O 70 45.67 3.91 4.50
N TYR O 71 46.47 4.29 3.51
CA TYR O 71 46.87 3.34 2.47
C TYR O 71 47.70 2.20 3.06
N PHE O 72 48.64 2.52 3.95
CA PHE O 72 49.43 1.47 4.58
C PHE O 72 48.53 0.50 5.34
N TYR O 73 47.55 1.04 6.06
CA TYR O 73 46.63 0.19 6.81
C TYR O 73 45.88 -0.75 5.87
N SER O 74 45.55 -0.29 4.66
CA SER O 74 44.92 -1.15 3.68
C SER O 74 45.84 -2.30 3.27
N LEU O 75 47.12 -1.99 3.03
CA LEU O 75 48.07 -3.04 2.67
C LEU O 75 48.22 -4.06 3.79
N LEU O 76 48.30 -3.59 5.03
CA LEU O 76 48.35 -4.51 6.17
C LEU O 76 47.16 -5.45 6.15
N LYS O 77 45.98 -4.94 5.80
CA LYS O 77 44.79 -5.78 5.75
C LYS O 77 44.83 -6.72 4.54
N LYS O 78 45.32 -6.23 3.39
CA LYS O 78 45.43 -7.08 2.22
C LYS O 78 46.29 -8.30 2.52
N HIS O 79 47.48 -8.06 3.08
CA HIS O 79 48.39 -9.14 3.44
C HIS O 79 48.17 -9.66 4.84
N ASP O 80 47.15 -9.14 5.54
CA ASP O 80 46.70 -9.71 6.81
C ASP O 80 47.82 -9.79 7.85
N ILE O 81 48.68 -8.79 7.88
CA ILE O 81 49.64 -8.65 8.97
C ILE O 81 48.98 -7.83 10.07
N LYS O 82 48.83 -8.42 11.25
CA LYS O 82 48.09 -7.78 12.32
C LYS O 82 48.83 -6.56 12.83
N LEU O 83 48.08 -5.48 13.08
CA LEU O 83 48.67 -4.25 13.60
C LEU O 83 49.18 -4.46 15.03
N TYR O 84 50.28 -3.80 15.35
CA TYR O 84 50.87 -3.89 16.68
C TYR O 84 50.00 -3.18 17.71
N GLU O 85 50.06 -3.67 18.95
CA GLU O 85 49.30 -3.09 20.07
C GLU O 85 50.01 -1.84 20.55
N GLY O 86 49.68 -0.72 19.91
CA GLY O 86 50.33 0.54 20.24
C GLY O 86 49.99 1.00 21.64
N ASP O 87 50.85 1.87 22.19
CA ASP O 87 50.69 2.39 23.55
C ASP O 87 49.60 3.45 23.58
N THR O 88 48.52 3.19 24.32
CA THR O 88 47.46 4.19 24.47
C THR O 88 47.86 5.29 25.46
N ASP O 89 48.70 4.96 26.44
CA ASP O 89 49.07 5.88 27.50
C ASP O 89 50.38 6.61 27.20
N LYS O 90 50.71 6.77 25.93
CA LYS O 90 51.97 7.38 25.54
C LYS O 90 52.22 8.69 26.27
N TYR O 91 51.17 9.49 26.47
CA TYR O 91 51.28 10.77 27.16
C TYR O 91 50.14 10.95 28.16
N LEU O 92 49.84 9.89 28.92
CA LEU O 92 48.88 9.98 30.02
C LEU O 92 47.45 10.23 29.56
N ASP O 93 47.22 10.35 28.26
CA ASP O 93 45.89 10.29 27.67
C ASP O 93 44.91 11.25 28.37
N GLY O 94 45.19 12.55 28.23
CA GLY O 94 44.22 13.54 28.66
C GLY O 94 44.06 13.69 30.16
N SER O 95 45.08 13.36 30.93
CA SER O 95 44.98 13.44 32.39
C SER O 95 44.95 14.87 32.90
N GLY O 96 45.15 15.87 32.04
CA GLY O 96 45.28 17.23 32.49
C GLY O 96 46.68 17.61 32.92
N GLU O 97 47.69 16.87 32.46
CA GLU O 97 49.08 17.12 32.81
C GLU O 97 49.89 17.36 31.55
N LEU O 98 50.82 18.31 31.64
CA LEU O 98 51.57 18.76 30.48
C LEU O 98 52.55 17.68 30.00
N TYR O 99 52.76 17.64 28.69
CA TYR O 99 53.83 16.85 28.11
C TYR O 99 54.40 17.58 26.90
N VAL O 100 55.66 17.29 26.61
CA VAL O 100 56.42 18.01 25.58
C VAL O 100 56.03 17.48 24.20
N PRO O 101 55.62 18.33 23.27
CA PRO O 101 55.15 17.84 21.98
C PRO O 101 56.30 17.49 21.06
N PRO O 102 56.02 16.80 19.96
CA PRO O 102 57.08 16.54 18.97
C PRO O 102 57.68 17.82 18.44
N SER O 103 58.99 17.81 18.25
CA SER O 103 59.67 18.93 17.60
C SER O 103 59.26 19.01 16.14
N GLY O 104 59.35 20.23 15.59
CA GLY O 104 58.89 20.44 14.22
C GLY O 104 59.57 19.55 13.22
N SER O 105 60.89 19.35 13.37
CA SER O 105 61.62 18.53 12.42
C SER O 105 61.14 17.09 12.42
N VAL O 106 60.64 16.61 13.56
CA VAL O 106 60.11 15.25 13.62
C VAL O 106 58.88 15.13 12.72
N ILE O 107 58.00 16.13 12.77
CA ILE O 107 56.83 16.11 11.89
C ILE O 107 57.28 16.14 10.44
N ASP O 108 58.27 16.97 10.12
CA ASP O 108 58.82 16.98 8.77
C ASP O 108 59.37 15.61 8.40
N ASP O 109 60.03 14.95 9.35
CA ASP O 109 60.55 13.61 9.07
C ASP O 109 59.42 12.62 8.80
N TYR O 110 58.32 12.72 9.56
CA TYR O 110 57.16 11.90 9.26
C TYR O 110 56.69 12.13 7.83
N VAL O 111 56.67 13.40 7.39
CA VAL O 111 56.17 13.71 6.07
C VAL O 111 57.04 13.08 4.99
N ARG O 112 58.35 13.33 5.06
CA ARG O 112 59.24 12.79 4.04
C ARG O 112 59.26 11.27 4.10
N ASN O 113 59.29 10.70 5.30
CA ASN O 113 59.31 9.25 5.43
C ASN O 113 58.03 8.64 4.88
N ALA O 114 56.89 9.24 5.19
CA ALA O 114 55.62 8.72 4.65
C ALA O 114 55.61 8.80 3.13
N SER O 115 56.13 9.89 2.56
CA SER O 115 56.26 9.97 1.11
C SER O 115 57.15 8.87 0.58
N TYR O 116 58.30 8.66 1.24
CA TYR O 116 59.25 7.65 0.77
C TYR O 116 58.65 6.25 0.79
N LEU O 117 57.93 5.91 1.86
CA LEU O 117 57.36 4.58 1.97
C LEU O 117 56.28 4.34 0.91
N GLU O 118 55.43 5.33 0.66
CA GLU O 118 54.44 5.19 -0.40
C GLU O 118 55.11 4.98 -1.75
N GLU O 119 56.15 5.78 -2.03
CA GLU O 119 56.86 5.65 -3.30
C GLU O 119 57.52 4.29 -3.42
N ARG O 120 57.81 3.64 -2.28
CA ARG O 120 58.40 2.31 -2.28
C ARG O 120 57.34 1.23 -2.50
N LEU O 121 56.34 1.18 -1.61
CA LEU O 121 55.42 0.06 -1.59
C LEU O 121 54.61 -0.06 -2.88
N ILE O 122 54.33 1.07 -3.54
CA ILE O 122 53.58 0.99 -4.79
C ILE O 122 54.32 0.15 -5.82
N GLN O 123 55.65 0.05 -5.69
CA GLN O 123 56.42 -0.73 -6.65
C GLN O 123 56.32 -2.22 -6.39
N MET O 124 56.54 -2.65 -5.14
CA MET O 124 56.43 -4.07 -4.83
C MET O 124 55.01 -4.57 -5.07
N GLU O 125 54.02 -3.76 -4.75
CA GLU O 125 52.63 -4.16 -4.99
C GLU O 125 52.41 -4.48 -6.46
N ASP O 126 52.81 -3.57 -7.36
CA ASP O 126 52.62 -3.80 -8.79
C ASP O 126 53.40 -5.02 -9.26
N ALA O 127 54.66 -5.14 -8.82
CA ALA O 127 55.48 -6.26 -9.25
C ALA O 127 54.93 -7.59 -8.74
N THR O 128 54.56 -7.64 -7.46
CA THR O 128 54.10 -8.90 -6.88
C THR O 128 52.76 -9.32 -7.48
N ASP O 129 51.84 -8.38 -7.66
CA ASP O 129 50.57 -8.70 -8.28
C ASP O 129 50.77 -9.18 -9.71
N GLN O 130 51.68 -8.55 -10.44
CA GLN O 130 51.95 -8.96 -11.81
C GLN O 130 52.47 -10.39 -11.86
N ILE O 131 53.35 -10.76 -10.94
CA ILE O 131 53.85 -12.12 -10.90
C ILE O 131 52.72 -13.11 -10.64
N GLU O 132 51.82 -12.75 -9.73
CA GLU O 132 50.72 -13.67 -9.42
C GLU O 132 49.77 -13.83 -10.60
N VAL O 133 49.65 -12.82 -11.45
CA VAL O 133 48.87 -12.97 -12.67
C VAL O 133 49.48 -14.05 -13.55
N GLN O 134 50.81 -14.05 -13.68
CA GLN O 134 51.48 -15.12 -14.42
C GLN O 134 51.20 -16.47 -13.78
N LYS O 135 51.31 -16.55 -12.45
CA LYS O 135 50.98 -17.78 -11.75
C LYS O 135 49.54 -18.18 -11.99
N ASN O 136 48.61 -17.22 -11.88
CA ASN O 136 47.19 -17.55 -12.01
C ASN O 136 46.90 -18.12 -13.40
N ASP O 137 47.49 -17.54 -14.44
CA ASP O 137 47.25 -18.03 -15.79
C ASP O 137 47.70 -19.48 -15.93
N LEU O 138 48.96 -19.76 -15.56
CA LEU O 138 49.48 -21.10 -15.78
C LEU O 138 48.74 -22.14 -14.95
N GLU O 139 48.26 -21.76 -13.77
CA GLU O 139 47.49 -22.72 -12.97
C GLU O 139 46.24 -23.18 -13.70
N GLN O 140 45.51 -22.24 -14.32
CA GLN O 140 44.37 -22.63 -15.13
C GLN O 140 44.81 -23.49 -16.31
N TYR O 141 45.88 -23.08 -16.98
CA TYR O 141 46.40 -23.85 -18.10
C TYR O 141 46.77 -25.27 -17.67
N ARG O 142 47.39 -25.40 -16.50
CA ARG O 142 47.77 -26.72 -16.01
C ARG O 142 46.53 -27.58 -15.73
N PHE O 143 45.50 -26.99 -15.13
CA PHE O 143 44.32 -27.77 -14.77
C PHE O 143 43.69 -28.43 -15.99
N ILE O 144 43.56 -27.67 -17.09
CA ILE O 144 42.90 -28.22 -18.28
C ILE O 144 43.71 -29.37 -18.86
N LEU O 145 45.03 -29.21 -18.97
CA LEU O 145 45.86 -30.28 -19.51
C LEU O 145 45.86 -31.51 -18.61
N GLN O 146 45.56 -31.35 -17.32
CA GLN O 146 45.40 -32.51 -16.45
C GLN O 146 44.09 -33.25 -16.71
N SER O 147 43.20 -32.71 -17.53
CA SER O 147 41.91 -33.33 -17.75
C SER O 147 42.03 -34.65 -18.49
N GLY O 148 41.04 -35.51 -18.31
CA GLY O 148 41.06 -36.82 -18.94
C GLY O 148 40.85 -36.75 -20.44
N ASP O 149 41.27 -37.82 -21.12
CA ASP O 149 41.26 -37.83 -22.58
C ASP O 149 39.85 -37.70 -23.14
N GLU O 150 38.89 -38.39 -22.54
CA GLU O 150 37.53 -38.35 -23.07
C GLU O 150 36.91 -36.96 -23.00
N PHE O 151 37.52 -36.05 -22.25
CA PHE O 151 37.14 -34.65 -22.31
C PHE O 151 37.12 -34.14 -23.74
N PHE O 152 38.10 -34.56 -24.54
CA PHE O 152 38.27 -34.10 -25.91
C PHE O 152 37.61 -35.04 -26.92
N LEU O 153 36.66 -35.86 -26.49
CA LEU O 153 36.16 -36.94 -27.35
C LEU O 153 35.51 -36.39 -28.61
N LYS O 154 34.39 -35.69 -28.47
CA LYS O 154 33.57 -35.30 -29.62
C LYS O 154 34.30 -34.31 -30.53
N VAL O 184 43.07 -26.45 -35.75
CA VAL O 184 42.56 -27.45 -34.83
C VAL O 184 41.05 -27.33 -34.70
N ASN O 185 40.39 -28.45 -34.46
CA ASN O 185 38.95 -28.59 -34.58
C ASN O 185 38.19 -28.24 -33.30
N TYR O 186 38.74 -27.44 -32.39
CA TYR O 186 37.99 -27.11 -31.18
C TYR O 186 38.54 -25.86 -30.53
N VAL O 187 37.70 -25.26 -29.69
CA VAL O 187 38.08 -24.12 -28.84
C VAL O 187 37.91 -24.56 -27.39
N THR O 188 38.88 -24.19 -26.56
CA THR O 188 38.87 -24.59 -25.15
C THR O 188 39.39 -23.44 -24.31
N GLY O 189 38.88 -23.35 -23.08
CA GLY O 189 39.30 -22.30 -22.18
C GLY O 189 38.63 -22.43 -20.84
N VAL O 190 38.76 -21.36 -20.05
CA VAL O 190 38.19 -21.29 -18.71
C VAL O 190 37.27 -20.08 -18.64
N ILE O 191 36.19 -20.21 -17.89
CA ILE O 191 35.20 -19.14 -17.76
C ILE O 191 34.56 -19.20 -16.38
N ALA O 192 34.11 -18.05 -15.90
CA ALA O 192 33.45 -17.98 -14.61
C ALA O 192 32.07 -18.64 -14.65
N ARG O 193 31.67 -19.25 -13.53
CA ARG O 193 30.43 -20.00 -13.49
C ARG O 193 29.22 -19.13 -13.77
N ASP O 194 29.23 -17.88 -13.31
CA ASP O 194 28.07 -17.02 -13.52
C ASP O 194 27.81 -16.74 -14.98
N LYS O 195 28.78 -17.01 -15.86
CA LYS O 195 28.66 -16.67 -17.27
C LYS O 195 28.69 -17.88 -18.20
N VAL O 196 29.00 -19.08 -17.69
CA VAL O 196 29.01 -20.26 -18.54
C VAL O 196 27.63 -20.48 -19.14
N ALA O 197 26.58 -20.22 -18.38
CA ALA O 197 25.23 -20.35 -18.93
C ALA O 197 25.02 -19.34 -20.06
N THR O 198 25.46 -18.10 -19.88
CA THR O 198 25.32 -17.11 -20.93
C THR O 198 26.07 -17.54 -22.18
N LEU O 199 27.28 -18.06 -22.02
CA LEU O 199 28.07 -18.50 -23.17
C LEU O 199 27.38 -19.63 -23.90
N GLU O 200 26.95 -20.67 -23.17
CA GLU O 200 26.25 -21.79 -23.80
C GLU O 200 25.00 -21.31 -24.52
N GLN O 201 24.21 -20.47 -23.87
CA GLN O 201 22.94 -20.06 -24.45
C GLN O 201 23.13 -19.21 -25.69
N ILE O 202 24.18 -18.40 -25.74
CA ILE O 202 24.45 -17.61 -26.93
C ILE O 202 24.92 -18.51 -28.07
N LEU O 203 25.84 -19.44 -27.77
CA LEU O 203 26.38 -20.29 -28.82
C LEU O 203 25.31 -21.10 -29.52
N TRP O 204 24.23 -21.43 -28.81
CA TRP O 204 23.14 -22.18 -29.44
C TRP O 204 22.67 -21.50 -30.72
N ARG O 205 22.50 -20.17 -30.67
CA ARG O 205 22.05 -19.43 -31.85
C ARG O 205 23.16 -19.28 -32.88
N VAL O 206 24.40 -19.02 -32.44
CA VAL O 206 25.49 -18.78 -33.37
C VAL O 206 25.72 -20.00 -34.25
N LEU O 207 25.67 -21.19 -33.66
CA LEU O 207 25.81 -22.43 -34.42
C LEU O 207 24.48 -22.98 -34.89
N ARG O 208 23.38 -22.27 -34.62
CA ARG O 208 22.03 -22.71 -34.99
C ARG O 208 21.80 -24.17 -34.60
N GLY O 209 22.06 -24.46 -33.32
CA GLY O 209 21.79 -25.76 -32.76
C GLY O 209 22.81 -26.83 -33.10
N ASN O 210 23.78 -26.54 -33.96
CA ASN O 210 24.83 -27.49 -34.29
C ASN O 210 25.90 -27.42 -33.21
N LEU O 211 25.51 -27.67 -31.97
CA LEU O 211 26.30 -27.34 -30.79
C LEU O 211 26.85 -28.60 -30.14
N PHE O 212 28.11 -28.53 -29.70
CA PHE O 212 28.78 -29.63 -29.02
C PHE O 212 29.45 -29.15 -27.74
N PHE O 213 28.74 -28.34 -26.98
CA PHE O 213 29.29 -27.68 -25.79
C PHE O 213 29.50 -28.66 -24.65
N LYS O 214 30.66 -28.56 -24.00
CA LYS O 214 30.97 -29.33 -22.79
C LYS O 214 31.70 -28.44 -21.80
N THR O 215 31.50 -28.70 -20.52
CA THR O 215 32.15 -27.90 -19.47
C THR O 215 32.37 -28.74 -18.23
N VAL O 216 33.32 -28.31 -17.41
CA VAL O 216 33.75 -29.03 -16.21
C VAL O 216 33.92 -28.04 -15.07
N GLU O 217 33.49 -28.44 -13.87
CA GLU O 217 33.67 -27.63 -12.69
C GLU O 217 35.13 -27.63 -12.24
N ILE O 218 35.57 -26.51 -11.67
CA ILE O 218 36.79 -26.47 -10.86
C ILE O 218 36.38 -26.26 -9.41
N GLU O 219 36.96 -27.06 -8.52
CA GLU O 219 36.41 -27.19 -7.17
C GLU O 219 36.68 -25.94 -6.32
N GLN O 220 37.81 -25.28 -6.51
CA GLN O 220 38.10 -24.14 -5.66
C GLN O 220 37.70 -22.82 -6.34
N PRO O 221 37.37 -21.79 -5.55
CA PRO O 221 37.41 -20.43 -6.09
C PRO O 221 38.82 -20.08 -6.51
N VAL O 222 38.93 -19.18 -7.49
CA VAL O 222 40.21 -18.71 -7.98
C VAL O 222 40.20 -17.19 -7.99
N TYR O 223 41.31 -16.59 -7.55
CA TYR O 223 41.38 -15.15 -7.41
C TYR O 223 41.46 -14.45 -8.76
N ASP O 224 40.71 -13.36 -8.90
CA ASP O 224 40.89 -12.41 -10.00
C ASP O 224 41.61 -11.21 -9.40
N VAL O 225 42.93 -11.34 -9.25
CA VAL O 225 43.70 -10.40 -8.45
C VAL O 225 43.64 -8.98 -9.01
N LYS O 226 43.31 -8.83 -10.28
CA LYS O 226 42.99 -7.48 -10.77
C LYS O 226 41.83 -6.88 -9.99
N THR O 227 40.91 -7.73 -9.51
CA THR O 227 39.79 -7.28 -8.69
C THR O 227 40.03 -7.45 -7.19
N ARG O 228 41.05 -8.20 -6.80
CA ARG O 228 41.28 -8.54 -5.39
C ARG O 228 40.11 -9.33 -4.82
N GLU O 229 39.47 -10.14 -5.66
CA GLU O 229 38.38 -11.01 -5.25
C GLU O 229 38.55 -12.35 -5.94
N TYR O 230 37.75 -13.33 -5.51
CA TYR O 230 37.79 -14.68 -6.07
C TYR O 230 36.40 -15.11 -6.51
N LYS O 231 36.37 -15.95 -7.54
CA LYS O 231 35.12 -16.50 -8.06
C LYS O 231 35.35 -17.94 -8.50
N HIS O 232 34.24 -18.68 -8.60
CA HIS O 232 34.31 -20.04 -9.11
C HIS O 232 34.50 -20.03 -10.62
N LYS O 233 35.38 -20.89 -11.13
CA LYS O 233 35.69 -20.96 -12.55
C LYS O 233 35.46 -22.37 -13.08
N ASN O 234 35.11 -22.45 -14.36
CA ASN O 234 34.85 -23.72 -15.02
C ASN O 234 35.61 -23.80 -16.34
N ALA O 235 36.09 -24.99 -16.67
CA ALA O 235 36.65 -25.25 -17.98
C ALA O 235 35.54 -25.57 -18.98
N PHE O 236 35.82 -25.36 -20.26
CA PHE O 236 34.85 -25.62 -21.30
C PHE O 236 35.57 -25.89 -22.61
N ILE O 237 34.88 -26.57 -23.52
CA ILE O 237 35.42 -26.89 -24.83
C ILE O 237 34.27 -26.94 -25.83
N VAL O 238 34.55 -26.52 -27.05
CA VAL O 238 33.57 -26.54 -28.13
C VAL O 238 34.26 -27.00 -29.41
N PHE O 239 33.59 -27.85 -30.17
CA PHE O 239 34.15 -28.46 -31.38
C PHE O 239 33.56 -27.77 -32.61
N SER O 240 34.44 -27.29 -33.50
CA SER O 240 33.99 -26.71 -34.76
C SER O 240 35.14 -26.71 -35.75
N HIS O 241 34.79 -26.75 -37.03
CA HIS O 241 35.77 -26.78 -38.12
C HIS O 241 35.87 -25.48 -38.88
N GLY O 242 34.77 -24.75 -39.05
CA GLY O 242 34.77 -23.59 -39.91
C GLY O 242 35.68 -22.50 -39.38
N ASP O 243 36.51 -21.94 -40.27
CA ASP O 243 37.45 -20.89 -39.87
C ASP O 243 36.71 -19.68 -39.32
N LEU O 244 35.76 -19.14 -40.08
CA LEU O 244 35.01 -17.99 -39.61
C LEU O 244 34.21 -18.33 -38.36
N ILE O 245 33.70 -19.55 -38.28
CA ILE O 245 32.98 -19.98 -37.08
C ILE O 245 33.92 -19.97 -35.87
N ILE O 246 35.12 -20.53 -36.04
CA ILE O 246 36.08 -20.56 -34.93
C ILE O 246 36.43 -19.14 -34.51
N LYS O 247 36.70 -18.27 -35.48
CA LYS O 247 37.07 -16.90 -35.16
C LYS O 247 35.99 -16.23 -34.32
N ARG O 248 34.73 -16.30 -34.78
CA ARG O 248 33.64 -15.67 -34.05
C ARG O 248 33.47 -16.28 -32.67
N ILE O 249 33.58 -17.61 -32.57
CA ILE O 249 33.48 -18.27 -31.26
C ILE O 249 34.55 -17.73 -30.32
N ARG O 250 35.79 -17.60 -30.82
CA ARG O 250 36.86 -17.07 -29.98
C ARG O 250 36.54 -15.66 -29.52
N LYS O 251 36.06 -14.81 -30.43
CA LYS O 251 35.72 -13.45 -30.04
C LYS O 251 34.56 -13.42 -29.03
N ILE O 252 33.56 -14.27 -29.23
CA ILE O 252 32.45 -14.32 -28.28
C ILE O 252 32.96 -14.79 -26.91
N ALA O 253 33.78 -15.83 -26.90
CA ALA O 253 34.32 -16.31 -25.63
C ALA O 253 35.12 -15.21 -24.93
N GLU O 254 35.86 -14.43 -25.69
CA GLU O 254 36.70 -13.37 -25.13
C GLU O 254 35.97 -12.05 -24.98
N SER O 255 34.74 -11.93 -25.48
CA SER O 255 33.91 -10.78 -25.13
C SER O 255 33.37 -10.91 -23.72
N LEU O 256 32.98 -12.13 -23.33
CA LEU O 256 32.93 -12.47 -21.93
C LEU O 256 34.35 -12.68 -21.42
N ASP O 257 34.50 -12.60 -20.09
CA ASP O 257 35.80 -12.81 -19.49
C ASP O 257 36.15 -14.28 -19.55
N ALA O 258 37.15 -14.63 -20.37
CA ALA O 258 37.57 -16.01 -20.50
C ALA O 258 39.03 -16.05 -20.95
N ASN O 259 39.68 -17.17 -20.69
CA ASN O 259 41.04 -17.42 -21.13
C ASN O 259 41.05 -18.65 -22.01
N LEU O 260 41.54 -18.49 -23.24
CA LEU O 260 41.55 -19.57 -24.22
C LEU O 260 42.98 -20.07 -24.39
N TYR O 261 43.12 -21.39 -24.48
CA TYR O 261 44.43 -22.03 -24.50
C TYR O 261 44.59 -22.89 -25.75
N ASP O 262 45.84 -23.00 -26.20
CA ASP O 262 46.21 -23.75 -27.40
C ASP O 262 46.49 -25.22 -27.10
N VAL O 263 45.49 -25.93 -26.59
CA VAL O 263 45.70 -27.32 -26.17
C VAL O 263 45.97 -28.17 -27.39
N ASP O 264 47.07 -28.91 -27.37
CA ASP O 264 47.37 -29.83 -28.45
C ASP O 264 46.37 -31.00 -28.44
N SER O 265 46.14 -31.56 -29.63
CA SER O 265 45.09 -32.56 -29.78
C SER O 265 45.50 -33.92 -29.22
N SER O 266 46.73 -34.36 -29.51
CA SER O 266 47.16 -35.69 -29.11
C SER O 266 47.46 -35.74 -27.63
N ASN O 267 47.23 -36.91 -27.03
CA ASN O 267 47.46 -37.07 -25.59
C ASN O 267 48.93 -36.86 -25.25
N GLU O 268 49.83 -37.39 -26.07
CA GLU O 268 51.25 -37.15 -25.85
C GLU O 268 51.58 -35.67 -26.00
N GLY O 269 50.93 -34.99 -26.93
CA GLY O 269 51.10 -33.56 -27.06
C GLY O 269 50.70 -32.82 -25.79
N ARG O 270 49.57 -33.20 -25.20
CA ARG O 270 49.15 -32.59 -23.95
C ARG O 270 50.18 -32.85 -22.85
N SER O 271 50.71 -34.07 -22.79
CA SER O 271 51.77 -34.37 -21.83
C SER O 271 53.01 -33.51 -22.11
N GLN O 272 53.36 -33.35 -23.38
CA GLN O 272 54.50 -32.52 -23.73
C GLN O 272 54.28 -31.08 -23.28
N GLN O 273 53.10 -30.54 -23.53
CA GLN O 273 52.78 -29.19 -23.07
C GLN O 273 52.74 -29.13 -21.55
N LEU O 274 52.14 -30.13 -20.91
CA LEU O 274 52.07 -30.14 -19.45
C LEU O 274 53.46 -30.20 -18.84
N ALA O 275 54.37 -30.93 -19.46
CA ALA O 275 55.74 -31.01 -18.95
C ALA O 275 56.36 -29.62 -18.87
N LYS O 276 56.21 -28.83 -19.94
CA LYS O 276 56.78 -27.49 -19.95
C LYS O 276 56.09 -26.59 -18.94
N VAL O 277 54.76 -26.58 -18.93
CA VAL O 277 54.03 -25.73 -18.00
C VAL O 277 54.37 -26.10 -16.56
N ASN O 278 54.53 -27.41 -16.30
CA ASN O 278 54.87 -27.83 -14.95
C ASN O 278 56.21 -27.26 -14.52
N LYS O 279 57.21 -27.29 -15.41
CA LYS O 279 58.50 -26.68 -15.11
C LYS O 279 58.35 -25.18 -14.88
N ASN O 280 57.71 -24.48 -15.81
CA ASN O 280 57.60 -23.03 -15.71
C ASN O 280 56.89 -22.62 -14.43
N LEU O 281 55.73 -23.22 -14.16
CA LEU O 281 54.97 -22.83 -12.97
C LEU O 281 55.73 -23.17 -11.70
N SER O 282 56.37 -24.34 -11.65
CA SER O 282 57.20 -24.66 -10.50
C SER O 282 58.35 -23.67 -10.35
N ASP O 283 58.96 -23.28 -11.47
CA ASP O 283 60.02 -22.29 -11.41
C ASP O 283 59.47 -20.94 -10.94
N LEU O 284 58.29 -20.56 -11.44
CA LEU O 284 57.74 -19.25 -11.14
C LEU O 284 57.46 -19.08 -9.65
N TYR O 285 57.14 -20.16 -8.93
CA TYR O 285 56.91 -20.05 -7.49
C TYR O 285 58.10 -19.42 -6.78
N THR O 286 59.33 -19.74 -7.21
CA THR O 286 60.50 -19.20 -6.53
C THR O 286 60.53 -17.69 -6.62
N VAL O 287 60.23 -17.13 -7.80
CA VAL O 287 60.21 -15.68 -7.96
C VAL O 287 59.14 -15.07 -7.06
N LEU O 288 57.97 -15.69 -7.02
CA LEU O 288 56.91 -15.18 -6.15
C LEU O 288 57.31 -15.20 -4.69
N LYS O 289 58.04 -16.26 -4.28
CA LYS O 289 58.38 -16.40 -2.87
C LYS O 289 59.30 -15.28 -2.41
N THR O 290 60.32 -14.94 -3.20
CA THR O 290 61.28 -13.92 -2.77
C THR O 290 60.65 -12.54 -2.69
N THR O 291 59.88 -12.15 -3.72
CA THR O 291 59.21 -10.86 -3.69
C THR O 291 58.20 -10.79 -2.56
N SER O 292 57.40 -11.86 -2.40
CA SER O 292 56.43 -11.88 -1.31
C SER O 292 57.12 -11.81 0.05
N THR O 293 58.23 -12.55 0.20
CA THR O 293 58.99 -12.47 1.44
C THR O 293 59.51 -11.06 1.67
N THR O 294 60.04 -10.44 0.63
CA THR O 294 60.55 -9.07 0.76
C THR O 294 59.43 -8.11 1.13
N LEU O 295 58.27 -8.26 0.48
CA LEU O 295 57.17 -7.34 0.73
C LEU O 295 56.65 -7.48 2.17
N GLU O 296 56.40 -8.71 2.61
CA GLU O 296 55.92 -8.92 3.97
C GLU O 296 56.98 -8.49 4.98
N SER O 297 58.25 -8.72 4.68
CA SER O 297 59.31 -8.24 5.56
C SER O 297 59.21 -6.72 5.72
N GLU O 298 59.00 -6.01 4.62
CA GLU O 298 58.84 -4.55 4.71
C GLU O 298 57.64 -4.19 5.55
N LEU O 299 56.51 -4.87 5.36
CA LEU O 299 55.31 -4.55 6.12
C LEU O 299 55.49 -4.82 7.60
N TYR O 300 56.19 -5.90 7.95
CA TYR O 300 56.38 -6.24 9.36
C TYR O 300 57.09 -5.14 10.11
N ALA O 301 57.88 -4.32 9.44
CA ALA O 301 58.49 -3.16 10.09
C ALA O 301 57.44 -2.08 10.34
N ILE O 302 56.69 -1.72 9.29
CA ILE O 302 55.70 -0.66 9.43
C ILE O 302 54.64 -1.03 10.46
N ALA O 303 54.25 -2.29 10.51
CA ALA O 303 53.15 -2.70 11.38
C ALA O 303 53.46 -2.46 12.85
N LYS O 304 54.75 -2.31 13.21
CA LYS O 304 55.13 -2.12 14.60
C LYS O 304 55.11 -0.65 15.03
N GLU O 305 54.91 0.28 14.09
CA GLU O 305 54.96 1.70 14.39
C GLU O 305 53.83 2.51 13.79
N LEU O 306 53.07 1.96 12.85
CA LEU O 306 52.05 2.75 12.15
C LEU O 306 51.12 3.45 13.13
N ASP O 307 50.66 2.73 14.15
CA ASP O 307 49.75 3.34 15.12
C ASP O 307 50.42 4.51 15.84
N SER O 308 51.68 4.33 16.25
CA SER O 308 52.36 5.42 16.96
C SER O 308 52.46 6.66 16.09
N TRP O 309 52.77 6.49 14.81
CA TRP O 309 52.80 7.63 13.90
C TRP O 309 51.42 8.27 13.81
N PHE O 310 50.38 7.45 13.65
CA PHE O 310 49.06 7.98 13.35
C PHE O 310 48.55 8.85 14.49
N GLN O 311 48.79 8.43 15.73
CA GLN O 311 48.37 9.25 16.87
C GLN O 311 49.04 10.61 16.84
N ASP O 312 50.36 10.63 16.61
CA ASP O 312 51.08 11.89 16.61
C ASP O 312 50.59 12.83 15.51
N VAL O 313 50.44 12.30 14.29
CA VAL O 313 50.09 13.15 13.16
C VAL O 313 48.68 13.71 13.31
N THR O 314 47.74 12.88 13.78
CA THR O 314 46.38 13.37 14.01
C THR O 314 46.37 14.47 15.05
N ARG O 315 47.16 14.33 16.12
CA ARG O 315 47.23 15.37 17.14
C ARG O 315 47.85 16.64 16.58
N GLU O 316 48.88 16.51 15.73
CA GLU O 316 49.45 17.69 15.10
C GLU O 316 48.42 18.39 14.22
N LYS O 317 47.70 17.62 13.39
CA LYS O 317 46.66 18.22 12.56
C LYS O 317 45.55 18.84 13.42
N ALA O 318 45.30 18.25 14.59
CA ALA O 318 44.20 18.72 15.42
C ALA O 318 44.43 20.16 15.88
N ILE O 319 45.64 20.46 16.36
CA ILE O 319 45.88 21.79 16.91
C ILE O 319 45.74 22.86 15.84
N PHE O 320 46.12 22.55 14.61
CA PHE O 320 45.99 23.52 13.53
C PHE O 320 44.53 23.78 13.19
N GLU O 321 43.64 22.80 13.39
CA GLU O 321 42.22 23.06 13.24
C GLU O 321 41.71 23.99 14.33
N ILE O 322 42.47 24.18 15.40
CA ILE O 322 42.14 25.19 16.41
C ILE O 322 42.77 26.53 16.05
N LEU O 323 44.03 26.53 15.65
CA LEU O 323 44.71 27.77 15.31
C LEU O 323 44.02 28.47 14.14
N ASN O 324 43.33 27.72 13.28
CA ASN O 324 42.58 28.34 12.19
C ASN O 324 41.40 29.18 12.68
N LYS O 325 41.05 29.08 13.95
CA LYS O 325 39.94 29.82 14.53
C LYS O 325 40.36 31.18 15.10
N SER O 326 41.62 31.58 14.91
CA SER O 326 42.18 32.75 15.57
C SER O 326 42.62 33.79 14.56
N ASN O 327 42.56 35.06 14.99
CA ASN O 327 43.01 36.17 14.17
C ASN O 327 44.52 36.31 14.25
N TYR O 328 45.13 36.70 13.13
CA TYR O 328 46.58 36.92 13.04
C TYR O 328 46.84 38.37 12.65
N ASP O 329 47.60 39.07 13.49
CA ASP O 329 48.06 40.41 13.13
C ASP O 329 49.40 40.34 12.41
N THR O 330 49.50 41.10 11.31
CA THR O 330 50.81 41.27 10.67
C THR O 330 51.66 42.26 11.44
N ASN O 331 51.04 43.29 12.01
CA ASN O 331 51.78 44.33 12.71
C ASN O 331 52.34 43.83 14.05
N ARG O 332 51.72 42.83 14.66
CA ARG O 332 52.21 42.23 15.89
C ARG O 332 52.18 40.72 15.74
N LYS O 333 53.28 40.06 16.12
CA LYS O 333 53.38 38.60 16.03
C LYS O 333 52.57 37.94 17.14
N ILE O 334 51.25 38.08 17.05
CA ILE O 334 50.34 37.58 18.08
C ILE O 334 49.10 37.00 17.42
N LEU O 335 48.62 35.89 17.97
CA LEU O 335 47.34 35.31 17.60
C LEU O 335 46.33 35.57 18.71
N ILE O 336 45.11 35.96 18.32
CA ILE O 336 44.03 36.23 19.25
C ILE O 336 42.96 35.16 19.09
N ALA O 337 42.61 34.51 20.19
CA ALA O 337 41.60 33.45 20.19
C ALA O 337 40.74 33.57 21.43
N GLU O 338 39.53 33.03 21.34
CA GLU O 338 38.55 33.09 22.41
C GLU O 338 37.96 31.71 22.65
N GLY O 339 37.53 31.47 23.88
CA GLY O 339 36.93 30.20 24.24
C GLY O 339 36.17 30.31 25.54
N TRP O 340 35.53 29.21 25.91
CA TRP O 340 34.74 29.12 27.12
C TRP O 340 35.46 28.24 28.14
N ILE O 341 35.58 28.74 29.37
CA ILE O 341 36.23 28.01 30.45
C ILE O 341 35.33 28.09 31.68
N PRO O 342 35.01 26.96 32.33
CA PRO O 342 34.20 27.05 33.56
C PRO O 342 34.93 27.89 34.60
N ARG O 343 34.13 28.67 35.35
CA ARG O 343 34.71 29.70 36.21
C ARG O 343 35.71 29.12 37.20
N ASP O 344 35.39 27.96 37.78
CA ASP O 344 36.23 27.42 38.85
C ASP O 344 37.47 26.70 38.34
N GLU O 345 37.50 26.35 37.05
CA GLU O 345 38.72 25.77 36.48
C GLU O 345 39.76 26.82 36.10
N LEU O 346 39.34 28.08 35.95
CA LEU O 346 40.25 29.10 35.47
C LEU O 346 41.47 29.25 36.37
N ALA O 347 41.33 28.97 37.66
CA ALA O 347 42.46 29.11 38.57
C ALA O 347 43.59 28.17 38.21
N THR O 348 43.27 26.97 37.73
CA THR O 348 44.31 26.03 37.32
C THR O 348 44.79 26.29 35.90
N LEU O 349 43.89 26.77 35.03
CA LEU O 349 44.31 27.15 33.69
C LEU O 349 45.40 28.21 33.74
N GLN O 350 45.20 29.23 34.58
CA GLN O 350 46.22 30.27 34.74
C GLN O 350 47.52 29.67 35.26
N ALA O 351 47.43 28.75 36.21
CA ALA O 351 48.64 28.14 36.76
C ALA O 351 49.33 27.25 35.71
N ARG O 352 48.55 26.45 34.98
CA ARG O 352 49.15 25.51 34.05
C ARG O 352 49.88 26.23 32.92
N LEU O 353 49.30 27.29 32.39
CA LEU O 353 50.03 28.12 31.44
C LEU O 353 51.26 28.77 32.08
N GLY O 354 51.26 28.91 33.41
CA GLY O 354 52.48 29.33 34.09
C GLY O 354 53.59 28.32 33.96
N GLU O 355 53.27 27.04 34.19
CA GLU O 355 54.24 25.99 33.95
C GLU O 355 54.68 25.98 32.49
N MET O 356 53.74 26.18 31.57
CA MET O 356 54.08 26.20 30.15
C MET O 356 55.12 27.25 29.84
N ILE O 357 54.93 28.48 30.33
CA ILE O 357 55.91 29.52 30.09
C ILE O 357 57.20 29.21 30.83
N ALA O 358 57.10 28.65 32.03
CA ALA O 358 58.30 28.40 32.82
C ALA O 358 59.25 27.46 32.10
N ARG O 359 58.71 26.43 31.44
CA ARG O 359 59.57 25.48 30.73
C ARG O 359 60.19 26.09 29.48
N LEU O 360 59.74 27.27 29.06
CA LEU O 360 60.33 27.98 27.93
C LEU O 360 61.07 29.24 28.33
N GLY O 361 60.79 29.81 29.50
CA GLY O 361 61.50 30.98 29.96
C GLY O 361 61.19 32.26 29.21
N ILE O 362 60.04 32.31 28.53
CA ILE O 362 59.73 33.45 27.67
C ILE O 362 59.26 34.62 28.52
N ASP O 363 59.81 35.81 28.24
CA ASP O 363 59.22 37.04 28.75
C ASP O 363 57.93 37.31 28.00
N VAL O 364 56.82 37.36 28.72
CA VAL O 364 55.50 37.28 28.08
C VAL O 364 54.49 38.14 28.84
N PRO O 365 53.51 38.73 28.15
CA PRO O 365 52.39 39.36 28.87
C PRO O 365 51.42 38.34 29.42
N SER O 366 50.36 38.81 30.09
CA SER O 366 49.32 37.90 30.56
C SER O 366 48.65 37.24 29.37
N ILE O 367 48.88 35.93 29.18
CA ILE O 367 48.29 35.23 28.06
C ILE O 367 46.79 35.16 28.21
N ILE O 368 46.30 34.90 29.42
CA ILE O 368 44.88 34.84 29.69
C ILE O 368 44.33 36.25 29.87
N GLN O 369 43.14 36.49 29.33
CA GLN O 369 42.42 37.75 29.53
C GLN O 369 40.93 37.46 29.54
N VAL O 370 40.34 37.47 30.74
CA VAL O 370 38.90 37.22 30.86
C VAL O 370 38.13 38.35 30.20
N LEU O 371 36.97 38.02 29.65
CA LEU O 371 36.22 38.93 28.80
C LEU O 371 34.75 38.96 29.18
N ASP O 372 34.09 40.07 28.86
CA ASP O 372 32.67 40.26 29.10
C ASP O 372 31.93 40.22 27.77
N THR O 373 30.82 39.49 27.73
CA THR O 373 30.13 39.25 26.47
C THR O 373 28.63 39.06 26.68
N ASN O 374 27.90 39.26 25.59
CA ASN O 374 26.49 38.88 25.51
C ASN O 374 26.29 37.51 24.87
N HIS O 375 27.35 36.86 24.39
CA HIS O 375 27.21 35.60 23.68
C HIS O 375 26.71 34.51 24.62
N THR O 376 26.02 33.53 24.04
CA THR O 376 25.46 32.43 24.81
C THR O 376 26.56 31.45 25.21
N PRO O 377 26.77 31.21 26.50
CA PRO O 377 27.78 30.24 26.92
C PRO O 377 27.33 28.80 26.69
N PRO O 378 28.26 27.85 26.67
CA PRO O 378 27.87 26.44 26.56
C PRO O 378 27.34 25.89 27.88
N THR O 379 26.43 24.91 27.77
CA THR O 379 25.87 24.26 28.94
C THR O 379 26.72 23.07 29.34
N PHE O 380 27.07 22.98 30.62
CA PHE O 380 27.95 21.94 31.13
C PHE O 380 27.45 21.45 32.48
N HIS O 381 27.43 20.13 32.67
CA HIS O 381 27.05 19.51 33.93
C HIS O 381 28.11 18.52 34.36
N ARG O 382 28.52 18.61 35.63
CA ARG O 382 29.49 17.67 36.17
C ARG O 382 28.78 16.41 36.66
N THR O 383 29.41 15.26 36.40
CA THR O 383 28.78 13.98 36.69
C THR O 383 29.82 13.00 37.22
N ASN O 384 29.33 11.95 37.85
CA ASN O 384 30.12 10.82 38.32
C ASN O 384 29.47 9.53 37.83
N LYS O 385 30.09 8.39 38.16
CA LYS O 385 29.64 7.12 37.61
C LYS O 385 28.18 6.84 37.93
N PHE O 386 27.66 7.40 39.02
CA PHE O 386 26.26 7.20 39.37
C PHE O 386 25.34 8.07 38.51
N THR O 387 25.53 9.38 38.58
CA THR O 387 24.64 10.32 37.89
C THR O 387 24.85 10.34 36.38
N ALA O 388 26.00 9.89 35.89
CA ALA O 388 26.28 10.00 34.46
C ALA O 388 25.26 9.22 33.64
N GLY O 389 24.90 8.02 34.09
CA GLY O 389 23.95 7.21 33.34
C GLY O 389 22.64 7.92 33.12
N PHE O 390 22.07 8.51 34.17
CA PHE O 390 20.80 9.22 34.04
C PHE O 390 20.94 10.46 33.17
N GLN O 391 22.05 11.18 33.30
CA GLN O 391 22.23 12.41 32.55
C GLN O 391 22.12 12.16 31.05
N SER O 392 22.67 11.03 30.58
CA SER O 392 22.58 10.71 29.16
C SER O 392 21.14 10.59 28.70
N ILE O 393 20.25 10.16 29.58
CA ILE O 393 18.84 10.03 29.22
C ILE O 393 18.24 11.40 28.89
N CYS O 394 18.65 12.43 29.64
CA CYS O 394 18.14 13.76 29.37
C CYS O 394 18.83 14.39 28.15
N ASP O 395 20.17 14.31 28.10
CA ASP O 395 20.88 14.89 26.97
C ASP O 395 20.47 14.28 25.65
N CYS O 396 19.96 13.04 25.67
CA CYS O 396 19.48 12.44 24.43
C CYS O 396 18.33 13.23 23.84
N TYR O 397 17.54 13.90 24.69
CA TYR O 397 16.41 14.69 24.20
C TYR O 397 16.84 16.09 23.78
N GLY O 398 17.67 16.74 24.58
CA GLY O 398 18.12 18.09 24.24
C GLY O 398 19.12 18.58 25.26
N ILE O 399 19.69 19.74 24.95
CA ILE O 399 20.66 20.40 25.83
C ILE O 399 19.96 21.55 26.54
N ALA O 400 20.04 21.56 27.86
CA ALA O 400 19.37 22.58 28.64
C ALA O 400 19.95 23.95 28.36
N GLN O 401 19.09 24.96 28.37
CA GLN O 401 19.55 26.34 28.26
C GLN O 401 20.41 26.70 29.46
N TYR O 402 21.34 27.63 29.24
CA TYR O 402 22.33 27.97 30.24
C TYR O 402 21.68 28.35 31.56
N ARG O 403 22.04 27.62 32.61
CA ARG O 403 21.59 27.84 33.98
C ARG O 403 20.13 27.51 34.20
N GLU O 404 19.48 26.81 33.27
CA GLU O 404 18.17 26.27 33.55
C GLU O 404 18.28 25.08 34.51
N ILE O 405 17.17 24.80 35.20
CA ILE O 405 17.11 23.63 36.06
C ILE O 405 17.48 22.40 35.24
N ASN O 406 18.39 21.59 35.77
CA ASN O 406 18.80 20.39 35.06
C ASN O 406 17.74 19.31 35.21
N ALA O 407 17.38 18.67 34.10
CA ALA O 407 16.46 17.55 34.13
C ALA O 407 17.08 16.31 34.77
N GLY O 408 18.38 16.31 35.01
CA GLY O 408 19.07 15.15 35.55
C GLY O 408 18.56 14.69 36.91
N LEU O 409 18.68 15.55 37.91
CA LEU O 409 18.37 15.13 39.29
C LEU O 409 16.98 14.56 39.44
N PRO O 410 15.91 15.20 38.97
CA PRO O 410 14.59 14.56 39.09
C PRO O 410 14.53 13.20 38.43
N THR O 411 15.30 12.98 37.36
CA THR O 411 15.23 11.73 36.64
C THR O 411 15.79 10.57 37.46
N ILE O 412 16.70 10.85 38.40
CA ILE O 412 17.38 9.78 39.11
C ILE O 412 16.36 8.87 39.80
N VAL O 413 15.37 9.46 40.45
CA VAL O 413 14.36 8.69 41.18
C VAL O 413 13.18 8.33 40.30
N THR O 414 12.63 9.31 39.60
CA THR O 414 11.35 9.11 38.94
C THR O 414 11.44 8.19 37.73
N PHE O 415 12.59 8.13 37.06
CA PHE O 415 12.70 7.24 35.91
C PHE O 415 12.60 5.78 36.32
N PRO O 416 13.35 5.30 37.31
CA PRO O 416 13.17 3.91 37.74
C PRO O 416 11.88 3.68 38.51
N PHE O 417 11.39 4.67 39.26
CA PHE O 417 10.20 4.44 40.06
C PHE O 417 8.95 4.36 39.20
N MET O 418 8.80 5.28 38.23
CA MET O 418 7.68 5.16 37.30
C MET O 418 7.72 3.83 36.58
N PHE O 419 8.92 3.30 36.33
CA PHE O 419 9.04 1.95 35.81
C PHE O 419 8.54 0.93 36.82
N ALA O 420 8.94 1.08 38.08
CA ALA O 420 8.57 0.08 39.09
C ALA O 420 7.06 0.00 39.28
N ILE O 421 6.37 1.14 39.15
CA ILE O 421 4.91 1.12 39.25
C ILE O 421 4.32 0.27 38.12
N MET O 422 5.00 0.17 36.99
CA MET O 422 4.53 -0.61 35.86
C MET O 422 5.00 -2.05 35.92
N PHE O 423 6.20 -2.30 36.44
CA PHE O 423 6.75 -3.64 36.46
C PHE O 423 6.12 -4.47 37.58
N GLY O 424 6.27 -4.01 38.82
CA GLY O 424 5.33 -4.35 39.88
C GLY O 424 5.37 -5.74 40.43
N ASP O 425 6.31 -6.59 40.02
CA ASP O 425 6.37 -7.96 40.49
C ASP O 425 7.67 -8.14 41.28
N MET O 426 7.55 -8.62 42.51
CA MET O 426 8.72 -8.75 43.37
C MET O 426 9.70 -9.78 42.83
N GLY O 427 9.19 -10.89 42.29
CA GLY O 427 10.07 -11.90 41.74
C GLY O 427 10.85 -11.39 40.55
N HIS O 428 10.18 -10.68 39.64
CA HIS O 428 10.87 -10.11 38.51
C HIS O 428 11.82 -9.01 38.95
N GLY O 429 11.47 -8.27 40.00
CA GLY O 429 12.39 -7.28 40.54
C GLY O 429 13.66 -7.92 41.07
N PHE O 430 13.52 -9.08 41.73
CA PHE O 430 14.68 -9.77 42.25
C PHE O 430 15.61 -10.22 41.13
N LEU O 431 15.04 -10.83 40.08
CA LEU O 431 15.85 -11.22 38.93
C LEU O 431 16.51 -10.00 38.28
N MET O 432 15.75 -8.91 38.15
CA MET O 432 16.33 -7.68 37.60
C MET O 432 17.48 -7.18 38.47
N THR O 433 17.31 -7.22 39.79
CA THR O 433 18.38 -6.77 40.68
C THR O 433 19.63 -7.62 40.51
N LEU O 434 19.46 -8.95 40.47
CA LEU O 434 20.60 -9.83 40.32
C LEU O 434 21.32 -9.57 38.99
N ALA O 435 20.57 -9.34 37.93
CA ALA O 435 21.19 -9.04 36.64
C ALA O 435 22.01 -7.76 36.73
N ALA O 436 21.46 -6.72 37.36
CA ALA O 436 22.18 -5.46 37.48
C ALA O 436 23.37 -5.58 38.42
N LEU O 437 23.16 -6.22 39.58
CA LEU O 437 24.17 -6.20 40.63
C LEU O 437 25.49 -6.81 40.16
N SER O 438 25.42 -7.84 39.32
CA SER O 438 26.65 -8.49 38.87
C SER O 438 27.52 -7.54 38.06
N LEU O 439 26.92 -6.63 37.31
CA LEU O 439 27.70 -5.67 36.53
C LEU O 439 28.47 -4.72 37.44
N VAL O 440 27.78 -4.10 38.40
CA VAL O 440 28.41 -3.10 39.25
C VAL O 440 29.48 -3.73 40.12
N LEU O 441 29.24 -4.96 40.59
CA LEU O 441 30.23 -5.64 41.43
C LEU O 441 31.49 -6.02 40.65
N ASN O 442 31.41 -6.09 39.32
CA ASN O 442 32.55 -6.45 38.49
C ASN O 442 32.96 -5.34 37.54
N GLU O 443 32.56 -4.10 37.82
CA GLU O 443 32.87 -3.00 36.92
C GLU O 443 34.36 -2.78 36.78
N LYS O 444 35.14 -3.11 37.82
CA LYS O 444 36.59 -2.96 37.74
C LYS O 444 37.20 -3.86 36.66
N LYS O 445 36.53 -4.95 36.30
CA LYS O 445 37.00 -5.86 35.25
C LYS O 445 36.34 -5.58 33.91
N ILE O 446 35.02 -5.42 33.90
CA ILE O 446 34.29 -5.24 32.65
C ILE O 446 34.75 -3.97 31.95
N ASN O 447 35.11 -2.94 32.71
CA ASN O 447 35.52 -1.68 32.12
C ASN O 447 36.78 -1.83 31.28
N LYS O 448 37.63 -2.81 31.61
CA LYS O 448 38.95 -2.93 31.00
C LYS O 448 38.98 -3.87 29.81
N MET O 449 37.87 -4.02 29.09
CA MET O 449 37.83 -4.90 27.93
C MET O 449 36.81 -4.40 26.93
N LYS O 450 36.93 -4.90 25.70
CA LYS O 450 35.99 -4.56 24.64
C LYS O 450 34.58 -5.03 25.00
N ARG O 451 33.59 -4.31 24.47
CA ARG O 451 32.19 -4.61 24.75
C ARG O 451 31.38 -4.47 23.47
N GLY O 452 30.42 -5.37 23.29
CA GLY O 452 29.62 -5.39 22.09
C GLY O 452 28.69 -4.18 21.98
N GLU O 453 27.96 -4.15 20.86
CA GLU O 453 27.09 -3.02 20.56
C GLU O 453 26.09 -2.77 21.68
N ILE O 454 25.39 -3.81 22.10
CA ILE O 454 24.36 -3.65 23.12
C ILE O 454 24.91 -3.85 24.52
N PHE O 455 25.93 -4.71 24.67
CA PHE O 455 26.50 -4.93 25.99
C PHE O 455 27.14 -3.67 26.53
N ASP O 456 27.81 -2.90 25.66
CA ASP O 456 28.40 -1.63 26.10
C ASP O 456 27.33 -0.66 26.56
N MET O 457 26.22 -0.57 25.83
CA MET O 457 25.12 0.28 26.24
C MET O 457 24.58 -0.16 27.60
N ALA O 458 24.39 -1.48 27.77
CA ALA O 458 23.86 -1.98 29.03
C ALA O 458 24.80 -1.66 30.18
N PHE O 459 26.10 -1.91 29.99
CA PHE O 459 27.06 -1.64 31.07
C PHE O 459 27.10 -0.16 31.42
N THR O 460 26.94 0.71 30.42
CA THR O 460 26.89 2.14 30.69
C THR O 460 25.71 2.48 31.59
N GLY O 461 24.59 1.79 31.40
CA GLY O 461 23.40 2.02 32.18
C GLY O 461 23.29 1.25 33.48
N ARG O 462 24.37 0.58 33.89
CA ARG O 462 24.26 -0.42 34.94
C ARG O 462 23.62 0.14 36.21
N TYR O 463 23.87 1.41 36.53
CA TYR O 463 23.26 1.98 37.72
C TYR O 463 21.80 2.37 37.53
N ILE O 464 21.34 2.54 36.29
CA ILE O 464 19.91 2.74 36.06
C ILE O 464 19.16 1.45 36.39
N ILE O 465 19.58 0.34 35.78
CA ILE O 465 18.85 -0.91 35.91
C ILE O 465 18.90 -1.43 37.35
N LEU O 466 19.91 -1.01 38.12
CA LEU O 466 19.95 -1.40 39.53
C LEU O 466 18.75 -0.83 40.29
N LEU O 467 18.53 0.48 40.17
CA LEU O 467 17.39 1.08 40.87
C LEU O 467 16.07 0.52 40.36
N MET O 468 15.96 0.29 39.06
CA MET O 468 14.75 -0.32 38.53
C MET O 468 14.46 -1.63 39.22
N GLY O 469 15.50 -2.39 39.57
CA GLY O 469 15.33 -3.61 40.33
C GLY O 469 14.85 -3.36 41.75
N VAL O 470 15.54 -2.49 42.47
CA VAL O 470 15.22 -2.27 43.89
C VAL O 470 13.79 -1.78 44.04
N PHE O 471 13.42 -0.74 43.28
CA PHE O 471 12.06 -0.22 43.38
C PHE O 471 11.03 -1.25 42.95
N SER O 472 11.37 -2.11 42.00
CA SER O 472 10.42 -3.12 41.56
C SER O 472 10.13 -4.12 42.67
N MET O 473 11.13 -4.45 43.49
CA MET O 473 10.87 -5.31 44.63
C MET O 473 9.95 -4.63 45.64
N TYR O 474 10.05 -3.30 45.78
CA TYR O 474 9.14 -2.60 46.67
C TYR O 474 7.72 -2.64 46.15
N THR O 475 7.52 -2.21 44.90
CA THR O 475 6.17 -2.22 44.33
C THR O 475 5.61 -3.64 44.28
N GLY O 476 6.47 -4.64 44.14
CA GLY O 476 6.01 -6.01 44.29
C GLY O 476 5.47 -6.28 45.67
N PHE O 477 6.05 -5.63 46.69
CA PHE O 477 5.53 -5.77 48.05
C PHE O 477 4.20 -5.04 48.20
N LEU O 478 4.07 -3.87 47.57
CA LEU O 478 2.83 -3.11 47.68
C LEU O 478 1.71 -3.75 46.88
N TYR O 479 2.00 -4.18 45.65
CA TYR O 479 1.05 -4.99 44.91
C TYR O 479 0.89 -6.39 45.49
N ASN O 480 1.72 -6.75 46.47
CA ASN O 480 1.66 -8.06 47.11
C ASN O 480 1.64 -9.15 46.06
N ASP O 481 2.78 -9.29 45.37
CA ASP O 481 2.88 -10.18 44.23
C ASP O 481 4.33 -10.59 44.04
N ILE O 482 4.62 -11.88 44.23
CA ILE O 482 5.89 -12.47 43.84
C ILE O 482 5.60 -13.59 42.86
N PHE O 483 6.12 -13.47 41.64
CA PHE O 483 5.92 -14.49 40.61
C PHE O 483 4.46 -14.91 40.52
N SER O 484 3.55 -13.97 40.76
CA SER O 484 2.11 -14.22 40.63
C SER O 484 1.57 -15.09 41.77
N LYS O 485 2.17 -15.00 42.95
CA LYS O 485 1.58 -15.51 44.18
C LYS O 485 1.67 -14.45 45.26
N THR O 486 0.66 -14.43 46.12
CA THR O 486 0.58 -13.43 47.18
C THR O 486 1.25 -13.94 48.45
N MET O 487 1.65 -12.99 49.30
CA MET O 487 2.39 -13.28 50.53
C MET O 487 1.48 -13.03 51.72
N THR O 488 1.34 -14.05 52.58
CA THR O 488 0.48 -13.98 53.75
C THR O 488 1.23 -13.53 55.00
N ILE O 489 1.84 -12.35 54.94
CA ILE O 489 2.73 -11.93 56.02
C ILE O 489 1.94 -11.48 57.25
N PHE O 490 0.94 -10.62 57.06
CA PHE O 490 0.19 -10.07 58.18
C PHE O 490 -1.22 -10.66 58.23
N LYS O 491 -1.91 -10.36 59.33
CA LYS O 491 -3.30 -10.76 59.48
C LYS O 491 -4.17 -10.04 58.46
N SER O 492 -5.00 -10.80 57.77
CA SER O 492 -5.87 -10.22 56.75
C SER O 492 -6.93 -9.33 57.39
N GLY O 493 -7.29 -8.25 56.68
CA GLY O 493 -8.38 -7.42 57.12
C GLY O 493 -9.73 -8.04 56.87
N TRP O 494 -9.85 -8.84 55.81
CA TRP O 494 -11.10 -9.51 55.49
C TRP O 494 -11.18 -10.85 56.22
N LYS O 495 -12.40 -11.27 56.53
CA LYS O 495 -12.65 -12.56 57.17
C LYS O 495 -13.82 -13.24 56.46
N TRP O 496 -13.65 -14.54 56.19
CA TRP O 496 -14.69 -15.31 55.53
C TRP O 496 -15.76 -15.77 56.52
N PRO O 497 -16.92 -16.19 56.02
CA PRO O 497 -17.93 -16.79 56.90
C PRO O 497 -17.41 -17.99 57.65
N ASP O 498 -18.10 -18.39 58.73
CA ASP O 498 -17.61 -19.47 59.58
C ASP O 498 -17.73 -20.83 58.90
N HIS O 499 -18.77 -21.05 58.10
CA HIS O 499 -18.94 -22.32 57.40
C HIS O 499 -19.68 -22.10 56.10
N TRP O 500 -19.41 -22.96 55.13
CA TRP O 500 -20.11 -22.95 53.85
C TRP O 500 -19.99 -24.32 53.21
N LYS O 501 -20.89 -24.59 52.27
CA LYS O 501 -20.90 -25.86 51.58
C LYS O 501 -19.96 -25.83 50.38
N LYS O 502 -19.50 -27.01 49.97
CA LYS O 502 -18.61 -27.12 48.82
C LYS O 502 -19.24 -26.46 47.59
N GLY O 503 -18.50 -25.55 46.98
CA GLY O 503 -18.97 -24.83 45.81
C GLY O 503 -19.88 -23.67 46.10
N GLU O 504 -20.22 -23.42 47.37
CA GLU O 504 -21.09 -22.31 47.71
C GLU O 504 -20.35 -20.98 47.61
N SER O 505 -21.00 -19.99 47.00
CA SER O 505 -20.41 -18.65 46.91
C SER O 505 -20.41 -17.99 48.28
N ILE O 506 -19.29 -17.35 48.62
CA ILE O 506 -19.12 -16.73 49.92
C ILE O 506 -18.54 -15.33 49.74
N THR O 507 -18.86 -14.46 50.71
CA THR O 507 -18.37 -13.08 50.72
C THR O 507 -17.84 -12.76 52.10
N ALA O 508 -16.72 -12.04 52.15
CA ALA O 508 -16.02 -11.81 53.39
C ALA O 508 -16.53 -10.55 54.09
N THR O 509 -16.16 -10.42 55.36
CA THR O 509 -16.46 -9.24 56.17
C THR O 509 -15.18 -8.47 56.43
N SER O 510 -15.26 -7.14 56.35
CA SER O 510 -14.11 -6.25 56.54
C SER O 510 -13.84 -6.09 58.02
N VAL O 511 -13.07 -7.02 58.58
CA VAL O 511 -12.72 -6.94 59.99
C VAL O 511 -11.72 -5.82 60.24
N GLY O 512 -10.88 -5.52 59.26
CA GLY O 512 -9.87 -4.50 59.46
C GLY O 512 -9.24 -4.07 58.16
N THR O 513 -8.11 -3.37 58.28
CA THR O 513 -7.38 -2.86 57.13
C THR O 513 -5.97 -3.43 57.14
N TYR O 514 -5.56 -3.97 56.00
CA TYR O 514 -4.24 -4.57 55.88
C TYR O 514 -3.17 -3.48 55.97
N PRO O 515 -2.08 -3.72 56.72
CA PRO O 515 -1.17 -2.60 57.05
C PRO O 515 -0.30 -2.12 55.90
N ILE O 516 0.19 -3.02 55.05
CA ILE O 516 1.05 -2.64 53.92
C ILE O 516 0.63 -3.43 52.70
N GLY O 517 0.46 -2.72 51.58
CA GLY O 517 0.11 -3.37 50.33
C GLY O 517 -1.30 -3.94 50.36
N LEU O 518 -1.66 -4.56 49.24
CA LEU O 518 -2.99 -5.16 49.13
C LEU O 518 -3.13 -6.33 50.10
N ASP O 519 -4.35 -6.51 50.62
CA ASP O 519 -4.63 -7.65 51.47
C ASP O 519 -4.54 -8.94 50.66
N TRP O 520 -3.87 -9.94 51.22
CA TRP O 520 -3.73 -11.22 50.52
C TRP O 520 -5.06 -11.96 50.40
N ALA O 521 -6.10 -11.51 51.10
CA ALA O 521 -7.40 -12.17 51.00
C ALA O 521 -7.96 -12.13 49.57
N TRP O 522 -7.47 -11.21 48.73
CA TRP O 522 -7.99 -11.05 47.39
C TRP O 522 -7.53 -12.11 46.40
N HIS O 523 -6.50 -12.88 46.75
CA HIS O 523 -5.92 -13.80 45.77
C HIS O 523 -6.96 -14.78 45.23
N GLY O 524 -6.93 -14.98 43.92
CA GLY O 524 -7.79 -15.96 43.28
C GLY O 524 -9.26 -15.66 43.43
N THR O 525 -9.58 -14.49 43.98
CA THR O 525 -10.97 -14.13 44.21
C THR O 525 -11.61 -13.70 42.90
N GLU O 526 -12.88 -14.05 42.71
CA GLU O 526 -13.51 -13.89 41.41
C GLU O 526 -13.57 -12.43 41.00
N ASN O 527 -13.95 -11.55 41.91
CA ASN O 527 -14.11 -10.13 41.61
C ASN O 527 -12.87 -9.32 41.95
N ALA O 528 -11.71 -9.96 42.10
CA ALA O 528 -10.50 -9.23 42.44
C ALA O 528 -10.16 -8.18 41.39
N LEU O 529 -10.38 -8.48 40.11
CA LEU O 529 -10.07 -7.52 39.06
C LEU O 529 -10.81 -6.21 39.29
N LEU O 530 -12.07 -6.28 39.70
CA LEU O 530 -12.85 -5.06 39.85
C LEU O 530 -12.34 -4.19 40.98
N PHE O 531 -11.68 -4.77 41.99
CA PHE O 531 -11.08 -3.94 43.03
C PHE O 531 -9.73 -3.38 42.57
N SER O 532 -8.81 -4.25 42.17
CA SER O 532 -7.47 -3.80 41.81
C SER O 532 -7.51 -2.82 40.65
N ASN O 533 -8.39 -3.03 39.68
CA ASN O 533 -8.46 -2.11 38.55
C ASN O 533 -8.96 -0.74 38.98
N SER O 534 -10.06 -0.71 39.74
CA SER O 534 -10.54 0.56 40.27
C SER O 534 -9.55 1.18 41.25
N TYR O 535 -8.58 0.39 41.73
CA TYR O 535 -7.51 0.94 42.57
C TYR O 535 -6.37 1.52 41.74
N LYS O 536 -5.77 0.69 40.89
CA LYS O 536 -4.54 1.10 40.24
C LYS O 536 -4.77 2.21 39.22
N MET O 537 -5.96 2.30 38.63
CA MET O 537 -6.26 3.45 37.79
C MET O 537 -6.19 4.74 38.59
N LYS O 538 -6.79 4.75 39.78
CA LYS O 538 -6.75 5.94 40.61
C LYS O 538 -5.34 6.23 41.08
N LEU O 539 -4.53 5.18 41.24
CA LEU O 539 -3.10 5.37 41.46
C LEU O 539 -2.44 6.02 40.25
N SER O 540 -2.78 5.57 39.05
CA SER O 540 -2.18 6.13 37.84
C SER O 540 -2.44 7.63 37.75
N ILE O 541 -3.69 8.05 37.93
CA ILE O 541 -4.04 9.46 37.78
C ILE O 541 -3.35 10.28 38.87
N LEU O 542 -3.46 9.85 40.12
CA LEU O 542 -2.87 10.62 41.21
C LEU O 542 -1.36 10.71 41.07
N MET O 543 -0.70 9.59 40.80
CA MET O 543 0.75 9.61 40.64
C MET O 543 1.14 10.47 39.46
N GLY O 544 0.44 10.33 38.34
CA GLY O 544 0.75 11.15 37.18
C GLY O 544 0.57 12.63 37.45
N PHE O 545 -0.54 12.99 38.09
CA PHE O 545 -0.79 14.41 38.38
C PHE O 545 0.28 14.97 39.32
N ILE O 546 0.65 14.21 40.34
CA ILE O 546 1.66 14.70 41.28
C ILE O 546 2.96 14.98 40.55
N HIS O 547 3.35 14.07 39.65
CA HIS O 547 4.58 14.28 38.89
C HIS O 547 4.48 15.52 38.02
N MET O 548 3.33 15.72 37.37
CA MET O 548 3.18 16.88 36.48
C MET O 548 3.24 18.18 37.26
N THR O 549 2.45 18.29 38.33
CA THR O 549 2.41 19.54 39.08
C THR O 549 3.76 19.82 39.74
N TYR O 550 4.45 18.78 40.20
CA TYR O 550 5.78 18.96 40.75
C TYR O 550 6.74 19.48 39.69
N SER O 551 6.79 18.81 38.54
CA SER O 551 7.71 19.23 37.49
C SER O 551 7.32 20.58 36.91
N TYR O 552 6.03 20.90 36.89
CA TYR O 552 5.60 22.20 36.42
C TYR O 552 6.17 23.32 37.29
N PHE O 553 6.31 23.07 38.60
CA PHE O 553 6.81 24.10 39.50
C PHE O 553 8.26 24.48 39.19
N PHE O 554 8.99 23.68 38.43
CA PHE O 554 10.32 24.10 38.01
C PHE O 554 10.26 25.34 37.14
N SER O 555 9.11 25.61 36.50
CA SER O 555 8.96 26.86 35.77
C SER O 555 9.16 28.06 36.69
N LEU O 556 8.61 27.99 37.90
CA LEU O 556 8.84 29.05 38.87
C LEU O 556 10.31 29.14 39.25
N ALA O 557 10.96 27.99 39.46
CA ALA O 557 12.37 28.01 39.82
C ALA O 557 13.23 28.65 38.73
N ASN O 558 12.78 28.57 37.48
CA ASN O 558 13.49 29.23 36.39
C ASN O 558 13.18 30.72 36.36
N HIS O 559 11.88 31.06 36.34
CA HIS O 559 11.49 32.46 36.19
C HIS O 559 11.99 33.33 37.33
N LEU O 560 12.10 32.77 38.54
CA LEU O 560 12.68 33.52 39.64
C LEU O 560 14.17 33.74 39.42
N TYR O 561 14.89 32.72 38.97
CA TYR O 561 16.33 32.86 38.79
C TYR O 561 16.67 33.86 37.69
N PHE O 562 15.95 33.80 36.57
CA PHE O 562 16.11 34.79 35.51
C PHE O 562 15.41 36.10 35.83
N ASN O 563 14.67 36.16 36.94
CA ASN O 563 13.97 37.39 37.34
C ASN O 563 13.05 37.86 36.22
N SER O 564 12.39 36.91 35.56
CA SER O 564 11.45 37.21 34.49
C SER O 564 10.02 37.24 35.05
N MET O 565 9.69 38.37 35.70
CA MET O 565 8.42 38.47 36.40
C MET O 565 7.24 38.36 35.45
N ILE O 566 7.37 38.83 34.21
CA ILE O 566 6.25 38.75 33.29
C ILE O 566 5.91 37.30 32.95
N ASP O 567 6.89 36.39 33.04
CA ASP O 567 6.57 34.98 32.87
C ASP O 567 5.77 34.45 34.05
N ILE O 568 6.11 34.89 35.27
CA ILE O 568 5.38 34.45 36.45
C ILE O 568 3.94 34.95 36.39
N ILE O 569 3.75 36.23 36.07
CA ILE O 569 2.41 36.77 35.95
C ILE O 569 1.73 36.28 34.69
N GLY O 570 2.51 36.08 33.62
CA GLY O 570 1.92 35.75 32.33
C GLY O 570 1.67 34.28 32.10
N ASN O 571 2.70 33.46 32.24
CA ASN O 571 2.57 32.04 31.91
C ASN O 571 2.29 31.18 33.14
N PHE O 572 3.06 31.34 34.20
CA PHE O 572 3.00 30.40 35.31
C PHE O 572 1.65 30.45 36.01
N ILE O 573 1.27 31.62 36.53
CA ILE O 573 0.09 31.71 37.38
C ILE O 573 -1.16 31.28 36.62
N PRO O 574 -1.48 31.82 35.45
CA PRO O 574 -2.65 31.31 34.71
C PRO O 574 -2.54 29.82 34.41
N GLY O 575 -1.35 29.34 34.06
CA GLY O 575 -1.20 27.92 33.80
C GLY O 575 -1.43 27.09 35.03
N LEU O 576 -0.94 27.55 36.19
CA LEU O 576 -1.17 26.85 37.44
C LEU O 576 -2.66 26.77 37.75
N LEU O 577 -3.35 27.91 37.71
CA LEU O 577 -4.76 27.94 38.07
C LEU O 577 -5.59 27.02 37.19
N PHE O 578 -5.17 26.81 35.93
CA PHE O 578 -5.94 25.95 35.03
C PHE O 578 -5.85 24.49 35.44
N MET O 579 -4.63 23.95 35.49
CA MET O 579 -4.50 22.51 35.72
C MET O 579 -4.83 22.14 37.15
N GLN O 580 -4.47 22.97 38.12
CA GLN O 580 -4.89 22.73 39.50
C GLN O 580 -6.40 22.82 39.61
N GLY O 581 -7.01 23.77 38.91
CA GLY O 581 -8.45 23.98 39.03
C GLY O 581 -9.30 22.84 38.49
N ILE O 582 -8.77 22.07 37.54
CA ILE O 582 -9.53 20.96 36.96
C ILE O 582 -9.00 19.64 37.49
N PHE O 583 -7.75 19.34 37.17
CA PHE O 583 -7.21 18.02 37.47
C PHE O 583 -6.70 17.94 38.89
N GLY O 584 -6.31 19.08 39.47
CA GLY O 584 -6.10 19.11 40.91
C GLY O 584 -7.38 18.82 41.67
N TYR O 585 -8.49 19.40 41.22
CA TYR O 585 -9.77 19.15 41.85
C TYR O 585 -10.17 17.68 41.73
N LEU O 586 -10.01 17.11 40.53
CA LEU O 586 -10.31 15.69 40.35
C LEU O 586 -9.46 14.85 41.29
N SER O 587 -8.18 15.18 41.42
CA SER O 587 -7.31 14.44 42.32
C SER O 587 -7.81 14.54 43.76
N VAL O 588 -8.22 15.74 44.18
CA VAL O 588 -8.73 15.90 45.53
C VAL O 588 -10.00 15.09 45.72
N CYS O 589 -10.88 15.10 44.72
CA CYS O 589 -12.11 14.31 44.83
C CYS O 589 -11.80 12.83 44.99
N ILE O 590 -10.84 12.32 44.22
CA ILE O 590 -10.50 10.89 44.29
C ILE O 590 -10.07 10.53 45.70
N VAL O 591 -9.21 11.34 46.31
CA VAL O 591 -8.78 11.08 47.67
C VAL O 591 -9.95 11.23 48.64
N TYR O 592 -10.80 12.24 48.42
CA TYR O 592 -11.93 12.45 49.33
C TYR O 592 -12.85 11.24 49.35
N LYS O 593 -13.10 10.63 48.19
CA LYS O 593 -14.03 9.51 48.13
C LYS O 593 -13.58 8.36 49.03
N TRP O 594 -12.27 8.17 49.18
CA TRP O 594 -11.77 7.11 50.07
C TRP O 594 -11.88 7.49 51.54
N ALA O 595 -12.03 8.77 51.86
CA ALA O 595 -12.08 9.20 53.25
C ALA O 595 -13.44 8.96 53.90
N VAL O 596 -14.47 8.65 53.12
CA VAL O 596 -15.85 8.64 53.59
C VAL O 596 -16.33 7.20 53.73
N ASP O 597 -17.00 6.90 54.84
CA ASP O 597 -17.68 5.62 55.04
C ASP O 597 -19.08 5.75 54.44
N TRP O 598 -19.20 5.40 53.16
CA TRP O 598 -20.45 5.63 52.45
C TRP O 598 -21.57 4.75 52.98
N VAL O 599 -21.25 3.51 53.34
CA VAL O 599 -22.29 2.61 53.88
C VAL O 599 -22.85 3.17 55.18
N LYS O 600 -21.96 3.60 56.08
CA LYS O 600 -22.42 4.13 57.35
C LYS O 600 -23.24 5.40 57.15
N ASP O 601 -22.81 6.28 56.26
CA ASP O 601 -23.55 7.51 56.00
C ASP O 601 -24.88 7.23 55.32
N GLY O 602 -24.96 6.14 54.55
CA GLY O 602 -26.13 5.87 53.76
C GLY O 602 -26.23 6.67 52.48
N LYS O 603 -25.30 7.58 52.24
CA LYS O 603 -25.31 8.35 51.01
C LYS O 603 -24.95 7.43 49.83
N PRO O 604 -25.54 7.66 48.66
CA PRO O 604 -25.09 6.94 47.46
C PRO O 604 -23.74 7.46 47.01
N ALA O 605 -22.77 6.56 46.91
CA ALA O 605 -21.41 6.98 46.58
C ALA O 605 -21.36 7.52 45.16
N PRO O 606 -20.86 8.74 44.95
CA PRO O 606 -20.94 9.34 43.62
C PRO O 606 -19.97 8.70 42.63
N GLY O 607 -20.32 8.82 41.35
CA GLY O 607 -19.43 8.41 40.27
C GLY O 607 -18.63 9.59 39.75
N LEU O 608 -17.30 9.50 39.83
CA LEU O 608 -16.48 10.66 39.52
C LEU O 608 -16.45 10.98 38.03
N LEU O 609 -16.53 9.95 37.18
CA LEU O 609 -16.59 10.22 35.73
C LEU O 609 -17.83 11.04 35.39
N ASN O 610 -18.99 10.62 35.91
CA ASN O 610 -20.21 11.39 35.69
C ASN O 610 -20.06 12.80 36.24
N MET O 611 -19.50 12.93 37.44
CA MET O 611 -19.31 14.25 38.04
C MET O 611 -18.41 15.12 37.19
N LEU O 612 -17.25 14.58 36.79
CA LEU O 612 -16.29 15.37 36.02
C LEU O 612 -16.91 15.85 34.71
N ILE O 613 -17.65 14.98 34.03
CA ILE O 613 -18.31 15.40 32.80
C ILE O 613 -19.37 16.45 33.09
N ASN O 614 -20.20 16.22 34.10
CA ASN O 614 -21.33 17.11 34.35
C ASN O 614 -20.89 18.51 34.76
N MET O 615 -19.75 18.64 35.45
CA MET O 615 -19.29 19.96 35.83
C MET O 615 -18.91 20.80 34.63
N PHE O 616 -18.77 20.20 33.46
CA PHE O 616 -18.61 20.93 32.20
C PHE O 616 -19.90 21.02 31.41
N LEU O 617 -20.62 19.91 31.24
CA LEU O 617 -21.74 19.84 30.33
C LEU O 617 -23.06 20.30 30.95
N SER O 618 -23.10 20.51 32.25
CA SER O 618 -24.29 21.06 32.89
C SER O 618 -23.89 21.65 34.23
N PRO O 619 -23.05 22.69 34.24
CA PRO O 619 -22.59 23.25 35.51
C PRO O 619 -23.75 23.78 36.33
N GLY O 620 -23.59 23.71 37.65
CA GLY O 620 -24.65 24.10 38.56
C GLY O 620 -25.70 23.04 38.79
N THR O 621 -25.55 21.85 38.22
CA THR O 621 -26.45 20.74 38.44
C THR O 621 -25.67 19.55 38.97
N ILE O 622 -26.32 18.76 39.82
CA ILE O 622 -25.67 17.65 40.51
C ILE O 622 -26.66 16.50 40.65
N ASP O 623 -26.13 15.29 40.72
CA ASP O 623 -26.94 14.10 40.96
C ASP O 623 -26.60 13.46 42.30
N ASP O 624 -25.33 13.14 42.55
CA ASP O 624 -24.87 12.59 43.82
C ASP O 624 -23.81 13.53 44.38
N GLU O 625 -24.03 14.00 45.60
CA GLU O 625 -23.12 14.93 46.24
C GLU O 625 -21.93 14.21 46.83
N LEU O 626 -20.73 14.67 46.49
CA LEU O 626 -19.52 14.19 47.16
C LEU O 626 -19.29 14.92 48.47
N TYR O 627 -19.72 16.18 48.55
CA TYR O 627 -19.56 16.97 49.76
C TYR O 627 -20.48 18.19 49.66
N PRO O 628 -20.72 18.88 50.78
CA PRO O 628 -21.68 20.00 50.78
C PRO O 628 -21.30 21.09 49.79
N HIS O 629 -22.33 21.72 49.23
CA HIS O 629 -22.19 22.87 48.33
C HIS O 629 -21.28 22.57 47.14
N GLN O 630 -21.27 21.31 46.70
CA GLN O 630 -20.45 20.92 45.56
C GLN O 630 -20.77 21.79 44.35
N ALA O 631 -22.05 21.99 44.05
CA ALA O 631 -22.43 22.75 42.87
C ALA O 631 -21.91 24.18 42.95
N LYS O 632 -22.02 24.81 44.12
CA LYS O 632 -21.58 26.20 44.25
C LYS O 632 -20.08 26.34 44.04
N VAL O 633 -19.32 25.29 44.34
CA VAL O 633 -17.87 25.33 44.12
C VAL O 633 -17.55 25.02 42.67
N GLN O 634 -18.17 23.99 42.10
CA GLN O 634 -17.79 23.55 40.76
C GLN O 634 -18.04 24.64 39.73
N VAL O 635 -19.13 25.39 39.87
CA VAL O 635 -19.37 26.49 38.95
C VAL O 635 -18.27 27.53 39.07
N PHE O 636 -17.76 27.75 40.28
CA PHE O 636 -16.64 28.67 40.44
C PHE O 636 -15.37 28.11 39.81
N LEU O 637 -15.10 26.82 40.02
CA LEU O 637 -13.90 26.24 39.43
C LEU O 637 -13.95 26.31 37.91
N LEU O 638 -15.13 26.09 37.32
CA LEU O 638 -15.28 26.27 35.88
C LEU O 638 -15.01 27.72 35.50
N LEU O 639 -15.51 28.67 36.31
CA LEU O 639 -15.28 30.08 36.04
C LEU O 639 -13.79 30.37 35.93
N MET O 640 -13.00 29.86 36.88
CA MET O 640 -11.56 30.05 36.83
C MET O 640 -10.96 29.40 35.59
N ALA O 641 -11.39 28.18 35.28
CA ALA O 641 -10.82 27.47 34.14
C ALA O 641 -11.04 28.21 32.84
N LEU O 642 -12.16 28.91 32.72
CA LEU O 642 -12.43 29.69 31.52
C LEU O 642 -11.68 31.01 31.53
N VAL O 643 -11.69 31.72 32.67
CA VAL O 643 -11.06 33.03 32.75
C VAL O 643 -9.56 32.93 32.50
N CYS O 644 -8.93 31.83 32.91
CA CYS O 644 -7.49 31.70 32.79
C CYS O 644 -7.02 31.61 31.34
N ILE O 645 -7.91 31.31 30.39
CA ILE O 645 -7.51 31.16 29.00
C ILE O 645 -7.15 32.52 28.42
N PRO O 646 -8.07 33.49 28.39
CA PRO O 646 -7.69 34.82 27.89
C PRO O 646 -6.58 35.46 28.71
N TRP O 647 -6.56 35.22 30.02
CA TRP O 647 -5.48 35.72 30.86
C TRP O 647 -4.16 35.12 30.41
N LEU O 648 -4.09 33.80 30.26
CA LEU O 648 -2.87 33.16 29.79
C LEU O 648 -2.48 33.67 28.41
N LEU O 649 -3.47 34.05 27.60
CA LEU O 649 -3.21 34.43 26.21
C LEU O 649 -2.70 35.86 26.10
N LEU O 650 -3.49 36.83 26.59
CA LEU O 650 -3.29 38.23 26.22
C LEU O 650 -2.18 38.93 27.00
N VAL O 651 -2.01 38.59 28.29
CA VAL O 651 -1.33 39.52 29.18
C VAL O 651 0.12 39.74 28.76
N LYS O 652 0.86 38.66 28.50
CA LYS O 652 2.27 38.86 28.15
C LYS O 652 2.42 39.60 26.83
N PRO O 653 1.74 39.22 25.74
CA PRO O 653 1.83 40.03 24.51
C PRO O 653 1.48 41.49 24.73
N LEU O 654 0.44 41.79 25.51
CA LEU O 654 0.07 43.17 25.75
C LEU O 654 1.18 43.93 26.47
N HIS O 655 1.83 43.28 27.44
CA HIS O 655 2.93 43.93 28.13
C HIS O 655 4.05 44.28 27.16
N PHE O 656 4.34 43.38 26.21
CA PHE O 656 5.33 43.69 25.19
C PHE O 656 4.88 44.84 24.31
N LYS O 657 3.61 44.84 23.89
CA LYS O 657 3.14 45.83 22.93
C LYS O 657 3.38 47.24 23.44
N PHE O 658 3.13 47.47 24.73
CA PHE O 658 3.36 48.78 25.35
C PHE O 658 4.77 48.95 25.89
N THR O 659 5.58 47.88 25.90
CA THR O 659 6.90 47.88 26.52
C THR O 659 6.93 48.72 27.79
N GLU O 706 6.31 45.43 13.93
CA GLU O 706 5.37 44.33 13.75
C GLU O 706 5.77 43.11 14.58
N ASP O 707 6.82 43.24 15.39
CA ASP O 707 7.27 42.12 16.21
C ASP O 707 6.17 41.66 17.16
N PHE O 708 5.30 42.58 17.60
CA PHE O 708 4.20 42.20 18.46
C PHE O 708 3.32 41.13 17.81
N GLY O 709 3.18 41.18 16.49
CA GLY O 709 2.39 40.16 15.80
C GLY O 709 2.98 38.77 15.97
N ASP O 710 4.31 38.65 15.87
CA ASP O 710 4.94 37.36 16.11
C ASP O 710 4.80 36.94 17.57
N ILE O 711 5.00 37.89 18.50
CA ILE O 711 4.83 37.58 19.91
C ILE O 711 3.42 37.08 20.16
N MET O 712 2.42 37.76 19.60
CA MET O 712 1.03 37.34 19.77
C MET O 712 0.82 35.93 19.23
N ILE O 713 1.24 35.68 17.99
CA ILE O 713 0.99 34.38 17.37
C ILE O 713 1.73 33.28 18.12
N HIS O 714 2.96 33.58 18.56
CA HIS O 714 3.69 32.59 19.36
C HIS O 714 2.94 32.24 20.63
N GLN O 715 2.39 33.24 21.31
CA GLN O 715 1.60 32.97 22.51
C GLN O 715 0.36 32.17 22.17
N VAL O 716 -0.29 32.49 21.04
CA VAL O 716 -1.52 31.79 20.67
C VAL O 716 -1.28 30.30 20.55
N ILE O 717 -0.23 29.92 19.80
CA ILE O 717 0.02 28.50 19.60
C ILE O 717 0.52 27.82 20.87
N HIS O 718 0.99 28.59 21.85
CA HIS O 718 1.39 28.01 23.13
C HIS O 718 0.18 27.67 23.98
N THR O 719 -0.75 28.62 24.14
CA THR O 719 -1.87 28.42 25.05
C THR O 719 -2.72 27.24 24.63
N ILE O 720 -3.02 27.13 23.32
CA ILE O 720 -3.82 26.01 22.84
C ILE O 720 -3.06 24.70 23.07
N GLU O 721 -1.76 24.70 22.83
CA GLU O 721 -0.96 23.50 23.06
C GLU O 721 -0.92 23.16 24.55
N PHE O 722 -0.85 24.18 25.40
CA PHE O 722 -0.81 23.95 26.84
C PHE O 722 -2.13 23.38 27.35
N CYS O 723 -3.24 24.02 26.99
CA CYS O 723 -4.54 23.55 27.48
C CYS O 723 -4.86 22.17 26.96
N LEU O 724 -4.58 21.91 25.68
CA LEU O 724 -4.79 20.58 25.12
C LEU O 724 -3.94 19.54 25.84
N ASN O 725 -2.69 19.89 26.14
CA ASN O 725 -1.81 18.96 26.82
C ASN O 725 -2.37 18.50 28.15
N CYS O 726 -2.96 19.42 28.91
CA CYS O 726 -3.47 19.07 30.23
C CYS O 726 -4.46 17.91 30.17
N VAL O 727 -5.22 17.81 29.08
CA VAL O 727 -6.11 16.68 28.91
C VAL O 727 -5.32 15.43 28.53
N SER O 728 -4.58 15.50 27.41
CA SER O 728 -3.91 14.31 26.89
C SER O 728 -2.86 13.81 27.87
N HIS O 729 -2.07 14.71 28.46
CA HIS O 729 -1.02 14.27 29.37
C HIS O 729 -1.61 13.55 30.58
N THR O 730 -2.67 14.10 31.16
CA THR O 730 -3.30 13.42 32.28
C THR O 730 -3.83 12.06 31.87
N ALA O 731 -4.47 11.98 30.71
CA ALA O 731 -4.95 10.69 30.22
C ALA O 731 -3.79 9.76 29.90
N SER O 732 -2.66 10.31 29.45
CA SER O 732 -1.55 9.46 29.03
C SER O 732 -1.02 8.61 30.18
N TYR O 733 -1.15 9.09 31.42
CA TYR O 733 -0.61 8.35 32.56
C TYR O 733 -1.38 7.07 32.83
N LEU O 734 -2.52 6.83 32.18
CA LEU O 734 -3.22 5.58 32.36
C LEU O 734 -2.36 4.38 31.99
N ARG O 735 -1.34 4.59 31.15
CA ARG O 735 -0.45 3.49 30.79
C ARG O 735 0.28 2.92 32.00
N LEU O 736 0.42 3.69 33.08
CA LEU O 736 0.92 3.10 34.32
C LEU O 736 0.02 1.98 34.77
N TRP O 737 -1.29 2.15 34.64
CA TRP O 737 -2.21 1.08 34.97
C TRP O 737 -2.16 -0.05 33.95
N ALA O 738 -2.17 0.29 32.66
CA ALA O 738 -2.30 -0.73 31.63
C ALA O 738 -1.16 -1.74 31.71
N LEU O 739 0.08 -1.26 31.72
CA LEU O 739 1.22 -2.18 31.71
C LEU O 739 1.27 -3.04 32.96
N SER O 740 0.92 -2.47 34.12
CA SER O 740 0.90 -3.27 35.34
C SER O 740 -0.09 -4.42 35.22
N LEU O 741 -1.30 -4.14 34.74
CA LEU O 741 -2.29 -5.20 34.59
C LEU O 741 -1.83 -6.26 33.60
N ALA O 742 -1.38 -5.83 32.42
CA ALA O 742 -0.90 -6.78 31.43
C ALA O 742 0.22 -7.63 31.99
N HIS O 743 1.21 -7.00 32.60
CA HIS O 743 2.33 -7.74 33.17
C HIS O 743 1.83 -8.75 34.19
N ALA O 744 0.85 -8.37 35.00
CA ALA O 744 0.30 -9.29 35.99
C ALA O 744 -0.36 -10.50 35.33
N GLN O 745 -1.16 -10.27 34.28
CA GLN O 745 -1.92 -11.36 33.69
C GLN O 745 -1.02 -12.30 32.89
N LEU O 746 0.05 -11.79 32.28
CA LEU O 746 1.04 -12.68 31.69
C LEU O 746 1.68 -13.56 32.76
N SER O 747 1.98 -12.97 33.92
CA SER O 747 2.64 -13.72 34.99
C SER O 747 1.75 -14.86 35.47
N SER O 748 0.47 -14.59 35.70
CA SER O 748 -0.41 -15.62 36.24
C SER O 748 -0.66 -16.72 35.23
N VAL O 749 -0.91 -16.36 33.97
CA VAL O 749 -1.13 -17.38 32.95
C VAL O 749 0.13 -18.22 32.77
N LEU O 750 1.30 -17.58 32.73
CA LEU O 750 2.54 -18.34 32.59
C LEU O 750 2.71 -19.29 33.75
N TRP O 751 2.34 -18.87 34.96
CA TRP O 751 2.33 -19.79 36.09
C TRP O 751 1.22 -20.83 35.98
N THR O 752 0.06 -20.43 35.45
CA THR O 752 -1.05 -21.39 35.37
C THR O 752 -0.78 -22.45 34.32
N MET O 753 -0.16 -22.07 33.21
CA MET O 753 0.48 -23.04 32.34
C MET O 753 1.78 -23.50 33.00
N THR O 754 2.41 -24.51 32.42
CA THR O 754 3.72 -25.00 32.88
C THR O 754 3.58 -25.43 34.34
N ILE O 755 4.19 -24.74 35.30
CA ILE O 755 4.43 -25.31 36.62
C ILE O 755 3.13 -25.80 37.26
N GLN O 756 2.08 -24.98 37.20
CA GLN O 756 0.83 -25.38 37.84
C GLN O 756 0.29 -26.69 37.28
N ILE O 757 0.68 -27.04 36.06
CA ILE O 757 0.24 -28.31 35.48
C ILE O 757 0.93 -29.49 36.15
N ALA O 758 2.17 -29.29 36.64
CA ALA O 758 3.00 -30.42 37.03
C ALA O 758 2.42 -31.20 38.20
N PHE O 759 1.85 -30.49 39.18
CA PHE O 759 1.60 -31.10 40.49
C PHE O 759 0.64 -32.28 40.43
N GLY O 760 -0.13 -32.42 39.34
CA GLY O 760 -1.04 -33.55 39.24
C GLY O 760 -0.38 -34.87 38.95
N PHE O 761 0.85 -34.85 38.45
CA PHE O 761 1.56 -36.07 38.04
C PHE O 761 2.49 -36.51 39.15
N ARG O 762 2.53 -37.82 39.40
CA ARG O 762 3.26 -38.39 40.51
C ARG O 762 4.17 -39.52 40.01
N GLY O 763 5.14 -39.87 40.85
CA GLY O 763 6.08 -40.91 40.50
C GLY O 763 7.15 -40.43 39.54
N PHE O 764 7.75 -41.39 38.84
CA PHE O 764 8.88 -41.08 37.97
C PHE O 764 8.49 -40.08 36.89
N VAL O 765 7.29 -40.23 36.33
CA VAL O 765 6.81 -39.25 35.35
C VAL O 765 6.60 -37.90 36.00
N GLY O 766 6.08 -37.89 37.23
CA GLY O 766 5.87 -36.62 37.92
C GLY O 766 7.16 -35.88 38.17
N VAL O 767 8.20 -36.58 38.59
CA VAL O 767 9.48 -35.94 38.85
C VAL O 767 10.03 -35.33 37.57
N PHE O 768 10.02 -36.09 36.47
CA PHE O 768 10.56 -35.59 35.21
C PHE O 768 9.78 -34.36 34.74
N MET O 769 8.45 -34.43 34.77
CA MET O 769 7.65 -33.30 34.34
C MET O 769 7.94 -32.07 35.19
N THR O 770 8.08 -32.25 36.51
CA THR O 770 8.42 -31.13 37.37
C THR O 770 9.78 -30.55 36.99
N VAL O 771 10.77 -31.41 36.77
CA VAL O 771 12.10 -30.93 36.39
C VAL O 771 12.02 -30.19 35.05
N ALA O 772 11.36 -30.78 34.07
CA ALA O 772 11.34 -30.19 32.74
C ALA O 772 10.55 -28.90 32.70
N LEU O 773 9.38 -28.87 33.34
CA LEU O 773 8.49 -27.71 33.21
C LEU O 773 9.07 -26.49 33.91
N PHE O 774 9.86 -26.67 34.97
CA PHE O 774 10.50 -25.51 35.59
C PHE O 774 11.42 -24.81 34.60
N ALA O 775 12.16 -25.57 33.79
CA ALA O 775 13.03 -24.95 32.80
C ALA O 775 12.23 -24.07 31.85
N MET O 776 11.06 -24.55 31.43
CA MET O 776 10.20 -23.73 30.57
C MET O 776 9.71 -22.49 31.32
N TRP O 777 9.19 -22.66 32.53
CA TRP O 777 8.67 -21.52 33.27
C TRP O 777 9.74 -20.47 33.49
N PHE O 778 10.91 -20.89 33.98
CA PHE O 778 11.97 -19.92 34.25
C PHE O 778 12.49 -19.30 32.97
N ALA O 779 12.68 -20.11 31.93
CA ALA O 779 13.20 -19.57 30.67
C ALA O 779 12.27 -18.50 30.13
N LEU O 780 10.97 -18.77 30.11
CA LEU O 780 10.02 -17.78 29.62
C LEU O 780 9.92 -16.59 30.57
N THR O 781 10.01 -16.84 31.88
CA THR O 781 10.01 -15.72 32.82
C THR O 781 11.12 -14.74 32.49
N CYS O 782 12.31 -15.25 32.19
CA CYS O 782 13.41 -14.39 31.77
C CYS O 782 13.18 -13.85 30.36
N ALA O 783 12.95 -14.74 29.40
CA ALA O 783 13.00 -14.36 28.00
C ALA O 783 11.91 -13.35 27.63
N VAL O 784 10.72 -13.49 28.20
CA VAL O 784 9.58 -12.65 27.84
C VAL O 784 9.33 -11.57 28.89
N LEU O 785 9.08 -11.97 30.14
CA LEU O 785 8.58 -11.03 31.12
C LEU O 785 9.68 -10.10 31.62
N VAL O 786 10.82 -10.65 32.03
CA VAL O 786 11.90 -9.82 32.55
C VAL O 786 12.51 -8.98 31.43
N LEU O 787 12.80 -9.59 30.29
CA LEU O 787 13.51 -8.89 29.23
C LEU O 787 12.59 -8.00 28.41
N MET O 788 11.60 -8.57 27.74
CA MET O 788 10.82 -7.80 26.78
C MET O 788 9.80 -6.91 27.47
N GLU O 789 8.96 -7.46 28.34
CA GLU O 789 8.05 -6.62 29.09
C GLU O 789 8.82 -5.64 29.96
N GLY O 790 10.01 -6.02 30.41
CA GLY O 790 10.85 -5.12 31.16
C GLY O 790 11.30 -3.93 30.32
N THR O 791 11.93 -4.21 29.18
CA THR O 791 12.39 -3.13 28.31
C THR O 791 11.22 -2.33 27.77
N SER O 792 10.11 -2.98 27.46
CA SER O 792 8.93 -2.26 26.99
C SER O 792 8.46 -1.25 28.03
N ALA O 793 8.37 -1.67 29.28
CA ALA O 793 7.98 -0.76 30.35
C ALA O 793 9.02 0.34 30.51
N MET O 794 10.30 0.00 30.36
CA MET O 794 11.35 1.00 30.50
C MET O 794 11.15 2.16 29.53
N LEU O 795 10.90 1.83 28.26
CA LEU O 795 10.77 2.87 27.25
C LEU O 795 9.51 3.72 27.47
N HIS O 796 8.44 3.13 28.01
CA HIS O 796 7.25 3.92 28.30
C HIS O 796 7.52 4.92 29.42
N SER O 797 8.19 4.48 30.47
CA SER O 797 8.54 5.41 31.54
C SER O 797 9.51 6.48 31.02
N LEU O 798 10.32 6.14 30.03
CA LEU O 798 11.14 7.14 29.36
C LEU O 798 10.28 8.14 28.61
N ARG O 799 9.28 7.63 27.87
CA ARG O 799 8.32 8.51 27.19
C ARG O 799 7.69 9.49 28.16
N LEU O 800 7.25 9.00 29.32
CA LEU O 800 6.59 9.86 30.29
C LEU O 800 7.50 10.99 30.75
N HIS O 801 8.82 10.83 30.65
CA HIS O 801 9.73 11.89 31.04
C HIS O 801 9.95 12.88 29.91
N TRP O 802 10.27 12.39 28.72
CA TRP O 802 10.57 13.30 27.61
C TRP O 802 9.40 14.22 27.30
N VAL O 803 8.18 13.69 27.32
CA VAL O 803 7.04 14.42 26.79
C VAL O 803 6.22 15.07 27.90
N GLU O 804 5.64 14.25 28.78
CA GLU O 804 4.68 14.78 29.73
C GLU O 804 5.32 15.67 30.77
N SER O 805 6.55 15.38 31.17
CA SER O 805 7.19 16.11 32.26
C SER O 805 8.07 17.25 31.75
N MET O 806 9.08 16.92 30.93
CA MET O 806 10.07 17.92 30.55
C MET O 806 9.46 19.06 29.75
N SER O 807 8.41 18.78 28.98
CA SER O 807 7.82 19.83 28.16
C SER O 807 7.27 20.98 28.99
N LYS O 808 7.09 20.79 30.29
CA LYS O 808 6.50 21.82 31.14
C LYS O 808 7.53 22.74 31.81
N PHE O 809 8.82 22.40 31.78
CA PHE O 809 9.83 23.28 32.35
C PHE O 809 11.08 23.41 31.49
N PHE O 810 11.23 22.54 30.49
CA PHE O 810 12.50 22.37 29.78
C PHE O 810 12.43 23.11 28.44
N VAL O 811 13.17 24.22 28.32
CA VAL O 811 13.19 24.97 27.08
C VAL O 811 14.20 24.38 26.09
N GLY O 812 15.41 24.07 26.58
CA GLY O 812 16.36 23.32 25.79
C GLY O 812 17.02 24.08 24.66
N GLU O 813 17.67 23.31 23.79
CA GLU O 813 18.40 23.83 22.62
C GLU O 813 19.57 24.73 23.02
N GLY O 814 20.19 24.45 24.16
CA GLY O 814 21.41 25.12 24.52
C GLY O 814 22.61 24.57 23.75
N LEU O 815 23.70 25.35 23.79
CA LEU O 815 24.93 24.94 23.12
C LEU O 815 25.67 23.92 23.98
N PRO O 816 25.93 22.71 23.48
CA PRO O 816 26.62 21.70 24.31
C PRO O 816 28.08 22.01 24.50
N TYR O 817 28.58 21.72 25.71
CA TYR O 817 29.98 21.94 26.05
C TYR O 817 30.83 20.79 25.54
N GLU O 818 31.80 21.10 24.68
CA GLU O 818 32.65 20.09 24.04
C GLU O 818 34.05 20.66 23.88
N PRO O 819 34.89 20.53 24.90
CA PRO O 819 36.21 21.16 24.86
C PRO O 819 37.19 20.44 23.93
N PHE O 820 38.19 21.18 23.48
CA PHE O 820 39.26 20.64 22.65
C PHE O 820 40.22 19.83 23.53
N ALA O 821 40.28 18.52 23.32
CA ALA O 821 41.16 17.66 24.08
C ALA O 821 41.70 16.56 23.20
N PHE O 822 42.89 16.07 23.55
CA PHE O 822 43.52 15.00 22.79
C PHE O 822 42.92 13.65 23.16
N GLU O 823 43.04 12.70 22.23
CA GLU O 823 42.36 11.43 22.35
C GLU O 823 43.22 10.35 21.70
N TYR O 824 42.83 9.10 21.93
CA TYR O 824 43.36 7.96 21.20
C TYR O 824 42.36 7.55 20.14
N LYS O 825 42.80 7.48 18.89
CA LYS O 825 41.93 7.22 17.76
C LYS O 825 42.13 5.79 17.28
N ASP O 826 41.03 5.13 16.92
CA ASP O 826 41.03 3.71 16.59
C ASP O 826 41.26 3.45 15.11
N MET O 827 41.47 4.48 14.30
CA MET O 827 41.77 4.29 12.89
C MET O 827 40.71 3.40 12.23
N GLN P 1 30.05 30.05 -27.43
CA GLN P 1 31.42 30.63 -27.57
C GLN P 1 31.51 31.43 -28.87
N VAL P 2 30.66 31.08 -29.83
CA VAL P 2 30.60 31.84 -31.07
C VAL P 2 30.04 33.23 -30.80
N GLN P 3 30.68 34.24 -31.35
CA GLN P 3 30.18 35.60 -31.34
C GLN P 3 29.86 36.03 -32.76
N LEU P 4 28.62 36.48 -32.98
CA LEU P 4 28.21 37.05 -34.25
C LEU P 4 27.99 38.55 -34.09
N GLN P 5 28.43 39.31 -35.08
CA GLN P 5 28.08 40.72 -35.18
C GLN P 5 28.18 41.12 -36.63
N GLU P 6 27.34 42.08 -37.02
CA GLU P 6 27.23 42.52 -38.39
C GLU P 6 27.56 44.00 -38.51
N SER P 7 27.87 44.41 -39.75
CA SER P 7 28.37 45.74 -40.03
C SER P 7 27.76 46.25 -41.33
N GLY P 8 27.92 47.54 -41.55
CA GLY P 8 27.35 48.20 -42.72
C GLY P 8 26.02 48.85 -42.42
N GLY P 9 25.22 49.01 -43.48
CA GLY P 9 23.88 49.54 -43.29
C GLY P 9 23.87 51.04 -43.08
N GLY P 10 22.98 51.49 -42.20
CA GLY P 10 22.79 52.92 -41.99
C GLY P 10 21.85 53.50 -43.03
N LEU P 11 21.84 54.83 -43.11
CA LEU P 11 20.98 55.51 -44.07
C LEU P 11 21.62 55.56 -45.44
N VAL P 12 20.79 55.36 -46.47
CA VAL P 12 21.24 55.43 -47.85
C VAL P 12 20.06 55.79 -48.73
N GLN P 13 20.34 56.46 -49.85
CA GLN P 13 19.27 56.93 -50.72
C GLN P 13 18.67 55.77 -51.51
N ALA P 14 17.43 55.98 -51.96
CA ALA P 14 16.71 54.96 -52.72
C ALA P 14 17.38 54.73 -54.07
N GLY P 15 17.18 53.52 -54.60
CA GLY P 15 17.72 53.14 -55.89
C GLY P 15 19.16 52.71 -55.88
N GLY P 16 19.90 52.98 -54.79
CA GLY P 16 21.28 52.54 -54.70
C GLY P 16 21.40 51.14 -54.14
N SER P 17 22.60 50.58 -54.32
CA SER P 17 22.93 49.29 -53.73
C SER P 17 23.33 49.46 -52.27
N LEU P 18 23.35 48.35 -51.55
CA LEU P 18 23.75 48.35 -50.15
C LEU P 18 24.38 47.02 -49.81
N ARG P 19 25.34 47.05 -48.89
CA ARG P 19 26.14 45.88 -48.55
C ARG P 19 26.17 45.69 -47.05
N LEU P 20 25.98 44.46 -46.59
CA LEU P 20 26.04 44.11 -45.18
C LEU P 20 27.06 43.00 -44.97
N SER P 21 27.66 42.98 -43.78
CA SER P 21 28.64 41.99 -43.40
C SER P 21 28.29 41.44 -42.03
N CYS P 22 28.70 40.20 -41.76
CA CYS P 22 28.44 39.55 -40.48
C CYS P 22 29.64 38.69 -40.12
N ALA P 23 30.32 39.05 -39.03
CA ALA P 23 31.47 38.28 -38.58
C ALA P 23 31.02 37.00 -37.86
N VAL P 24 31.94 36.03 -37.81
CA VAL P 24 31.73 34.78 -37.10
C VAL P 24 33.07 34.35 -36.51
N SER P 25 33.00 33.60 -35.41
CA SER P 25 34.21 33.28 -34.65
C SER P 25 34.07 31.92 -34.00
N GLY P 26 35.22 31.33 -33.68
CA GLY P 26 35.27 30.09 -32.92
C GLY P 26 34.64 28.91 -33.65
N SER P 27 34.46 29.05 -34.96
CA SER P 27 33.78 28.01 -35.73
C SER P 27 34.10 28.21 -37.20
N ILE P 28 33.70 27.21 -37.99
CA ILE P 28 34.01 27.15 -39.42
C ILE P 28 32.72 26.88 -40.18
N PHE P 29 32.76 27.16 -41.47
CA PHE P 29 31.61 26.94 -42.34
C PHE P 29 31.18 25.48 -42.39
N SER P 30 32.06 24.55 -42.02
CA SER P 30 31.70 23.14 -42.04
C SER P 30 30.55 22.88 -41.07
N GLY P 31 29.42 22.44 -41.59
CA GLY P 31 28.23 22.27 -40.78
C GLY P 31 27.55 23.56 -40.43
N ASN P 32 27.67 24.57 -41.28
CA ASN P 32 27.12 25.90 -41.01
C ASN P 32 25.98 26.21 -41.97
N ALA P 33 24.88 26.71 -41.42
CA ALA P 33 23.76 27.24 -42.18
C ALA P 33 23.42 28.60 -41.58
N MET P 34 23.20 29.59 -42.44
CA MET P 34 23.34 30.98 -42.04
C MET P 34 22.36 31.84 -42.83
N ASP P 35 21.78 32.85 -42.17
CA ASP P 35 20.65 33.57 -42.72
C ASP P 35 20.72 35.05 -42.36
N TRP P 36 19.91 35.84 -43.08
CA TRP P 36 19.59 37.21 -42.71
C TRP P 36 18.10 37.30 -42.42
N TYR P 37 17.75 37.97 -41.33
CA TYR P 37 16.36 38.26 -41.00
C TYR P 37 16.14 39.77 -40.96
N ARG P 38 15.10 40.23 -41.65
CA ARG P 38 14.67 41.61 -41.53
C ARG P 38 13.73 41.77 -40.35
N GLN P 39 13.62 43.01 -39.86
CA GLN P 39 12.58 43.36 -38.89
C GLN P 39 12.22 44.82 -39.11
N ALA P 40 11.06 45.06 -39.70
CA ALA P 40 10.60 46.41 -39.97
C ALA P 40 10.18 47.09 -38.68
N PRO P 41 9.84 48.37 -38.74
CA PRO P 41 9.13 48.99 -37.61
C PRO P 41 7.87 48.22 -37.26
N GLY P 42 7.22 47.62 -38.25
CA GLY P 42 6.27 46.57 -37.98
C GLY P 42 6.97 45.42 -37.26
N LYS P 43 6.39 44.96 -36.15
CA LYS P 43 7.18 44.21 -35.17
C LYS P 43 7.71 42.89 -35.73
N GLN P 44 7.00 42.25 -36.65
CA GLN P 44 7.41 40.92 -37.09
C GLN P 44 8.73 40.95 -37.83
N ARG P 45 9.52 39.88 -37.67
CA ARG P 45 10.82 39.73 -38.29
C ARG P 45 10.82 38.48 -39.16
N GLU P 46 11.54 38.53 -40.27
CA GLU P 46 11.33 37.57 -41.34
C GLU P 46 12.63 37.29 -42.09
N LEU P 47 12.77 36.06 -42.58
CA LEU P 47 13.91 35.65 -43.40
C LEU P 47 13.86 36.33 -44.77
N VAL P 48 15.03 36.74 -45.26
CA VAL P 48 15.15 37.30 -46.60
C VAL P 48 16.06 36.45 -47.49
N ALA P 49 17.13 35.91 -46.94
CA ALA P 49 18.07 35.12 -47.74
C ALA P 49 18.87 34.23 -46.80
N SER P 50 19.52 33.22 -47.39
CA SER P 50 20.13 32.15 -46.60
C SER P 50 21.33 31.57 -47.32
N LEU P 51 22.28 31.06 -46.54
CA LEU P 51 23.33 30.17 -47.02
C LEU P 51 23.13 28.81 -46.40
N THR P 52 22.93 27.79 -47.24
CA THR P 52 22.87 26.43 -46.72
C THR P 52 24.26 25.82 -46.67
N SER P 53 24.38 24.73 -45.90
CA SER P 53 25.67 24.06 -45.77
C SER P 53 26.15 23.54 -47.12
N THR P 54 25.25 23.01 -47.93
CA THR P 54 25.59 22.44 -49.22
C THR P 54 25.82 23.49 -50.29
N GLY P 55 25.67 24.77 -49.97
CA GLY P 55 25.88 25.84 -50.93
C GLY P 55 24.63 26.34 -51.61
N SER P 56 23.48 25.69 -51.39
CA SER P 56 22.23 26.22 -51.90
C SER P 56 21.85 27.49 -51.14
N THR P 57 21.02 28.31 -51.76
CA THR P 57 20.70 29.63 -51.23
C THR P 57 19.20 29.89 -51.36
N ASN P 58 18.51 29.90 -50.21
CA ASN P 58 17.11 30.26 -50.17
C ASN P 58 16.94 31.77 -50.23
N TYR P 59 15.79 32.21 -50.75
CA TYR P 59 15.49 33.63 -50.83
C TYR P 59 14.00 33.85 -50.59
N ALA P 60 13.67 35.04 -50.08
CA ALA P 60 12.34 35.61 -50.27
C ALA P 60 12.29 36.43 -51.56
N ASP P 61 12.70 35.80 -52.68
CA ASP P 61 12.85 36.54 -53.93
C ASP P 61 11.52 37.05 -54.48
N SER P 62 10.39 36.50 -54.03
CA SER P 62 9.11 37.07 -54.45
C SER P 62 9.02 38.54 -54.05
N VAL P 63 9.70 38.93 -52.97
CA VAL P 63 9.71 40.31 -52.53
C VAL P 63 11.12 40.88 -52.37
N LYS P 64 12.16 40.04 -52.33
CA LYS P 64 13.54 40.49 -52.23
C LYS P 64 14.40 39.95 -53.37
N GLY P 65 13.87 39.99 -54.60
CA GLY P 65 14.55 39.35 -55.72
C GLY P 65 15.95 39.87 -55.99
N ARG P 66 16.23 41.12 -55.61
CA ARG P 66 17.52 41.73 -55.88
C ARG P 66 18.45 41.71 -54.67
N PHE P 67 18.06 41.03 -53.59
CA PHE P 67 19.00 40.67 -52.55
C PHE P 67 19.84 39.50 -53.04
N THR P 68 21.06 39.39 -52.54
CA THR P 68 22.01 38.43 -53.07
C THR P 68 22.76 37.75 -51.93
N ILE P 69 23.39 36.63 -52.27
CA ILE P 69 24.13 35.80 -51.33
C ILE P 69 25.56 35.67 -51.80
N THR P 70 26.49 35.63 -50.85
CA THR P 70 27.89 35.38 -51.13
C THR P 70 28.43 34.38 -50.11
N ARG P 71 29.24 33.45 -50.59
CA ARG P 71 29.89 32.46 -49.73
C ARG P 71 31.31 32.93 -49.46
N ASP P 72 31.68 32.96 -48.17
CA ASP P 72 32.95 33.55 -47.74
C ASP P 72 33.74 32.59 -46.86
N ASN P 73 33.56 31.27 -47.03
CA ASN P 73 34.25 30.30 -46.19
C ASN P 73 35.76 30.44 -46.28
N ALA P 74 36.29 30.91 -47.42
CA ALA P 74 37.73 31.08 -47.54
C ALA P 74 38.26 32.16 -46.62
N LYS P 75 37.41 33.09 -46.18
CA LYS P 75 37.79 34.14 -45.24
C LYS P 75 37.06 34.05 -43.91
N ASN P 76 36.13 33.12 -43.76
CA ASN P 76 35.39 32.90 -42.51
C ASN P 76 34.77 34.20 -41.99
N THR P 77 34.08 34.89 -42.89
CA THR P 77 33.22 36.01 -42.53
C THR P 77 32.07 36.03 -43.54
N VAL P 78 31.36 37.15 -43.61
CA VAL P 78 30.13 37.24 -44.41
C VAL P 78 30.05 38.61 -45.05
N TYR P 79 29.67 38.63 -46.33
CA TYR P 79 29.49 39.86 -47.10
C TYR P 79 28.34 39.62 -48.06
N LEU P 80 27.14 40.05 -47.67
CA LEU P 80 25.93 39.87 -48.47
C LEU P 80 25.31 41.23 -48.76
N GLN P 81 24.84 41.41 -49.99
CA GLN P 81 24.49 42.72 -50.50
C GLN P 81 23.18 42.68 -51.27
N MET P 82 22.69 43.86 -51.60
CA MET P 82 21.40 44.05 -52.24
C MET P 82 21.49 45.23 -53.20
N ASN P 83 20.59 45.26 -54.19
CA ASN P 83 20.63 46.24 -55.26
C ASN P 83 19.29 46.97 -55.37
N SER P 84 19.37 48.25 -55.72
CA SER P 84 18.18 49.09 -55.93
C SER P 84 17.27 49.04 -54.71
N LEU P 85 17.80 49.57 -53.61
CA LEU P 85 17.06 49.63 -52.36
C LEU P 85 15.85 50.55 -52.50
N LYS P 86 14.81 50.25 -51.74
CA LYS P 86 13.55 50.98 -51.76
C LYS P 86 13.16 51.40 -50.35
N PRO P 87 12.30 52.42 -50.22
CA PRO P 87 11.96 52.91 -48.88
C PRO P 87 11.28 51.88 -48.00
N GLU P 88 10.61 50.87 -48.56
CA GLU P 88 9.99 49.84 -47.76
C GLU P 88 11.00 48.89 -47.13
N ASP P 89 12.27 48.99 -47.51
CA ASP P 89 13.32 48.11 -47.02
C ASP P 89 13.91 48.54 -45.69
N THR P 90 13.48 49.67 -45.13
CA THR P 90 14.05 50.17 -43.87
C THR P 90 13.71 49.20 -42.74
N ALA P 91 14.71 48.48 -42.26
CA ALA P 91 14.51 47.49 -41.21
C ALA P 91 15.85 47.18 -40.56
N VAL P 92 15.79 46.61 -39.36
CA VAL P 92 16.96 46.05 -38.71
C VAL P 92 17.18 44.66 -39.30
N TYR P 93 18.38 44.44 -39.86
CA TYR P 93 18.72 43.17 -40.48
C TYR P 93 19.65 42.39 -39.58
N TYR P 94 19.21 41.21 -39.14
CA TYR P 94 19.97 40.35 -38.25
C TYR P 94 20.54 39.18 -39.03
N CYS P 95 21.84 38.92 -38.88
CA CYS P 95 22.41 37.69 -39.39
C CYS P 95 22.26 36.58 -38.36
N HIS P 96 21.97 35.37 -38.84
CA HIS P 96 21.69 34.23 -37.98
C HIS P 96 22.50 33.03 -38.45
N ALA P 97 22.97 32.23 -37.50
CA ALA P 97 23.80 31.07 -37.82
C ALA P 97 23.32 29.88 -37.01
N LEU P 98 23.17 28.75 -37.69
CA LEU P 98 22.83 27.48 -37.07
C LEU P 98 24.00 26.53 -37.25
N ILE P 99 24.52 26.00 -36.15
CA ILE P 99 25.72 25.18 -36.15
C ILE P 99 25.33 23.74 -35.86
N TYR P 100 25.63 22.85 -36.79
CA TYR P 100 25.41 21.42 -36.61
C TYR P 100 26.53 20.90 -35.73
N ARG P 101 26.34 21.06 -34.42
CA ARG P 101 27.43 20.84 -33.47
C ARG P 101 28.07 19.46 -33.67
N SER P 102 27.26 18.41 -33.74
CA SER P 102 27.80 17.06 -33.75
C SER P 102 26.72 16.08 -34.15
N ARG P 103 27.15 14.82 -34.26
CA ARG P 103 26.30 13.72 -34.72
C ARG P 103 25.27 13.31 -33.68
N LEU P 104 25.43 13.73 -32.44
CA LEU P 104 24.73 13.14 -31.31
C LEU P 104 23.31 13.66 -31.12
N ASP P 105 22.88 14.64 -31.92
CA ASP P 105 21.52 15.18 -31.83
C ASP P 105 21.23 15.74 -30.44
N LEU P 106 22.24 16.32 -29.81
CA LEU P 106 22.01 17.21 -28.69
C LEU P 106 21.47 18.53 -29.22
N ALA P 107 21.22 19.47 -28.32
CA ALA P 107 20.75 20.78 -28.75
C ALA P 107 21.83 21.46 -29.60
N PRO P 108 21.53 21.88 -30.82
CA PRO P 108 22.57 22.42 -31.69
C PRO P 108 23.02 23.80 -31.24
N GLY P 109 24.15 24.23 -31.80
CA GLY P 109 24.58 25.60 -31.60
C GLY P 109 23.73 26.55 -32.42
N ASN P 110 23.23 27.61 -31.76
CA ASN P 110 22.36 28.60 -32.38
C ASN P 110 22.81 29.98 -31.96
N TYR P 111 22.89 30.90 -32.91
CA TYR P 111 23.48 32.21 -32.65
C TYR P 111 22.78 33.28 -33.47
N TRP P 112 22.67 34.48 -32.88
CA TRP P 112 22.03 35.63 -33.51
C TRP P 112 22.96 36.83 -33.44
N GLY P 113 22.88 37.69 -34.44
CA GLY P 113 23.55 38.98 -34.39
C GLY P 113 22.76 40.00 -33.59
N GLN P 114 23.33 41.21 -33.51
CA GLN P 114 22.72 42.29 -32.75
C GLN P 114 21.78 43.16 -33.57
N GLY P 115 21.81 43.04 -34.90
CA GLY P 115 20.94 43.81 -35.77
C GLY P 115 21.57 45.09 -36.27
N THR P 116 21.51 45.32 -37.57
CA THR P 116 21.97 46.54 -38.20
C THR P 116 20.77 47.29 -38.77
N GLN P 117 20.65 48.57 -38.42
CA GLN P 117 19.56 49.39 -38.91
C GLN P 117 19.82 49.85 -40.34
N VAL P 118 18.75 50.01 -41.11
CA VAL P 118 18.81 50.50 -42.47
C VAL P 118 17.71 51.55 -42.64
N THR P 119 18.06 52.66 -43.29
CA THR P 119 17.15 53.79 -43.46
C THR P 119 17.20 54.27 -44.91
N VAL P 120 16.05 54.71 -45.40
CA VAL P 120 15.95 55.18 -46.77
C VAL P 120 15.06 56.43 -46.82
#